data_6BFY
#
_entry.id   6BFY
#
_cell.length_a   105.940
_cell.length_b   142.400
_cell.length_c   206.640
_cell.angle_alpha   90.00
_cell.angle_beta   90.00
_cell.angle_gamma   90.00
#
_symmetry.space_group_name_H-M   'P 21 21 21'
#
loop_
_entity.id
_entity.type
_entity.pdbx_description
1 polymer Enolase
2 non-polymer '2-PHOSPHOGLYCERIC ACID'
3 non-polymer 'MAGNESIUM ION'
4 non-polymer 'SULFATE ION'
5 non-polymer GLYCEROL
6 water water
#
_entity_poly.entity_id   1
_entity_poly.type   'polypeptide(L)'
_entity_poly.pdbx_seq_one_letter_code
;GSHMASMTGGQQMGRGSMSKIVKIIGREIIDSRGNPTVEAEVHLEGGFVGMAAAPSGASTGSREALELRDGDKSRFLGKG
VTKAVAAVNGPIAQALIGKDAKDQAGIDKIMIDLDGTENKSKFGANAILAVSLANAKAAAAAKGMPLYEHIAELNGTPGK
YSMPVPMMNIINGGEHADNNVDIQEFMIQPVGAKTVKEAIRMGSEVFHHLAKVLKAKGMNTAVGDEGGYAPNLGSNAEAL
AVIAEAVKAAGYELGKDITLAMDCAASEFYKDGKYVLAGEGNKAFTSEEFTHFLEELTKQYPIVSIEDGLDESDWDGFAY
QTKVLGDKIQLVGDDLFVTNTKILKEGIEKGIANSILIKFNQIGSLTETLAAIKMAKDAGYTAVISHRSGETEDATIADL
AVGTAAGQIKTGSMSRSDRVAKYNQLIRIEEALGEKAPYNGRKEIKGQA
;
_entity_poly.pdbx_strand_id   A,B,C,F,D,E
#
loop_
_chem_comp.id
_chem_comp.type
_chem_comp.name
_chem_comp.formula
2PG non-polymer '2-PHOSPHOGLYCERIC ACID' 'C3 H7 O7 P'
GOL non-polymer GLYCEROL 'C3 H8 O3'
MG non-polymer 'MAGNESIUM ION' 'Mg 2'
SO4 non-polymer 'SULFATE ION' 'O4 S -2'
#
# COMPACT_ATOMS: atom_id res chain seq x y z
N GLN A 11 -3.11 -13.85 5.00
CA GLN A 11 -4.42 -13.12 5.11
C GLN A 11 -4.49 -11.93 4.08
N GLN A 12 -3.57 -10.92 4.08
CA GLN A 12 -3.28 -10.09 2.89
C GLN A 12 -2.09 -10.48 1.95
N MET A 13 -2.46 -10.60 0.67
CA MET A 13 -1.52 -10.72 -0.48
C MET A 13 -0.90 -9.39 -0.92
N GLY A 14 0.34 -9.17 -0.52
CA GLY A 14 1.16 -8.09 -1.00
C GLY A 14 1.29 -7.93 -2.53
N ARG A 15 1.64 -6.71 -2.94
CA ARG A 15 1.66 -6.36 -4.37
C ARG A 15 2.87 -7.09 -4.96
N GLY A 16 3.92 -7.36 -4.14
CA GLY A 16 5.04 -8.13 -4.64
C GLY A 16 4.67 -9.47 -5.26
N SER A 17 3.60 -10.10 -4.71
CA SER A 17 3.09 -11.36 -5.23
C SER A 17 2.46 -11.19 -6.62
N MET A 18 2.20 -9.95 -6.99
CA MET A 18 1.48 -9.73 -8.29
C MET A 18 2.47 -9.46 -9.41
N SER A 19 3.10 -10.56 -9.82
CA SER A 19 4.27 -10.48 -10.66
C SER A 19 4.02 -10.88 -12.10
N LYS A 20 2.75 -11.11 -12.46
CA LYS A 20 2.42 -11.34 -13.86
C LYS A 20 2.68 -10.10 -14.73
N ILE A 21 3.21 -10.34 -15.94
CA ILE A 21 3.44 -9.21 -16.92
C ILE A 21 2.10 -8.69 -17.41
N VAL A 22 1.88 -7.34 -17.34
CA VAL A 22 0.65 -6.75 -17.93
C VAL A 22 0.85 -5.92 -19.17
N LYS A 23 2.09 -5.47 -19.42
CA LYS A 23 2.39 -4.63 -20.57
C LYS A 23 3.89 -4.65 -20.81
N ILE A 24 4.25 -4.66 -22.08
CA ILE A 24 5.60 -4.56 -22.55
C ILE A 24 5.64 -3.48 -23.63
N ILE A 25 6.53 -2.54 -23.42
CA ILE A 25 6.70 -1.41 -24.36
C ILE A 25 8.10 -1.47 -24.92
N GLY A 26 8.15 -1.55 -26.23
CA GLY A 26 9.42 -1.48 -26.97
C GLY A 26 9.55 -0.08 -27.61
N ARG A 27 10.76 0.48 -27.63
CA ARG A 27 11.00 1.75 -28.36
C ARG A 27 12.38 1.81 -28.91
N GLU A 28 12.55 2.71 -29.92
CA GLU A 28 13.84 2.96 -30.54
C GLU A 28 14.57 4.09 -29.82
N ILE A 29 15.71 3.83 -29.19
CA ILE A 29 16.55 4.84 -28.57
C ILE A 29 17.85 4.87 -29.27
N ILE A 30 18.85 5.60 -28.75
CA ILE A 30 20.04 5.83 -29.46
C ILE A 30 21.24 5.40 -28.59
N ASP A 31 22.21 4.73 -29.26
CA ASP A 31 23.41 4.22 -28.62
C ASP A 31 24.57 5.22 -28.65
N SER A 32 25.70 4.82 -28.09
CA SER A 32 26.75 5.78 -27.76
C SER A 32 27.58 6.17 -28.99
N ARG A 33 27.25 5.51 -30.11
CA ARG A 33 27.75 5.92 -31.41
C ARG A 33 26.74 6.67 -32.23
N GLY A 34 25.56 6.83 -31.68
CA GLY A 34 24.48 7.49 -32.40
C GLY A 34 23.60 6.62 -33.27
N ASN A 35 23.68 5.31 -33.13
CA ASN A 35 22.87 4.38 -33.88
C ASN A 35 21.71 3.88 -33.02
N PRO A 36 20.61 3.58 -33.68
CA PRO A 36 19.45 3.07 -32.98
C PRO A 36 19.70 1.70 -32.30
N THR A 37 18.97 1.47 -31.20
CA THR A 37 18.94 0.22 -30.55
C THR A 37 17.62 0.07 -29.86
N VAL A 38 17.35 -1.14 -29.30
CA VAL A 38 16.07 -1.46 -28.74
C VAL A 38 16.16 -1.26 -27.23
N GLU A 39 15.16 -0.61 -26.72
CA GLU A 39 14.82 -0.54 -25.30
C GLU A 39 13.45 -1.19 -25.03
N ALA A 40 13.31 -1.89 -23.90
CA ALA A 40 12.07 -2.37 -23.51
C ALA A 40 11.79 -2.07 -22.04
N GLU A 41 10.49 -1.93 -21.79
CA GLU A 41 9.93 -1.81 -20.46
C GLU A 41 8.96 -2.90 -20.24
N VAL A 42 9.08 -3.50 -19.07
CA VAL A 42 8.20 -4.57 -18.71
C VAL A 42 7.51 -4.12 -17.48
N HIS A 43 6.18 -4.22 -17.53
CA HIS A 43 5.32 -3.75 -16.44
C HIS A 43 4.54 -4.93 -15.89
N LEU A 44 4.53 -5.02 -14.55
CA LEU A 44 3.82 -6.06 -13.83
C LEU A 44 2.55 -5.58 -13.17
N GLU A 45 1.64 -6.51 -12.90
CA GLU A 45 0.37 -6.26 -12.33
C GLU A 45 0.50 -5.45 -11.06
N GLY A 46 1.46 -5.75 -10.19
CA GLY A 46 1.63 -5.03 -8.91
C GLY A 46 2.22 -3.64 -9.04
N GLY A 47 2.51 -3.18 -10.27
CA GLY A 47 3.00 -1.80 -10.50
C GLY A 47 4.50 -1.71 -10.81
N PHE A 48 5.18 -2.82 -10.76
CA PHE A 48 6.67 -2.86 -10.90
C PHE A 48 7.06 -2.73 -12.35
N VAL A 49 8.22 -2.12 -12.59
CA VAL A 49 8.63 -1.86 -13.90
C VAL A 49 10.09 -2.06 -13.96
N GLY A 50 10.58 -2.65 -15.07
CA GLY A 50 12.02 -2.62 -15.34
C GLY A 50 12.19 -2.21 -16.78
N MET A 51 13.38 -1.66 -17.04
CA MET A 51 13.68 -1.19 -18.36
C MET A 51 15.13 -1.45 -18.69
N ALA A 52 15.36 -1.83 -19.95
CA ALA A 52 16.67 -2.08 -20.40
C ALA A 52 16.81 -1.93 -21.86
N ALA A 53 18.09 -1.87 -22.28
CA ALA A 53 18.47 -1.69 -23.69
C ALA A 53 19.51 -2.68 -24.15
N ALA A 54 19.44 -3.03 -25.44
CA ALA A 54 20.39 -3.91 -26.11
C ALA A 54 21.61 -3.12 -26.54
N PRO A 55 22.82 -3.61 -26.19
CA PRO A 55 24.00 -2.91 -26.71
C PRO A 55 24.24 -3.43 -28.17
N SER A 56 25.32 -2.97 -28.78
CA SER A 56 25.60 -3.33 -30.20
C SER A 56 27.07 -3.30 -30.47
N GLY A 57 27.62 -4.38 -31.02
CA GLY A 57 29.02 -4.42 -31.37
C GLY A 57 29.32 -3.85 -32.78
N ALA A 58 30.61 -3.52 -32.96
CA ALA A 58 31.27 -3.17 -34.24
C ALA A 58 32.02 -4.47 -34.73
N SER A 59 32.94 -4.98 -33.92
CA SER A 59 33.70 -6.25 -34.27
C SER A 59 32.88 -7.47 -33.83
N THR A 60 31.85 -7.79 -34.64
CA THR A 60 30.93 -8.87 -34.29
C THR A 60 31.39 -10.24 -34.86
N GLY A 61 31.36 -11.29 -34.02
CA GLY A 61 31.78 -12.64 -34.40
C GLY A 61 30.71 -13.15 -35.39
N SER A 62 31.11 -13.97 -36.37
CA SER A 62 30.14 -14.38 -37.41
C SER A 62 29.05 -15.34 -36.82
N ARG A 63 29.30 -15.90 -35.65
CA ARG A 63 28.31 -16.81 -34.99
C ARG A 63 27.45 -16.12 -33.90
N GLU A 64 27.50 -14.79 -33.78
CA GLU A 64 26.61 -14.06 -32.84
C GLU A 64 25.17 -14.24 -33.29
N ALA A 65 24.31 -14.36 -32.29
CA ALA A 65 22.88 -14.25 -32.58
C ALA A 65 22.61 -12.92 -33.33
N LEU A 66 21.56 -12.92 -34.16
CA LEU A 66 21.33 -11.88 -35.10
C LEU A 66 20.81 -10.59 -34.43
N GLU A 67 21.54 -9.52 -34.69
CA GLU A 67 21.09 -8.09 -34.47
C GLU A 67 20.19 -7.66 -35.66
N LEU A 68 18.88 -7.55 -35.40
CA LEU A 68 17.96 -7.28 -36.52
C LEU A 68 17.89 -5.75 -36.71
N ARG A 69 18.28 -5.28 -37.90
CA ARG A 69 18.18 -3.89 -38.31
C ARG A 69 17.37 -3.83 -39.56
N ASP A 70 16.85 -2.64 -39.87
CA ASP A 70 15.71 -2.51 -40.83
C ASP A 70 16.15 -2.48 -42.27
N GLY A 71 17.35 -1.99 -42.46
CA GLY A 71 17.92 -1.74 -43.76
C GLY A 71 17.22 -0.73 -44.63
N ASP A 72 16.55 0.27 -44.02
CA ASP A 72 15.88 1.33 -44.79
C ASP A 72 16.86 2.52 -44.82
N LYS A 73 17.48 2.71 -46.00
CA LYS A 73 18.49 3.77 -46.21
C LYS A 73 17.93 5.19 -45.98
N SER A 74 16.61 5.34 -45.91
CA SER A 74 16.03 6.60 -45.57
C SER A 74 16.00 6.86 -44.03
N ARG A 75 16.23 5.90 -43.16
CA ARG A 75 16.34 6.18 -41.69
C ARG A 75 17.64 5.71 -41.16
N PHE A 76 18.40 6.62 -40.55
CA PHE A 76 19.65 6.25 -39.89
C PHE A 76 20.66 5.44 -40.73
N LEU A 77 20.67 5.70 -42.05
CA LEU A 77 21.60 5.02 -42.97
C LEU A 77 21.45 3.50 -42.96
N GLY A 78 20.21 3.02 -42.84
CA GLY A 78 19.87 1.60 -42.80
C GLY A 78 19.86 0.88 -41.46
N LYS A 79 20.14 1.60 -40.37
CA LYS A 79 20.37 1.02 -39.07
C LYS A 79 19.23 1.15 -38.09
N GLY A 80 18.07 1.49 -38.62
CA GLY A 80 16.87 1.50 -37.85
C GLY A 80 16.57 0.18 -37.20
N VAL A 81 15.89 0.19 -36.06
CA VAL A 81 15.49 -1.01 -35.39
C VAL A 81 14.02 -1.08 -35.17
N THR A 82 13.25 -0.48 -36.06
CA THR A 82 11.79 -0.54 -35.97
C THR A 82 11.18 -1.95 -36.08
N LYS A 83 11.70 -2.84 -36.93
CA LYS A 83 11.23 -4.23 -36.96
C LYS A 83 11.45 -4.96 -35.61
N ALA A 84 12.59 -4.77 -35.00
CA ALA A 84 12.84 -5.38 -33.65
C ALA A 84 11.92 -4.86 -32.62
N VAL A 85 11.68 -3.53 -32.61
CA VAL A 85 10.81 -2.91 -31.64
C VAL A 85 9.40 -3.43 -31.89
N ALA A 86 9.00 -3.55 -33.17
CA ALA A 86 7.65 -4.10 -33.51
C ALA A 86 7.43 -5.53 -32.95
N ALA A 87 8.48 -6.37 -33.05
CA ALA A 87 8.48 -7.68 -32.41
C ALA A 87 8.25 -7.57 -30.91
N VAL A 88 8.95 -6.62 -30.25
CA VAL A 88 8.75 -6.47 -28.81
C VAL A 88 7.28 -6.13 -28.53
N ASN A 89 6.79 -5.10 -29.20
CA ASN A 89 5.41 -4.61 -28.94
C ASN A 89 4.26 -5.51 -29.39
N GLY A 90 4.51 -6.35 -30.40
CA GLY A 90 3.47 -7.23 -30.98
C GLY A 90 3.52 -8.68 -30.45
N PRO A 91 4.23 -9.56 -31.14
CA PRO A 91 4.23 -10.97 -30.74
C PRO A 91 4.94 -11.33 -29.43
N ILE A 92 6.02 -10.63 -29.10
CA ILE A 92 6.66 -10.93 -27.79
C ILE A 92 5.76 -10.58 -26.66
N ALA A 93 5.22 -9.35 -26.66
CA ALA A 93 4.30 -8.90 -25.68
C ALA A 93 3.12 -9.81 -25.58
N GLN A 94 2.55 -10.19 -26.73
CA GLN A 94 1.31 -10.99 -26.71
C GLN A 94 1.61 -12.33 -26.06
N ALA A 95 2.77 -12.92 -26.35
CA ALA A 95 3.13 -14.16 -25.73
C ALA A 95 3.50 -14.05 -24.22
N LEU A 96 3.92 -12.90 -23.68
CA LEU A 96 4.31 -12.84 -22.28
C LEU A 96 3.28 -12.30 -21.32
N ILE A 97 2.29 -11.62 -21.85
CA ILE A 97 1.20 -11.11 -21.01
C ILE A 97 0.61 -12.27 -20.16
N GLY A 98 0.49 -12.11 -18.85
CA GLY A 98 -0.01 -13.13 -17.98
C GLY A 98 1.01 -14.09 -17.44
N LYS A 99 2.30 -14.01 -17.83
CA LYS A 99 3.35 -14.98 -17.38
C LYS A 99 4.09 -14.33 -16.20
N ASP A 100 4.59 -15.12 -15.31
CA ASP A 100 5.21 -14.65 -14.06
C ASP A 100 6.69 -14.21 -14.35
N ALA A 101 6.96 -12.97 -14.14
CA ALA A 101 8.28 -12.43 -14.46
C ALA A 101 9.40 -13.02 -13.55
N LYS A 102 9.01 -13.52 -12.36
CA LYS A 102 10.01 -14.11 -11.50
C LYS A 102 10.66 -15.44 -12.06
N ASP A 103 9.97 -16.10 -13.00
CA ASP A 103 10.39 -17.28 -13.68
C ASP A 103 11.19 -16.89 -14.93
N GLN A 104 12.42 -16.41 -14.65
CA GLN A 104 13.25 -15.96 -15.75
C GLN A 104 13.42 -16.96 -16.87
N ALA A 105 13.78 -18.22 -16.51
CA ALA A 105 14.09 -19.24 -17.46
C ALA A 105 12.83 -19.50 -18.30
N GLY A 106 11.65 -19.44 -17.66
CA GLY A 106 10.29 -19.62 -18.31
C GLY A 106 9.98 -18.50 -19.32
N ILE A 107 10.29 -17.29 -18.93
CA ILE A 107 10.15 -16.10 -19.83
C ILE A 107 11.01 -16.21 -21.06
N ASP A 108 12.28 -16.49 -20.82
CA ASP A 108 13.24 -16.57 -21.91
C ASP A 108 12.82 -17.71 -22.87
N LYS A 109 12.33 -18.82 -22.33
CA LYS A 109 11.98 -19.95 -23.11
C LYS A 109 10.82 -19.63 -24.02
N ILE A 110 9.83 -18.91 -23.53
CA ILE A 110 8.72 -18.58 -24.40
C ILE A 110 9.20 -17.75 -25.59
N MET A 111 10.11 -16.83 -25.33
CA MET A 111 10.66 -16.00 -26.45
C MET A 111 11.46 -16.74 -27.44
N ILE A 112 12.39 -17.53 -26.91
CA ILE A 112 13.28 -18.35 -27.74
C ILE A 112 12.43 -19.31 -28.56
N ASP A 113 11.47 -19.98 -27.90
CA ASP A 113 10.55 -20.86 -28.71
C ASP A 113 9.69 -20.21 -29.75
N LEU A 114 9.15 -19.01 -29.45
CA LEU A 114 8.31 -18.31 -30.36
C LEU A 114 9.10 -17.84 -31.57
N ASP A 115 10.28 -17.31 -31.32
CA ASP A 115 11.15 -16.99 -32.43
C ASP A 115 11.41 -18.19 -33.36
N GLY A 116 11.70 -19.35 -32.75
CA GLY A 116 11.85 -20.60 -33.47
C GLY A 116 13.11 -20.79 -34.30
N THR A 117 14.06 -19.86 -34.23
CA THR A 117 15.22 -19.97 -35.04
C THR A 117 16.40 -20.14 -34.20
N GLU A 118 17.40 -20.71 -34.85
CA GLU A 118 18.67 -20.93 -34.23
C GLU A 118 19.30 -19.66 -33.66
N ASN A 119 19.40 -18.65 -34.50
CA ASN A 119 20.17 -17.41 -34.17
C ASN A 119 19.28 -16.24 -33.86
N LYS A 120 18.00 -16.48 -33.55
CA LYS A 120 17.10 -15.38 -33.19
C LYS A 120 16.88 -14.36 -34.35
N SER A 121 16.83 -14.89 -35.56
CA SER A 121 16.71 -14.03 -36.70
C SER A 121 15.31 -13.66 -37.05
N LYS A 122 14.27 -14.14 -36.39
CA LYS A 122 12.93 -13.65 -36.72
C LYS A 122 12.67 -12.37 -35.93
N PHE A 123 12.84 -12.38 -34.60
CA PHE A 123 12.61 -11.16 -33.82
C PHE A 123 13.83 -10.30 -33.67
N GLY A 124 14.99 -10.92 -33.75
CA GLY A 124 16.29 -10.30 -33.43
C GLY A 124 16.60 -10.58 -31.97
N ALA A 125 17.89 -10.87 -31.76
CA ALA A 125 18.50 -10.98 -30.44
C ALA A 125 18.39 -9.69 -29.65
N ASN A 126 18.40 -8.61 -30.39
CA ASN A 126 18.17 -7.23 -29.81
C ASN A 126 16.77 -7.05 -29.18
N ALA A 127 15.75 -7.52 -29.85
CA ALA A 127 14.39 -7.61 -29.31
C ALA A 127 14.30 -8.48 -28.07
N ILE A 128 14.78 -9.74 -28.17
CA ILE A 128 14.60 -10.68 -27.16
C ILE A 128 15.43 -10.26 -25.94
N LEU A 129 16.64 -9.80 -26.15
CA LEU A 129 17.51 -9.44 -24.98
C LEU A 129 16.95 -8.32 -24.17
N ALA A 130 16.53 -7.22 -24.84
CA ALA A 130 15.99 -6.09 -24.13
C ALA A 130 14.83 -6.52 -23.23
N VAL A 131 13.89 -7.33 -23.74
CA VAL A 131 12.78 -7.82 -22.90
C VAL A 131 13.32 -8.69 -21.77
N SER A 132 14.30 -9.59 -22.08
CA SER A 132 14.80 -10.52 -21.11
C SER A 132 15.39 -9.76 -19.94
N LEU A 133 16.20 -8.74 -20.23
CA LEU A 133 16.82 -7.97 -19.15
C LEU A 133 15.80 -7.07 -18.42
N ALA A 134 14.89 -6.49 -19.17
CA ALA A 134 13.90 -5.67 -18.50
C ALA A 134 13.02 -6.50 -17.56
N ASN A 135 12.73 -7.72 -17.99
CA ASN A 135 11.94 -8.63 -17.12
C ASN A 135 12.64 -8.92 -15.81
N ALA A 136 13.92 -9.17 -15.87
CA ALA A 136 14.71 -9.42 -14.67
C ALA A 136 14.66 -8.31 -13.76
N LYS A 137 14.82 -7.10 -14.26
CA LYS A 137 14.72 -5.83 -13.38
C LYS A 137 13.36 -5.69 -12.73
N ALA A 138 12.35 -5.93 -13.52
CA ALA A 138 11.02 -5.94 -13.00
C ALA A 138 10.75 -6.92 -11.90
N ALA A 139 11.23 -8.19 -12.13
CA ALA A 139 11.05 -9.19 -11.18
C ALA A 139 11.88 -8.85 -9.93
N ALA A 140 13.08 -8.33 -10.07
CA ALA A 140 13.84 -7.89 -8.85
C ALA A 140 13.08 -6.98 -7.94
N ALA A 141 12.47 -5.97 -8.58
CA ALA A 141 11.74 -5.03 -7.82
C ALA A 141 10.46 -5.69 -7.22
N ALA A 142 9.78 -6.55 -7.98
CA ALA A 142 8.65 -7.33 -7.38
C ALA A 142 9.08 -8.16 -6.14
N LYS A 143 10.33 -8.59 -6.13
CA LYS A 143 10.92 -9.35 -5.02
C LYS A 143 11.51 -8.50 -3.95
N GLY A 144 11.59 -7.21 -4.19
CA GLY A 144 12.00 -6.32 -3.12
C GLY A 144 13.46 -6.27 -2.99
N MET A 145 14.16 -6.36 -4.14
CA MET A 145 15.64 -6.39 -4.02
C MET A 145 16.32 -5.79 -5.18
N PRO A 146 17.61 -5.43 -4.99
CA PRO A 146 18.35 -4.92 -6.10
C PRO A 146 18.64 -5.95 -7.15
N LEU A 147 18.94 -5.52 -8.37
CA LEU A 147 19.16 -6.51 -9.41
C LEU A 147 20.34 -7.50 -9.12
N TYR A 148 21.50 -7.12 -8.58
CA TYR A 148 22.56 -8.08 -8.34
C TYR A 148 22.06 -9.22 -7.41
N GLU A 149 21.20 -8.91 -6.43
CA GLU A 149 20.71 -9.93 -5.51
C GLU A 149 19.80 -10.91 -6.22
N HIS A 150 18.91 -10.40 -7.02
CA HIS A 150 18.02 -11.26 -7.84
C HIS A 150 18.85 -12.09 -8.81
N ILE A 151 19.88 -11.53 -9.46
CA ILE A 151 20.71 -12.32 -10.37
C ILE A 151 21.42 -13.48 -9.62
N ALA A 152 21.98 -13.27 -8.43
CA ALA A 152 22.60 -14.38 -7.69
C ALA A 152 21.56 -15.53 -7.41
N GLU A 153 20.31 -15.14 -7.15
CA GLU A 153 19.22 -16.09 -7.03
C GLU A 153 18.92 -16.78 -8.34
N LEU A 154 18.80 -16.03 -9.42
CA LEU A 154 18.65 -16.67 -10.69
C LEU A 154 19.78 -17.64 -11.06
N ASN A 155 21.04 -17.31 -10.65
CA ASN A 155 22.27 -17.97 -10.99
C ASN A 155 22.46 -19.25 -10.19
N GLY A 156 21.67 -19.47 -9.13
CA GLY A 156 21.78 -20.66 -8.38
C GLY A 156 22.86 -20.43 -7.33
N THR A 157 23.19 -19.17 -7.04
CA THR A 157 24.27 -18.86 -6.05
C THR A 157 23.89 -17.79 -5.05
N PRO A 158 22.82 -18.04 -4.26
CA PRO A 158 22.20 -17.00 -3.52
C PRO A 158 23.14 -16.39 -2.44
N GLY A 159 23.16 -15.05 -2.32
CA GLY A 159 23.95 -14.35 -1.29
C GLY A 159 25.47 -14.33 -1.56
N LYS A 160 25.90 -14.85 -2.70
CA LYS A 160 27.36 -14.92 -3.03
C LYS A 160 27.67 -13.85 -4.04
N TYR A 161 28.58 -12.94 -3.65
CA TYR A 161 28.91 -11.80 -4.54
C TYR A 161 30.38 -11.58 -4.56
N SER A 162 30.87 -10.97 -5.62
CA SER A 162 32.18 -10.35 -5.55
C SER A 162 32.18 -9.08 -6.38
N MET A 163 33.19 -8.23 -6.11
CA MET A 163 33.40 -7.08 -6.97
C MET A 163 34.40 -7.39 -8.05
N PRO A 164 34.07 -7.13 -9.33
CA PRO A 164 34.97 -7.63 -10.39
C PRO A 164 36.25 -6.80 -10.51
N VAL A 165 37.35 -7.47 -10.81
CA VAL A 165 38.61 -6.81 -11.29
C VAL A 165 38.39 -6.31 -12.74
N PRO A 166 38.38 -4.96 -12.93
CA PRO A 166 38.18 -4.46 -14.22
C PRO A 166 39.44 -4.41 -15.08
N MET A 167 39.20 -4.69 -16.36
CA MET A 167 40.24 -4.47 -17.35
C MET A 167 39.79 -3.35 -18.20
N MET A 168 40.63 -2.32 -18.23
CA MET A 168 40.21 -0.89 -18.70
C MET A 168 40.99 -0.51 -19.96
N ASN A 169 40.28 -0.43 -21.05
CA ASN A 169 40.87 -0.22 -22.37
C ASN A 169 41.19 1.29 -22.67
N ILE A 170 42.42 1.71 -22.37
CA ILE A 170 42.84 3.04 -22.42
C ILE A 170 43.58 3.42 -23.68
N ILE A 171 44.02 2.51 -24.54
CA ILE A 171 44.38 2.81 -25.94
C ILE A 171 43.53 1.95 -26.84
N ASN A 172 42.73 2.57 -27.71
CA ASN A 172 41.78 1.90 -28.59
C ASN A 172 42.35 1.80 -30.00
N GLY A 173 42.07 0.73 -30.69
CA GLY A 173 42.46 0.55 -32.10
C GLY A 173 41.47 -0.29 -32.87
N GLY A 174 41.95 -0.88 -33.95
CA GLY A 174 41.13 -1.74 -34.83
C GLY A 174 39.87 -1.05 -35.22
N GLU A 175 38.73 -1.71 -35.08
CA GLU A 175 37.45 -1.25 -35.54
C GLU A 175 36.82 -0.18 -34.58
N HIS A 176 37.49 0.11 -33.42
CA HIS A 176 36.98 1.04 -32.46
C HIS A 176 37.50 2.48 -32.64
N ALA A 177 38.38 2.67 -33.64
CA ALA A 177 39.14 3.89 -33.72
C ALA A 177 39.69 4.03 -35.14
N ASP A 178 40.11 5.26 -35.44
CA ASP A 178 40.51 5.66 -36.78
C ASP A 178 42.01 5.92 -36.73
N ASN A 179 42.81 4.93 -36.41
CA ASN A 179 44.19 5.18 -36.24
C ASN A 179 44.88 4.03 -36.97
N ASN A 180 46.18 3.88 -36.84
CA ASN A 180 46.95 2.84 -37.55
C ASN A 180 47.26 1.61 -36.57
N VAL A 181 46.41 1.39 -35.54
CA VAL A 181 46.62 0.35 -34.54
C VAL A 181 45.66 -0.82 -34.88
N ASP A 182 46.28 -1.99 -35.03
CA ASP A 182 45.60 -3.24 -35.47
C ASP A 182 44.94 -3.97 -34.25
N ILE A 183 45.71 -4.06 -33.18
CA ILE A 183 45.24 -4.59 -31.84
C ILE A 183 44.09 -3.76 -31.35
N GLN A 184 42.93 -4.37 -31.12
CA GLN A 184 41.77 -3.57 -30.82
C GLN A 184 41.83 -2.91 -29.44
N GLU A 185 42.38 -3.55 -28.45
CA GLU A 185 42.31 -2.98 -27.04
C GLU A 185 43.56 -3.21 -26.27
N PHE A 186 44.08 -2.16 -25.65
CA PHE A 186 45.15 -2.29 -24.71
C PHE A 186 44.67 -1.87 -23.32
N MET A 187 44.69 -2.79 -22.35
CA MET A 187 44.01 -2.61 -21.08
C MET A 187 44.95 -2.62 -19.89
N ILE A 188 44.57 -1.91 -18.84
CA ILE A 188 45.14 -1.99 -17.54
C ILE A 188 44.17 -2.68 -16.58
N GLN A 189 44.74 -3.39 -15.61
CA GLN A 189 44.02 -4.09 -14.50
C GLN A 189 44.61 -3.73 -13.16
N PRO A 190 43.82 -3.03 -12.30
CA PRO A 190 44.29 -2.55 -10.92
C PRO A 190 44.19 -3.62 -9.86
N VAL A 191 45.03 -4.60 -10.10
CA VAL A 191 45.05 -5.79 -9.26
C VAL A 191 45.49 -5.52 -7.82
N GLY A 192 46.25 -4.46 -7.59
CA GLY A 192 46.82 -4.12 -6.27
C GLY A 192 45.79 -3.37 -5.44
N ALA A 193 44.67 -3.00 -6.07
CA ALA A 193 43.58 -2.35 -5.31
C ALA A 193 42.91 -3.27 -4.29
N LYS A 194 42.47 -2.73 -3.13
CA LYS A 194 41.74 -3.49 -2.14
C LYS A 194 40.22 -3.44 -2.36
N THR A 195 39.66 -2.43 -3.08
CA THR A 195 38.19 -2.30 -3.34
C THR A 195 38.06 -1.94 -4.82
N VAL A 196 36.90 -2.12 -5.44
CA VAL A 196 36.75 -1.68 -6.77
C VAL A 196 36.72 -0.13 -6.83
N LYS A 197 36.28 0.53 -5.75
CA LYS A 197 36.38 1.97 -5.71
C LYS A 197 37.87 2.48 -5.90
N GLU A 198 38.76 1.82 -5.17
CA GLU A 198 40.20 2.08 -5.34
C GLU A 198 40.68 1.74 -6.73
N ALA A 199 40.23 0.63 -7.25
CA ALA A 199 40.56 0.22 -8.67
C ALA A 199 40.21 1.31 -9.68
N ILE A 200 38.99 1.83 -9.51
CA ILE A 200 38.42 2.89 -10.38
C ILE A 200 39.26 4.20 -10.33
N ARG A 201 39.67 4.63 -9.14
CA ARG A 201 40.48 5.74 -8.96
C ARG A 201 41.87 5.50 -9.59
N MET A 202 42.45 4.32 -9.41
CA MET A 202 43.78 4.03 -9.96
C MET A 202 43.68 4.08 -11.49
N GLY A 203 42.62 3.53 -12.01
CA GLY A 203 42.39 3.60 -13.41
C GLY A 203 42.24 5.03 -13.95
N SER A 204 41.50 5.83 -13.21
CA SER A 204 41.38 7.23 -13.59
C SER A 204 42.71 7.96 -13.57
N GLU A 205 43.49 7.79 -12.48
CA GLU A 205 44.77 8.39 -12.43
C GLU A 205 45.73 8.05 -13.61
N VAL A 206 45.88 6.76 -13.93
CA VAL A 206 46.68 6.28 -15.00
C VAL A 206 46.19 6.82 -16.33
N PHE A 207 44.86 6.79 -16.51
CA PHE A 207 44.31 7.33 -17.75
C PHE A 207 44.68 8.83 -17.92
N HIS A 208 44.72 9.56 -16.85
CA HIS A 208 44.96 11.04 -16.95
C HIS A 208 46.47 11.21 -17.21
N HIS A 209 47.31 10.42 -16.52
CA HIS A 209 48.73 10.52 -16.79
C HIS A 209 49.08 10.08 -18.19
N LEU A 210 48.29 9.18 -18.75
CA LEU A 210 48.51 8.75 -20.17
C LEU A 210 48.28 9.90 -21.15
N ALA A 211 47.25 10.70 -20.89
CA ALA A 211 47.06 11.95 -21.72
C ALA A 211 48.30 12.86 -21.71
N LYS A 212 48.87 13.09 -20.52
CA LYS A 212 50.10 13.88 -20.41
C LYS A 212 51.26 13.21 -21.17
N VAL A 213 51.37 11.85 -21.11
CA VAL A 213 52.41 11.18 -21.82
C VAL A 213 52.24 11.38 -23.29
N LEU A 214 51.03 11.13 -23.81
CA LEU A 214 50.79 11.25 -25.19
C LEU A 214 51.00 12.70 -25.72
N LYS A 215 50.58 13.70 -24.92
CA LYS A 215 50.72 15.13 -25.30
C LYS A 215 52.18 15.47 -25.46
N ALA A 216 53.01 15.02 -24.50
CA ALA A 216 54.42 15.34 -24.60
C ALA A 216 55.10 14.73 -25.83
N LYS A 217 54.53 13.68 -26.41
CA LYS A 217 55.02 13.05 -27.66
C LYS A 217 54.29 13.57 -28.92
N GLY A 218 53.43 14.58 -28.80
CA GLY A 218 52.71 15.08 -29.92
C GLY A 218 51.62 14.19 -30.43
N MET A 219 51.08 13.33 -29.57
CA MET A 219 50.08 12.36 -30.03
C MET A 219 48.70 12.78 -29.57
N ASN A 220 47.70 12.41 -30.35
CA ASN A 220 46.28 12.80 -30.24
C ASN A 220 45.70 12.23 -28.96
N THR A 221 44.91 13.04 -28.25
CA THR A 221 44.20 12.60 -27.05
C THR A 221 42.73 12.65 -27.19
N ALA A 222 42.21 12.66 -28.41
CA ALA A 222 40.78 12.48 -28.60
C ALA A 222 40.50 11.01 -28.42
N VAL A 223 39.25 10.59 -28.29
CA VAL A 223 39.00 9.25 -27.87
C VAL A 223 38.22 8.44 -28.92
N GLY A 224 38.45 7.11 -28.86
CA GLY A 224 37.72 6.14 -29.64
C GLY A 224 36.45 5.71 -29.00
N ASP A 225 35.82 4.72 -29.61
CA ASP A 225 34.44 4.34 -29.23
C ASP A 225 34.35 3.92 -27.78
N GLU A 226 35.42 3.49 -27.12
CA GLU A 226 35.35 2.97 -25.74
C GLU A 226 36.06 3.87 -24.76
N GLY A 227 36.38 5.09 -25.21
CA GLY A 227 36.89 6.10 -24.29
C GLY A 227 38.34 6.13 -24.11
N GLY A 228 39.03 5.28 -24.83
CA GLY A 228 40.48 5.34 -24.72
C GLY A 228 41.09 6.17 -25.78
N TYR A 229 42.33 6.60 -25.60
CA TYR A 229 42.92 7.41 -26.65
C TYR A 229 43.12 6.65 -27.95
N ALA A 230 43.16 7.36 -29.06
CA ALA A 230 43.29 6.73 -30.37
C ALA A 230 44.44 7.36 -31.14
N PRO A 231 45.59 7.45 -30.53
CA PRO A 231 46.77 8.00 -31.27
C PRO A 231 47.22 7.10 -32.44
N ASN A 232 47.97 7.64 -33.41
CA ASN A 232 48.67 6.84 -34.38
C ASN A 232 50.02 6.52 -33.71
N LEU A 233 50.43 5.24 -33.72
CA LEU A 233 51.65 4.80 -33.03
C LEU A 233 52.54 4.21 -34.08
N GLY A 234 53.84 4.24 -33.80
CA GLY A 234 54.83 3.59 -34.71
C GLY A 234 54.73 2.05 -34.82
N SER A 235 54.11 1.39 -33.84
CA SER A 235 53.92 -0.11 -33.86
C SER A 235 52.81 -0.47 -32.88
N ASN A 236 52.19 -1.65 -32.98
CA ASN A 236 51.18 -2.05 -31.96
C ASN A 236 51.81 -2.16 -30.55
N ALA A 237 53.05 -2.58 -30.47
CA ALA A 237 53.77 -2.64 -29.18
C ALA A 237 53.96 -1.34 -28.47
N GLU A 238 54.03 -0.27 -29.23
CA GLU A 238 54.30 1.00 -28.64
C GLU A 238 53.15 1.35 -27.67
N ALA A 239 51.94 0.83 -27.91
CA ALA A 239 50.86 1.04 -26.99
C ALA A 239 51.21 0.63 -25.59
N LEU A 240 51.90 -0.50 -25.46
CA LEU A 240 52.36 -1.00 -24.19
C LEU A 240 53.38 -0.13 -23.53
N ALA A 241 54.28 0.47 -24.33
CA ALA A 241 55.36 1.30 -23.76
C ALA A 241 54.77 2.57 -23.16
N VAL A 242 53.85 3.17 -23.89
CA VAL A 242 53.19 4.43 -23.38
C VAL A 242 52.36 4.18 -22.15
N ILE A 243 51.68 3.01 -22.12
CA ILE A 243 50.89 2.63 -20.92
C ILE A 243 51.84 2.51 -19.71
N ALA A 244 52.97 1.81 -19.93
CA ALA A 244 54.01 1.56 -18.88
C ALA A 244 54.48 2.88 -18.31
N GLU A 245 54.77 3.78 -19.23
CA GLU A 245 55.16 5.15 -18.89
C GLU A 245 54.17 5.87 -17.99
N ALA A 246 52.91 5.78 -18.40
CA ALA A 246 51.81 6.40 -17.63
C ALA A 246 51.62 5.82 -16.27
N VAL A 247 51.74 4.48 -16.16
CA VAL A 247 51.58 3.81 -14.90
C VAL A 247 52.66 4.26 -13.94
N LYS A 248 53.90 4.37 -14.43
CA LYS A 248 54.98 4.83 -13.60
C LYS A 248 54.80 6.29 -13.22
N ALA A 249 54.40 7.09 -14.21
CA ALA A 249 54.14 8.53 -13.91
C ALA A 249 53.03 8.70 -12.85
N ALA A 250 52.03 7.82 -12.85
CA ALA A 250 50.98 7.83 -11.74
C ALA A 250 51.40 7.29 -10.36
N GLY A 251 52.66 6.91 -10.20
CA GLY A 251 53.18 6.52 -8.91
C GLY A 251 52.94 5.00 -8.66
N TYR A 252 52.58 4.21 -9.69
CA TYR A 252 52.20 2.78 -9.53
C TYR A 252 53.30 1.84 -10.11
N GLU A 253 53.38 0.61 -9.57
CA GLU A 253 54.36 -0.47 -9.98
C GLU A 253 53.62 -1.40 -10.98
N LEU A 254 54.13 -1.39 -12.20
CA LEU A 254 53.74 -2.32 -13.18
C LEU A 254 54.05 -3.74 -12.61
N GLY A 255 53.10 -4.62 -12.80
CA GLY A 255 53.08 -6.00 -12.18
C GLY A 255 52.41 -6.04 -10.80
N LYS A 256 52.98 -5.37 -9.83
CA LYS A 256 52.50 -5.36 -8.46
C LYS A 256 51.11 -4.67 -8.26
N ASP A 257 51.00 -3.43 -8.75
CA ASP A 257 49.79 -2.61 -8.59
C ASP A 257 48.92 -2.78 -9.81
N ILE A 258 49.53 -2.85 -11.01
CA ILE A 258 48.82 -2.88 -12.28
C ILE A 258 49.39 -3.88 -13.27
N THR A 259 48.53 -4.74 -13.79
CA THR A 259 48.90 -5.66 -14.88
C THR A 259 48.20 -5.26 -16.13
N LEU A 260 48.60 -5.84 -17.24
CA LEU A 260 48.04 -5.56 -18.57
C LEU A 260 47.24 -6.63 -19.19
N ALA A 261 46.33 -6.27 -20.05
CA ALA A 261 45.58 -7.24 -20.83
C ALA A 261 45.40 -6.70 -22.22
N MET A 262 45.15 -7.54 -23.25
CA MET A 262 44.94 -7.07 -24.62
C MET A 262 43.72 -7.80 -25.14
N ASP A 263 43.03 -7.21 -26.09
CA ASP A 263 42.11 -7.91 -26.90
C ASP A 263 42.55 -7.65 -28.31
N CYS A 264 43.07 -8.63 -29.00
CA CYS A 264 43.60 -8.48 -30.34
C CYS A 264 42.50 -8.38 -31.34
N ALA A 265 41.33 -8.96 -31.07
CA ALA A 265 40.23 -9.14 -32.08
C ALA A 265 40.80 -9.54 -33.43
N ALA A 266 41.56 -10.64 -33.44
CA ALA A 266 42.38 -11.00 -34.57
C ALA A 266 41.57 -11.45 -35.78
N SER A 267 40.28 -11.86 -35.62
CA SER A 267 39.38 -12.10 -36.76
C SER A 267 39.35 -10.91 -37.69
N GLU A 268 39.55 -9.71 -37.09
CA GLU A 268 39.48 -8.49 -37.85
C GLU A 268 40.72 -8.29 -38.70
N PHE A 269 41.82 -9.02 -38.49
CA PHE A 269 43.01 -8.88 -39.37
C PHE A 269 43.53 -10.23 -39.95
N TYR A 270 42.63 -11.20 -40.03
CA TYR A 270 42.95 -12.47 -40.65
C TYR A 270 42.48 -12.42 -42.12
N LYS A 271 43.39 -12.64 -43.03
CA LYS A 271 43.17 -12.35 -44.48
C LYS A 271 43.92 -13.47 -45.21
N ASP A 272 43.18 -14.22 -46.02
CA ASP A 272 43.77 -15.30 -46.82
C ASP A 272 44.60 -16.31 -45.97
N GLY A 273 44.06 -16.74 -44.84
CA GLY A 273 44.76 -17.66 -43.96
C GLY A 273 45.95 -17.12 -43.11
N LYS A 274 46.28 -15.83 -43.19
CA LYS A 274 47.33 -15.23 -42.34
C LYS A 274 46.79 -14.03 -41.59
N TYR A 275 47.52 -13.74 -40.52
CA TYR A 275 47.33 -12.58 -39.64
C TYR A 275 48.23 -11.45 -40.18
N VAL A 276 47.57 -10.35 -40.60
CA VAL A 276 48.23 -9.26 -41.34
C VAL A 276 48.09 -8.02 -40.47
N LEU A 277 49.19 -7.51 -39.96
CA LEU A 277 49.23 -6.22 -39.22
C LEU A 277 49.42 -4.99 -40.16
N ALA A 278 48.29 -4.51 -40.69
CA ALA A 278 48.22 -3.34 -41.66
C ALA A 278 48.98 -2.09 -41.20
N GLY A 279 48.92 -1.82 -39.91
CA GLY A 279 49.65 -0.74 -39.32
C GLY A 279 51.14 -0.86 -39.28
N GLU A 280 51.65 -2.11 -39.40
CA GLU A 280 53.08 -2.47 -39.37
C GLU A 280 53.61 -2.96 -40.74
N GLY A 281 53.20 -2.20 -41.77
CA GLY A 281 53.47 -2.47 -43.19
C GLY A 281 52.96 -3.79 -43.74
N ASN A 282 51.77 -4.20 -43.35
CA ASN A 282 51.25 -5.52 -43.75
C ASN A 282 52.18 -6.73 -43.47
N LYS A 283 52.88 -6.67 -42.33
CA LYS A 283 53.64 -7.78 -41.75
C LYS A 283 52.68 -8.98 -41.47
N ALA A 284 52.91 -10.13 -42.14
CA ALA A 284 52.05 -11.34 -42.14
C ALA A 284 52.61 -12.47 -41.28
N PHE A 285 51.71 -13.17 -40.62
CA PHE A 285 52.11 -14.20 -39.68
C PHE A 285 51.16 -15.39 -39.90
N THR A 286 51.70 -16.62 -39.76
CA THR A 286 50.89 -17.82 -39.54
C THR A 286 50.41 -17.81 -38.08
N SER A 287 49.50 -18.72 -37.73
CA SER A 287 49.06 -18.73 -36.34
C SER A 287 50.16 -18.99 -35.32
N GLU A 288 51.10 -19.87 -35.67
CA GLU A 288 52.22 -20.16 -34.75
C GLU A 288 53.08 -18.94 -34.55
N GLU A 289 53.41 -18.31 -35.67
CA GLU A 289 54.30 -17.09 -35.63
C GLU A 289 53.61 -15.98 -34.86
N PHE A 290 52.31 -15.87 -35.04
CA PHE A 290 51.55 -14.78 -34.28
C PHE A 290 51.48 -15.09 -32.76
N THR A 291 51.27 -16.37 -32.41
CA THR A 291 51.43 -16.77 -31.07
C THR A 291 52.83 -16.40 -30.51
N HIS A 292 53.88 -16.60 -31.28
CA HIS A 292 55.24 -16.24 -30.81
C HIS A 292 55.44 -14.73 -30.61
N PHE A 293 54.85 -13.97 -31.49
CA PHE A 293 54.78 -12.45 -31.37
C PHE A 293 54.09 -12.05 -30.00
N LEU A 294 52.91 -12.62 -29.77
CA LEU A 294 52.26 -12.43 -28.50
C LEU A 294 53.13 -12.85 -27.34
N GLU A 295 53.77 -14.04 -27.40
CA GLU A 295 54.62 -14.49 -26.34
C GLU A 295 55.72 -13.54 -26.05
N GLU A 296 56.35 -13.00 -27.09
CA GLU A 296 57.47 -12.06 -26.81
C GLU A 296 56.95 -10.82 -26.04
N LEU A 297 55.74 -10.39 -26.41
CA LEU A 297 55.13 -9.27 -25.62
C LEU A 297 54.98 -9.63 -24.13
N THR A 298 54.58 -10.91 -23.86
CA THR A 298 54.31 -11.28 -22.49
C THR A 298 55.56 -11.39 -21.64
N LYS A 299 56.74 -11.49 -22.26
CA LYS A 299 58.04 -11.42 -21.50
C LYS A 299 58.48 -10.01 -21.24
N GLN A 300 58.22 -9.15 -22.20
CA GLN A 300 58.61 -7.72 -22.03
C GLN A 300 57.71 -6.91 -21.06
N TYR A 301 56.43 -7.27 -20.91
CA TYR A 301 55.49 -6.52 -20.07
C TYR A 301 54.62 -7.53 -19.31
N PRO A 302 54.06 -7.16 -18.15
CA PRO A 302 53.19 -8.03 -17.42
C PRO A 302 51.82 -8.15 -18.04
N ILE A 303 51.76 -8.62 -19.28
CA ILE A 303 50.49 -9.00 -19.90
C ILE A 303 50.03 -10.39 -19.36
N VAL A 304 48.91 -10.37 -18.62
CA VAL A 304 48.41 -11.53 -17.96
C VAL A 304 47.14 -12.02 -18.62
N SER A 305 46.66 -11.36 -19.65
CA SER A 305 45.44 -11.84 -20.35
C SER A 305 45.42 -11.43 -21.76
N ILE A 306 45.01 -12.30 -22.66
CA ILE A 306 44.98 -12.00 -24.11
C ILE A 306 43.68 -12.57 -24.63
N GLU A 307 42.86 -11.79 -25.26
CA GLU A 307 41.58 -12.21 -25.78
C GLU A 307 41.63 -12.29 -27.25
N ASP A 308 40.92 -13.23 -27.86
CA ASP A 308 40.90 -13.42 -29.31
C ASP A 308 42.27 -13.16 -29.97
N GLY A 309 43.29 -13.87 -29.49
CA GLY A 309 44.66 -13.93 -30.06
C GLY A 309 44.73 -14.45 -31.45
N LEU A 310 43.67 -15.10 -31.96
CA LEU A 310 43.61 -15.61 -33.29
C LEU A 310 42.18 -15.57 -33.81
N ASP A 311 41.99 -15.91 -35.06
CA ASP A 311 40.72 -15.87 -35.70
C ASP A 311 39.72 -16.81 -35.07
N GLU A 312 38.47 -16.36 -35.14
CA GLU A 312 37.32 -17.15 -34.68
C GLU A 312 37.26 -18.59 -35.20
N SER A 313 37.78 -18.82 -36.42
CA SER A 313 37.64 -20.09 -37.15
C SER A 313 38.91 -20.98 -36.96
N ASP A 314 39.97 -20.44 -36.36
CA ASP A 314 41.28 -21.10 -36.31
C ASP A 314 41.38 -21.90 -34.97
N TRP A 315 40.60 -22.97 -34.88
CA TRP A 315 40.59 -23.83 -33.69
C TRP A 315 41.92 -24.57 -33.51
N ASP A 316 42.51 -24.99 -34.65
CA ASP A 316 43.89 -25.50 -34.59
C ASP A 316 44.89 -24.58 -33.97
N GLY A 317 44.88 -23.33 -34.42
CA GLY A 317 45.75 -22.25 -33.85
C GLY A 317 45.48 -22.00 -32.37
N PHE A 318 44.20 -21.92 -31.99
CA PHE A 318 43.86 -21.78 -30.56
C PHE A 318 44.32 -22.90 -29.67
N ALA A 319 44.23 -24.13 -30.20
CA ALA A 319 44.73 -25.28 -29.43
C ALA A 319 46.20 -25.11 -29.17
N TYR A 320 46.90 -24.76 -30.23
CA TYR A 320 48.33 -24.53 -30.13
C TYR A 320 48.60 -23.46 -29.11
N GLN A 321 47.93 -22.28 -29.25
CA GLN A 321 48.20 -21.14 -28.36
C GLN A 321 47.94 -21.48 -26.91
N THR A 322 46.79 -22.14 -26.68
CA THR A 322 46.50 -22.60 -25.38
C THR A 322 47.57 -23.57 -24.80
N LYS A 323 48.06 -24.50 -25.64
CA LYS A 323 49.15 -25.39 -25.14
C LYS A 323 50.41 -24.55 -24.77
N VAL A 324 50.79 -23.58 -25.61
CA VAL A 324 52.05 -22.82 -25.32
C VAL A 324 51.99 -21.73 -24.23
N LEU A 325 50.91 -20.94 -24.27
CA LEU A 325 50.72 -19.85 -23.35
C LEU A 325 49.76 -20.11 -22.18
N GLY A 326 48.82 -21.02 -22.36
CA GLY A 326 47.66 -21.11 -21.43
C GLY A 326 47.99 -21.40 -19.97
N ASP A 327 49.11 -22.04 -19.67
CA ASP A 327 49.44 -22.34 -18.25
C ASP A 327 49.80 -21.11 -17.48
N LYS A 328 50.33 -20.13 -18.21
CA LYS A 328 50.81 -18.87 -17.64
C LYS A 328 49.87 -17.66 -17.73
N ILE A 329 49.06 -17.60 -18.78
CA ILE A 329 48.35 -16.35 -19.26
C ILE A 329 46.88 -16.74 -19.34
N GLN A 330 46.01 -15.82 -18.99
CA GLN A 330 44.58 -16.10 -19.25
C GLN A 330 44.34 -15.95 -20.75
N LEU A 331 43.65 -16.86 -21.41
CA LEU A 331 43.40 -16.72 -22.87
C LEU A 331 41.88 -16.71 -23.06
N VAL A 332 41.35 -15.52 -23.37
CA VAL A 332 39.94 -15.25 -23.47
C VAL A 332 39.35 -15.47 -24.87
N GLY A 333 38.39 -16.38 -25.01
CA GLY A 333 37.64 -16.54 -26.25
C GLY A 333 36.45 -15.58 -26.23
N ASP A 334 36.32 -14.80 -27.28
CA ASP A 334 35.22 -13.84 -27.42
C ASP A 334 34.40 -14.21 -28.65
N ASP A 335 34.82 -13.73 -29.86
CA ASP A 335 34.18 -14.16 -31.13
C ASP A 335 34.39 -15.71 -31.28
N LEU A 336 35.41 -16.23 -30.65
CA LEU A 336 35.61 -17.75 -30.62
C LEU A 336 34.40 -18.53 -30.07
N PHE A 337 33.91 -18.08 -28.90
CA PHE A 337 32.75 -18.68 -28.23
C PHE A 337 31.34 -18.03 -28.40
N VAL A 338 31.22 -16.72 -28.70
CA VAL A 338 29.99 -15.95 -28.79
C VAL A 338 28.97 -16.24 -27.74
N THR A 339 29.49 -16.29 -26.52
CA THR A 339 28.67 -16.51 -25.31
C THR A 339 27.71 -17.71 -25.50
N ASN A 340 28.19 -18.81 -26.14
CA ASN A 340 27.27 -19.83 -26.71
C ASN A 340 27.65 -21.17 -26.16
N THR A 341 26.82 -21.77 -25.30
CA THR A 341 27.17 -23.08 -24.65
C THR A 341 27.56 -24.17 -25.65
N LYS A 342 26.85 -24.24 -26.75
CA LYS A 342 27.16 -25.22 -27.82
C LYS A 342 28.61 -25.12 -28.27
N ILE A 343 29.10 -23.92 -28.44
CA ILE A 343 30.43 -23.71 -28.94
C ILE A 343 31.45 -23.76 -27.82
N LEU A 344 31.16 -23.17 -26.66
CA LEU A 344 32.09 -23.26 -25.54
C LEU A 344 32.33 -24.69 -25.20
N LYS A 345 31.29 -25.56 -25.24
CA LYS A 345 31.48 -26.99 -24.83
C LYS A 345 32.53 -27.72 -25.65
N GLU A 346 32.39 -27.58 -26.97
CA GLU A 346 33.35 -28.06 -27.88
C GLU A 346 34.76 -27.47 -27.63
N GLY A 347 34.88 -26.19 -27.40
CA GLY A 347 36.16 -25.66 -26.99
C GLY A 347 36.74 -26.31 -25.77
N ILE A 348 35.93 -26.54 -24.75
CA ILE A 348 36.43 -27.11 -23.46
C ILE A 348 36.95 -28.56 -23.68
N GLU A 349 36.19 -29.30 -24.47
CA GLU A 349 36.53 -30.69 -24.90
C GLU A 349 37.87 -30.68 -25.71
N LYS A 350 38.08 -29.68 -26.59
CA LYS A 350 39.33 -29.53 -27.34
C LYS A 350 40.50 -28.77 -26.76
N GLY A 351 40.46 -28.39 -25.50
CA GLY A 351 41.65 -27.86 -24.82
C GLY A 351 41.87 -26.44 -25.34
N ILE A 352 40.79 -25.73 -25.72
CA ILE A 352 40.85 -24.39 -26.44
C ILE A 352 40.49 -23.25 -25.48
N ALA A 353 41.45 -22.33 -25.24
CA ALA A 353 41.24 -21.15 -24.35
C ALA A 353 41.20 -21.60 -22.88
N ASN A 354 41.17 -20.69 -21.94
CA ASN A 354 40.88 -21.02 -20.56
C ASN A 354 39.99 -19.96 -19.90
N SER A 355 39.24 -19.25 -20.74
CA SER A 355 38.41 -18.08 -20.33
C SER A 355 37.44 -17.69 -21.40
N ILE A 356 36.28 -17.14 -20.99
CA ILE A 356 35.34 -16.72 -21.94
C ILE A 356 34.89 -15.22 -21.64
N LEU A 357 34.71 -14.44 -22.71
CA LEU A 357 34.08 -13.09 -22.61
C LEU A 357 32.56 -13.22 -22.79
N ILE A 358 31.87 -12.85 -21.73
CA ILE A 358 30.40 -12.95 -21.66
C ILE A 358 29.65 -11.62 -22.11
N LYS A 359 28.94 -11.71 -23.28
CA LYS A 359 28.15 -10.67 -23.81
C LYS A 359 26.76 -11.21 -24.01
N PHE A 360 25.86 -10.79 -23.11
CA PHE A 360 24.50 -11.20 -23.24
C PHE A 360 23.84 -11.02 -24.62
N ASN A 361 24.28 -10.09 -25.43
CA ASN A 361 23.71 -9.92 -26.82
C ASN A 361 24.33 -10.76 -27.89
N GLN A 362 25.45 -11.46 -27.57
CA GLN A 362 25.97 -12.50 -28.52
C GLN A 362 25.03 -13.70 -28.58
N ILE A 363 24.21 -13.88 -27.53
CA ILE A 363 23.37 -15.06 -27.38
C ILE A 363 21.89 -14.71 -27.30
N GLY A 364 21.57 -13.66 -26.60
CA GLY A 364 20.22 -13.08 -26.79
C GLY A 364 19.31 -13.19 -25.60
N SER A 365 19.73 -13.75 -24.47
CA SER A 365 18.89 -13.80 -23.28
C SER A 365 19.73 -13.96 -22.04
N LEU A 366 19.14 -13.55 -20.93
CA LEU A 366 19.86 -13.65 -19.61
C LEU A 366 20.00 -15.18 -19.26
N THR A 367 18.95 -16.01 -19.50
CA THR A 367 19.08 -17.43 -19.16
C THR A 367 20.24 -18.14 -19.86
N GLU A 368 20.42 -17.93 -21.19
CA GLU A 368 21.46 -18.49 -21.96
C GLU A 368 22.82 -17.96 -21.50
N THR A 369 22.89 -16.71 -21.11
CA THR A 369 24.09 -16.09 -20.58
C THR A 369 24.49 -16.71 -19.27
N LEU A 370 23.57 -16.98 -18.34
CA LEU A 370 23.92 -17.62 -17.09
C LEU A 370 24.40 -19.11 -17.30
N ALA A 371 23.82 -19.77 -18.31
CA ALA A 371 24.25 -21.11 -18.76
C ALA A 371 25.69 -21.10 -19.25
N ALA A 372 26.12 -20.08 -20.00
CA ALA A 372 27.48 -19.95 -20.47
C ALA A 372 28.43 -19.68 -19.30
N ILE A 373 28.02 -18.91 -18.34
CA ILE A 373 28.89 -18.65 -17.11
C ILE A 373 29.05 -19.95 -16.32
N LYS A 374 27.98 -20.74 -16.18
CA LYS A 374 28.01 -22.05 -15.42
C LYS A 374 28.95 -23.05 -16.07
N MET A 375 28.88 -23.17 -17.40
CA MET A 375 29.70 -24.04 -18.14
C MET A 375 31.15 -23.65 -18.01
N ALA A 376 31.47 -22.39 -18.09
CA ALA A 376 32.87 -21.96 -17.93
C ALA A 376 33.36 -22.27 -16.54
N LYS A 377 32.61 -21.87 -15.51
CA LYS A 377 33.04 -22.11 -14.11
C LYS A 377 33.24 -23.59 -13.79
N ASP A 378 32.35 -24.41 -14.25
CA ASP A 378 32.41 -25.87 -14.06
C ASP A 378 33.66 -26.52 -14.67
N ALA A 379 34.18 -25.93 -15.77
CA ALA A 379 35.34 -26.39 -16.47
C ALA A 379 36.62 -25.68 -15.98
N GLY A 380 36.56 -24.90 -14.92
CA GLY A 380 37.72 -24.12 -14.45
C GLY A 380 38.09 -22.87 -15.32
N TYR A 381 37.29 -22.55 -16.34
CA TYR A 381 37.49 -21.34 -17.15
C TYR A 381 36.99 -20.13 -16.33
N THR A 382 37.65 -19.00 -16.48
CA THR A 382 37.15 -17.71 -15.96
C THR A 382 36.14 -17.12 -16.89
N ALA A 383 35.26 -16.38 -16.27
CA ALA A 383 34.26 -15.60 -16.98
C ALA A 383 34.47 -14.07 -16.79
N VAL A 384 34.62 -13.38 -17.93
CA VAL A 384 34.84 -11.90 -17.94
C VAL A 384 33.59 -11.27 -18.51
N ILE A 385 32.86 -10.54 -17.68
CA ILE A 385 31.60 -9.87 -18.13
C ILE A 385 31.97 -8.62 -18.93
N SER A 386 31.36 -8.51 -20.10
CA SER A 386 31.73 -7.47 -21.09
C SER A 386 30.60 -6.57 -21.61
N HIS A 387 31.05 -5.35 -21.91
CA HIS A 387 30.27 -4.34 -22.67
C HIS A 387 30.39 -4.67 -24.17
N ARG A 388 29.65 -3.94 -25.01
CA ARG A 388 29.92 -3.83 -26.39
C ARG A 388 30.45 -2.46 -26.66
N SER A 389 31.03 -2.33 -27.85
CA SER A 389 31.60 -1.03 -28.26
C SER A 389 30.51 0.08 -28.45
N GLY A 390 29.30 -0.38 -28.81
CA GLY A 390 28.06 0.36 -28.89
C GLY A 390 27.29 0.16 -27.61
N GLU A 391 27.33 1.17 -26.73
CA GLU A 391 26.67 1.07 -25.43
C GLU A 391 25.54 2.03 -25.24
N THR A 392 24.89 1.92 -24.09
CA THR A 392 23.93 2.93 -23.67
C THR A 392 24.27 3.24 -22.20
N GLU A 393 23.50 4.15 -21.64
CA GLU A 393 23.63 4.58 -20.18
C GLU A 393 23.28 3.44 -19.21
N ASP A 394 22.66 2.38 -19.73
CA ASP A 394 22.36 1.05 -19.00
C ASP A 394 23.60 0.49 -18.27
N ALA A 395 23.46 0.10 -17.01
CA ALA A 395 24.58 -0.42 -16.21
C ALA A 395 24.34 -1.91 -15.79
N THR A 396 23.42 -2.64 -16.44
CA THR A 396 23.14 -4.04 -16.18
C THR A 396 24.32 -4.94 -16.01
N ILE A 397 25.37 -4.78 -16.82
CA ILE A 397 26.48 -5.66 -16.75
C ILE A 397 27.18 -5.51 -15.38
N ALA A 398 27.07 -4.41 -14.72
CA ALA A 398 27.69 -4.30 -13.37
C ALA A 398 26.95 -5.17 -12.39
N ASP A 399 25.63 -5.15 -12.44
CA ASP A 399 24.89 -6.04 -11.57
C ASP A 399 25.16 -7.54 -11.90
N LEU A 400 25.32 -7.89 -13.23
CA LEU A 400 25.62 -9.25 -13.68
C LEU A 400 26.90 -9.72 -13.18
N ALA A 401 27.97 -8.93 -13.31
CA ALA A 401 29.25 -9.24 -12.72
C ALA A 401 29.22 -9.49 -11.22
N VAL A 402 28.52 -8.74 -10.48
CA VAL A 402 28.53 -8.94 -9.00
C VAL A 402 27.67 -10.13 -8.59
N GLY A 403 26.51 -10.29 -9.23
CA GLY A 403 25.56 -11.31 -8.89
C GLY A 403 25.98 -12.73 -9.30
N THR A 404 26.88 -12.86 -10.29
CA THR A 404 27.45 -14.07 -10.67
C THR A 404 28.85 -14.30 -10.13
N ALA A 405 29.35 -13.37 -9.35
CA ALA A 405 30.70 -13.39 -8.75
C ALA A 405 31.67 -13.73 -9.85
N ALA A 406 31.45 -13.16 -11.05
CA ALA A 406 32.26 -13.59 -12.19
C ALA A 406 33.76 -13.29 -11.89
N GLY A 407 34.05 -12.23 -11.24
CA GLY A 407 35.45 -11.97 -10.82
C GLY A 407 36.16 -10.87 -11.65
N GLN A 408 35.76 -10.72 -12.90
CA GLN A 408 36.31 -9.77 -13.81
C GLN A 408 35.24 -9.12 -14.71
N ILE A 409 35.51 -7.86 -15.06
CA ILE A 409 34.63 -7.12 -15.99
C ILE A 409 35.46 -6.35 -17.03
N LYS A 410 34.94 -6.27 -18.25
CA LYS A 410 35.53 -5.46 -19.33
C LYS A 410 34.48 -4.44 -19.77
N THR A 411 34.67 -3.20 -19.34
CA THR A 411 33.61 -2.17 -19.59
C THR A 411 34.12 -0.82 -20.01
N GLY A 412 35.34 -0.72 -20.48
CA GLY A 412 35.78 0.50 -21.06
C GLY A 412 36.89 1.21 -20.35
N SER A 413 37.37 2.24 -21.05
CA SER A 413 38.26 3.30 -20.47
C SER A 413 37.53 4.07 -19.39
N MET A 414 38.29 4.87 -18.71
CA MET A 414 37.72 5.75 -17.68
C MET A 414 37.24 7.13 -18.27
N SER A 415 36.57 7.13 -19.45
CA SER A 415 35.92 8.31 -20.04
C SER A 415 34.77 7.75 -20.90
N ARG A 416 33.81 8.61 -21.09
CA ARG A 416 32.49 8.36 -21.75
C ARG A 416 31.57 7.73 -20.75
N SER A 417 30.43 8.34 -20.50
CA SER A 417 29.46 7.74 -19.52
C SER A 417 28.89 6.35 -20.00
N ASP A 418 28.94 6.11 -21.31
CA ASP A 418 28.62 4.78 -21.78
C ASP A 418 29.53 3.67 -21.18
N ARG A 419 30.76 4.04 -20.67
CA ARG A 419 31.63 3.19 -19.94
C ARG A 419 31.50 3.53 -18.44
N VAL A 420 31.50 4.82 -18.11
CA VAL A 420 31.70 5.26 -16.64
C VAL A 420 30.43 5.00 -15.87
N ALA A 421 29.27 4.90 -16.56
CA ALA A 421 28.05 4.54 -15.80
C ALA A 421 28.15 3.11 -15.14
N LYS A 422 28.87 2.19 -15.77
CA LYS A 422 29.05 0.86 -15.21
C LYS A 422 30.00 0.99 -14.02
N TYR A 423 31.12 1.72 -14.13
CA TYR A 423 31.94 1.96 -12.94
C TYR A 423 31.22 2.57 -11.73
N ASN A 424 30.37 3.60 -11.97
CA ASN A 424 29.58 4.19 -10.95
C ASN A 424 28.60 3.18 -10.33
N GLN A 425 27.92 2.35 -11.16
CA GLN A 425 27.11 1.30 -10.60
C GLN A 425 27.94 0.35 -9.69
N LEU A 426 29.19 0.03 -10.09
CA LEU A 426 30.09 -0.78 -9.22
C LEU A 426 30.37 -0.10 -7.88
N ILE A 427 30.53 1.19 -7.93
CA ILE A 427 30.87 1.96 -6.64
C ILE A 427 29.63 1.86 -5.75
N ARG A 428 28.45 2.09 -6.35
CA ARG A 428 27.18 1.99 -5.59
C ARG A 428 26.94 0.62 -4.93
N ILE A 429 27.16 -0.43 -5.70
CA ILE A 429 26.96 -1.84 -5.23
C ILE A 429 27.93 -2.17 -4.11
N GLU A 430 29.20 -1.84 -4.32
CA GLU A 430 30.24 -2.05 -3.28
C GLU A 430 29.94 -1.28 -1.99
N GLU A 431 29.50 -0.04 -2.09
CA GLU A 431 29.08 0.75 -0.95
C GLU A 431 27.92 0.06 -0.19
N ALA A 432 26.90 -0.47 -0.90
CA ALA A 432 25.81 -1.24 -0.17
C ALA A 432 26.32 -2.61 0.42
N LEU A 433 27.18 -3.37 -0.27
CA LEU A 433 27.52 -4.72 0.15
C LEU A 433 28.72 -4.76 1.07
N GLY A 434 29.66 -3.86 0.97
CA GLY A 434 30.92 -3.89 1.75
C GLY A 434 31.68 -5.20 1.57
N GLU A 435 31.99 -5.85 2.69
CA GLU A 435 32.78 -7.12 2.66
C GLU A 435 32.00 -8.32 2.21
N LYS A 436 30.68 -8.21 2.06
CA LYS A 436 29.92 -9.20 1.37
C LYS A 436 30.28 -9.33 -0.09
N ALA A 437 31.02 -8.41 -0.66
CA ALA A 437 31.40 -8.56 -2.08
C ALA A 437 32.90 -8.20 -2.13
N PRO A 438 33.77 -9.19 -1.90
CA PRO A 438 35.23 -8.90 -1.78
C PRO A 438 35.82 -8.51 -3.18
N TYR A 439 36.90 -7.76 -3.20
CA TYR A 439 37.62 -7.48 -4.40
C TYR A 439 38.84 -8.39 -4.23
N ASN A 440 38.97 -9.40 -5.08
CA ASN A 440 39.95 -10.52 -4.88
C ASN A 440 41.27 -10.28 -5.61
N GLY A 441 41.31 -9.28 -6.46
CA GLY A 441 42.59 -8.92 -7.09
C GLY A 441 43.09 -9.96 -8.06
N ARG A 442 44.42 -10.11 -8.09
CA ARG A 442 45.02 -10.82 -9.24
C ARG A 442 44.64 -12.25 -9.24
N LYS A 443 44.25 -12.72 -8.08
CA LYS A 443 43.81 -14.13 -7.97
C LYS A 443 42.56 -14.52 -8.83
N GLU A 444 41.84 -13.56 -9.39
CA GLU A 444 40.65 -13.87 -10.24
C GLU A 444 41.08 -14.25 -11.62
N ILE A 445 42.28 -13.88 -12.00
CA ILE A 445 42.74 -14.04 -13.40
C ILE A 445 43.37 -15.46 -13.61
N LYS A 446 42.95 -16.16 -14.66
CA LYS A 446 43.41 -17.53 -15.00
C LYS A 446 44.95 -17.55 -15.12
N GLY A 447 45.57 -18.42 -14.32
CA GLY A 447 47.03 -18.52 -14.31
C GLY A 447 47.76 -17.76 -13.24
N GLN A 448 47.06 -16.98 -12.41
CA GLN A 448 47.68 -16.29 -11.25
C GLN A 448 47.29 -16.75 -9.76
N ALA A 449 46.36 -17.71 -9.59
CA ALA A 449 45.67 -17.88 -8.25
C ALA A 449 46.56 -18.43 -7.12
N GLN B 11 -10.13 10.45 5.68
CA GLN B 11 -10.20 9.13 6.44
C GLN B 11 -8.83 8.39 6.35
N GLN B 12 -8.36 7.94 5.17
CA GLN B 12 -6.99 7.32 5.02
C GLN B 12 -5.96 8.23 4.29
N MET B 13 -4.80 8.48 4.94
CA MET B 13 -3.71 9.35 4.43
C MET B 13 -2.78 8.46 3.58
N GLY B 14 -2.71 8.66 2.27
CA GLY B 14 -1.73 7.94 1.40
C GLY B 14 -0.24 8.18 1.61
N ARG B 15 0.61 7.30 1.07
CA ARG B 15 2.06 7.34 1.33
C ARG B 15 2.68 8.57 0.65
N GLY B 16 2.07 9.00 -0.46
CA GLY B 16 2.49 10.20 -1.12
C GLY B 16 2.46 11.46 -0.24
N SER B 17 1.58 11.48 0.78
CA SER B 17 1.60 12.57 1.71
C SER B 17 2.80 12.56 2.67
N MET B 18 3.56 11.50 2.70
CA MET B 18 4.67 11.41 3.67
C MET B 18 5.97 11.81 2.92
N SER B 19 6.04 13.09 2.58
CA SER B 19 7.13 13.59 1.79
C SER B 19 8.20 14.21 2.67
N LYS B 20 8.16 14.04 3.99
CA LYS B 20 9.29 14.57 4.79
C LYS B 20 10.60 13.78 4.50
N ILE B 21 11.73 14.52 4.46
CA ILE B 21 13.05 13.89 4.22
C ILE B 21 13.49 13.08 5.46
N VAL B 22 13.87 11.80 5.25
CA VAL B 22 14.39 10.94 6.34
C VAL B 22 15.87 10.69 6.28
N LYS B 23 16.49 10.78 5.11
CA LYS B 23 17.86 10.49 4.90
C LYS B 23 18.35 11.17 3.60
N ILE B 24 19.60 11.67 3.69
CA ILE B 24 20.34 12.15 2.59
C ILE B 24 21.73 11.55 2.62
N ILE B 25 22.08 10.97 1.46
CA ILE B 25 23.37 10.27 1.24
C ILE B 25 24.09 10.97 0.11
N GLY B 26 25.37 11.24 0.34
CA GLY B 26 26.29 11.76 -0.67
C GLY B 26 27.35 10.70 -1.02
N ARG B 27 27.78 10.63 -2.29
CA ARG B 27 28.91 9.80 -2.68
C ARG B 27 29.75 10.41 -3.83
N GLU B 28 31.00 9.97 -3.99
CA GLU B 28 31.87 10.42 -5.07
C GLU B 28 31.69 9.43 -6.19
N ILE B 29 31.21 9.86 -7.32
CA ILE B 29 31.18 9.07 -8.48
C ILE B 29 32.03 9.68 -9.53
N ILE B 30 31.90 9.19 -10.76
CA ILE B 30 32.86 9.56 -11.81
C ILE B 30 32.15 10.15 -13.00
N ASP B 31 32.70 11.28 -13.52
CA ASP B 31 32.14 11.93 -14.67
C ASP B 31 32.71 11.44 -15.98
N SER B 32 32.23 12.01 -17.08
CA SER B 32 32.54 11.52 -18.43
C SER B 32 33.94 11.80 -18.88
N ARG B 33 34.71 12.50 -18.03
CA ARG B 33 36.14 12.68 -18.32
C ARG B 33 36.99 11.87 -17.38
N GLY B 34 36.31 11.08 -16.51
CA GLY B 34 36.97 10.35 -15.50
C GLY B 34 37.31 11.09 -14.23
N ASN B 35 36.72 12.27 -14.04
CA ASN B 35 36.97 13.08 -12.77
C ASN B 35 35.82 12.84 -11.79
N PRO B 36 36.15 12.89 -10.51
CA PRO B 36 35.11 12.80 -9.52
C PRO B 36 34.01 13.92 -9.61
N THR B 37 32.78 13.54 -9.28
CA THR B 37 31.75 14.47 -9.01
C THR B 37 30.84 13.94 -7.83
N VAL B 38 29.99 14.80 -7.36
CA VAL B 38 29.05 14.55 -6.30
C VAL B 38 27.70 13.98 -6.80
N GLU B 39 27.26 12.86 -6.21
CA GLU B 39 25.88 12.35 -6.36
C GLU B 39 25.25 12.34 -5.00
N ALA B 40 23.94 12.63 -4.96
CA ALA B 40 23.20 12.64 -3.76
C ALA B 40 21.92 11.90 -4.00
N GLU B 41 21.49 11.29 -2.90
CA GLU B 41 20.20 10.64 -2.87
C GLU B 41 19.40 11.25 -1.73
N VAL B 42 18.11 11.45 -1.96
CA VAL B 42 17.30 12.01 -0.99
C VAL B 42 16.20 11.00 -0.79
N HIS B 43 16.00 10.63 0.48
CA HIS B 43 14.99 9.61 0.81
C HIS B 43 13.91 10.18 1.65
N LEU B 44 12.63 9.87 1.29
CA LEU B 44 11.48 10.40 1.99
C LEU B 44 10.78 9.32 2.85
N GLU B 45 10.01 9.76 3.83
CA GLU B 45 9.36 8.85 4.78
C GLU B 45 8.51 7.86 4.08
N GLY B 46 7.75 8.28 3.08
CA GLY B 46 6.86 7.35 2.41
C GLY B 46 7.52 6.33 1.56
N GLY B 47 8.86 6.39 1.43
CA GLY B 47 9.68 5.40 0.70
C GLY B 47 10.18 5.87 -0.70
N PHE B 48 10.04 7.15 -0.99
CA PHE B 48 10.36 7.75 -2.31
C PHE B 48 11.79 8.10 -2.31
N VAL B 49 12.47 7.92 -3.44
CA VAL B 49 13.91 8.22 -3.53
C VAL B 49 14.20 9.00 -4.78
N GLY B 50 14.97 10.09 -4.64
CA GLY B 50 15.57 10.69 -5.79
C GLY B 50 17.04 10.72 -5.76
N MET B 51 17.65 10.65 -6.98
CA MET B 51 19.04 10.72 -7.05
C MET B 51 19.54 11.56 -8.20
N ALA B 52 20.66 12.27 -7.95
CA ALA B 52 21.19 13.13 -8.97
C ALA B 52 22.62 13.40 -8.77
N ALA B 53 23.23 13.86 -9.84
CA ALA B 53 24.69 14.23 -9.78
C ALA B 53 24.95 15.63 -10.40
N ALA B 54 26.01 16.26 -9.90
CA ALA B 54 26.51 17.55 -10.41
C ALA B 54 27.34 17.32 -11.64
N PRO B 55 27.06 18.06 -12.71
CA PRO B 55 28.00 18.09 -13.83
C PRO B 55 29.21 18.99 -13.48
N SER B 56 30.17 19.08 -14.38
CA SER B 56 31.37 19.86 -14.18
C SER B 56 31.91 20.41 -15.48
N GLY B 57 32.10 21.72 -15.54
CA GLY B 57 32.71 22.32 -16.68
C GLY B 57 34.22 22.25 -16.72
N ALA B 58 34.69 22.44 -17.93
CA ALA B 58 36.11 22.74 -18.22
C ALA B 58 36.26 24.25 -18.51
N SER B 59 35.57 24.79 -19.53
CA SER B 59 35.58 26.32 -19.72
C SER B 59 34.62 27.05 -18.77
N THR B 60 35.02 27.21 -17.50
CA THR B 60 34.13 27.70 -16.47
C THR B 60 34.32 29.23 -16.34
N GLY B 61 33.17 29.93 -16.25
CA GLY B 61 33.08 31.37 -16.04
C GLY B 61 33.75 31.74 -14.69
N SER B 62 34.38 32.92 -14.60
CA SER B 62 35.08 33.31 -13.38
C SER B 62 34.02 33.62 -12.27
N ARG B 63 32.76 33.89 -12.62
CA ARG B 63 31.71 34.17 -11.64
C ARG B 63 30.70 33.05 -11.33
N GLU B 64 31.05 31.83 -11.79
CA GLU B 64 30.29 30.58 -11.46
C GLU B 64 30.34 30.41 -9.97
N ALA B 65 29.23 29.94 -9.40
CA ALA B 65 29.28 29.42 -8.00
C ALA B 65 30.37 28.32 -7.85
N LEU B 66 30.98 28.21 -6.68
CA LEU B 66 32.18 27.39 -6.50
C LEU B 66 31.95 25.88 -6.62
N GLU B 67 32.68 25.24 -7.54
CA GLU B 67 32.86 23.72 -7.57
C GLU B 67 33.98 23.39 -6.58
N LEU B 68 33.55 22.88 -5.43
CA LEU B 68 34.50 22.54 -4.39
C LEU B 68 35.20 21.19 -4.67
N ARG B 69 36.55 21.24 -4.78
CA ARG B 69 37.44 20.11 -4.91
C ARG B 69 38.40 20.06 -3.78
N ASP B 70 39.04 18.88 -3.59
CA ASP B 70 39.80 18.62 -2.37
C ASP B 70 41.23 19.19 -2.45
N GLY B 71 41.79 19.14 -3.65
CA GLY B 71 43.22 19.48 -3.78
C GLY B 71 44.14 18.51 -3.16
N ASP B 72 43.71 17.24 -2.86
CA ASP B 72 44.61 16.16 -2.31
C ASP B 72 45.25 15.46 -3.51
N LYS B 73 46.52 15.82 -3.75
CA LYS B 73 47.26 15.37 -4.92
C LYS B 73 47.47 13.86 -4.96
N SER B 74 47.33 13.20 -3.82
CA SER B 74 47.43 11.75 -3.77
C SER B 74 46.12 11.04 -4.31
N ARG B 75 45.05 11.77 -4.57
CA ARG B 75 43.80 11.22 -5.13
C ARG B 75 43.30 12.00 -6.35
N PHE B 76 43.07 11.25 -7.44
CA PHE B 76 42.52 11.84 -8.65
C PHE B 76 43.25 13.15 -9.06
N LEU B 77 44.57 13.24 -8.82
CA LEU B 77 45.35 14.43 -9.32
C LEU B 77 44.85 15.70 -8.61
N GLY B 78 44.30 15.56 -7.40
CA GLY B 78 43.72 16.73 -6.68
C GLY B 78 42.24 17.08 -6.86
N LYS B 79 41.52 16.28 -7.67
CA LYS B 79 40.19 16.56 -8.13
C LYS B 79 39.14 15.81 -7.33
N GLY B 80 39.54 15.23 -6.20
CA GLY B 80 38.56 14.60 -5.35
C GLY B 80 37.44 15.52 -4.88
N VAL B 81 36.26 14.98 -4.62
CA VAL B 81 35.15 15.77 -4.10
C VAL B 81 34.68 15.26 -2.76
N THR B 82 35.62 14.78 -1.96
CA THR B 82 35.30 14.32 -0.56
C THR B 82 34.75 15.40 0.43
N LYS B 83 35.28 16.58 0.33
CA LYS B 83 34.74 17.72 1.12
C LYS B 83 33.29 18.04 0.80
N ALA B 84 32.97 18.16 -0.49
CA ALA B 84 31.57 18.28 -0.90
C ALA B 84 30.65 17.14 -0.43
N VAL B 85 31.12 15.90 -0.54
CA VAL B 85 30.35 14.75 -0.15
C VAL B 85 30.12 14.81 1.37
N ALA B 86 31.17 15.17 2.19
CA ALA B 86 30.99 15.39 3.61
C ALA B 86 29.92 16.46 3.95
N ALA B 87 29.87 17.55 3.18
CA ALA B 87 28.85 18.55 3.40
C ALA B 87 27.46 17.93 3.15
N VAL B 88 27.29 17.12 2.10
CA VAL B 88 26.03 16.48 1.90
C VAL B 88 25.71 15.54 3.12
N ASN B 89 26.64 14.64 3.47
CA ASN B 89 26.35 13.63 4.49
C ASN B 89 26.20 14.16 5.94
N GLY B 90 26.87 15.27 6.24
CA GLY B 90 26.75 15.96 7.60
C GLY B 90 25.81 17.15 7.67
N PRO B 91 26.34 18.35 7.47
CA PRO B 91 25.46 19.51 7.69
C PRO B 91 24.21 19.67 6.82
N ILE B 92 24.33 19.37 5.54
CA ILE B 92 23.14 19.51 4.67
C ILE B 92 22.08 18.56 5.08
N ALA B 93 22.43 17.26 5.24
CA ALA B 93 21.49 16.26 5.61
C ALA B 93 20.89 16.62 6.89
N GLN B 94 21.73 17.06 7.83
CA GLN B 94 21.22 17.28 9.19
C GLN B 94 20.23 18.50 9.23
N ALA B 95 20.41 19.49 8.35
CA ALA B 95 19.50 20.59 8.26
C ALA B 95 18.17 20.25 7.48
N LEU B 96 18.12 19.25 6.62
CA LEU B 96 16.94 19.05 5.81
C LEU B 96 16.08 17.94 6.28
N ILE B 97 16.65 17.03 7.08
CA ILE B 97 15.88 15.88 7.59
C ILE B 97 14.70 16.48 8.37
N GLY B 98 13.48 16.05 8.05
CA GLY B 98 12.32 16.55 8.64
C GLY B 98 11.59 17.61 7.80
N LYS B 99 12.18 18.15 6.73
CA LYS B 99 11.55 19.12 5.89
C LYS B 99 10.80 18.47 4.77
N ASP B 100 9.78 19.13 4.30
CA ASP B 100 8.91 18.59 3.21
C ASP B 100 9.61 18.80 1.85
N ALA B 101 9.98 17.73 1.21
CA ALA B 101 10.62 17.74 -0.15
C ALA B 101 9.79 18.49 -1.23
N LYS B 102 8.46 18.51 -1.10
CA LYS B 102 7.64 19.15 -2.11
C LYS B 102 7.84 20.71 -2.15
N ASP B 103 8.29 21.28 -1.02
CA ASP B 103 8.60 22.71 -0.97
C ASP B 103 10.00 22.99 -1.48
N GLN B 104 10.14 22.93 -2.80
CA GLN B 104 11.49 23.12 -3.36
C GLN B 104 12.19 24.37 -2.91
N ALA B 105 11.49 25.48 -3.03
CA ALA B 105 12.01 26.79 -2.64
C ALA B 105 12.56 26.87 -1.19
N GLY B 106 11.80 26.31 -0.25
CA GLY B 106 12.20 26.19 1.16
C GLY B 106 13.44 25.31 1.40
N ILE B 107 13.50 24.19 0.69
CA ILE B 107 14.63 23.27 0.72
C ILE B 107 15.89 24.02 0.21
N ASP B 108 15.78 24.63 -0.96
CA ASP B 108 16.93 25.33 -1.48
C ASP B 108 17.33 26.50 -0.56
N LYS B 109 16.34 27.26 -0.07
CA LYS B 109 16.62 28.32 0.95
C LYS B 109 17.44 27.88 2.14
N ILE B 110 17.10 26.72 2.72
CA ILE B 110 17.81 26.22 3.92
C ILE B 110 19.28 25.96 3.57
N MET B 111 19.49 25.38 2.40
CA MET B 111 20.87 25.10 1.94
C MET B 111 21.73 26.34 1.69
N ILE B 112 21.10 27.27 0.96
CA ILE B 112 21.74 28.51 0.58
C ILE B 112 22.12 29.27 1.88
N ASP B 113 21.16 29.34 2.79
CA ASP B 113 21.33 30.09 4.05
C ASP B 113 22.36 29.47 5.00
N LEU B 114 22.40 28.14 5.09
CA LEU B 114 23.34 27.46 5.94
C LEU B 114 24.73 27.66 5.37
N ASP B 115 24.85 27.57 4.07
CA ASP B 115 26.17 27.79 3.45
C ASP B 115 26.66 29.23 3.73
N GLY B 116 25.74 30.18 3.50
CA GLY B 116 25.85 31.56 3.93
C GLY B 116 26.87 32.43 3.24
N THR B 117 27.40 31.99 2.10
CA THR B 117 28.40 32.71 1.35
C THR B 117 27.74 33.00 0.01
N GLU B 118 28.29 33.96 -0.68
CA GLU B 118 27.73 34.34 -1.96
C GLU B 118 27.79 33.29 -3.00
N ASN B 119 28.96 32.68 -3.10
CA ASN B 119 29.27 31.69 -4.21
C ASN B 119 29.25 30.22 -3.81
N LYS B 120 28.54 29.94 -2.71
CA LYS B 120 28.46 28.62 -2.15
C LYS B 120 29.84 28.00 -1.96
N SER B 121 30.75 28.78 -1.43
CA SER B 121 32.08 28.32 -1.20
C SER B 121 32.35 27.52 0.07
N LYS B 122 31.36 27.41 0.98
CA LYS B 122 31.51 26.57 2.15
C LYS B 122 31.24 25.10 1.82
N PHE B 123 30.04 24.75 1.28
CA PHE B 123 29.69 23.38 0.96
C PHE B 123 30.09 22.98 -0.47
N GLY B 124 30.12 24.00 -1.34
CA GLY B 124 30.27 23.94 -2.76
C GLY B 124 28.93 23.90 -3.44
N ALA B 125 28.86 24.45 -4.63
CA ALA B 125 27.60 24.38 -5.44
C ALA B 125 27.30 23.00 -5.89
N ASN B 126 28.38 22.21 -6.03
CA ASN B 126 28.32 20.78 -6.38
C ASN B 126 27.58 19.98 -5.33
N ALA B 127 27.82 20.26 -4.08
CA ALA B 127 27.02 19.59 -3.04
C ALA B 127 25.61 20.03 -3.05
N ILE B 128 25.39 21.39 -3.04
CA ILE B 128 24.08 21.91 -2.85
C ILE B 128 23.24 21.48 -4.08
N LEU B 129 23.82 21.56 -5.28
CA LEU B 129 23.03 21.25 -6.46
C LEU B 129 22.54 19.79 -6.48
N ALA B 130 23.47 18.88 -6.13
CA ALA B 130 23.19 17.42 -6.15
C ALA B 130 21.99 17.14 -5.26
N VAL B 131 21.97 17.73 -4.05
CA VAL B 131 20.85 17.56 -3.18
C VAL B 131 19.62 18.22 -3.73
N SER B 132 19.80 19.43 -4.31
CA SER B 132 18.68 20.16 -4.79
C SER B 132 17.91 19.36 -5.85
N LEU B 133 18.66 18.80 -6.79
CA LEU B 133 18.00 18.00 -7.85
C LEU B 133 17.45 16.68 -7.38
N ALA B 134 18.18 16.04 -6.47
CA ALA B 134 17.75 14.74 -5.93
C ALA B 134 16.42 14.91 -5.12
N ASN B 135 16.29 16.07 -4.47
CA ASN B 135 15.10 16.38 -3.69
C ASN B 135 13.90 16.56 -4.66
N ALA B 136 14.11 17.23 -5.77
CA ALA B 136 13.03 17.41 -6.74
C ALA B 136 12.56 16.10 -7.28
N LYS B 137 13.50 15.19 -7.52
CA LYS B 137 13.16 13.84 -8.00
C LYS B 137 12.32 13.08 -7.03
N ALA B 138 12.75 13.16 -5.79
CA ALA B 138 11.97 12.59 -4.72
C ALA B 138 10.62 13.10 -4.56
N ALA B 139 10.50 14.44 -4.65
CA ALA B 139 9.21 15.02 -4.54
C ALA B 139 8.30 14.66 -5.70
N ALA B 140 8.81 14.62 -6.92
CA ALA B 140 7.97 14.21 -8.04
C ALA B 140 7.35 12.85 -7.82
N ALA B 141 8.24 11.93 -7.38
CA ALA B 141 7.81 10.58 -7.10
C ALA B 141 6.68 10.60 -5.97
N ALA B 142 6.92 11.33 -4.90
CA ALA B 142 5.92 11.53 -3.87
C ALA B 142 4.57 12.08 -4.37
N LYS B 143 4.62 12.95 -5.36
CA LYS B 143 3.47 13.55 -5.99
C LYS B 143 2.86 12.68 -7.10
N GLY B 144 3.50 11.59 -7.43
CA GLY B 144 2.87 10.69 -8.36
C GLY B 144 3.09 11.09 -9.79
N MET B 145 4.23 11.74 -10.07
CA MET B 145 4.37 12.30 -11.36
C MET B 145 5.76 12.34 -11.91
N PRO B 146 5.90 12.38 -13.29
CA PRO B 146 7.22 12.49 -13.91
C PRO B 146 7.96 13.75 -13.49
N LEU B 147 9.27 13.78 -13.53
CA LEU B 147 9.98 15.00 -13.09
C LEU B 147 9.56 16.19 -13.96
N TYR B 148 9.39 16.05 -15.30
CA TYR B 148 8.97 17.20 -16.10
C TYR B 148 7.67 17.83 -15.63
N GLU B 149 6.73 17.02 -15.17
CA GLU B 149 5.45 17.57 -14.68
C GLU B 149 5.65 18.28 -13.37
N HIS B 150 6.50 17.76 -12.50
CA HIS B 150 6.69 18.43 -11.18
C HIS B 150 7.43 19.71 -11.45
N ILE B 151 8.39 19.70 -12.40
CA ILE B 151 9.12 20.91 -12.73
C ILE B 151 8.19 22.00 -13.22
N ALA B 152 7.25 21.68 -14.12
CA ALA B 152 6.33 22.67 -14.53
C ALA B 152 5.49 23.33 -13.38
N GLU B 153 5.13 22.54 -12.36
CA GLU B 153 4.42 23.04 -11.22
C GLU B 153 5.35 23.90 -10.35
N LEU B 154 6.56 23.43 -10.19
CA LEU B 154 7.57 24.29 -9.48
C LEU B 154 7.87 25.62 -10.19
N ASN B 155 7.75 25.63 -11.55
CA ASN B 155 8.06 26.78 -12.40
C ASN B 155 6.94 27.79 -12.47
N GLY B 156 5.79 27.45 -11.87
CA GLY B 156 4.67 28.33 -11.84
C GLY B 156 3.94 28.22 -13.21
N THR B 157 4.15 27.15 -14.01
CA THR B 157 3.55 27.00 -15.36
C THR B 157 2.93 25.62 -15.57
N PRO B 158 2.02 25.23 -14.69
CA PRO B 158 1.57 23.89 -14.73
C PRO B 158 0.88 23.46 -16.07
N GLY B 159 1.25 22.24 -16.51
CA GLY B 159 0.62 21.55 -17.65
C GLY B 159 1.07 22.07 -18.97
N LYS B 160 2.18 22.82 -18.97
CA LYS B 160 2.59 23.52 -20.12
C LYS B 160 4.00 23.09 -20.44
N TYR B 161 4.13 22.55 -21.65
CA TYR B 161 5.33 21.86 -22.03
C TYR B 161 5.68 22.23 -23.46
N SER B 162 6.98 22.12 -23.74
CA SER B 162 7.40 21.89 -25.16
C SER B 162 8.58 20.93 -25.23
N MET B 163 8.81 20.45 -26.45
CA MET B 163 10.01 19.71 -26.73
C MET B 163 11.06 20.68 -27.29
N PRO B 164 12.25 20.77 -26.64
CA PRO B 164 13.24 21.70 -27.09
C PRO B 164 13.90 21.36 -28.45
N VAL B 165 14.24 22.44 -29.17
CA VAL B 165 15.01 22.35 -30.42
C VAL B 165 16.49 22.27 -29.99
N PRO B 166 17.17 21.13 -30.30
CA PRO B 166 18.51 20.91 -29.87
C PRO B 166 19.53 21.56 -30.79
N MET B 167 20.58 22.09 -30.18
CA MET B 167 21.71 22.51 -30.92
C MET B 167 22.82 21.55 -30.56
N MET B 168 23.31 20.84 -31.59
CA MET B 168 24.15 19.55 -31.50
C MET B 168 25.54 19.84 -31.93
N ASN B 169 26.45 19.85 -30.98
CA ASN B 169 27.91 20.22 -31.20
C ASN B 169 28.74 19.09 -31.81
N ILE B 170 28.84 19.03 -33.16
CA ILE B 170 29.38 17.97 -33.89
C ILE B 170 30.79 18.25 -34.35
N ILE B 171 31.27 19.48 -34.23
CA ILE B 171 32.79 19.67 -34.26
C ILE B 171 33.23 20.37 -33.02
N ASN B 172 34.11 19.77 -32.24
CA ASN B 172 34.56 20.24 -30.94
C ASN B 172 35.92 20.87 -31.04
N GLY B 173 36.06 21.99 -30.35
CA GLY B 173 37.36 22.68 -30.23
C GLY B 173 37.63 23.33 -28.85
N GLY B 174 38.53 24.30 -28.86
CA GLY B 174 38.96 24.99 -27.64
C GLY B 174 39.31 24.03 -26.53
N GLU B 175 38.80 24.30 -25.32
CA GLU B 175 39.16 23.45 -24.13
C GLU B 175 38.49 22.07 -24.13
N HIS B 176 37.61 21.79 -25.11
CA HIS B 176 37.00 20.46 -25.26
C HIS B 176 37.77 19.42 -26.11
N ALA B 177 38.89 19.83 -26.68
CA ALA B 177 39.58 19.00 -27.66
C ALA B 177 41.01 19.44 -27.84
N ASP B 178 41.85 18.48 -28.16
CA ASP B 178 43.29 18.67 -28.33
C ASP B 178 43.59 18.97 -29.81
N ASN B 179 43.00 20.00 -30.39
CA ASN B 179 43.19 20.29 -31.83
C ASN B 179 43.54 21.76 -31.90
N ASN B 180 43.59 22.27 -33.14
CA ASN B 180 44.05 23.68 -33.43
C ASN B 180 42.87 24.61 -33.64
N VAL B 181 41.65 24.19 -33.21
CA VAL B 181 40.38 24.93 -33.33
C VAL B 181 40.17 25.77 -32.02
N ASP B 182 40.02 27.08 -32.22
CA ASP B 182 39.79 28.12 -31.16
C ASP B 182 38.31 28.19 -30.74
N ILE B 183 37.40 28.18 -31.73
CA ILE B 183 36.00 28.23 -31.42
C ILE B 183 35.61 26.95 -30.70
N GLN B 184 34.92 27.03 -29.58
CA GLN B 184 34.70 25.84 -28.80
C GLN B 184 33.70 24.89 -29.42
N GLU B 185 32.60 25.35 -29.98
CA GLU B 185 31.55 24.43 -30.47
C GLU B 185 30.98 24.88 -31.81
N PHE B 186 30.77 24.00 -32.75
CA PHE B 186 30.06 24.27 -33.99
C PHE B 186 28.89 23.36 -33.99
N MET B 187 27.68 23.87 -34.13
CA MET B 187 26.46 23.08 -33.91
C MET B 187 25.48 23.12 -35.05
N ILE B 188 24.70 22.09 -35.15
CA ILE B 188 23.56 22.00 -36.05
C ILE B 188 22.31 22.00 -35.19
N GLN B 189 21.23 22.58 -35.76
CA GLN B 189 19.90 22.61 -35.15
C GLN B 189 18.89 22.14 -36.19
N PRO B 190 18.16 21.07 -35.93
CA PRO B 190 17.21 20.46 -36.96
C PRO B 190 15.82 21.08 -36.84
N VAL B 191 15.81 22.35 -37.21
CA VAL B 191 14.65 23.21 -37.16
C VAL B 191 13.52 22.66 -38.10
N GLY B 192 13.83 21.93 -39.18
CA GLY B 192 12.80 21.43 -40.09
C GLY B 192 12.02 20.24 -39.57
N ALA B 193 12.52 19.64 -38.49
CA ALA B 193 11.86 18.46 -37.85
C ALA B 193 10.50 18.83 -37.26
N LYS B 194 9.56 17.85 -37.25
CA LYS B 194 8.23 18.07 -36.69
C LYS B 194 8.11 17.56 -35.25
N THR B 195 9.07 16.73 -34.84
CA THR B 195 9.16 16.07 -33.51
C THR B 195 10.63 16.09 -33.01
N VAL B 196 10.88 16.02 -31.71
CA VAL B 196 12.25 15.94 -31.25
C VAL B 196 12.91 14.54 -31.66
N LYS B 197 12.06 13.50 -31.87
CA LYS B 197 12.50 12.21 -32.29
C LYS B 197 13.09 12.36 -33.68
N GLU B 198 12.38 13.06 -34.56
CA GLU B 198 12.90 13.25 -35.96
C GLU B 198 14.14 14.14 -35.91
N ALA B 199 14.15 15.15 -35.03
CA ALA B 199 15.35 15.97 -34.91
C ALA B 199 16.57 15.15 -34.57
N ILE B 200 16.40 14.26 -33.61
CA ILE B 200 17.53 13.36 -33.15
C ILE B 200 18.04 12.45 -34.30
N ARG B 201 17.11 11.83 -35.06
CA ARG B 201 17.44 11.10 -36.28
C ARG B 201 18.24 11.96 -37.29
N MET B 202 17.80 13.18 -37.55
CA MET B 202 18.48 14.05 -38.52
C MET B 202 19.87 14.41 -38.00
N GLY B 203 20.01 14.70 -36.69
CA GLY B 203 21.32 14.89 -36.09
C GLY B 203 22.26 13.66 -36.21
N SER B 204 21.69 12.44 -35.96
CA SER B 204 22.50 11.24 -36.17
C SER B 204 22.98 11.12 -37.58
N GLU B 205 22.05 11.29 -38.52
CA GLU B 205 22.42 11.14 -39.93
C GLU B 205 23.51 12.10 -40.40
N VAL B 206 23.36 13.37 -40.06
CA VAL B 206 24.37 14.38 -40.37
C VAL B 206 25.68 14.09 -39.68
N PHE B 207 25.60 13.68 -38.43
CA PHE B 207 26.79 13.33 -37.66
C PHE B 207 27.55 12.19 -38.31
N HIS B 208 26.82 11.20 -38.82
CA HIS B 208 27.49 10.00 -39.51
C HIS B 208 28.02 10.45 -40.91
N HIS B 209 27.28 11.33 -41.60
CA HIS B 209 27.82 11.85 -42.91
C HIS B 209 29.03 12.72 -42.70
N LEU B 210 29.12 13.35 -41.56
CA LEU B 210 30.27 14.16 -41.27
C LEU B 210 31.52 13.32 -41.14
N ALA B 211 31.40 12.15 -40.47
CA ALA B 211 32.60 11.25 -40.39
C ALA B 211 33.11 10.89 -41.76
N LYS B 212 32.18 10.62 -42.68
CA LYS B 212 32.61 10.29 -44.02
C LYS B 212 33.32 11.43 -44.72
N VAL B 213 32.82 12.66 -44.61
CA VAL B 213 33.44 13.87 -45.19
C VAL B 213 34.83 14.07 -44.60
N LEU B 214 34.98 13.92 -43.28
CA LEU B 214 36.28 14.12 -42.67
C LEU B 214 37.27 12.98 -43.08
N LYS B 215 36.76 11.73 -43.15
CA LYS B 215 37.62 10.62 -43.54
C LYS B 215 38.05 10.89 -45.04
N ALA B 216 37.15 11.25 -45.92
CA ALA B 216 37.56 11.58 -47.31
C ALA B 216 38.70 12.64 -47.34
N LYS B 217 38.78 13.52 -46.35
CA LYS B 217 39.77 14.62 -46.34
C LYS B 217 40.98 14.33 -45.55
N GLY B 218 41.12 13.08 -45.09
CA GLY B 218 42.23 12.68 -44.30
C GLY B 218 42.16 13.21 -42.89
N MET B 219 40.98 13.50 -42.33
CA MET B 219 40.96 14.15 -41.00
C MET B 219 40.40 13.17 -39.98
N ASN B 220 40.80 13.38 -38.72
CA ASN B 220 40.60 12.48 -37.55
C ASN B 220 39.15 12.46 -37.16
N THR B 221 38.62 11.29 -36.89
CA THR B 221 37.27 11.16 -36.49
C THR B 221 37.18 10.64 -35.08
N ALA B 222 38.25 10.74 -34.27
CA ALA B 222 38.14 10.54 -32.83
C ALA B 222 37.34 11.69 -32.31
N VAL B 223 36.76 11.56 -31.11
CA VAL B 223 35.88 12.59 -30.62
C VAL B 223 36.43 13.33 -29.39
N GLY B 224 35.97 14.59 -29.21
CA GLY B 224 36.32 15.45 -28.06
C GLY B 224 35.37 15.18 -26.94
N ASP B 225 35.39 16.05 -25.92
CA ASP B 225 34.69 15.81 -24.70
C ASP B 225 33.16 15.72 -24.88
N GLU B 226 32.61 16.36 -25.90
CA GLU B 226 31.18 16.40 -26.12
C GLU B 226 30.73 15.60 -27.25
N GLY B 227 31.60 14.74 -27.73
CA GLY B 227 31.16 13.76 -28.67
C GLY B 227 31.19 14.21 -30.10
N GLY B 228 31.61 15.42 -30.32
CA GLY B 228 31.90 15.81 -31.67
C GLY B 228 33.31 15.49 -32.16
N TYR B 229 33.49 15.48 -33.49
CA TYR B 229 34.84 15.28 -34.05
C TYR B 229 35.77 16.38 -33.66
N ALA B 230 37.01 16.01 -33.48
CA ALA B 230 38.08 16.91 -33.05
C ALA B 230 39.26 16.97 -34.05
N PRO B 231 39.01 17.14 -35.36
CA PRO B 231 40.08 17.28 -36.32
C PRO B 231 40.88 18.54 -36.18
N ASN B 232 42.07 18.52 -36.80
CA ASN B 232 42.82 19.69 -37.07
C ASN B 232 42.24 20.31 -38.34
N LEU B 233 42.03 21.63 -38.31
CA LEU B 233 41.47 22.40 -39.43
C LEU B 233 42.37 23.55 -39.88
N GLY B 234 42.22 23.92 -41.15
CA GLY B 234 43.07 25.01 -41.67
C GLY B 234 42.66 26.40 -41.15
N SER B 235 41.44 26.55 -40.61
CA SER B 235 40.99 27.78 -39.96
C SER B 235 39.73 27.43 -39.17
N ASN B 236 39.20 28.39 -38.39
CA ASN B 236 38.02 28.12 -37.58
C ASN B 236 36.81 27.91 -38.46
N ALA B 237 36.77 28.69 -39.52
CA ALA B 237 35.67 28.65 -40.43
C ALA B 237 35.54 27.43 -41.29
N GLU B 238 36.66 26.72 -41.51
CA GLU B 238 36.62 25.40 -42.12
C GLU B 238 35.57 24.42 -41.47
N ALA B 239 35.40 24.52 -40.14
CA ALA B 239 34.39 23.71 -39.43
C ALA B 239 33.01 23.90 -40.01
N LEU B 240 32.66 25.15 -40.37
CA LEU B 240 31.36 25.37 -40.95
C LEU B 240 31.26 24.79 -42.33
N ALA B 241 32.37 24.85 -43.10
CA ALA B 241 32.34 24.30 -44.48
C ALA B 241 32.11 22.76 -44.48
N VAL B 242 32.83 22.06 -43.63
CA VAL B 242 32.66 20.56 -43.50
C VAL B 242 31.29 20.17 -42.98
N ILE B 243 30.69 21.02 -42.09
CA ILE B 243 29.36 20.76 -41.62
C ILE B 243 28.39 20.91 -42.75
N ALA B 244 28.56 21.94 -43.51
CA ALA B 244 27.64 22.21 -44.66
C ALA B 244 27.71 21.07 -45.67
N GLU B 245 28.92 20.61 -45.94
CA GLU B 245 29.10 19.38 -46.79
C GLU B 245 28.34 18.13 -46.28
N ALA B 246 28.50 17.92 -44.99
CA ALA B 246 27.75 16.87 -44.32
C ALA B 246 26.23 16.97 -44.40
N VAL B 247 25.68 18.19 -44.18
CA VAL B 247 24.29 18.42 -44.23
C VAL B 247 23.75 18.03 -45.64
N LYS B 248 24.45 18.52 -46.66
CA LYS B 248 24.04 18.21 -48.07
C LYS B 248 24.18 16.70 -48.36
N ALA B 249 25.30 16.11 -47.94
CA ALA B 249 25.48 14.64 -48.17
C ALA B 249 24.36 13.81 -47.49
N ALA B 250 23.83 14.35 -46.37
CA ALA B 250 22.72 13.72 -45.66
C ALA B 250 21.34 13.93 -46.31
N GLY B 251 21.28 14.61 -47.45
CA GLY B 251 19.97 14.83 -48.15
C GLY B 251 19.22 16.03 -47.54
N TYR B 252 19.83 16.83 -46.65
CA TYR B 252 19.13 17.96 -46.00
C TYR B 252 19.52 19.31 -46.63
N GLU B 253 18.64 20.29 -46.51
CA GLU B 253 18.87 21.67 -47.02
C GLU B 253 19.31 22.62 -45.86
N LEU B 254 20.52 23.11 -45.92
CA LEU B 254 21.02 24.05 -44.95
C LEU B 254 20.09 25.28 -45.06
N GLY B 255 19.67 25.84 -43.91
CA GLY B 255 18.64 26.90 -43.83
C GLY B 255 17.26 26.37 -43.58
N LYS B 256 16.66 25.72 -44.52
CA LYS B 256 15.31 25.23 -44.38
C LYS B 256 15.20 24.03 -43.34
N ASP B 257 16.09 23.01 -43.42
CA ASP B 257 16.08 21.81 -42.57
C ASP B 257 16.92 21.96 -41.34
N ILE B 258 18.09 22.54 -41.53
CA ILE B 258 19.11 22.60 -40.50
C ILE B 258 19.77 23.99 -40.54
N THR B 259 19.90 24.61 -39.38
CA THR B 259 20.57 25.93 -39.21
C THR B 259 21.76 25.70 -38.32
N LEU B 260 22.59 26.70 -38.13
CA LEU B 260 23.87 26.50 -37.44
C LEU B 260 23.94 27.35 -36.25
N ALA B 261 24.74 26.94 -35.31
CA ALA B 261 24.92 27.75 -34.14
C ALA B 261 26.34 27.62 -33.69
N MET B 262 26.85 28.61 -33.01
CA MET B 262 28.22 28.50 -32.47
C MET B 262 28.27 28.85 -31.03
N ASP B 263 29.33 28.42 -30.38
CA ASP B 263 29.67 28.89 -29.03
C ASP B 263 31.16 29.11 -29.07
N CYS B 264 31.57 30.35 -29.04
CA CYS B 264 32.93 30.76 -29.18
C CYS B 264 33.71 30.51 -27.91
N ALA B 265 33.04 30.56 -26.75
CA ALA B 265 33.71 30.60 -25.44
C ALA B 265 34.87 31.53 -25.55
N ALA B 266 34.62 32.80 -25.90
CA ALA B 266 35.69 33.69 -26.31
C ALA B 266 36.54 34.13 -25.15
N SER B 267 36.03 33.98 -23.94
CA SER B 267 36.88 34.20 -22.73
C SER B 267 38.14 33.36 -22.77
N GLU B 268 38.05 32.15 -23.37
CA GLU B 268 39.19 31.31 -23.33
C GLU B 268 40.32 31.78 -24.29
N PHE B 269 40.06 32.73 -25.20
CA PHE B 269 41.11 33.27 -26.10
C PHE B 269 41.30 34.79 -26.00
N TYR B 270 40.88 35.35 -24.89
CA TYR B 270 41.01 36.75 -24.63
C TYR B 270 42.23 36.91 -23.75
N LYS B 271 43.13 37.76 -24.14
CA LYS B 271 44.52 37.81 -23.59
C LYS B 271 45.01 39.27 -23.80
N ASP B 272 45.51 39.91 -22.72
CA ASP B 272 45.88 41.36 -22.69
C ASP B 272 44.93 42.23 -23.55
N GLY B 273 43.64 42.06 -23.34
CA GLY B 273 42.66 42.89 -23.95
C GLY B 273 42.36 42.65 -25.41
N LYS B 274 42.82 41.60 -26.04
CA LYS B 274 42.42 41.30 -27.42
C LYS B 274 42.00 39.84 -27.54
N TYR B 275 41.22 39.50 -28.57
CA TYR B 275 40.85 38.13 -28.93
C TYR B 275 41.94 37.61 -29.90
N VAL B 276 42.52 36.39 -29.61
CA VAL B 276 43.70 35.86 -30.28
C VAL B 276 43.34 34.50 -30.72
N LEU B 277 43.20 34.31 -32.04
CA LEU B 277 42.98 33.03 -32.65
C LEU B 277 44.29 32.28 -32.86
N ALA B 278 44.64 31.43 -31.88
CA ALA B 278 45.93 30.70 -31.85
C ALA B 278 46.06 29.63 -32.98
N GLY B 279 44.96 29.01 -33.37
CA GLY B 279 44.96 28.13 -34.54
C GLY B 279 45.07 28.83 -35.89
N GLU B 280 44.91 30.17 -35.93
CA GLU B 280 45.13 30.97 -37.18
C GLU B 280 46.31 31.98 -37.06
N GLY B 281 47.46 31.48 -36.57
CA GLY B 281 48.68 32.30 -36.46
C GLY B 281 48.59 33.47 -35.47
N ASN B 282 47.83 33.31 -34.38
CA ASN B 282 47.78 34.31 -33.29
C ASN B 282 47.28 35.69 -33.83
N LYS B 283 46.35 35.60 -34.74
CA LYS B 283 45.67 36.71 -35.30
C LYS B 283 44.84 37.34 -34.16
N ALA B 284 45.09 38.64 -33.91
CA ALA B 284 44.52 39.45 -32.83
C ALA B 284 43.34 40.30 -33.32
N PHE B 285 42.31 40.43 -32.52
CA PHE B 285 41.15 41.26 -32.82
C PHE B 285 40.75 42.05 -31.57
N THR B 286 40.42 43.36 -31.77
CA THR B 286 39.55 44.10 -30.82
C THR B 286 38.16 43.49 -30.82
N SER B 287 37.35 43.85 -29.81
CA SER B 287 35.90 43.45 -29.73
C SER B 287 35.15 43.70 -30.99
N GLU B 288 35.42 44.92 -31.53
CA GLU B 288 34.68 45.36 -32.70
C GLU B 288 35.10 44.53 -33.89
N GLU B 289 36.41 44.38 -34.10
CA GLU B 289 36.82 43.60 -35.25
C GLU B 289 36.49 42.06 -35.07
N PHE B 290 36.41 41.59 -33.83
CA PHE B 290 35.95 40.14 -33.62
C PHE B 290 34.45 39.99 -33.95
N THR B 291 33.68 41.04 -33.60
CA THR B 291 32.30 41.07 -33.96
C THR B 291 32.13 41.07 -35.49
N HIS B 292 32.98 41.77 -36.17
CA HIS B 292 32.91 41.82 -37.64
C HIS B 292 33.31 40.49 -38.30
N PHE B 293 34.27 39.84 -37.69
CA PHE B 293 34.65 38.45 -38.08
C PHE B 293 33.45 37.52 -38.00
N LEU B 294 32.73 37.62 -36.88
CA LEU B 294 31.51 36.82 -36.70
C LEU B 294 30.44 37.17 -37.68
N GLU B 295 30.28 38.48 -38.00
CA GLU B 295 29.26 38.87 -38.97
C GLU B 295 29.48 38.30 -40.27
N GLU B 296 30.72 38.37 -40.69
CA GLU B 296 31.11 37.76 -41.95
C GLU B 296 30.72 36.26 -42.06
N LEU B 297 30.93 35.49 -41.01
CA LEU B 297 30.48 34.10 -40.98
C LEU B 297 28.93 34.00 -41.10
N THR B 298 28.18 34.95 -40.46
CA THR B 298 26.71 34.94 -40.52
C THR B 298 26.10 35.25 -41.89
N LYS B 299 26.87 35.94 -42.70
CA LYS B 299 26.47 36.16 -44.13
C LYS B 299 26.80 34.99 -45.04
N GLN B 300 27.82 34.22 -44.71
CA GLN B 300 28.18 33.03 -45.50
C GLN B 300 27.40 31.78 -45.20
N TYR B 301 26.96 31.63 -43.94
CA TYR B 301 26.31 30.40 -43.51
C TYR B 301 25.12 30.78 -42.70
N PRO B 302 24.09 29.94 -42.60
CA PRO B 302 22.93 30.32 -41.79
C PRO B 302 23.14 30.06 -40.35
N ILE B 303 24.11 30.75 -39.79
CA ILE B 303 24.32 30.80 -38.35
C ILE B 303 23.25 31.70 -37.69
N VAL B 304 22.37 31.16 -36.87
CA VAL B 304 21.34 31.85 -36.25
C VAL B 304 21.54 32.03 -34.76
N SER B 305 22.67 31.63 -34.22
CA SER B 305 22.88 31.84 -32.80
C SER B 305 24.31 31.79 -32.49
N ILE B 306 24.78 32.72 -31.70
CA ILE B 306 26.20 32.77 -31.31
C ILE B 306 26.29 33.04 -29.80
N GLU B 307 26.90 32.12 -29.11
CA GLU B 307 27.07 32.18 -27.67
C GLU B 307 28.46 32.66 -27.32
N ASP B 308 28.55 33.49 -26.32
CA ASP B 308 29.80 33.93 -25.69
C ASP B 308 30.74 34.41 -26.81
N GLY B 309 30.21 35.35 -27.64
CA GLY B 309 30.98 35.95 -28.75
C GLY B 309 32.12 36.83 -28.30
N LEU B 310 32.14 37.18 -27.00
CA LEU B 310 33.13 37.99 -26.42
C LEU B 310 33.33 37.57 -25.00
N ASP B 311 34.37 38.11 -24.38
CA ASP B 311 34.79 37.80 -23.02
C ASP B 311 33.77 38.10 -22.02
N GLU B 312 33.72 37.30 -20.97
CA GLU B 312 32.75 37.50 -19.88
C GLU B 312 32.80 38.91 -19.24
N SER B 313 33.98 39.55 -19.29
CA SER B 313 34.23 40.86 -18.70
C SER B 313 33.96 42.07 -19.67
N ASP B 314 33.72 41.82 -20.96
CA ASP B 314 33.69 42.84 -22.02
C ASP B 314 32.24 43.21 -22.31
N TRP B 315 31.69 43.85 -21.30
CA TRP B 315 30.30 44.31 -21.28
C TRP B 315 30.13 45.37 -22.36
N ASP B 316 31.15 46.26 -22.49
CA ASP B 316 31.12 47.24 -23.58
C ASP B 316 31.00 46.60 -24.97
N GLY B 317 31.77 45.53 -25.20
CA GLY B 317 31.83 44.87 -26.48
C GLY B 317 30.53 44.13 -26.71
N PHE B 318 29.98 43.55 -25.65
CA PHE B 318 28.66 42.84 -25.87
C PHE B 318 27.53 43.78 -26.17
N ALA B 319 27.54 44.90 -25.47
CA ALA B 319 26.60 45.99 -25.82
C ALA B 319 26.67 46.33 -27.32
N TYR B 320 27.88 46.49 -27.82
CA TYR B 320 28.10 46.69 -29.26
C TYR B 320 27.59 45.58 -30.13
N GLN B 321 27.98 44.30 -29.78
CA GLN B 321 27.68 43.23 -30.60
C GLN B 321 26.20 43.06 -30.65
N THR B 322 25.54 43.31 -29.50
CA THR B 322 24.07 43.15 -29.48
C THR B 322 23.37 44.21 -30.33
N LYS B 323 23.90 45.44 -30.29
CA LYS B 323 23.34 46.53 -31.10
C LYS B 323 23.53 46.19 -32.58
N VAL B 324 24.68 45.59 -32.92
CA VAL B 324 25.03 45.36 -34.30
C VAL B 324 24.47 44.09 -34.91
N LEU B 325 24.45 42.98 -34.13
CA LEU B 325 24.05 41.70 -34.60
C LEU B 325 22.69 41.22 -34.02
N GLY B 326 22.28 41.76 -32.89
CA GLY B 326 21.12 41.26 -32.15
C GLY B 326 19.71 41.31 -32.70
N ASP B 327 19.43 42.15 -33.67
CA ASP B 327 18.10 42.15 -34.33
C ASP B 327 17.84 40.94 -35.13
N LYS B 328 18.88 40.29 -35.65
CA LYS B 328 18.68 39.18 -36.61
C LYS B 328 19.23 37.78 -36.14
N ILE B 329 20.09 37.73 -35.11
CA ILE B 329 20.78 36.56 -34.59
C ILE B 329 20.49 36.47 -33.06
N GLN B 330 20.37 35.24 -32.58
CA GLN B 330 20.35 34.99 -31.17
C GLN B 330 21.76 35.14 -30.59
N LEU B 331 21.90 35.87 -29.49
CA LEU B 331 23.20 36.13 -28.88
C LEU B 331 23.12 35.65 -27.43
N VAL B 332 23.75 34.50 -27.12
CA VAL B 332 23.56 33.80 -25.86
C VAL B 332 24.69 34.14 -24.89
N GLY B 333 24.36 34.62 -23.75
CA GLY B 333 25.37 34.85 -22.68
C GLY B 333 25.39 33.53 -21.89
N ASP B 334 26.60 33.09 -21.66
CA ASP B 334 26.97 31.89 -20.90
C ASP B 334 27.81 32.23 -19.75
N ASP B 335 29.13 32.31 -19.95
CA ASP B 335 30.01 32.84 -18.85
C ASP B 335 29.69 34.31 -18.51
N LEU B 336 29.12 34.98 -19.51
CA LEU B 336 28.59 36.39 -19.32
C LEU B 336 27.60 36.55 -18.13
N PHE B 337 26.61 35.62 -18.00
CA PHE B 337 25.59 35.64 -17.03
C PHE B 337 25.67 34.59 -15.87
N VAL B 338 26.42 33.47 -16.07
CA VAL B 338 26.56 32.40 -15.11
C VAL B 338 25.28 32.03 -14.40
N THR B 339 24.19 31.91 -15.20
CA THR B 339 22.88 31.51 -14.69
C THR B 339 22.49 32.20 -13.38
N ASN B 340 22.78 33.49 -13.31
CA ASN B 340 22.75 34.30 -12.10
C ASN B 340 21.86 35.52 -12.34
N THR B 341 20.69 35.57 -11.71
CA THR B 341 19.77 36.69 -11.83
C THR B 341 20.35 38.07 -11.53
N LYS B 342 21.29 38.18 -10.54
CA LYS B 342 21.92 39.47 -10.28
C LYS B 342 22.65 40.02 -11.54
N ILE B 343 23.27 39.13 -12.31
CA ILE B 343 24.07 39.51 -13.40
C ILE B 343 23.18 39.61 -14.63
N LEU B 344 22.26 38.73 -14.85
CA LEU B 344 21.34 38.84 -16.00
C LEU B 344 20.53 40.13 -15.88
N LYS B 345 20.17 40.53 -14.67
CA LYS B 345 19.34 41.73 -14.54
C LYS B 345 20.03 42.96 -15.11
N GLU B 346 21.29 43.16 -14.72
CA GLU B 346 22.14 44.20 -15.26
C GLU B 346 22.36 44.09 -16.75
N GLY B 347 22.57 42.91 -17.26
CA GLY B 347 22.58 42.71 -18.72
C GLY B 347 21.35 43.16 -19.43
N ILE B 348 20.18 42.88 -18.91
CA ILE B 348 18.91 43.17 -19.59
C ILE B 348 18.79 44.72 -19.53
N GLU B 349 19.14 45.28 -18.37
CA GLU B 349 19.12 46.77 -18.23
C GLU B 349 20.06 47.47 -19.16
N LYS B 350 21.21 46.91 -19.45
CA LYS B 350 22.10 47.53 -20.38
C LYS B 350 22.02 47.09 -21.83
N GLY B 351 20.92 46.48 -22.29
CA GLY B 351 20.86 46.04 -23.70
C GLY B 351 21.97 45.01 -24.12
N ILE B 352 22.26 44.03 -23.27
CA ILE B 352 23.34 43.03 -23.46
C ILE B 352 22.77 41.57 -23.69
N ALA B 353 23.09 41.00 -24.86
CA ALA B 353 22.64 39.72 -25.34
C ALA B 353 21.14 39.73 -25.54
N ASN B 354 20.60 38.63 -26.03
CA ASN B 354 19.13 38.47 -26.04
C ASN B 354 18.70 37.02 -25.71
N SER B 355 19.60 36.29 -25.08
CA SER B 355 19.49 34.82 -24.79
C SER B 355 20.43 34.48 -23.64
N ILE B 356 20.05 33.48 -22.88
CA ILE B 356 20.86 33.02 -21.78
C ILE B 356 20.99 31.48 -21.80
N LEU B 357 22.21 31.00 -21.58
CA LEU B 357 22.51 29.54 -21.39
C LEU B 357 22.38 29.16 -19.89
N ILE B 358 21.48 28.23 -19.65
CA ILE B 358 21.06 27.93 -18.29
C ILE B 358 21.76 26.64 -17.87
N LYS B 359 22.59 26.78 -16.83
CA LYS B 359 23.41 25.70 -16.31
C LYS B 359 23.16 25.72 -14.81
N PHE B 360 22.42 24.75 -14.31
CA PHE B 360 22.10 24.74 -12.89
C PHE B 360 23.33 24.73 -12.00
N ASN B 361 24.46 24.24 -12.47
CA ASN B 361 25.63 24.22 -11.62
C ASN B 361 26.44 25.50 -11.61
N GLN B 362 26.11 26.47 -12.48
CA GLN B 362 26.72 27.80 -12.45
C GLN B 362 26.21 28.56 -11.25
N ILE B 363 25.03 28.16 -10.76
CA ILE B 363 24.38 28.91 -9.66
C ILE B 363 24.19 28.07 -8.39
N GLY B 364 23.87 26.81 -8.56
CA GLY B 364 23.93 25.77 -7.53
C GLY B 364 22.61 25.33 -6.92
N SER B 365 21.46 25.75 -7.47
CA SER B 365 20.16 25.21 -7.04
C SER B 365 19.11 25.24 -8.13
N LEU B 366 18.13 24.36 -8.06
CA LEU B 366 17.02 24.34 -9.02
C LEU B 366 16.21 25.64 -8.82
N THR B 367 15.98 26.09 -7.58
CA THR B 367 15.22 27.34 -7.35
C THR B 367 15.85 28.59 -8.08
N GLU B 368 17.18 28.80 -7.97
CA GLU B 368 17.81 29.89 -8.55
C GLU B 368 17.86 29.72 -10.03
N THR B 369 17.91 28.52 -10.50
CA THR B 369 17.86 28.28 -11.94
C THR B 369 16.48 28.64 -12.55
N LEU B 370 15.41 28.29 -11.88
CA LEU B 370 14.10 28.65 -12.38
C LEU B 370 13.90 30.20 -12.36
N ALA B 371 14.51 30.86 -11.39
CA ALA B 371 14.46 32.32 -11.31
C ALA B 371 15.19 32.92 -12.49
N ALA B 372 16.28 32.29 -12.96
CA ALA B 372 17.00 32.88 -14.10
C ALA B 372 16.12 32.70 -15.38
N ILE B 373 15.52 31.58 -15.48
CA ILE B 373 14.65 31.29 -16.65
C ILE B 373 13.50 32.30 -16.67
N LYS B 374 12.87 32.56 -15.55
CA LYS B 374 11.76 33.49 -15.47
C LYS B 374 12.16 34.94 -15.92
N MET B 375 13.25 35.41 -15.33
CA MET B 375 13.83 36.68 -15.59
C MET B 375 14.10 36.84 -17.07
N ALA B 376 14.68 35.86 -17.73
CA ALA B 376 14.90 35.88 -19.18
C ALA B 376 13.60 35.95 -19.97
N LYS B 377 12.68 35.06 -19.67
CA LYS B 377 11.42 35.04 -20.50
C LYS B 377 10.68 36.36 -20.31
N ASP B 378 10.64 36.90 -19.08
CA ASP B 378 9.92 38.18 -18.76
C ASP B 378 10.48 39.34 -19.61
N ALA B 379 11.78 39.29 -19.93
CA ALA B 379 12.45 40.28 -20.74
C ALA B 379 12.47 39.94 -22.20
N GLY B 380 11.80 38.86 -22.64
CA GLY B 380 11.83 38.38 -24.06
C GLY B 380 13.15 37.79 -24.55
N TYR B 381 14.05 37.51 -23.63
CA TYR B 381 15.22 36.69 -23.89
C TYR B 381 14.80 35.23 -23.96
N THR B 382 15.48 34.46 -24.81
CA THR B 382 15.34 32.96 -24.83
C THR B 382 16.22 32.34 -23.81
N ALA B 383 15.83 31.12 -23.36
CA ALA B 383 16.62 30.34 -22.39
C ALA B 383 16.95 28.99 -23.07
N VAL B 384 18.25 28.71 -23.17
CA VAL B 384 18.81 27.49 -23.74
C VAL B 384 19.28 26.64 -22.56
N ILE B 385 18.57 25.55 -22.30
CA ILE B 385 19.03 24.58 -21.23
C ILE B 385 20.30 23.82 -21.63
N SER B 386 21.34 23.88 -20.79
CA SER B 386 22.61 23.30 -21.18
C SER B 386 23.18 22.22 -20.27
N HIS B 387 23.94 21.27 -20.89
CA HIS B 387 24.89 20.36 -20.20
C HIS B 387 26.16 21.10 -19.76
N ARG B 388 27.06 20.41 -19.15
CA ARG B 388 28.48 20.81 -19.06
C ARG B 388 29.29 19.83 -19.83
N SER B 389 30.55 20.21 -20.06
CA SER B 389 31.40 19.32 -20.80
C SER B 389 31.74 18.03 -20.03
N GLY B 390 31.79 18.10 -18.68
CA GLY B 390 31.86 16.92 -17.85
C GLY B 390 30.49 16.56 -17.37
N GLU B 391 29.98 15.47 -17.93
CA GLU B 391 28.63 14.99 -17.64
C GLU B 391 28.64 13.63 -16.94
N THR B 392 27.43 13.14 -16.60
CA THR B 392 27.17 11.86 -16.15
C THR B 392 25.98 11.34 -16.94
N GLU B 393 25.66 10.07 -16.68
CA GLU B 393 24.44 9.39 -17.21
C GLU B 393 23.14 10.12 -16.81
N ASP B 394 23.18 11.00 -15.77
CA ASP B 394 22.02 11.87 -15.36
C ASP B 394 21.35 12.57 -16.60
N ALA B 395 20.03 12.58 -16.68
CA ALA B 395 19.37 13.20 -17.84
C ALA B 395 18.40 14.32 -17.34
N THR B 396 18.62 14.85 -16.14
CA THR B 396 17.77 15.93 -15.59
C THR B 396 17.48 17.12 -16.51
N ILE B 397 18.45 17.57 -17.33
CA ILE B 397 18.28 18.70 -18.14
C ILE B 397 17.23 18.43 -19.23
N ALA B 398 16.97 17.21 -19.54
CA ALA B 398 15.84 16.92 -20.50
C ALA B 398 14.53 17.26 -19.89
N ASP B 399 14.31 16.77 -18.70
CA ASP B 399 13.06 17.10 -18.00
C ASP B 399 12.95 18.63 -17.66
N LEU B 400 14.09 19.25 -17.31
CA LEU B 400 14.08 20.72 -17.11
C LEU B 400 13.67 21.51 -18.34
N ALA B 401 14.23 21.16 -19.49
CA ALA B 401 13.87 21.83 -20.75
C ALA B 401 12.41 21.68 -21.04
N VAL B 402 11.87 20.51 -20.85
CA VAL B 402 10.43 20.24 -21.18
C VAL B 402 9.51 20.95 -20.19
N GLY B 403 9.86 20.88 -18.89
CA GLY B 403 9.01 21.34 -17.81
C GLY B 403 8.94 22.86 -17.74
N THR B 404 9.95 23.56 -18.29
CA THR B 404 9.97 24.96 -18.33
C THR B 404 9.67 25.47 -19.74
N ALA B 405 9.25 24.59 -20.67
CA ALA B 405 9.01 24.91 -22.09
C ALA B 405 10.09 25.91 -22.53
N ALA B 406 11.36 25.68 -22.18
CA ALA B 406 12.43 26.65 -22.48
C ALA B 406 12.55 26.83 -24.03
N GLY B 407 12.36 25.77 -24.75
CA GLY B 407 12.32 25.79 -26.26
C GLY B 407 13.59 25.35 -26.96
N GLN B 408 14.71 25.41 -26.25
CA GLN B 408 15.98 24.98 -26.78
C GLN B 408 16.79 24.23 -25.72
N ILE B 409 17.64 23.35 -26.24
CA ILE B 409 18.55 22.57 -25.42
C ILE B 409 19.91 22.44 -26.12
N LYS B 410 20.94 22.56 -25.29
CA LYS B 410 22.29 22.36 -25.73
C LYS B 410 22.87 21.13 -24.92
N THR B 411 22.95 19.96 -25.58
CA THR B 411 23.37 18.74 -24.81
C THR B 411 24.31 17.80 -25.52
N GLY B 412 24.98 18.22 -26.58
CA GLY B 412 26.09 17.46 -27.13
C GLY B 412 25.92 17.04 -28.55
N SER B 413 27.02 16.47 -29.05
CA SER B 413 26.97 15.67 -30.27
C SER B 413 25.99 14.47 -30.13
N MET B 414 25.78 13.80 -31.26
CA MET B 414 25.04 12.52 -31.22
C MET B 414 25.99 11.28 -30.99
N SER B 415 26.94 11.38 -30.06
CA SER B 415 27.74 10.26 -29.67
C SER B 415 28.18 10.58 -28.24
N ARG B 416 28.48 9.54 -27.52
CA ARG B 416 28.81 9.49 -26.06
C ARG B 416 27.48 9.49 -25.28
N SER B 417 27.29 8.47 -24.43
CA SER B 417 26.02 8.37 -23.65
C SER B 417 25.83 9.56 -22.65
N ASP B 418 26.96 10.17 -22.26
CA ASP B 418 26.93 11.40 -21.50
C ASP B 418 26.13 12.51 -22.19
N ARG B 419 26.03 12.45 -23.55
CA ARG B 419 25.19 13.31 -24.32
C ARG B 419 23.89 12.55 -24.70
N VAL B 420 24.00 11.34 -25.17
CA VAL B 420 22.86 10.62 -25.80
C VAL B 420 21.83 10.23 -24.74
N ALA B 421 22.23 10.13 -23.46
CA ALA B 421 21.27 9.84 -22.41
C ALA B 421 20.14 10.94 -22.33
N LYS B 422 20.55 12.18 -22.65
CA LYS B 422 19.62 13.29 -22.63
C LYS B 422 18.72 13.15 -23.85
N TYR B 423 19.26 12.91 -25.04
CA TYR B 423 18.34 12.67 -26.18
C TYR B 423 17.33 11.51 -25.97
N ASN B 424 17.83 10.38 -25.42
CA ASN B 424 16.99 9.26 -25.15
C ASN B 424 15.80 9.69 -24.21
N GLN B 425 16.13 10.47 -23.20
CA GLN B 425 15.12 10.92 -22.23
C GLN B 425 14.10 11.85 -22.90
N LEU B 426 14.55 12.73 -23.81
CA LEU B 426 13.63 13.53 -24.67
C LEU B 426 12.72 12.65 -25.56
N ILE B 427 13.27 11.54 -26.08
CA ILE B 427 12.44 10.55 -26.85
C ILE B 427 11.32 10.02 -26.00
N ARG B 428 11.69 9.60 -24.81
CA ARG B 428 10.74 8.98 -23.83
C ARG B 428 9.64 9.96 -23.41
N ILE B 429 10.03 11.18 -23.13
CA ILE B 429 9.08 12.28 -22.79
C ILE B 429 8.09 12.57 -23.88
N GLU B 430 8.62 12.73 -25.06
CA GLU B 430 7.76 13.04 -26.21
C GLU B 430 6.81 11.90 -26.47
N GLU B 431 7.27 10.63 -26.31
CA GLU B 431 6.40 9.50 -26.50
C GLU B 431 5.21 9.57 -25.54
N ALA B 432 5.45 9.98 -24.28
CA ALA B 432 4.36 10.09 -23.29
C ALA B 432 3.46 11.31 -23.59
N LEU B 433 4.04 12.45 -23.92
CA LEU B 433 3.22 13.74 -24.04
C LEU B 433 2.55 13.97 -25.39
N GLY B 434 3.12 13.45 -26.46
CA GLY B 434 2.64 13.68 -27.85
C GLY B 434 2.49 15.19 -28.07
N GLU B 435 1.32 15.60 -28.55
CA GLU B 435 1.08 17.01 -28.89
C GLU B 435 0.84 17.96 -27.68
N LYS B 436 0.72 17.48 -26.45
CA LYS B 436 0.86 18.34 -25.30
C LYS B 436 2.32 18.86 -25.21
N ALA B 437 3.33 18.33 -25.90
CA ALA B 437 4.68 19.02 -25.92
C ALA B 437 5.05 19.26 -27.35
N PRO B 438 4.59 20.37 -27.89
CA PRO B 438 4.91 20.64 -29.31
C PRO B 438 6.41 20.90 -29.56
N TYR B 439 6.85 20.62 -30.78
CA TYR B 439 8.21 20.88 -31.23
C TYR B 439 7.99 22.05 -32.18
N ASN B 440 8.45 23.25 -31.77
CA ASN B 440 8.06 24.57 -32.41
C ASN B 440 9.08 24.98 -33.43
N GLY B 441 10.19 24.29 -33.49
CA GLY B 441 11.22 24.55 -34.51
C GLY B 441 11.84 25.94 -34.49
N ARG B 442 12.07 26.45 -35.69
CA ARG B 442 12.79 27.68 -35.91
C ARG B 442 12.32 28.86 -35.08
N LYS B 443 11.01 28.95 -34.89
CA LYS B 443 10.44 30.04 -34.14
C LYS B 443 10.87 30.12 -32.68
N GLU B 444 11.45 29.10 -32.12
CA GLU B 444 11.98 29.19 -30.75
C GLU B 444 13.20 30.04 -30.70
N ILE B 445 13.87 30.23 -31.84
CA ILE B 445 15.22 30.91 -31.78
C ILE B 445 15.02 32.46 -31.86
N LYS B 446 15.61 33.24 -30.93
CA LYS B 446 15.57 34.72 -30.87
C LYS B 446 16.04 35.36 -32.19
N GLY B 447 15.17 36.21 -32.72
CA GLY B 447 15.44 36.82 -34.02
C GLY B 447 14.76 36.07 -35.15
N GLN B 448 14.03 35.00 -34.90
CA GLN B 448 13.39 34.24 -36.05
C GLN B 448 11.85 34.42 -36.19
N GLN C 11 12.38 5.13 -7.78
CA GLN C 11 11.72 6.38 -7.31
C GLN C 11 10.69 6.03 -6.15
N GLN C 12 9.77 5.05 -6.25
CA GLN C 12 9.28 4.29 -5.01
C GLN C 12 9.82 2.78 -4.72
N MET C 13 10.10 2.54 -3.44
CA MET C 13 10.63 1.31 -2.89
C MET C 13 9.36 0.60 -2.43
N GLY C 14 9.07 -0.62 -2.92
CA GLY C 14 7.93 -1.41 -2.40
C GLY C 14 8.17 -1.86 -0.94
N ARG C 15 7.08 -2.23 -0.22
CA ARG C 15 7.25 -2.73 1.16
C ARG C 15 8.08 -4.04 1.22
N GLY C 16 8.08 -4.78 0.10
CA GLY C 16 8.86 -6.03 0.08
C GLY C 16 10.39 -5.77 0.26
N SER C 17 10.86 -4.51 0.01
CA SER C 17 12.25 -4.19 0.22
C SER C 17 12.56 -3.99 1.71
N MET C 18 11.52 -3.91 2.54
CA MET C 18 11.70 -3.66 4.00
C MET C 18 11.67 -4.97 4.79
N SER C 19 12.74 -5.71 4.61
CA SER C 19 12.81 -7.12 5.07
C SER C 19 13.75 -7.26 6.28
N LYS C 20 14.06 -6.15 6.96
CA LYS C 20 14.82 -6.25 8.20
C LYS C 20 13.92 -6.77 9.30
N ILE C 21 14.50 -7.58 10.17
CA ILE C 21 13.80 -8.13 11.27
C ILE C 21 13.63 -7.01 12.28
N VAL C 22 12.42 -6.91 12.75
CA VAL C 22 11.99 -5.93 13.78
C VAL C 22 11.52 -6.51 15.10
N LYS C 23 11.00 -7.71 15.03
CA LYS C 23 10.54 -8.40 16.29
C LYS C 23 10.61 -9.94 16.08
N ILE C 24 10.99 -10.65 17.13
CA ILE C 24 10.95 -12.12 17.21
C ILE C 24 10.18 -12.50 18.49
N ILE C 25 9.04 -13.15 18.32
CA ILE C 25 8.26 -13.64 19.46
C ILE C 25 8.44 -15.21 19.52
N GLY C 26 8.92 -15.69 20.67
CA GLY C 26 8.99 -17.14 20.94
C GLY C 26 7.91 -17.50 21.93
N ARG C 27 7.32 -18.69 21.82
CA ARG C 27 6.33 -19.12 22.79
C ARG C 27 6.36 -20.66 22.88
N GLU C 28 5.92 -21.16 24.01
CA GLU C 28 5.76 -22.58 24.24
C GLU C 28 4.30 -23.03 23.69
N ILE C 29 4.29 -23.93 22.73
CA ILE C 29 3.02 -24.52 22.27
C ILE C 29 3.11 -26.02 22.56
N ILE C 30 2.14 -26.80 22.10
CA ILE C 30 2.06 -28.19 22.37
C ILE C 30 2.19 -29.02 21.11
N ASP C 31 2.90 -30.17 21.19
CA ASP C 31 3.13 -31.06 19.99
C ASP C 31 2.03 -32.14 19.98
N SER C 32 2.11 -33.03 19.00
CA SER C 32 1.02 -34.01 18.77
C SER C 32 1.00 -35.15 19.81
N ARG C 33 1.94 -35.20 20.75
CA ARG C 33 1.93 -36.10 21.91
C ARG C 33 1.65 -35.36 23.23
N GLY C 34 1.33 -34.05 23.14
CA GLY C 34 0.95 -33.26 24.25
C GLY C 34 2.15 -32.75 25.02
N ASN C 35 3.32 -32.80 24.42
CA ASN C 35 4.49 -32.20 25.06
C ASN C 35 4.85 -30.80 24.48
N PRO C 36 5.50 -29.95 25.29
CA PRO C 36 5.74 -28.62 24.85
C PRO C 36 6.78 -28.59 23.74
N THR C 37 6.70 -27.62 22.85
CA THR C 37 7.74 -27.34 21.87
C THR C 37 7.72 -25.80 21.65
N VAL C 38 8.77 -25.31 20.93
CA VAL C 38 9.02 -23.96 20.67
C VAL C 38 8.37 -23.60 19.34
N GLU C 39 7.67 -22.45 19.39
CA GLU C 39 7.17 -21.74 18.24
C GLU C 39 7.77 -20.35 18.17
N ALA C 40 8.20 -19.95 16.95
CA ALA C 40 8.69 -18.59 16.72
C ALA C 40 7.94 -17.87 15.68
N GLU C 41 7.74 -16.55 15.91
CA GLU C 41 7.24 -15.61 14.93
C GLU C 41 8.28 -14.57 14.64
N VAL C 42 8.66 -14.45 13.36
CA VAL C 42 9.59 -13.47 12.91
C VAL C 42 8.78 -12.37 12.13
N HIS C 43 8.87 -11.13 12.60
CA HIS C 43 8.22 -9.89 12.07
C HIS C 43 9.22 -8.98 11.37
N LEU C 44 8.89 -8.61 10.12
CA LEU C 44 9.82 -7.79 9.39
C LEU C 44 9.26 -6.32 9.34
N GLU C 45 10.13 -5.34 9.03
CA GLU C 45 9.77 -3.87 8.98
C GLU C 45 8.58 -3.62 8.08
N GLY C 46 8.56 -4.20 6.90
CA GLY C 46 7.41 -4.10 6.02
C GLY C 46 6.10 -4.69 6.41
N GLY C 47 5.99 -5.35 7.55
CA GLY C 47 4.74 -5.99 8.07
C GLY C 47 4.67 -7.55 7.80
N PHE C 48 5.66 -8.14 7.13
CA PHE C 48 5.72 -9.56 6.89
C PHE C 48 5.99 -10.31 8.16
N VAL C 49 5.28 -11.43 8.22
CA VAL C 49 5.34 -12.36 9.33
C VAL C 49 5.53 -13.79 8.87
N GLY C 50 6.44 -14.49 9.52
CA GLY C 50 6.58 -15.98 9.41
C GLY C 50 6.48 -16.62 10.80
N MET C 51 5.90 -17.80 10.79
CA MET C 51 5.69 -18.54 11.99
C MET C 51 6.00 -20.06 11.77
N ALA C 52 6.78 -20.65 12.68
CA ALA C 52 7.13 -22.08 12.60
C ALA C 52 7.38 -22.67 13.96
N ALA C 53 7.40 -24.01 14.06
CA ALA C 53 7.62 -24.67 15.31
C ALA C 53 8.59 -25.86 15.08
N ALA C 54 9.32 -26.19 16.13
CA ALA C 54 10.21 -27.34 16.12
C ALA C 54 9.43 -28.63 16.42
N PRO C 55 9.67 -29.67 15.67
CA PRO C 55 9.19 -31.02 15.99
C PRO C 55 10.09 -31.66 17.03
N SER C 56 9.72 -32.86 17.49
CA SER C 56 10.46 -33.53 18.57
C SER C 56 10.41 -35.02 18.38
N GLY C 57 11.60 -35.58 18.39
CA GLY C 57 11.74 -37.03 18.38
C GLY C 57 11.49 -37.80 19.63
N ALA C 58 11.24 -39.11 19.45
CA ALA C 58 11.15 -40.14 20.53
C ALA C 58 12.39 -41.05 20.42
N SER C 59 12.58 -41.66 19.23
CA SER C 59 13.76 -42.47 18.96
C SER C 59 14.85 -41.51 18.45
N THR C 60 15.49 -40.81 19.37
CA THR C 60 16.49 -39.84 18.97
C THR C 60 17.90 -40.41 18.86
N GLY C 61 18.61 -40.15 17.75
CA GLY C 61 19.98 -40.67 17.68
C GLY C 61 20.84 -39.92 18.73
N SER C 62 21.88 -40.58 19.20
CA SER C 62 22.77 -40.00 20.20
C SER C 62 23.48 -38.77 19.72
N ARG C 63 23.74 -38.69 18.43
CA ARG C 63 24.47 -37.55 17.84
C ARG C 63 23.66 -36.31 17.34
N GLU C 64 22.33 -36.31 17.58
CA GLU C 64 21.47 -35.22 17.30
C GLU C 64 21.91 -33.98 18.07
N ALA C 65 21.76 -32.80 17.43
CA ALA C 65 21.80 -31.52 18.11
C ALA C 65 20.75 -31.50 19.23
N LEU C 66 21.10 -30.86 20.32
CA LEU C 66 20.30 -30.92 21.51
C LEU C 66 18.97 -30.16 21.54
N GLU C 67 17.89 -30.91 21.80
CA GLU C 67 16.57 -30.36 22.06
C GLU C 67 16.64 -29.95 23.55
N LEU C 68 16.67 -28.65 23.83
CA LEU C 68 16.81 -28.14 25.21
C LEU C 68 15.44 -28.17 25.88
N ARG C 69 15.39 -28.89 27.03
CA ARG C 69 14.22 -28.89 27.88
C ARG C 69 14.63 -28.46 29.30
N ASP C 70 13.61 -28.12 30.06
CA ASP C 70 13.74 -27.36 31.32
C ASP C 70 14.09 -28.19 32.50
N GLY C 71 13.53 -29.38 32.60
CA GLY C 71 13.74 -30.26 33.79
C GLY C 71 13.02 -29.77 35.03
N ASP C 72 12.00 -28.96 34.85
CA ASP C 72 11.24 -28.54 36.00
C ASP C 72 10.09 -29.49 36.19
N LYS C 73 10.19 -30.35 37.23
CA LYS C 73 9.20 -31.43 37.40
C LYS C 73 7.77 -30.95 37.76
N SER C 74 7.66 -29.70 38.20
CA SER C 74 6.35 -29.08 38.44
C SER C 74 5.62 -28.66 37.13
N ARG C 75 6.29 -28.75 35.95
CA ARG C 75 5.64 -28.38 34.72
C ARG C 75 5.89 -29.41 33.66
N PHE C 76 4.78 -29.90 33.10
CA PHE C 76 4.90 -30.82 31.96
C PHE C 76 5.82 -32.07 32.18
N LEU C 77 5.85 -32.56 33.44
CA LEU C 77 6.71 -33.64 33.88
C LEU C 77 8.20 -33.37 33.53
N GLY C 78 8.63 -32.10 33.53
CA GLY C 78 10.03 -31.74 33.27
C GLY C 78 10.33 -31.40 31.84
N LYS C 79 9.34 -31.49 30.98
CA LYS C 79 9.59 -31.33 29.56
C LYS C 79 9.26 -29.89 29.01
N GLY C 80 9.11 -28.89 29.89
CA GLY C 80 8.90 -27.48 29.47
C GLY C 80 10.01 -27.01 28.55
N VAL C 81 9.72 -26.02 27.73
CA VAL C 81 10.76 -25.44 26.82
C VAL C 81 10.92 -23.94 27.05
N THR C 82 10.67 -23.50 28.28
CA THR C 82 10.72 -22.07 28.61
C THR C 82 12.17 -21.57 28.50
N LYS C 83 13.19 -22.41 28.68
CA LYS C 83 14.58 -21.86 28.52
C LYS C 83 14.87 -21.61 27.04
N ALA C 84 14.48 -22.56 26.19
CA ALA C 84 14.62 -22.41 24.73
C ALA C 84 13.85 -21.19 24.26
N VAL C 85 12.61 -21.03 24.76
CA VAL C 85 11.81 -19.85 24.47
C VAL C 85 12.45 -18.50 24.88
N ALA C 86 13.03 -18.45 26.09
CA ALA C 86 13.82 -17.34 26.59
C ALA C 86 14.97 -16.97 25.68
N ALA C 87 15.64 -17.97 25.14
CA ALA C 87 16.72 -17.74 24.22
C ALA C 87 16.23 -17.04 22.94
N VAL C 88 15.06 -17.49 22.45
CA VAL C 88 14.45 -16.90 21.23
C VAL C 88 14.15 -15.44 21.50
N ASN C 89 13.47 -15.17 22.60
CA ASN C 89 12.99 -13.78 22.96
C ASN C 89 14.10 -12.85 23.42
N GLY C 90 15.16 -13.37 23.99
CA GLY C 90 16.24 -12.52 24.58
C GLY C 90 17.44 -12.49 23.61
N PRO C 91 18.43 -13.42 23.75
CA PRO C 91 19.69 -13.24 23.03
C PRO C 91 19.59 -13.39 21.50
N ILE C 92 18.71 -14.29 21.04
CA ILE C 92 18.52 -14.53 19.58
C ILE C 92 17.87 -13.27 18.97
N ALA C 93 16.74 -12.86 19.52
CA ALA C 93 16.11 -11.56 19.06
C ALA C 93 17.10 -10.44 19.01
N GLN C 94 17.80 -10.22 20.12
CA GLN C 94 18.81 -9.15 20.16
C GLN C 94 19.85 -9.21 19.00
N ALA C 95 20.38 -10.37 18.67
CA ALA C 95 21.37 -10.53 17.67
C ALA C 95 20.78 -10.46 16.24
N LEU C 96 19.47 -10.69 16.10
CA LEU C 96 18.83 -10.71 14.77
C LEU C 96 18.08 -9.43 14.30
N ILE C 97 17.61 -8.64 15.25
CA ILE C 97 16.92 -7.42 14.99
C ILE C 97 17.77 -6.47 14.20
N GLY C 98 17.27 -6.03 13.07
CA GLY C 98 18.10 -5.25 12.15
C GLY C 98 18.69 -6.01 10.99
N LYS C 99 18.68 -7.38 10.99
CA LYS C 99 19.30 -8.13 9.97
C LYS C 99 18.25 -8.41 8.90
N ASP C 100 18.73 -8.56 7.71
CA ASP C 100 17.87 -8.88 6.52
C ASP C 100 17.46 -10.40 6.45
N ALA C 101 16.16 -10.68 6.65
CA ALA C 101 15.64 -11.98 6.63
C ALA C 101 15.88 -12.74 5.32
N LYS C 102 16.05 -12.02 4.22
CA LYS C 102 16.24 -12.69 2.94
C LYS C 102 17.63 -13.45 2.84
N ASP C 103 18.59 -13.08 3.70
CA ASP C 103 19.90 -13.67 3.72
C ASP C 103 19.87 -14.84 4.77
N GLN C 104 19.21 -15.92 4.37
CA GLN C 104 19.03 -17.07 5.27
C GLN C 104 20.35 -17.61 5.91
N ALA C 105 21.39 -17.80 5.08
CA ALA C 105 22.68 -18.30 5.51
C ALA C 105 23.23 -17.41 6.62
N GLY C 106 23.11 -16.07 6.42
CA GLY C 106 23.59 -15.04 7.36
C GLY C 106 22.85 -15.10 8.67
N ILE C 107 21.53 -15.30 8.60
CA ILE C 107 20.70 -15.37 9.79
C ILE C 107 21.08 -16.62 10.61
N ASP C 108 21.14 -17.76 9.90
CA ASP C 108 21.54 -19.04 10.56
C ASP C 108 22.97 -18.93 11.14
N LYS C 109 23.91 -18.34 10.39
CA LYS C 109 25.27 -18.15 10.97
C LYS C 109 25.31 -17.40 12.28
N ILE C 110 24.56 -16.30 12.39
CA ILE C 110 24.50 -15.50 13.55
C ILE C 110 24.04 -16.31 14.70
N MET C 111 23.00 -17.12 14.48
CA MET C 111 22.50 -17.87 15.64
C MET C 111 23.45 -19.01 16.06
N ILE C 112 24.01 -19.69 15.06
CA ILE C 112 24.93 -20.83 15.29
C ILE C 112 26.18 -20.31 16.06
N ASP C 113 26.74 -19.19 15.62
CA ASP C 113 27.96 -18.61 16.27
C ASP C 113 27.61 -18.14 17.68
N LEU C 114 26.42 -17.61 17.83
CA LEU C 114 26.04 -17.03 19.08
C LEU C 114 25.84 -18.13 20.14
N ASP C 115 25.10 -19.19 19.80
CA ASP C 115 25.07 -20.39 20.69
C ASP C 115 26.49 -20.89 21.09
N GLY C 116 27.36 -20.98 20.09
CA GLY C 116 28.84 -21.21 20.33
C GLY C 116 29.27 -22.66 20.65
N THR C 117 28.34 -23.63 20.63
CA THR C 117 28.59 -25.01 21.06
C THR C 117 28.42 -25.89 19.84
N GLU C 118 29.00 -27.10 19.90
CA GLU C 118 29.02 -27.97 18.73
C GLU C 118 27.58 -28.45 18.41
N ASN C 119 26.85 -28.73 19.47
CA ASN C 119 25.53 -29.32 19.37
C ASN C 119 24.36 -28.48 19.82
N LYS C 120 24.57 -27.17 19.86
CA LYS C 120 23.52 -26.16 20.10
C LYS C 120 22.93 -26.40 21.45
N SER C 121 23.80 -26.67 22.42
CA SER C 121 23.41 -27.03 23.79
C SER C 121 23.26 -25.84 24.71
N LYS C 122 23.60 -24.64 24.25
CA LYS C 122 23.31 -23.40 25.03
C LYS C 122 21.87 -22.94 24.82
N PHE C 123 21.42 -22.73 23.57
CA PHE C 123 20.05 -22.21 23.32
C PHE C 123 19.04 -23.30 22.98
N GLY C 124 19.55 -24.45 22.54
CA GLY C 124 18.77 -25.57 22.04
C GLY C 124 18.62 -25.43 20.51
N ALA C 125 18.88 -26.52 19.85
CA ALA C 125 18.45 -26.69 18.45
C ALA C 125 16.94 -26.38 18.21
N ASN C 126 16.12 -26.56 19.23
CA ASN C 126 14.68 -26.28 19.14
C ASN C 126 14.37 -24.75 19.07
N ALA C 127 15.14 -23.94 19.79
CA ALA C 127 15.12 -22.51 19.67
C ALA C 127 15.60 -22.05 18.29
N ILE C 128 16.84 -22.47 17.89
CA ILE C 128 17.46 -21.97 16.67
C ILE C 128 16.60 -22.38 15.47
N LEU C 129 16.15 -23.57 15.50
CA LEU C 129 15.34 -24.11 14.32
C LEU C 129 14.07 -23.32 14.11
N ALA C 130 13.33 -23.09 15.16
CA ALA C 130 12.05 -22.44 15.03
C ALA C 130 12.19 -21.03 14.41
N VAL C 131 13.23 -20.32 14.79
CA VAL C 131 13.54 -18.98 14.23
C VAL C 131 14.05 -19.11 12.82
N SER C 132 14.89 -20.14 12.55
CA SER C 132 15.49 -20.32 11.26
C SER C 132 14.33 -20.52 10.24
N LEU C 133 13.32 -21.29 10.61
CA LEU C 133 12.12 -21.62 9.68
C LEU C 133 11.17 -20.45 9.55
N ALA C 134 10.91 -19.84 10.69
CA ALA C 134 10.07 -18.68 10.69
C ALA C 134 10.65 -17.57 9.83
N ASN C 135 11.97 -17.32 9.96
CA ASN C 135 12.62 -16.34 9.21
C ASN C 135 12.44 -16.62 7.69
N ALA C 136 12.69 -17.84 7.31
CA ALA C 136 12.49 -18.25 5.88
C ALA C 136 11.09 -17.93 5.40
N LYS C 137 10.04 -18.15 6.23
CA LYS C 137 8.68 -17.92 5.77
C LYS C 137 8.44 -16.42 5.73
N ALA C 138 9.00 -15.66 6.67
CA ALA C 138 8.89 -14.22 6.61
C ALA C 138 9.54 -13.62 5.31
N ALA C 139 10.72 -14.16 4.95
CA ALA C 139 11.45 -13.70 3.80
C ALA C 139 10.67 -14.11 2.52
N ALA C 140 10.08 -15.27 2.54
CA ALA C 140 9.20 -15.69 1.36
C ALA C 140 8.12 -14.66 1.12
N ALA C 141 7.41 -14.30 2.17
CA ALA C 141 6.38 -13.28 2.20
C ALA C 141 6.86 -11.91 1.64
N ALA C 142 8.00 -11.43 2.12
CA ALA C 142 8.67 -10.25 1.67
C ALA C 142 8.97 -10.28 0.20
N LYS C 143 9.34 -11.42 -0.33
CA LYS C 143 9.72 -11.58 -1.75
C LYS C 143 8.48 -11.84 -2.63
N GLY C 144 7.34 -11.96 -2.00
CA GLY C 144 6.07 -12.17 -2.74
C GLY C 144 5.86 -13.57 -3.28
N MET C 145 6.29 -14.60 -2.53
CA MET C 145 6.26 -15.95 -3.11
C MET C 145 5.97 -16.98 -2.10
N PRO C 146 5.39 -18.09 -2.60
CA PRO C 146 5.19 -19.19 -1.63
C PRO C 146 6.53 -19.78 -1.06
N LEU C 147 6.43 -20.42 0.10
CA LEU C 147 7.62 -21.04 0.72
C LEU C 147 8.48 -21.97 -0.21
N TYR C 148 7.83 -22.83 -0.98
CA TYR C 148 8.58 -23.75 -1.81
C TYR C 148 9.41 -23.03 -2.88
N GLU C 149 8.87 -21.89 -3.33
CA GLU C 149 9.55 -21.12 -4.41
C GLU C 149 10.80 -20.43 -3.82
N HIS C 150 10.65 -19.93 -2.59
CA HIS C 150 11.76 -19.36 -1.83
C HIS C 150 12.84 -20.37 -1.53
N ILE C 151 12.42 -21.54 -1.07
CA ILE C 151 13.39 -22.59 -0.75
C ILE C 151 14.21 -22.97 -1.96
N ALA C 152 13.57 -23.13 -3.12
CA ALA C 152 14.30 -23.44 -4.33
C ALA C 152 15.33 -22.41 -4.62
N GLU C 153 15.00 -21.09 -4.39
CA GLU C 153 15.97 -20.05 -4.54
C GLU C 153 17.10 -20.13 -3.49
N LEU C 154 16.75 -20.38 -2.22
CA LEU C 154 17.80 -20.56 -1.17
C LEU C 154 18.71 -21.78 -1.40
N ASN C 155 18.13 -22.76 -2.13
CA ASN C 155 18.76 -24.09 -2.43
C ASN C 155 19.75 -24.01 -3.56
N GLY C 156 19.80 -22.92 -4.31
CA GLY C 156 20.63 -22.89 -5.50
C GLY C 156 19.99 -23.55 -6.72
N THR C 157 18.68 -23.76 -6.73
CA THR C 157 18.00 -24.52 -7.80
C THR C 157 16.70 -23.82 -8.18
N PRO C 158 16.78 -22.50 -8.57
CA PRO C 158 15.60 -21.73 -8.74
C PRO C 158 14.63 -22.30 -9.80
N GLY C 159 13.36 -22.41 -9.42
CA GLY C 159 12.34 -22.85 -10.44
C GLY C 159 12.35 -24.35 -10.69
N LYS C 160 13.12 -25.15 -9.93
CA LYS C 160 13.14 -26.63 -10.15
C LYS C 160 12.40 -27.28 -9.00
N TYR C 161 11.29 -27.94 -9.36
CA TYR C 161 10.44 -28.57 -8.33
C TYR C 161 10.18 -30.07 -8.60
N SER C 162 9.83 -30.83 -7.58
CA SER C 162 9.16 -32.10 -7.80
C SER C 162 8.19 -32.34 -6.67
N MET C 163 7.20 -33.19 -6.92
CA MET C 163 6.34 -33.70 -5.87
C MET C 163 6.96 -35.03 -5.42
N PRO C 164 7.17 -35.21 -4.09
CA PRO C 164 7.79 -36.37 -3.53
C PRO C 164 6.94 -37.56 -3.51
N VAL C 165 7.57 -38.74 -3.67
CA VAL C 165 6.91 -39.99 -3.49
C VAL C 165 6.87 -40.23 -1.97
N PRO C 166 5.69 -40.35 -1.42
CA PRO C 166 5.61 -40.56 -0.01
C PRO C 166 5.81 -42.11 0.45
N MET C 167 6.49 -42.36 1.57
CA MET C 167 6.52 -43.61 2.23
C MET C 167 5.69 -43.38 3.53
N MET C 168 4.60 -44.13 3.61
CA MET C 168 3.50 -43.92 4.62
C MET C 168 3.43 -45.04 5.68
N ASN C 169 3.68 -44.69 6.97
CA ASN C 169 3.90 -45.62 8.06
C ASN C 169 2.56 -46.13 8.62
N ILE C 170 1.98 -47.15 7.96
CA ILE C 170 0.61 -47.64 8.35
C ILE C 170 0.54 -48.71 9.46
N ILE C 171 1.70 -49.28 9.89
CA ILE C 171 1.80 -50.12 11.11
C ILE C 171 2.95 -49.56 11.90
N ASN C 172 2.64 -49.14 13.13
CA ASN C 172 3.65 -48.45 13.96
C ASN C 172 4.06 -49.42 15.05
N GLY C 173 5.32 -49.33 15.47
CA GLY C 173 5.93 -50.25 16.46
C GLY C 173 7.08 -49.50 17.20
N GLY C 174 7.92 -50.25 17.85
CA GLY C 174 9.05 -49.74 18.68
C GLY C 174 8.57 -48.63 19.63
N GLU C 175 9.32 -47.54 19.68
CA GLU C 175 9.10 -46.41 20.59
C GLU C 175 7.84 -45.60 20.23
N HIS C 176 7.20 -45.87 19.07
CA HIS C 176 6.02 -45.10 18.65
C HIS C 176 4.76 -45.74 19.12
N ALA C 177 4.83 -46.92 19.77
CA ALA C 177 3.58 -47.59 20.08
C ALA C 177 3.79 -48.48 21.28
N ASP C 178 2.66 -48.99 21.76
CA ASP C 178 2.58 -49.70 23.04
C ASP C 178 2.45 -51.22 22.81
N ASN C 179 2.99 -51.73 21.71
CA ASN C 179 2.64 -53.07 21.24
C ASN C 179 3.91 -53.96 21.29
N ASN C 180 3.83 -55.14 20.71
CA ASN C 180 4.97 -56.09 20.75
C ASN C 180 5.80 -56.08 19.46
N VAL C 181 5.67 -54.98 18.69
CA VAL C 181 6.32 -54.90 17.42
C VAL C 181 7.63 -54.14 17.70
N ASP C 182 8.76 -54.70 17.28
CA ASP C 182 10.17 -54.07 17.50
C ASP C 182 10.65 -53.09 16.43
N ILE C 183 10.40 -53.49 15.22
CA ILE C 183 10.58 -52.69 13.99
C ILE C 183 9.71 -51.47 14.14
N GLN C 184 10.29 -50.30 14.01
CA GLN C 184 9.55 -49.03 14.25
C GLN C 184 8.46 -48.76 13.24
N GLU C 185 8.74 -48.94 11.93
CA GLU C 185 7.83 -48.51 10.94
C GLU C 185 7.73 -49.41 9.77
N PHE C 186 6.49 -49.61 9.27
CA PHE C 186 6.26 -50.39 8.09
C PHE C 186 5.46 -49.54 7.16
N MET C 187 5.97 -49.31 5.95
CA MET C 187 5.47 -48.23 5.13
C MET C 187 5.07 -48.77 3.75
N ILE C 188 4.14 -48.10 3.16
CA ILE C 188 3.79 -48.29 1.75
C ILE C 188 4.24 -47.06 0.97
N GLN C 189 4.64 -47.25 -0.28
CA GLN C 189 5.02 -46.16 -1.17
C GLN C 189 4.24 -46.29 -2.48
N PRO C 190 3.33 -45.34 -2.79
CA PRO C 190 2.44 -45.45 -4.06
C PRO C 190 3.16 -45.00 -5.36
N VAL C 191 4.09 -45.85 -5.77
CA VAL C 191 5.01 -45.57 -6.86
C VAL C 191 4.25 -45.60 -8.20
N GLY C 192 3.13 -46.27 -8.25
CA GLY C 192 2.31 -46.30 -9.56
C GLY C 192 1.46 -45.05 -9.72
N ALA C 193 1.35 -44.19 -8.71
CA ALA C 193 0.63 -42.98 -8.94
C ALA C 193 1.30 -42.06 -9.98
N LYS C 194 0.49 -41.28 -10.70
CA LYS C 194 0.94 -40.25 -11.58
C LYS C 194 1.03 -38.86 -10.96
N THR C 195 0.44 -38.65 -9.76
CA THR C 195 0.44 -37.29 -9.12
C THR C 195 0.45 -37.56 -7.64
N VAL C 196 0.86 -36.60 -6.81
CA VAL C 196 0.91 -36.83 -5.39
C VAL C 196 -0.51 -36.88 -4.84
N LYS C 197 -1.41 -36.21 -5.52
CA LYS C 197 -2.81 -36.34 -5.18
C LYS C 197 -3.33 -37.77 -5.26
N GLU C 198 -3.05 -38.41 -6.36
CA GLU C 198 -3.39 -39.85 -6.53
C GLU C 198 -2.65 -40.79 -5.53
N ALA C 199 -1.40 -40.48 -5.22
CA ALA C 199 -0.61 -41.17 -4.22
C ALA C 199 -1.22 -41.14 -2.84
N ILE C 200 -1.72 -39.98 -2.46
CA ILE C 200 -2.42 -39.78 -1.21
C ILE C 200 -3.71 -40.53 -1.17
N ARG C 201 -4.51 -40.50 -2.26
CA ARG C 201 -5.70 -41.31 -2.36
C ARG C 201 -5.44 -42.82 -2.23
N MET C 202 -4.42 -43.30 -2.96
CA MET C 202 -3.99 -44.71 -2.86
C MET C 202 -3.68 -45.07 -1.42
N GLY C 203 -2.85 -44.28 -0.77
CA GLY C 203 -2.45 -44.48 0.63
C GLY C 203 -3.66 -44.55 1.56
N SER C 204 -4.59 -43.63 1.39
CA SER C 204 -5.77 -43.59 2.19
C SER C 204 -6.59 -44.84 1.94
N GLU C 205 -6.75 -45.27 0.72
CA GLU C 205 -7.60 -46.50 0.46
C GLU C 205 -6.98 -47.82 1.05
N VAL C 206 -5.64 -47.92 0.98
CA VAL C 206 -4.95 -49.04 1.55
C VAL C 206 -5.04 -49.01 3.09
N PHE C 207 -4.84 -47.81 3.67
CA PHE C 207 -4.90 -47.63 5.08
C PHE C 207 -6.31 -48.08 5.59
N HIS C 208 -7.37 -47.67 4.89
CA HIS C 208 -8.75 -48.08 5.29
C HIS C 208 -8.96 -49.61 5.15
N HIS C 209 -8.55 -50.18 4.04
CA HIS C 209 -8.65 -51.65 3.85
C HIS C 209 -7.83 -52.35 4.90
N LEU C 210 -6.69 -51.79 5.35
CA LEU C 210 -5.94 -52.43 6.42
C LEU C 210 -6.68 -52.53 7.76
N ALA C 211 -7.42 -51.49 8.12
CA ALA C 211 -8.33 -51.56 9.30
C ALA C 211 -9.29 -52.75 9.17
N LYS C 212 -9.85 -52.97 7.96
CA LYS C 212 -10.81 -54.06 7.77
C LYS C 212 -10.08 -55.41 7.99
N VAL C 213 -8.90 -55.54 7.39
CA VAL C 213 -8.04 -56.71 7.57
C VAL C 213 -7.71 -56.98 9.05
N LEU C 214 -7.29 -55.97 9.80
CA LEU C 214 -6.94 -56.18 11.20
C LEU C 214 -8.17 -56.55 12.08
N LYS C 215 -9.28 -55.85 11.87
CA LYS C 215 -10.57 -56.16 12.55
C LYS C 215 -11.02 -57.62 12.34
N ALA C 216 -10.83 -58.17 11.14
CA ALA C 216 -11.25 -59.54 10.79
C ALA C 216 -10.39 -60.55 11.49
N LYS C 217 -9.22 -60.10 11.89
CA LYS C 217 -8.26 -60.87 12.63
C LYS C 217 -8.33 -60.62 14.14
N GLY C 218 -9.16 -59.71 14.60
CA GLY C 218 -9.28 -59.38 15.99
C GLY C 218 -8.19 -58.49 16.55
N MET C 219 -7.41 -57.89 15.67
CA MET C 219 -6.33 -57.02 16.07
C MET C 219 -6.79 -55.55 16.23
N ASN C 220 -6.15 -54.85 17.13
CA ASN C 220 -6.49 -53.50 17.45
C ASN C 220 -6.28 -52.49 16.34
N THR C 221 -7.25 -51.60 16.18
CA THR C 221 -7.15 -50.54 15.21
C THR C 221 -6.90 -49.12 15.76
N ALA C 222 -6.63 -48.99 17.03
CA ALA C 222 -6.24 -47.72 17.58
C ALA C 222 -4.86 -47.40 17.01
N VAL C 223 -4.47 -46.13 16.97
CA VAL C 223 -3.24 -45.73 16.34
C VAL C 223 -2.08 -45.33 17.27
N GLY C 224 -0.88 -45.52 16.77
CA GLY C 224 0.32 -45.03 17.46
C GLY C 224 0.60 -43.59 17.11
N ASP C 225 1.81 -43.13 17.51
CA ASP C 225 2.19 -41.76 17.40
C ASP C 225 2.22 -41.18 16.02
N GLU C 226 2.42 -41.96 14.98
CA GLU C 226 2.41 -41.51 13.54
C GLU C 226 1.22 -41.95 12.76
N GLY C 227 0.13 -42.34 13.49
CA GLY C 227 -1.19 -42.55 12.83
C GLY C 227 -1.41 -43.92 12.14
N GLY C 228 -0.44 -44.77 12.33
CA GLY C 228 -0.43 -46.14 11.91
C GLY C 228 -1.06 -47.03 12.93
N TYR C 229 -1.66 -48.12 12.51
CA TYR C 229 -2.20 -49.05 13.54
C TYR C 229 -1.07 -49.72 14.41
N ALA C 230 -1.44 -50.07 15.65
CA ALA C 230 -0.51 -50.56 16.64
C ALA C 230 -1.02 -51.89 17.19
N PRO C 231 -1.32 -52.86 16.33
CA PRO C 231 -1.72 -54.10 16.82
C PRO C 231 -0.57 -54.87 17.46
N ASN C 232 -0.93 -55.82 18.30
CA ASN C 232 0.01 -56.86 18.72
C ASN C 232 0.00 -57.89 17.57
N LEU C 233 1.21 -58.30 17.20
CA LEU C 233 1.38 -59.25 16.06
C LEU C 233 2.19 -60.48 16.46
N GLY C 234 2.01 -61.58 15.70
CA GLY C 234 2.76 -62.86 15.97
C GLY C 234 4.26 -62.72 15.80
N SER C 235 4.69 -61.81 14.98
CA SER C 235 6.09 -61.62 14.67
C SER C 235 6.17 -60.26 13.95
N ASN C 236 7.38 -59.65 13.88
CA ASN C 236 7.59 -58.39 13.17
C ASN C 236 7.18 -58.59 11.67
N ALA C 237 7.51 -59.73 11.10
CA ALA C 237 7.22 -59.97 9.65
C ALA C 237 5.78 -60.11 9.34
N GLU C 238 4.97 -60.45 10.35
CA GLU C 238 3.52 -60.52 10.12
C GLU C 238 2.92 -59.07 9.63
N ALA C 239 3.59 -57.97 10.01
CA ALA C 239 3.23 -56.61 9.57
C ALA C 239 3.19 -56.54 8.05
N LEU C 240 4.20 -57.15 7.43
CA LEU C 240 4.30 -57.12 6.00
C LEU C 240 3.12 -57.94 5.35
N ALA C 241 2.80 -59.06 5.99
CA ALA C 241 1.70 -59.91 5.49
C ALA C 241 0.37 -59.22 5.52
N VAL C 242 0.04 -58.57 6.61
CA VAL C 242 -1.24 -57.84 6.68
C VAL C 242 -1.28 -56.65 5.73
N ILE C 243 -0.14 -55.98 5.48
CA ILE C 243 -0.11 -54.81 4.61
C ILE C 243 -0.36 -55.33 3.21
N ALA C 244 0.27 -56.46 2.86
CA ALA C 244 0.11 -57.09 1.53
C ALA C 244 -1.39 -57.47 1.30
N GLU C 245 -2.00 -57.93 2.35
CA GLU C 245 -3.41 -58.36 2.28
C GLU C 245 -4.28 -57.12 2.03
N ALA C 246 -3.94 -56.04 2.71
CA ALA C 246 -4.65 -54.78 2.52
C ALA C 246 -4.48 -54.22 1.13
N VAL C 247 -3.25 -54.26 0.60
CA VAL C 247 -3.00 -53.74 -0.72
C VAL C 247 -3.84 -54.44 -1.78
N LYS C 248 -3.95 -55.73 -1.66
CA LYS C 248 -4.74 -56.51 -2.59
C LYS C 248 -6.20 -56.21 -2.45
N ALA C 249 -6.67 -56.15 -1.23
CA ALA C 249 -8.10 -55.92 -0.95
C ALA C 249 -8.50 -54.54 -1.51
N ALA C 250 -7.57 -53.60 -1.49
CA ALA C 250 -7.75 -52.24 -2.11
C ALA C 250 -7.71 -52.26 -3.65
N GLY C 251 -7.38 -53.37 -4.27
CA GLY C 251 -7.42 -53.46 -5.75
C GLY C 251 -6.16 -53.09 -6.42
N TYR C 252 -5.08 -52.98 -5.61
CA TYR C 252 -3.74 -52.63 -6.12
C TYR C 252 -2.82 -53.88 -6.12
N GLU C 253 -1.80 -53.81 -6.96
CA GLU C 253 -0.77 -54.87 -7.15
C GLU C 253 0.49 -54.46 -6.44
N LEU C 254 0.92 -55.30 -5.51
CA LEU C 254 2.13 -55.07 -4.77
C LEU C 254 3.31 -55.16 -5.73
N GLY C 255 4.26 -54.22 -5.70
CA GLY C 255 5.34 -54.05 -6.75
C GLY C 255 5.05 -52.94 -7.78
N LYS C 256 4.14 -53.27 -8.69
CA LYS C 256 3.79 -52.37 -9.72
C LYS C 256 3.10 -51.06 -9.22
N ASP C 257 2.10 -51.14 -8.36
CA ASP C 257 1.37 -49.97 -7.88
C ASP C 257 1.98 -49.48 -6.57
N ILE C 258 2.36 -50.39 -5.69
CA ILE C 258 2.76 -50.04 -4.28
C ILE C 258 3.93 -50.83 -3.93
N THR C 259 5.01 -50.19 -3.46
CA THR C 259 6.11 -50.95 -2.91
C THR C 259 6.14 -50.71 -1.36
N LEU C 260 7.03 -51.37 -0.66
CA LEU C 260 7.13 -51.30 0.82
C LEU C 260 8.44 -50.74 1.27
N ALA C 261 8.47 -50.20 2.46
CA ALA C 261 9.70 -49.69 3.06
C ALA C 261 9.62 -49.89 4.50
N MET C 262 10.75 -49.81 5.17
CA MET C 262 10.76 -50.12 6.59
C MET C 262 11.70 -49.19 7.22
N ASP C 263 11.43 -48.89 8.52
CA ASP C 263 12.42 -48.17 9.35
C ASP C 263 12.52 -49.00 10.58
N CYS C 264 13.64 -49.71 10.72
CA CYS C 264 13.88 -50.62 11.86
C CYS C 264 14.13 -49.84 13.15
N ALA C 265 14.79 -48.70 13.04
CA ALA C 265 15.35 -47.99 14.23
C ALA C 265 16.06 -48.98 15.13
N ALA C 266 17.01 -49.66 14.50
CA ALA C 266 17.63 -50.81 15.13
C ALA C 266 18.51 -50.36 16.35
N SER C 267 18.83 -49.06 16.53
CA SER C 267 19.56 -48.64 17.76
C SER C 267 18.79 -48.89 19.00
N GLU C 268 17.46 -48.92 18.81
CA GLU C 268 16.49 -49.06 19.92
C GLU C 268 16.42 -50.51 20.41
N PHE C 269 16.95 -51.44 19.65
CA PHE C 269 17.01 -52.85 20.12
C PHE C 269 18.37 -53.48 20.02
N TYR C 270 19.38 -52.64 20.06
CA TYR C 270 20.75 -53.14 20.01
C TYR C 270 21.35 -53.04 21.39
N LYS C 271 22.01 -54.10 21.80
CA LYS C 271 22.60 -54.12 23.13
C LYS C 271 23.64 -55.25 23.21
N ASP C 272 24.84 -54.87 23.67
CA ASP C 272 25.96 -55.75 23.95
C ASP C 272 26.30 -56.58 22.71
N GLY C 273 26.33 -55.94 21.53
CA GLY C 273 26.70 -56.63 20.29
C GLY C 273 25.65 -57.47 19.63
N LYS C 274 24.43 -57.35 20.10
CA LYS C 274 23.35 -58.18 19.58
C LYS C 274 22.15 -57.32 19.28
N TYR C 275 21.40 -57.69 18.22
CA TYR C 275 20.10 -57.10 17.94
C TYR C 275 19.08 -58.07 18.52
N VAL C 276 18.16 -57.60 19.38
CA VAL C 276 17.29 -58.44 20.13
C VAL C 276 15.87 -58.05 19.80
N LEU C 277 15.16 -58.92 19.15
CA LEU C 277 13.74 -58.70 18.88
C LEU C 277 12.87 -59.11 20.07
N ALA C 278 12.55 -58.17 20.96
CA ALA C 278 11.89 -58.55 22.28
C ALA C 278 10.47 -59.07 22.14
N GLY C 279 9.77 -58.57 21.14
CA GLY C 279 8.46 -59.08 20.69
C GLY C 279 8.48 -60.52 20.29
N GLU C 280 9.67 -61.02 19.88
CA GLU C 280 9.89 -62.46 19.52
C GLU C 280 10.75 -63.31 20.47
N GLY C 281 10.42 -63.24 21.74
CA GLY C 281 11.13 -64.02 22.75
C GLY C 281 12.59 -63.63 22.94
N ASN C 282 12.92 -62.38 22.76
CA ASN C 282 14.30 -61.95 22.76
C ASN C 282 15.20 -62.75 21.79
N LYS C 283 14.68 -63.12 20.64
CA LYS C 283 15.53 -63.69 19.60
C LYS C 283 16.69 -62.68 19.24
N ALA C 284 17.94 -63.18 19.25
CA ALA C 284 19.14 -62.35 19.13
C ALA C 284 19.87 -62.65 17.82
N PHE C 285 20.41 -61.62 17.20
CA PHE C 285 21.14 -61.72 15.98
C PHE C 285 22.42 -60.92 16.12
N THR C 286 23.53 -61.39 15.60
CA THR C 286 24.65 -60.52 15.35
C THR C 286 24.28 -59.55 14.21
N SER C 287 25.14 -58.58 14.06
CA SER C 287 25.04 -57.63 12.94
C SER C 287 24.76 -58.31 11.56
N GLU C 288 25.66 -59.25 11.21
CA GLU C 288 25.59 -59.89 9.87
C GLU C 288 24.35 -60.80 9.80
N GLU C 289 24.01 -61.43 10.91
CA GLU C 289 22.71 -62.21 10.99
C GLU C 289 21.44 -61.35 10.80
N PHE C 290 21.42 -60.20 11.43
CA PHE C 290 20.36 -59.26 11.25
C PHE C 290 20.22 -58.79 9.79
N THR C 291 21.37 -58.53 9.18
CA THR C 291 21.39 -58.28 7.75
C THR C 291 20.73 -59.33 6.93
N HIS C 292 21.02 -60.62 7.28
CA HIS C 292 20.53 -61.72 6.40
C HIS C 292 19.01 -61.82 6.63
N PHE C 293 18.57 -61.55 7.86
CA PHE C 293 17.12 -61.54 8.24
C PHE C 293 16.40 -60.54 7.35
N LEU C 294 16.96 -59.34 7.28
CA LEU C 294 16.39 -58.26 6.44
C LEU C 294 16.42 -58.62 4.93
N GLU C 295 17.53 -59.20 4.52
CA GLU C 295 17.65 -59.69 3.17
C GLU C 295 16.53 -60.69 2.77
N GLU C 296 16.29 -61.66 3.67
CA GLU C 296 15.26 -62.62 3.42
C GLU C 296 13.86 -61.96 3.26
N LEU C 297 13.57 -61.02 4.10
CA LEU C 297 12.35 -60.13 3.95
C LEU C 297 12.23 -59.47 2.56
N THR C 298 13.35 -58.98 2.04
CA THR C 298 13.31 -58.43 0.70
C THR C 298 13.06 -59.41 -0.41
N LYS C 299 13.32 -60.75 -0.18
CA LYS C 299 12.99 -61.74 -1.19
C LYS C 299 11.55 -62.17 -1.15
N GLN C 300 10.96 -62.08 0.05
CA GLN C 300 9.54 -62.46 0.22
C GLN C 300 8.56 -61.34 -0.17
N TYR C 301 9.00 -60.09 -0.06
CA TYR C 301 8.11 -58.92 -0.26
C TYR C 301 8.85 -57.86 -1.04
N PRO C 302 8.14 -57.00 -1.84
CA PRO C 302 8.79 -55.86 -2.55
C PRO C 302 9.22 -54.72 -1.68
N ILE C 303 10.08 -54.97 -0.71
CA ILE C 303 10.67 -53.97 0.14
C ILE C 303 11.82 -53.34 -0.63
N VAL C 304 11.68 -52.02 -0.91
CA VAL C 304 12.66 -51.29 -1.68
C VAL C 304 13.47 -50.33 -0.87
N SER C 305 13.21 -50.21 0.44
CA SER C 305 14.04 -49.30 1.19
C SER C 305 13.98 -49.69 2.58
N ILE C 306 15.12 -49.48 3.27
CA ILE C 306 15.18 -49.88 4.62
C ILE C 306 16.04 -48.92 5.32
N GLU C 307 15.54 -48.42 6.42
CA GLU C 307 16.16 -47.37 7.09
C GLU C 307 16.66 -47.84 8.46
N ASP C 308 17.86 -47.43 8.83
CA ASP C 308 18.43 -47.70 10.14
C ASP C 308 18.35 -49.25 10.48
N GLY C 309 18.75 -50.04 9.50
CA GLY C 309 18.76 -51.49 9.62
C GLY C 309 19.68 -52.01 10.68
N LEU C 310 20.56 -51.16 11.17
CA LEU C 310 21.53 -51.46 12.23
C LEU C 310 21.71 -50.23 13.15
N ASP C 311 22.41 -50.45 14.27
CA ASP C 311 22.64 -49.41 15.24
C ASP C 311 23.46 -48.29 14.63
N GLU C 312 23.22 -47.12 15.19
CA GLU C 312 23.89 -45.88 14.82
C GLU C 312 25.39 -45.96 14.88
N SER C 313 25.99 -46.79 15.74
CA SER C 313 27.47 -46.84 15.82
C SER C 313 28.08 -48.12 15.18
N ASP C 314 27.22 -48.91 14.55
CA ASP C 314 27.67 -50.16 13.91
C ASP C 314 28.06 -49.91 12.42
N TRP C 315 29.19 -49.21 12.31
CA TRP C 315 29.68 -48.81 11.04
C TRP C 315 30.19 -50.00 10.22
N ASP C 316 30.82 -51.00 10.90
CA ASP C 316 31.35 -52.17 10.18
C ASP C 316 30.17 -52.94 9.65
N GLY C 317 29.13 -53.04 10.46
CA GLY C 317 27.92 -53.67 10.10
C GLY C 317 27.22 -53.03 8.93
N PHE C 318 27.05 -51.67 8.93
CA PHE C 318 26.52 -50.97 7.82
C PHE C 318 27.33 -51.12 6.53
N ALA C 319 28.66 -51.18 6.63
CA ALA C 319 29.49 -51.48 5.44
C ALA C 319 29.08 -52.79 4.87
N TYR C 320 28.98 -53.78 5.78
CA TYR C 320 28.47 -55.10 5.34
C TYR C 320 27.05 -55.06 4.70
N GLN C 321 26.12 -54.45 5.41
CA GLN C 321 24.74 -54.32 4.91
C GLN C 321 24.70 -53.69 3.54
N THR C 322 25.52 -52.65 3.33
CA THR C 322 25.61 -51.99 2.02
C THR C 322 26.12 -52.92 0.88
N LYS C 323 27.10 -53.79 1.19
CA LYS C 323 27.56 -54.76 0.17
C LYS C 323 26.48 -55.74 -0.18
N VAL C 324 25.77 -56.21 0.83
CA VAL C 324 24.74 -57.19 0.64
C VAL C 324 23.53 -56.61 -0.10
N LEU C 325 23.02 -55.46 0.39
CA LEU C 325 21.74 -54.96 -0.07
C LEU C 325 21.76 -53.74 -1.02
N GLY C 326 22.88 -52.99 -1.05
CA GLY C 326 22.89 -51.61 -1.49
C GLY C 326 22.68 -51.52 -3.02
N ASP C 327 23.01 -52.56 -3.79
CA ASP C 327 22.71 -52.52 -5.24
C ASP C 327 21.21 -52.57 -5.60
N LYS C 328 20.41 -53.18 -4.76
CA LYS C 328 18.98 -53.45 -5.06
C LYS C 328 17.94 -52.64 -4.22
N ILE C 329 18.36 -52.17 -3.05
CA ILE C 329 17.53 -51.63 -1.97
C ILE C 329 18.11 -50.25 -1.55
N GLN C 330 17.22 -49.29 -1.29
CA GLN C 330 17.59 -48.07 -0.77
C GLN C 330 17.84 -48.25 0.72
N LEU C 331 19.03 -47.83 1.14
CA LEU C 331 19.42 -47.97 2.53
C LEU C 331 19.63 -46.59 3.11
N VAL C 332 18.80 -46.25 4.08
CA VAL C 332 18.57 -44.81 4.52
C VAL C 332 19.18 -44.68 5.88
N GLY C 333 20.20 -43.84 6.02
CA GLY C 333 20.80 -43.60 7.33
C GLY C 333 20.03 -42.49 7.94
N ASP C 334 19.59 -42.68 9.18
CA ASP C 334 18.73 -41.68 9.89
C ASP C 334 19.52 -41.34 11.17
N ASP C 335 19.46 -42.13 12.20
CA ASP C 335 20.37 -41.90 13.40
C ASP C 335 21.83 -42.08 13.04
N LEU C 336 22.07 -42.78 11.94
CA LEU C 336 23.44 -42.99 11.41
C LEU C 336 24.12 -41.69 11.07
N PHE C 337 23.38 -40.77 10.46
CA PHE C 337 23.94 -39.55 9.93
C PHE C 337 23.46 -38.26 10.56
N VAL C 338 22.36 -38.30 11.33
CA VAL C 338 21.74 -37.14 11.97
C VAL C 338 21.74 -35.78 11.23
N THR C 339 21.41 -35.85 9.90
CA THR C 339 21.31 -34.74 9.01
C THR C 339 22.54 -33.85 9.22
N ASN C 340 23.68 -34.46 9.30
CA ASN C 340 24.93 -33.75 9.69
C ASN C 340 25.97 -34.05 8.64
N THR C 341 26.37 -33.02 7.93
CA THR C 341 27.36 -33.13 6.87
C THR C 341 28.67 -33.76 7.27
N LYS C 342 29.13 -33.52 8.50
CA LYS C 342 30.39 -34.08 8.94
C LYS C 342 30.37 -35.62 9.03
N ILE C 343 29.17 -36.16 9.29
CA ILE C 343 29.00 -37.58 9.50
C ILE C 343 28.63 -38.17 8.16
N LEU C 344 27.69 -37.58 7.42
CA LEU C 344 27.43 -38.03 6.06
C LEU C 344 28.70 -38.08 5.19
N LYS C 345 29.59 -37.12 5.30
CA LYS C 345 30.76 -37.13 4.47
C LYS C 345 31.61 -38.44 4.69
N GLU C 346 31.78 -38.82 5.98
CA GLU C 346 32.42 -40.08 6.37
C GLU C 346 31.69 -41.31 5.82
N GLY C 347 30.34 -41.36 5.92
CA GLY C 347 29.49 -42.39 5.33
C GLY C 347 29.80 -42.53 3.87
N ILE C 348 29.79 -41.45 3.14
CA ILE C 348 30.06 -41.48 1.71
C ILE C 348 31.45 -42.05 1.39
N GLU C 349 32.48 -41.62 2.14
CA GLU C 349 33.88 -42.04 1.86
C GLU C 349 34.06 -43.54 2.10
N LYS C 350 33.33 -44.09 3.08
CA LYS C 350 33.39 -45.48 3.45
C LYS C 350 32.35 -46.37 2.79
N GLY C 351 31.53 -45.91 1.87
CA GLY C 351 30.54 -46.77 1.18
C GLY C 351 29.46 -47.27 2.13
N ILE C 352 29.04 -46.42 3.10
CA ILE C 352 27.97 -46.71 4.12
C ILE C 352 26.65 -46.12 3.63
N ALA C 353 25.63 -46.95 3.42
CA ALA C 353 24.29 -46.52 3.03
C ALA C 353 24.24 -45.94 1.61
N ASN C 354 23.02 -45.65 1.09
CA ASN C 354 22.94 -44.94 -0.13
C ASN C 354 21.89 -43.80 -0.13
N SER C 355 21.44 -43.37 1.07
CA SER C 355 20.33 -42.49 1.22
C SER C 355 20.42 -41.94 2.62
N ILE C 356 19.85 -40.76 2.81
CA ILE C 356 19.80 -40.04 4.09
C ILE C 356 18.43 -39.46 4.35
N LEU C 357 18.02 -39.59 5.59
CA LEU C 357 16.74 -39.14 6.07
C LEU C 357 17.02 -37.73 6.66
N ILE C 358 16.32 -36.73 6.13
CA ILE C 358 16.59 -35.31 6.40
C ILE C 358 15.54 -34.81 7.40
N LYS C 359 16.06 -34.51 8.61
CA LYS C 359 15.30 -33.93 9.71
C LYS C 359 16.00 -32.62 10.15
N PHE C 360 15.34 -31.49 9.88
CA PHE C 360 15.98 -30.21 10.13
C PHE C 360 16.30 -30.02 11.66
N ASN C 361 15.53 -30.70 12.52
CA ASN C 361 15.77 -30.54 13.98
C ASN C 361 16.89 -31.43 14.45
N GLN C 362 17.41 -32.34 13.60
CA GLN C 362 18.56 -33.11 13.99
C GLN C 362 19.80 -32.28 13.98
N ILE C 363 19.80 -31.24 13.16
CA ILE C 363 21.00 -30.34 13.00
C ILE C 363 20.74 -28.91 13.45
N GLY C 364 19.51 -28.43 13.29
CA GLY C 364 19.04 -27.22 13.94
C GLY C 364 18.88 -25.97 13.10
N SER C 365 19.26 -25.96 11.83
CA SER C 365 18.95 -24.75 11.06
C SER C 365 18.59 -25.20 9.63
N LEU C 366 17.92 -24.36 8.92
CA LEU C 366 17.60 -24.58 7.54
C LEU C 366 18.88 -24.61 6.64
N THR C 367 19.82 -23.71 6.88
CA THR C 367 21.05 -23.67 6.08
C THR C 367 21.82 -25.01 6.17
N GLU C 368 22.02 -25.50 7.38
CA GLU C 368 22.68 -26.80 7.62
C GLU C 368 21.94 -27.96 6.98
N THR C 369 20.58 -27.92 7.02
CA THR C 369 19.81 -28.87 6.37
C THR C 369 20.00 -28.89 4.83
N LEU C 370 20.01 -27.76 4.20
CA LEU C 370 20.25 -27.69 2.73
C LEU C 370 21.66 -28.23 2.37
N ALA C 371 22.66 -28.02 3.29
CA ALA C 371 24.03 -28.47 3.06
C ALA C 371 24.06 -30.03 3.05
N ALA C 372 23.27 -30.69 3.91
CA ALA C 372 23.14 -32.10 3.98
C ALA C 372 22.47 -32.59 2.67
N ILE C 373 21.45 -31.92 2.19
CA ILE C 373 20.74 -32.35 0.99
C ILE C 373 21.72 -32.24 -0.19
N LYS C 374 22.53 -31.18 -0.22
CA LYS C 374 23.49 -30.95 -1.30
C LYS C 374 24.53 -32.05 -1.33
N MET C 375 25.06 -32.40 -0.17
CA MET C 375 26.11 -33.42 -0.07
C MET C 375 25.61 -34.80 -0.48
N ALA C 376 24.41 -35.15 -0.05
CA ALA C 376 23.74 -36.32 -0.49
C ALA C 376 23.61 -36.38 -2.06
N LYS C 377 23.01 -35.38 -2.66
CA LYS C 377 22.72 -35.41 -4.14
C LYS C 377 24.02 -35.45 -4.93
N ASP C 378 25.04 -34.73 -4.45
CA ASP C 378 26.37 -34.69 -5.14
C ASP C 378 27.04 -36.08 -5.11
N ALA C 379 26.78 -36.86 -4.07
CA ALA C 379 27.27 -38.25 -3.94
C ALA C 379 26.36 -39.35 -4.56
N GLY C 380 25.22 -39.01 -5.17
CA GLY C 380 24.29 -39.92 -5.74
C GLY C 380 23.40 -40.56 -4.72
N TYR C 381 23.48 -40.17 -3.45
CA TYR C 381 22.58 -40.63 -2.44
C TYR C 381 21.26 -39.96 -2.57
N THR C 382 20.16 -40.65 -2.21
CA THR C 382 18.87 -39.95 -2.20
C THR C 382 18.65 -39.26 -0.83
N ALA C 383 17.81 -38.20 -0.82
CA ALA C 383 17.38 -37.46 0.33
C ALA C 383 15.86 -37.70 0.51
N VAL C 384 15.49 -38.11 1.70
CA VAL C 384 14.07 -38.38 2.07
C VAL C 384 13.75 -37.39 3.18
N ILE C 385 12.86 -36.41 2.90
CA ILE C 385 12.61 -35.40 3.85
C ILE C 385 11.67 -35.99 4.85
N SER C 386 11.94 -35.77 6.15
CA SER C 386 11.11 -36.42 7.10
C SER C 386 10.54 -35.63 8.25
N HIS C 387 9.41 -36.10 8.74
CA HIS C 387 8.89 -35.64 10.03
C HIS C 387 9.65 -36.16 11.24
N ARG C 388 9.21 -35.70 12.42
CA ARG C 388 9.51 -36.38 13.60
C ARG C 388 8.24 -37.00 14.11
N SER C 389 8.43 -37.94 15.02
CA SER C 389 7.26 -38.59 15.70
C SER C 389 6.38 -37.59 16.55
N GLY C 390 7.02 -36.60 17.19
CA GLY C 390 6.35 -35.46 17.77
C GLY C 390 6.27 -34.26 16.81
N GLU C 391 5.04 -34.03 16.25
CA GLU C 391 4.80 -33.03 15.22
C GLU C 391 3.85 -32.03 15.74
N THR C 392 3.70 -30.97 14.95
CA THR C 392 2.65 -29.94 15.13
C THR C 392 1.88 -29.91 13.79
N GLU C 393 0.92 -28.94 13.72
CA GLU C 393 0.08 -28.66 12.52
C GLU C 393 0.90 -27.96 11.40
N ASP C 394 2.15 -27.56 11.71
CA ASP C 394 3.14 -26.94 10.74
C ASP C 394 3.34 -27.89 9.57
N ALA C 395 3.49 -27.43 8.39
CA ALA C 395 3.63 -28.25 7.20
C ALA C 395 4.84 -27.84 6.37
N THR C 396 5.82 -27.27 7.01
CA THR C 396 7.13 -26.88 6.35
C THR C 396 7.86 -27.93 5.52
N ILE C 397 7.86 -29.22 5.93
CA ILE C 397 8.66 -30.21 5.27
C ILE C 397 7.98 -30.48 3.91
N ALA C 398 6.69 -30.16 3.76
CA ALA C 398 6.08 -30.34 2.42
C ALA C 398 6.72 -29.33 1.44
N ASP C 399 6.85 -28.08 1.85
CA ASP C 399 7.52 -27.08 1.06
C ASP C 399 8.98 -27.39 0.86
N LEU C 400 9.65 -27.90 1.88
CA LEU C 400 11.09 -28.18 1.80
C LEU C 400 11.29 -29.28 0.76
N ALA C 401 10.44 -30.28 0.84
CA ALA C 401 10.56 -31.48 -0.09
C ALA C 401 10.39 -30.99 -1.53
N VAL C 402 9.44 -30.09 -1.75
CA VAL C 402 9.13 -29.68 -3.15
C VAL C 402 10.25 -28.78 -3.71
N GLY C 403 10.64 -27.84 -2.87
CA GLY C 403 11.59 -26.78 -3.18
C GLY C 403 13.03 -27.27 -3.32
N THR C 404 13.33 -28.45 -2.76
CA THR C 404 14.62 -29.07 -2.96
C THR C 404 14.60 -30.17 -3.99
N ALA C 405 13.41 -30.45 -4.56
CA ALA C 405 13.17 -31.54 -5.41
C ALA C 405 13.76 -32.83 -4.82
N ALA C 406 13.55 -33.08 -3.50
CA ALA C 406 14.18 -34.20 -2.85
C ALA C 406 13.78 -35.54 -3.47
N GLY C 407 12.52 -35.62 -3.85
CA GLY C 407 12.02 -36.84 -4.51
C GLY C 407 11.20 -37.73 -3.62
N GLN C 408 11.42 -37.70 -2.28
CA GLN C 408 10.74 -38.53 -1.39
C GLN C 408 10.47 -37.84 -0.08
N ILE C 409 9.40 -38.25 0.57
CA ILE C 409 9.04 -37.67 1.86
C ILE C 409 8.53 -38.79 2.77
N LYS C 410 8.76 -38.62 4.08
CA LYS C 410 8.28 -39.56 5.03
C LYS C 410 7.60 -38.71 6.04
N THR C 411 6.28 -38.80 6.02
CA THR C 411 5.52 -37.87 6.90
C THR C 411 4.27 -38.51 7.56
N GLY C 412 4.28 -39.81 7.67
CA GLY C 412 3.30 -40.49 8.49
C GLY C 412 2.21 -41.24 7.74
N SER C 413 1.43 -41.93 8.55
CA SER C 413 0.18 -42.58 8.07
C SER C 413 -0.80 -41.62 7.50
N MET C 414 -1.87 -42.15 6.91
CA MET C 414 -2.94 -41.32 6.43
C MET C 414 -3.98 -41.06 7.54
N SER C 415 -3.54 -40.73 8.75
CA SER C 415 -4.41 -40.37 9.82
C SER C 415 -3.54 -39.56 10.81
N ARG C 416 -4.25 -38.76 11.60
CA ARG C 416 -3.75 -37.66 12.45
C ARG C 416 -3.34 -36.43 11.61
N SER C 417 -3.87 -35.25 11.95
CA SER C 417 -3.58 -34.08 11.21
C SER C 417 -2.11 -33.65 11.40
N ASP C 418 -1.44 -34.13 12.45
CA ASP C 418 0.01 -34.00 12.60
C ASP C 418 0.76 -34.57 11.39
N ARG C 419 0.11 -35.49 10.71
CA ARG C 419 0.60 -36.10 9.53
C ARG C 419 -0.09 -35.53 8.32
N VAL C 420 -1.41 -35.54 8.38
CA VAL C 420 -2.20 -35.30 7.19
C VAL C 420 -2.10 -33.82 6.75
N ALA C 421 -1.73 -32.92 7.68
CA ALA C 421 -1.52 -31.48 7.29
C ALA C 421 -0.39 -31.42 6.22
N LYS C 422 0.59 -32.37 6.24
CA LYS C 422 1.68 -32.26 5.27
C LYS C 422 1.11 -32.76 3.93
N TYR C 423 0.32 -33.78 4.01
CA TYR C 423 -0.32 -34.33 2.73
C TYR C 423 -1.15 -33.25 2.13
N ASN C 424 -1.96 -32.60 2.94
CA ASN C 424 -2.73 -31.45 2.45
C ASN C 424 -1.97 -30.35 1.78
N GLN C 425 -0.87 -29.95 2.43
CA GLN C 425 -0.01 -28.96 1.82
C GLN C 425 0.52 -29.42 0.42
N LEU C 426 0.91 -30.69 0.26
CA LEU C 426 1.37 -31.22 -0.96
C LEU C 426 0.32 -31.15 -2.01
N ILE C 427 -0.96 -31.43 -1.63
CA ILE C 427 -2.07 -31.33 -2.58
C ILE C 427 -2.18 -29.86 -3.10
N ARG C 428 -2.12 -28.94 -2.18
CA ARG C 428 -2.18 -27.45 -2.48
C ARG C 428 -1.01 -27.03 -3.43
N ILE C 429 0.21 -27.50 -3.11
CA ILE C 429 1.39 -27.15 -3.91
C ILE C 429 1.27 -27.69 -5.33
N GLU C 430 0.84 -28.91 -5.42
CA GLU C 430 0.68 -29.57 -6.71
C GLU C 430 -0.42 -28.92 -7.56
N GLU C 431 -1.49 -28.52 -6.92
CA GLU C 431 -2.56 -27.82 -7.64
C GLU C 431 -2.02 -26.53 -8.32
N ALA C 432 -1.13 -25.84 -7.59
CA ALA C 432 -0.50 -24.63 -8.09
C ALA C 432 0.49 -24.92 -9.17
N LEU C 433 1.37 -25.90 -8.96
CA LEU C 433 2.50 -26.11 -9.88
C LEU C 433 2.19 -26.96 -11.06
N GLY C 434 1.20 -27.85 -10.98
CA GLY C 434 0.92 -28.75 -12.11
C GLY C 434 2.19 -29.54 -12.56
N GLU C 435 2.40 -29.60 -13.89
CA GLU C 435 3.55 -30.31 -14.46
C GLU C 435 4.91 -29.62 -14.23
N LYS C 436 4.98 -28.38 -13.77
CA LYS C 436 6.27 -27.83 -13.17
C LYS C 436 6.76 -28.56 -11.93
N ALA C 437 5.89 -29.39 -11.34
CA ALA C 437 6.33 -30.32 -10.21
C ALA C 437 6.04 -31.81 -10.45
N PRO C 438 6.85 -32.43 -11.36
CA PRO C 438 6.53 -33.83 -11.72
C PRO C 438 6.56 -34.74 -10.49
N TYR C 439 5.74 -35.75 -10.56
CA TYR C 439 5.69 -36.91 -9.61
C TYR C 439 6.38 -38.03 -10.35
N ASN C 440 7.59 -38.39 -9.91
CA ASN C 440 8.44 -39.28 -10.75
C ASN C 440 8.32 -40.74 -10.34
N GLY C 441 7.59 -41.06 -9.30
CA GLY C 441 7.37 -42.48 -8.98
C GLY C 441 8.63 -43.28 -8.58
N ARG C 442 8.69 -44.52 -9.09
CA ARG C 442 9.66 -45.48 -8.61
C ARG C 442 11.07 -45.02 -8.89
N LYS C 443 11.26 -44.24 -9.96
CA LYS C 443 12.62 -43.75 -10.25
C LYS C 443 13.31 -42.86 -9.20
N GLU C 444 12.60 -42.44 -8.17
CA GLU C 444 13.21 -41.62 -7.13
C GLU C 444 13.97 -42.42 -6.15
N ILE C 445 13.58 -43.72 -6.08
CA ILE C 445 14.06 -44.60 -5.02
C ILE C 445 15.41 -45.24 -5.48
N LYS C 446 16.45 -45.12 -4.65
CA LYS C 446 17.80 -45.56 -4.96
C LYS C 446 17.78 -47.07 -5.17
N GLY C 447 18.45 -47.50 -6.21
CA GLY C 447 18.48 -48.91 -6.57
C GLY C 447 17.37 -49.39 -7.52
N GLN C 448 16.47 -48.50 -7.94
CA GLN C 448 15.46 -48.87 -9.03
C GLN C 448 15.76 -48.41 -10.49
N ALA C 449 15.97 -47.08 -10.61
CA ALA C 449 15.83 -46.17 -11.83
C ALA C 449 16.10 -46.77 -13.18
N GLN D 12 1.43 -11.15 5.09
CA GLN D 12 1.52 -9.69 5.26
C GLN D 12 0.34 -9.11 6.08
N MET D 13 0.70 -8.29 7.06
CA MET D 13 -0.23 -7.44 7.84
C MET D 13 -0.53 -6.10 7.08
N GLY D 14 -1.79 -5.91 6.62
CA GLY D 14 -2.24 -4.59 6.06
C GLY D 14 -2.26 -3.41 7.07
N ARG D 15 -2.25 -2.14 6.55
CA ARG D 15 -2.32 -0.93 7.35
C ARG D 15 -3.57 -0.93 8.21
N GLY D 16 -4.68 -1.51 7.69
CA GLY D 16 -5.90 -1.71 8.47
C GLY D 16 -5.67 -2.18 9.91
N SER D 17 -4.78 -3.12 10.10
CA SER D 17 -4.42 -3.66 11.45
C SER D 17 -3.71 -2.71 12.36
N MET D 18 -3.17 -1.64 11.77
CA MET D 18 -2.40 -0.69 12.56
C MET D 18 -3.35 0.38 13.05
N SER D 19 -4.20 0.03 14.00
CA SER D 19 -5.20 0.96 14.55
C SER D 19 -4.88 1.55 15.97
N LYS D 20 -3.62 1.49 16.40
CA LYS D 20 -3.21 2.17 17.60
C LYS D 20 -3.29 3.72 17.39
N ILE D 21 -3.78 4.45 18.37
CA ILE D 21 -3.77 5.93 18.32
C ILE D 21 -2.31 6.41 18.43
N VAL D 22 -1.92 7.33 17.53
CA VAL D 22 -0.60 7.95 17.57
C VAL D 22 -0.62 9.42 17.91
N LYS D 23 -1.71 10.08 17.64
CA LYS D 23 -1.88 11.55 17.82
C LYS D 23 -3.36 11.91 17.95
N ILE D 24 -3.64 12.78 18.94
CA ILE D 24 -4.92 13.45 19.10
C ILE D 24 -4.71 15.00 19.19
N ILE D 25 -5.25 15.64 18.16
CA ILE D 25 -5.34 17.10 18.07
C ILE D 25 -6.73 17.58 18.43
N GLY D 26 -6.77 18.42 19.45
CA GLY D 26 -7.97 19.19 19.72
C GLY D 26 -7.84 20.65 19.27
N ARG D 27 -8.98 21.27 18.92
CA ARG D 27 -8.96 22.69 18.55
C ARG D 27 -10.32 23.29 18.82
N GLU D 28 -10.30 24.62 18.97
CA GLU D 28 -11.50 25.49 19.09
C GLU D 28 -11.99 25.94 17.69
N ILE D 29 -13.18 25.49 17.31
CA ILE D 29 -13.87 25.89 16.12
C ILE D 29 -15.12 26.60 16.53
N ILE D 30 -15.95 26.96 15.55
CA ILE D 30 -17.16 27.74 15.76
C ILE D 30 -18.40 26.98 15.37
N ASP D 31 -19.41 27.06 16.23
CA ASP D 31 -20.74 26.43 15.95
C ASP D 31 -21.69 27.38 15.19
N SER D 32 -22.96 26.99 14.97
CA SER D 32 -23.78 27.57 13.95
C SER D 32 -24.49 28.86 14.52
N ARG D 33 -24.22 29.16 15.80
CA ARG D 33 -24.64 30.44 16.43
C ARG D 33 -23.41 31.35 16.68
N GLY D 34 -22.23 30.93 16.30
CA GLY D 34 -21.01 31.75 16.44
C GLY D 34 -20.28 31.60 17.72
N ASN D 35 -20.58 30.52 18.43
CA ASN D 35 -19.93 30.18 19.73
C ASN D 35 -18.88 29.11 19.59
N PRO D 36 -17.79 29.18 20.35
CA PRO D 36 -16.81 28.15 20.25
C PRO D 36 -17.32 26.75 20.59
N THR D 37 -16.74 25.73 19.89
CA THR D 37 -16.88 24.34 20.31
C THR D 37 -15.57 23.60 20.07
N VAL D 38 -15.50 22.36 20.62
CA VAL D 38 -14.37 21.47 20.54
C VAL D 38 -14.50 20.58 19.28
N GLU D 39 -13.40 20.57 18.56
CA GLU D 39 -13.14 19.66 17.44
C GLU D 39 -11.95 18.77 17.84
N ALA D 40 -12.06 17.44 17.64
CA ALA D 40 -10.98 16.52 17.82
C ALA D 40 -10.64 15.78 16.50
N GLU D 41 -9.33 15.65 16.30
CA GLU D 41 -8.80 14.74 15.33
C GLU D 41 -8.07 13.63 16.00
N VAL D 42 -8.47 12.42 15.66
CA VAL D 42 -7.75 11.16 16.10
C VAL D 42 -6.98 10.53 14.92
N HIS D 43 -5.64 10.44 15.11
CA HIS D 43 -4.74 9.80 14.12
C HIS D 43 -4.24 8.43 14.59
N LEU D 44 -4.33 7.45 13.70
CA LEU D 44 -3.86 6.07 13.90
C LEU D 44 -2.54 5.78 13.20
N GLU D 45 -1.83 4.75 13.69
CA GLU D 45 -0.52 4.34 13.14
C GLU D 45 -0.55 4.07 11.64
N GLY D 46 -1.61 3.44 11.16
CA GLY D 46 -1.74 3.14 9.79
C GLY D 46 -2.06 4.27 8.88
N GLY D 47 -2.22 5.48 9.40
CA GLY D 47 -2.51 6.67 8.57
C GLY D 47 -3.93 7.11 8.64
N PHE D 48 -4.78 6.37 9.28
CA PHE D 48 -6.23 6.71 9.33
C PHE D 48 -6.52 7.93 10.23
N VAL D 49 -7.52 8.75 9.88
CA VAL D 49 -7.84 9.97 10.65
C VAL D 49 -9.37 10.08 10.71
N GLY D 50 -9.81 10.32 11.91
CA GLY D 50 -11.21 10.68 12.13
C GLY D 50 -11.25 12.05 12.82
N MET D 51 -12.28 12.80 12.46
CA MET D 51 -12.48 14.21 12.97
C MET D 51 -13.93 14.43 13.28
N ALA D 52 -14.15 14.98 14.46
CA ALA D 52 -15.50 15.28 14.91
C ALA D 52 -15.57 16.48 15.86
N ALA D 53 -16.77 17.03 15.99
CA ALA D 53 -17.07 18.23 16.77
C ALA D 53 -18.31 18.02 17.68
N ALA D 54 -18.17 18.58 18.87
CA ALA D 54 -19.17 18.53 19.89
C ALA D 54 -20.22 19.64 19.56
N PRO D 55 -21.51 19.26 19.45
CA PRO D 55 -22.57 20.27 19.46
C PRO D 55 -22.78 20.91 20.87
N SER D 56 -23.69 21.89 20.90
CA SER D 56 -24.02 22.70 22.10
C SER D 56 -25.48 23.10 22.15
N GLY D 57 -26.10 22.79 23.29
CA GLY D 57 -27.47 23.09 23.47
C GLY D 57 -27.63 24.57 23.96
N ALA D 58 -28.85 25.05 23.78
CA ALA D 58 -29.31 26.32 24.46
C ALA D 58 -30.24 25.92 25.63
N SER D 59 -31.34 25.24 25.31
CA SER D 59 -32.22 24.71 26.38
C SER D 59 -31.65 23.38 27.01
N THR D 60 -30.67 23.50 27.91
CA THR D 60 -29.91 22.34 28.40
C THR D 60 -30.59 21.84 29.72
N GLY D 61 -30.84 20.53 29.86
CA GLY D 61 -31.44 19.99 31.11
C GLY D 61 -30.46 20.19 32.27
N SER D 62 -30.96 20.33 33.53
CA SER D 62 -30.04 20.56 34.67
C SER D 62 -29.05 19.37 34.88
N ARG D 63 -29.40 18.19 34.38
CA ARG D 63 -28.64 16.94 34.67
C ARG D 63 -27.84 16.45 33.47
N GLU D 64 -27.70 17.27 32.44
CA GLU D 64 -26.80 16.94 31.31
C GLU D 64 -25.40 16.85 31.84
N ALA D 65 -24.56 15.96 31.30
CA ALA D 65 -23.13 16.10 31.55
C ALA D 65 -22.69 17.57 31.25
N LEU D 66 -21.62 17.99 31.92
CA LEU D 66 -21.12 19.34 31.89
C LEU D 66 -20.44 19.72 30.58
N GLU D 67 -20.96 20.74 29.90
CA GLU D 67 -20.24 21.49 28.85
C GLU D 67 -19.21 22.45 29.46
N LEU D 68 -17.91 22.22 29.27
CA LEU D 68 -16.88 23.05 29.92
C LEU D 68 -16.45 24.28 29.06
N ARG D 69 -16.85 25.46 29.57
CA ARG D 69 -16.54 26.80 29.04
C ARG D 69 -15.57 27.56 29.93
N ASP D 70 -14.78 28.43 29.32
CA ASP D 70 -13.63 29.05 30.01
C ASP D 70 -13.96 30.14 31.05
N GLY D 71 -15.14 30.77 30.86
CA GLY D 71 -15.64 31.99 31.59
C GLY D 71 -14.83 33.27 31.46
N ASP D 72 -14.00 33.37 30.42
CA ASP D 72 -13.05 34.48 30.31
C ASP D 72 -13.71 35.54 29.46
N LYS D 73 -14.14 36.61 30.14
CA LYS D 73 -14.96 37.65 29.52
C LYS D 73 -14.31 38.32 28.32
N SER D 74 -12.98 38.33 28.28
CA SER D 74 -12.26 38.93 27.15
C SER D 74 -12.18 38.04 25.86
N ARG D 75 -12.76 36.82 25.85
CA ARG D 75 -12.80 35.95 24.63
C ARG D 75 -14.19 35.39 24.51
N PHE D 76 -14.84 35.69 23.37
CA PHE D 76 -16.16 35.14 23.01
C PHE D 76 -17.19 35.31 24.13
N LEU D 77 -17.09 36.42 24.84
CA LEU D 77 -18.04 36.72 25.91
C LEU D 77 -18.03 35.59 26.97
N GLY D 78 -16.87 35.04 27.29
CA GLY D 78 -16.79 33.99 28.28
C GLY D 78 -17.17 32.58 27.84
N LYS D 79 -17.40 32.33 26.56
CA LYS D 79 -17.78 30.97 26.01
C LYS D 79 -16.66 30.21 25.27
N GLY D 80 -15.42 30.62 25.50
CA GLY D 80 -14.29 29.92 24.97
C GLY D 80 -14.26 28.52 25.51
N VAL D 81 -13.58 27.68 24.75
CA VAL D 81 -13.44 26.28 25.13
C VAL D 81 -11.98 25.87 25.18
N THR D 82 -11.09 26.83 25.42
CA THR D 82 -9.70 26.49 25.52
C THR D 82 -9.38 25.47 26.63
N LYS D 83 -10.12 25.41 27.76
CA LYS D 83 -9.83 24.39 28.77
C LYS D 83 -10.23 23.00 28.28
N ALA D 84 -11.44 22.87 27.75
CA ALA D 84 -11.83 21.62 27.11
C ALA D 84 -10.79 21.17 26.02
N VAL D 85 -10.29 22.07 25.20
CA VAL D 85 -9.27 21.76 24.19
C VAL D 85 -7.93 21.37 24.80
N ALA D 86 -7.50 22.05 25.89
CA ALA D 86 -6.28 21.64 26.55
C ALA D 86 -6.34 20.18 27.11
N ALA D 87 -7.48 19.81 27.70
CA ALA D 87 -7.75 18.43 28.11
C ALA D 87 -7.54 17.38 26.95
N VAL D 88 -8.16 17.62 25.81
CA VAL D 88 -7.94 16.82 24.61
C VAL D 88 -6.47 16.67 24.25
N ASN D 89 -5.81 17.81 24.16
CA ASN D 89 -4.39 17.86 23.75
C ASN D 89 -3.40 17.30 24.74
N GLY D 90 -3.73 17.40 26.02
CA GLY D 90 -2.81 17.06 27.12
C GLY D 90 -3.16 15.70 27.73
N PRO D 91 -4.00 15.65 28.82
CA PRO D 91 -4.27 14.41 29.51
C PRO D 91 -5.04 13.32 28.73
N ILE D 92 -6.03 13.73 27.95
CA ILE D 92 -6.75 12.77 27.07
C ILE D 92 -5.82 12.11 26.03
N ALA D 93 -5.05 12.89 25.28
CA ALA D 93 -4.13 12.34 24.34
C ALA D 93 -3.06 11.43 25.00
N GLN D 94 -2.54 11.85 26.16
CA GLN D 94 -1.57 11.05 26.89
C GLN D 94 -2.12 9.65 27.22
N ALA D 95 -3.33 9.59 27.66
CA ALA D 95 -3.99 8.40 28.13
C ALA D 95 -4.38 7.46 26.97
N LEU D 96 -4.49 8.00 25.76
CA LEU D 96 -4.99 7.17 24.65
C LEU D 96 -3.97 6.76 23.62
N ILE D 97 -2.76 7.38 23.61
CA ILE D 97 -1.71 7.10 22.64
C ILE D 97 -1.32 5.60 22.94
N GLY D 98 -1.17 4.79 21.91
CA GLY D 98 -0.90 3.34 22.09
C GLY D 98 -2.18 2.47 22.15
N LYS D 99 -3.35 3.08 22.23
CA LYS D 99 -4.57 2.27 22.51
C LYS D 99 -5.25 2.01 21.20
N ASP D 100 -6.04 0.98 21.19
CA ASP D 100 -6.66 0.44 19.94
C ASP D 100 -7.98 1.11 19.71
N ALA D 101 -8.00 1.88 18.63
CA ALA D 101 -9.18 2.72 18.29
C ALA D 101 -10.41 1.88 17.96
N LYS D 102 -10.21 0.58 17.59
CA LYS D 102 -11.37 -0.23 17.17
C LYS D 102 -12.18 -0.66 18.39
N ASP D 103 -11.53 -0.61 19.57
CA ASP D 103 -12.16 -0.97 20.86
C ASP D 103 -12.83 0.29 21.46
N GLN D 104 -13.99 0.64 20.94
CA GLN D 104 -14.61 1.93 21.29
C GLN D 104 -14.94 1.96 22.78
N ALA D 105 -15.53 0.88 23.30
CA ALA D 105 -15.87 0.92 24.73
C ALA D 105 -14.64 1.14 25.60
N GLY D 106 -13.50 0.55 25.24
CA GLY D 106 -12.20 0.72 25.96
C GLY D 106 -11.67 2.17 25.97
N ILE D 107 -11.72 2.79 24.80
CA ILE D 107 -11.30 4.15 24.61
C ILE D 107 -12.19 5.03 25.47
N ASP D 108 -13.50 4.86 25.37
CA ASP D 108 -14.45 5.67 26.15
C ASP D 108 -14.22 5.45 27.64
N LYS D 109 -14.03 4.23 28.08
CA LYS D 109 -13.89 3.97 29.53
C LYS D 109 -12.56 4.63 30.02
N ILE D 110 -11.51 4.62 29.19
CA ILE D 110 -10.26 5.30 29.61
C ILE D 110 -10.53 6.76 29.93
N MET D 111 -11.29 7.44 29.04
CA MET D 111 -11.54 8.91 29.27
C MET D 111 -12.42 9.13 30.48
N ILE D 112 -13.50 8.37 30.53
CA ILE D 112 -14.48 8.47 31.60
C ILE D 112 -13.86 8.28 32.98
N ASP D 113 -12.98 7.29 33.18
CA ASP D 113 -12.32 7.05 34.48
C ASP D 113 -11.21 8.10 34.74
N LEU D 114 -10.51 8.57 33.70
CA LEU D 114 -9.40 9.54 33.91
C LEU D 114 -10.01 10.89 34.33
N ASP D 115 -11.12 11.21 33.67
CA ASP D 115 -11.92 12.30 34.18
C ASP D 115 -12.33 12.13 35.68
N GLY D 116 -12.84 10.98 36.03
CA GLY D 116 -13.08 10.64 37.45
C GLY D 116 -14.29 11.27 38.11
N THR D 117 -15.12 11.98 37.37
CA THR D 117 -16.31 12.58 37.92
C THR D 117 -17.57 12.04 37.25
N GLU D 118 -18.65 12.25 37.96
CA GLU D 118 -19.96 11.78 37.53
C GLU D 118 -20.42 12.43 36.21
N ASN D 119 -20.24 13.76 36.13
CA ASN D 119 -20.78 14.56 35.01
C ASN D 119 -19.77 15.03 34.03
N LYS D 120 -18.57 14.45 34.02
CA LYS D 120 -17.51 14.86 33.13
C LYS D 120 -17.10 16.36 33.32
N SER D 121 -17.08 16.78 34.60
CA SER D 121 -16.82 18.15 34.89
C SER D 121 -15.35 18.48 34.99
N LYS D 122 -14.42 17.52 34.99
CA LYS D 122 -12.99 17.93 34.98
C LYS D 122 -12.50 18.26 33.53
N PHE D 123 -12.87 17.44 32.55
CA PHE D 123 -12.44 17.64 31.17
C PHE D 123 -13.53 18.25 30.34
N GLY D 124 -14.78 18.04 30.71
CA GLY D 124 -15.88 18.52 29.92
C GLY D 124 -16.41 17.41 29.08
N ALA D 125 -17.71 17.28 29.02
CA ALA D 125 -18.35 16.31 28.12
C ALA D 125 -18.05 16.61 26.68
N ASN D 126 -17.78 17.87 26.42
CA ASN D 126 -17.52 18.32 25.10
C ASN D 126 -16.15 17.86 24.58
N ALA D 127 -15.15 17.85 25.47
CA ALA D 127 -13.86 17.33 25.21
C ALA D 127 -13.95 15.81 25.01
N ILE D 128 -14.64 15.05 25.91
CA ILE D 128 -14.70 13.59 25.83
C ILE D 128 -15.51 13.18 24.54
N LEU D 129 -16.57 13.85 24.26
CA LEU D 129 -17.42 13.44 23.10
C LEU D 129 -16.65 13.67 21.78
N ALA D 130 -16.00 14.84 21.67
CA ALA D 130 -15.28 15.12 20.45
C ALA D 130 -14.29 13.96 20.17
N VAL D 131 -13.56 13.50 21.18
CA VAL D 131 -12.61 12.44 21.01
C VAL D 131 -13.28 11.09 20.75
N SER D 132 -14.35 10.82 21.48
CA SER D 132 -15.12 9.64 21.35
C SER D 132 -15.57 9.41 19.86
N LEU D 133 -16.14 10.41 19.28
CA LEU D 133 -16.69 10.38 17.89
C LEU D 133 -15.57 10.40 16.84
N ALA D 134 -14.48 11.13 17.11
CA ALA D 134 -13.36 11.16 16.17
C ALA D 134 -12.68 9.80 16.11
N ASN D 135 -12.56 9.17 17.29
CA ASN D 135 -12.10 7.80 17.41
C ASN D 135 -12.90 6.80 16.57
N ALA D 136 -14.20 6.89 16.61
CA ALA D 136 -15.07 5.96 15.98
C ALA D 136 -14.90 6.08 14.48
N LYS D 137 -14.75 7.32 14.06
CA LYS D 137 -14.59 7.56 12.60
C LYS D 137 -13.27 7.07 12.12
N ALA D 138 -12.18 7.24 12.93
CA ALA D 138 -10.88 6.71 12.57
C ALA D 138 -10.84 5.15 12.50
N ALA D 139 -11.49 4.50 13.48
CA ALA D 139 -11.63 3.08 13.58
C ALA D 139 -12.46 2.59 12.33
N ALA D 140 -13.49 3.32 11.93
CA ALA D 140 -14.30 2.87 10.76
C ALA D 140 -13.44 2.86 9.50
N ALA D 141 -12.59 3.86 9.41
CA ALA D 141 -11.66 3.97 8.24
C ALA D 141 -10.65 2.79 8.29
N ALA D 142 -10.15 2.47 9.50
CA ALA D 142 -9.22 1.40 9.72
C ALA D 142 -9.81 0.04 9.35
N LYS D 143 -11.13 -0.12 9.56
CA LYS D 143 -11.89 -1.30 9.19
C LYS D 143 -12.38 -1.35 7.78
N GLY D 144 -12.19 -0.28 7.02
CA GLY D 144 -12.46 -0.23 5.61
C GLY D 144 -13.95 -0.15 5.43
N MET D 145 -14.63 0.60 6.31
CA MET D 145 -16.08 0.71 6.19
C MET D 145 -16.60 2.11 6.47
N PRO D 146 -17.81 2.43 5.96
CA PRO D 146 -18.43 3.73 6.32
C PRO D 146 -18.78 3.77 7.80
N LEU D 147 -18.93 4.97 8.39
CA LEU D 147 -19.18 5.08 9.83
C LEU D 147 -20.52 4.43 10.16
N TYR D 148 -21.56 4.47 9.33
CA TYR D 148 -22.79 3.78 9.77
C TYR D 148 -22.62 2.25 9.87
N GLU D 149 -21.75 1.66 9.02
CA GLU D 149 -21.55 0.17 9.05
C GLU D 149 -20.77 -0.15 10.37
N HIS D 150 -19.81 0.66 10.74
CA HIS D 150 -19.07 0.52 12.00
C HIS D 150 -19.92 0.66 13.19
N ILE D 151 -20.73 1.68 13.19
CA ILE D 151 -21.70 1.89 14.23
C ILE D 151 -22.64 0.72 14.41
N ALA D 152 -23.26 0.17 13.36
CA ALA D 152 -24.06 -1.03 13.58
C ALA D 152 -23.24 -2.19 14.30
N GLU D 153 -21.95 -2.35 13.94
CA GLU D 153 -21.09 -3.30 14.62
C GLU D 153 -20.88 -2.89 16.09
N LEU D 154 -20.60 -1.60 16.35
CA LEU D 154 -20.34 -1.20 17.76
C LEU D 154 -21.64 -1.36 18.60
N ASN D 155 -22.77 -1.35 17.89
CA ASN D 155 -24.10 -1.40 18.48
C ASN D 155 -24.59 -2.77 18.81
N GLY D 156 -23.86 -3.77 18.37
CA GLY D 156 -24.32 -5.12 18.50
C GLY D 156 -25.39 -5.51 17.51
N THR D 157 -25.50 -4.87 16.36
CA THR D 157 -26.63 -5.18 15.39
C THR D 157 -25.99 -5.11 13.97
N PRO D 158 -25.05 -6.02 13.66
CA PRO D 158 -24.27 -5.90 12.45
C PRO D 158 -25.15 -6.07 11.24
N GLY D 159 -24.91 -5.25 10.20
CA GLY D 159 -25.62 -5.33 8.93
C GLY D 159 -27.09 -4.95 8.98
N LYS D 160 -27.57 -4.44 10.13
CA LYS D 160 -29.01 -4.07 10.31
C LYS D 160 -29.13 -2.52 10.29
N TYR D 161 -29.81 -2.02 9.27
CA TYR D 161 -29.94 -0.58 9.06
C TYR D 161 -31.36 -0.16 8.78
N SER D 162 -31.65 1.14 8.95
CA SER D 162 -32.90 1.72 8.47
C SER D 162 -32.67 3.23 8.25
N MET D 163 -33.45 3.74 7.34
CA MET D 163 -33.46 5.20 7.06
C MET D 163 -34.47 5.84 8.01
N PRO D 164 -34.02 6.81 8.83
CA PRO D 164 -35.01 7.30 9.84
C PRO D 164 -36.08 8.24 9.27
N VAL D 165 -37.26 8.22 9.95
CA VAL D 165 -38.35 9.13 9.70
C VAL D 165 -38.01 10.46 10.41
N PRO D 166 -37.78 11.51 9.61
CA PRO D 166 -37.45 12.79 10.17
C PRO D 166 -38.68 13.61 10.70
N MET D 167 -38.49 14.18 11.87
CA MET D 167 -39.34 15.20 12.38
C MET D 167 -38.63 16.55 12.21
N MET D 168 -39.24 17.38 11.35
CA MET D 168 -38.67 18.64 10.86
C MET D 168 -39.33 19.93 11.42
N ASN D 169 -38.50 20.73 12.17
CA ASN D 169 -38.88 21.87 12.99
C ASN D 169 -38.98 23.18 12.19
N ILE D 170 -40.15 23.32 11.54
CA ILE D 170 -40.41 24.41 10.55
C ILE D 170 -41.03 25.71 11.13
N ILE D 171 -41.50 25.70 12.37
CA ILE D 171 -41.61 26.92 13.21
C ILE D 171 -40.81 26.79 14.49
N ASN D 172 -39.82 27.67 14.70
CA ASN D 172 -39.00 27.69 15.96
C ASN D 172 -39.56 28.64 16.97
N GLY D 173 -39.50 28.25 18.26
CA GLY D 173 -39.79 29.14 19.42
C GLY D 173 -38.84 28.98 20.61
N GLY D 174 -39.36 29.33 21.80
CA GLY D 174 -38.63 29.11 23.04
C GLY D 174 -37.27 29.78 23.04
N GLU D 175 -36.24 29.10 23.56
CA GLU D 175 -34.89 29.68 23.67
C GLU D 175 -34.13 29.71 22.30
N HIS D 176 -34.83 29.29 21.24
CA HIS D 176 -34.25 29.18 19.88
C HIS D 176 -34.60 30.36 18.99
N ALA D 177 -35.36 31.30 19.51
CA ALA D 177 -35.91 32.31 18.60
C ALA D 177 -36.35 33.51 19.43
N ASP D 178 -36.35 34.66 18.74
CA ASP D 178 -36.69 36.00 19.22
C ASP D 178 -38.08 36.28 18.67
N ASN D 179 -39.06 35.70 19.34
CA ASN D 179 -40.47 35.80 18.95
C ASN D 179 -41.32 35.50 20.21
N ASN D 180 -42.65 35.41 20.02
CA ASN D 180 -43.63 35.33 21.13
C ASN D 180 -44.17 33.90 21.32
N VAL D 181 -43.47 32.90 20.78
CA VAL D 181 -43.91 31.48 20.85
C VAL D 181 -43.18 30.75 22.01
N ASP D 182 -43.98 30.10 22.86
CA ASP D 182 -43.45 29.42 24.10
C ASP D 182 -42.87 27.99 23.77
N ILE D 183 -43.67 27.24 22.99
CA ILE D 183 -43.38 25.89 22.45
C ILE D 183 -42.09 25.98 21.59
N GLN D 184 -41.12 25.14 21.94
CA GLN D 184 -39.81 25.25 21.35
C GLN D 184 -39.84 24.89 19.83
N GLU D 185 -40.70 23.95 19.42
CA GLU D 185 -40.65 23.29 18.08
C GLU D 185 -42.01 22.76 17.67
N PHE D 186 -42.35 23.02 16.42
CA PHE D 186 -43.55 22.46 15.74
C PHE D 186 -43.01 21.78 14.49
N MET D 187 -43.23 20.44 14.36
CA MET D 187 -42.53 19.61 13.38
C MET D 187 -43.47 18.94 12.41
N ILE D 188 -43.07 18.89 11.15
CA ILE D 188 -43.69 17.93 10.23
C ILE D 188 -42.86 16.57 10.15
N GLN D 189 -43.55 15.47 9.90
CA GLN D 189 -42.97 14.10 9.72
C GLN D 189 -43.63 13.55 8.47
N PRO D 190 -42.89 13.40 7.34
CA PRO D 190 -43.34 12.80 6.04
C PRO D 190 -43.36 11.23 6.03
N VAL D 191 -44.33 10.74 6.77
CA VAL D 191 -44.62 9.36 6.89
C VAL D 191 -45.13 8.73 5.60
N GLY D 192 -45.72 9.47 4.73
CA GLY D 192 -46.20 8.88 3.44
C GLY D 192 -45.07 8.69 2.42
N ALA D 193 -43.86 9.19 2.71
CA ALA D 193 -42.75 8.90 1.81
C ALA D 193 -42.31 7.40 1.83
N LYS D 194 -41.81 6.93 0.68
CA LYS D 194 -41.30 5.55 0.51
C LYS D 194 -39.78 5.52 0.75
N THR D 195 -39.08 6.67 0.66
CA THR D 195 -37.64 6.75 0.86
C THR D 195 -37.31 7.99 1.69
N VAL D 196 -36.16 8.06 2.35
CA VAL D 196 -35.78 9.28 2.99
C VAL D 196 -35.57 10.43 2.01
N LYS D 197 -35.09 10.16 0.81
CA LYS D 197 -34.94 11.27 -0.18
C LYS D 197 -36.28 11.92 -0.57
N GLU D 198 -37.31 11.09 -0.74
CA GLU D 198 -38.67 11.62 -0.93
C GLU D 198 -39.09 12.35 0.34
N ALA D 199 -38.87 11.83 1.53
CA ALA D 199 -39.20 12.57 2.77
C ALA D 199 -38.60 13.97 2.80
N ILE D 200 -37.31 14.04 2.46
CA ILE D 200 -36.63 15.32 2.46
C ILE D 200 -37.19 16.31 1.43
N ARG D 201 -37.48 15.82 0.22
CA ARG D 201 -38.20 16.60 -0.77
C ARG D 201 -39.56 17.11 -0.27
N MET D 202 -40.37 16.23 0.32
CA MET D 202 -41.65 16.68 0.92
C MET D 202 -41.52 17.77 1.92
N GLY D 203 -40.57 17.59 2.82
CA GLY D 203 -40.21 18.59 3.73
C GLY D 203 -39.81 19.93 3.15
N SER D 204 -38.92 19.91 2.17
CA SER D 204 -38.56 21.14 1.46
C SER D 204 -39.79 21.77 0.84
N GLU D 205 -40.60 20.98 0.16
CA GLU D 205 -41.81 21.54 -0.47
C GLU D 205 -42.81 22.27 0.57
N VAL D 206 -43.11 21.59 1.67
CA VAL D 206 -43.94 22.14 2.74
C VAL D 206 -43.28 23.38 3.37
N PHE D 207 -41.98 23.34 3.65
CA PHE D 207 -41.32 24.52 4.19
C PHE D 207 -41.36 25.73 3.24
N HIS D 208 -41.30 25.47 1.93
CA HIS D 208 -41.40 26.55 0.96
C HIS D 208 -42.80 27.06 0.87
N HIS D 209 -43.84 26.19 0.80
CA HIS D 209 -45.17 26.72 0.94
C HIS D 209 -45.49 27.46 2.25
N LEU D 210 -44.88 27.06 3.36
CA LEU D 210 -45.08 27.76 4.60
C LEU D 210 -44.58 29.18 4.52
N ALA D 211 -43.49 29.43 3.80
CA ALA D 211 -43.06 30.84 3.66
C ALA D 211 -44.09 31.71 2.90
N LYS D 212 -44.73 31.21 1.81
CA LYS D 212 -45.77 31.96 1.12
C LYS D 212 -46.99 32.16 2.04
N VAL D 213 -47.38 31.13 2.76
CA VAL D 213 -48.47 31.27 3.76
C VAL D 213 -48.16 32.37 4.77
N LEU D 214 -46.97 32.37 5.36
CA LEU D 214 -46.58 33.42 6.26
C LEU D 214 -46.50 34.89 5.71
N LYS D 215 -46.03 35.02 4.45
CA LYS D 215 -46.01 36.32 3.71
C LYS D 215 -47.42 36.89 3.51
N ALA D 216 -48.32 36.06 2.95
CA ALA D 216 -49.72 36.51 2.76
C ALA D 216 -50.46 36.87 4.06
N LYS D 217 -49.89 36.57 5.20
CA LYS D 217 -50.38 37.08 6.48
C LYS D 217 -49.55 38.22 7.04
N GLY D 218 -48.57 38.71 6.29
CA GLY D 218 -47.57 39.66 6.81
C GLY D 218 -46.70 39.18 7.97
N MET D 219 -46.47 37.87 8.08
CA MET D 219 -45.60 37.38 9.14
C MET D 219 -44.13 37.24 8.67
N ASN D 220 -43.22 37.38 9.64
CA ASN D 220 -41.80 37.32 9.35
C ASN D 220 -41.32 35.88 8.96
N THR D 221 -40.45 35.78 7.93
CA THR D 221 -39.88 34.55 7.40
C THR D 221 -38.39 34.47 7.59
N ALA D 222 -37.74 35.39 8.34
CA ALA D 222 -36.42 35.18 8.86
C ALA D 222 -36.49 33.90 9.69
N VAL D 223 -35.34 33.25 9.96
CA VAL D 223 -35.35 31.92 10.64
C VAL D 223 -34.64 31.94 11.98
N GLY D 224 -35.05 31.00 12.83
CA GLY D 224 -34.43 30.82 14.15
C GLY D 224 -33.25 29.90 14.12
N ASP D 225 -32.76 29.48 15.28
CA ASP D 225 -31.51 28.70 15.39
C ASP D 225 -31.54 27.39 14.61
N GLU D 226 -32.73 26.82 14.45
CA GLU D 226 -32.85 25.52 13.80
C GLU D 226 -33.34 25.62 12.40
N GLY D 227 -33.40 26.82 11.80
CA GLY D 227 -33.78 27.00 10.38
C GLY D 227 -35.27 27.05 10.09
N GLY D 228 -36.06 27.09 11.17
CA GLY D 228 -37.44 27.21 11.01
C GLY D 228 -37.81 28.71 11.14
N TYR D 229 -38.99 29.02 10.67
CA TYR D 229 -39.42 30.46 10.68
C TYR D 229 -39.75 30.85 12.12
N ALA D 230 -39.49 32.13 12.46
CA ALA D 230 -39.55 32.69 13.83
C ALA D 230 -40.51 33.96 13.89
N PRO D 231 -41.75 33.81 13.36
CA PRO D 231 -42.80 34.79 13.43
C PRO D 231 -43.39 34.93 14.84
N ASN D 232 -43.88 36.12 15.16
CA ASN D 232 -44.88 36.26 16.21
C ASN D 232 -46.25 35.78 15.62
N LEU D 233 -47.04 35.14 16.48
CA LEU D 233 -48.28 34.46 16.10
C LEU D 233 -49.30 34.72 17.18
N GLY D 234 -50.56 34.50 16.83
CA GLY D 234 -51.73 34.74 17.73
C GLY D 234 -51.68 33.95 19.01
N SER D 235 -51.30 32.71 18.85
CA SER D 235 -51.20 31.76 19.97
C SER D 235 -50.20 30.67 19.62
N ASN D 236 -49.80 29.89 20.64
CA ASN D 236 -48.98 28.73 20.40
C ASN D 236 -49.68 27.86 19.36
N ALA D 237 -50.96 27.55 19.53
CA ALA D 237 -51.80 26.82 18.54
C ALA D 237 -51.90 27.24 17.06
N GLU D 238 -51.62 28.50 16.78
CA GLU D 238 -51.74 29.02 15.40
C GLU D 238 -50.54 28.44 14.59
N ALA D 239 -49.42 28.16 15.27
CA ALA D 239 -48.30 27.43 14.62
C ALA D 239 -48.79 26.18 13.88
N LEU D 240 -49.72 25.42 14.50
CA LEU D 240 -50.34 24.22 13.86
C LEU D 240 -51.19 24.54 12.67
N ALA D 241 -52.01 25.57 12.80
CA ALA D 241 -52.94 26.00 11.73
C ALA D 241 -52.20 26.46 10.46
N VAL D 242 -51.16 27.27 10.68
CA VAL D 242 -50.34 27.66 9.47
C VAL D 242 -49.54 26.51 8.84
N ILE D 243 -48.99 25.63 9.68
CA ILE D 243 -48.35 24.38 9.15
C ILE D 243 -49.38 23.66 8.36
N ALA D 244 -50.55 23.41 8.95
CA ALA D 244 -51.58 22.80 8.20
C ALA D 244 -51.92 23.37 6.81
N GLU D 245 -52.06 24.70 6.71
CA GLU D 245 -52.33 25.36 5.42
C GLU D 245 -51.19 25.07 4.38
N ALA D 246 -49.96 25.21 4.87
CA ALA D 246 -48.74 24.94 4.06
C ALA D 246 -48.74 23.47 3.54
N VAL D 247 -49.10 22.50 4.40
CA VAL D 247 -49.21 21.10 3.93
C VAL D 247 -50.23 20.98 2.78
N LYS D 248 -51.41 21.62 2.92
CA LYS D 248 -52.45 21.48 1.89
C LYS D 248 -52.01 22.17 0.61
N ALA D 249 -51.44 23.33 0.79
CA ALA D 249 -50.89 24.12 -0.32
C ALA D 249 -49.80 23.36 -1.02
N ALA D 250 -48.96 22.63 -0.27
CA ALA D 250 -47.99 21.71 -0.94
C ALA D 250 -48.61 20.49 -1.69
N GLY D 251 -49.90 20.20 -1.62
CA GLY D 251 -50.46 19.09 -2.38
C GLY D 251 -50.49 17.78 -1.57
N TYR D 252 -50.26 17.84 -0.25
CA TYR D 252 -50.15 16.67 0.60
C TYR D 252 -51.40 16.64 1.54
N GLU D 253 -51.77 15.47 2.02
CA GLU D 253 -52.87 15.37 2.97
C GLU D 253 -52.28 15.24 4.38
N LEU D 254 -52.68 16.08 5.32
CA LEU D 254 -52.29 15.92 6.70
C LEU D 254 -52.90 14.60 7.19
N GLY D 255 -52.16 13.89 8.06
CA GLY D 255 -52.50 12.50 8.48
C GLY D 255 -51.89 11.38 7.63
N LYS D 256 -52.36 11.26 6.40
CA LYS D 256 -51.91 10.22 5.50
C LYS D 256 -50.46 10.48 4.97
N ASP D 257 -50.13 11.72 4.59
CA ASP D 257 -48.80 12.01 4.02
C ASP D 257 -47.86 12.58 5.05
N ILE D 258 -48.38 13.41 5.96
CA ILE D 258 -47.59 14.18 6.89
C ILE D 258 -48.31 14.20 8.22
N THR D 259 -47.57 14.08 9.30
CA THR D 259 -48.10 14.05 10.66
C THR D 259 -47.34 15.14 11.38
N LEU D 260 -47.77 15.46 12.60
CA LEU D 260 -47.15 16.51 13.31
C LEU D 260 -46.55 16.08 14.56
N ALA D 261 -45.57 16.85 15.00
CA ALA D 261 -44.90 16.60 16.22
C ALA D 261 -44.57 17.88 16.91
N MET D 262 -44.48 17.86 18.26
CA MET D 262 -44.07 19.10 19.00
C MET D 262 -43.03 18.79 20.00
N ASP D 263 -42.13 19.72 20.23
CA ASP D 263 -41.20 19.74 21.44
C ASP D 263 -41.54 20.96 22.32
N CYS D 264 -42.20 20.73 23.45
CA CYS D 264 -42.60 21.85 24.31
C CYS D 264 -41.40 22.49 24.98
N ALA D 265 -40.35 21.75 25.30
CA ALA D 265 -39.21 22.26 26.18
C ALA D 265 -39.76 22.95 27.43
N ALA D 266 -40.79 22.33 27.99
CA ALA D 266 -41.55 22.91 29.05
C ALA D 266 -40.74 23.24 30.32
N SER D 267 -39.57 22.65 30.50
CA SER D 267 -38.60 22.94 31.57
C SER D 267 -38.12 24.41 31.57
N GLU D 268 -38.20 25.02 30.39
CA GLU D 268 -37.83 26.45 30.10
C GLU D 268 -38.91 27.47 30.44
N PHE D 269 -40.18 27.00 30.62
CA PHE D 269 -41.26 27.86 31.13
C PHE D 269 -41.97 27.33 32.40
N TYR D 270 -41.20 26.63 33.22
CA TYR D 270 -41.65 26.13 34.49
C TYR D 270 -41.20 27.13 35.52
N LYS D 271 -42.15 27.85 36.07
CA LYS D 271 -41.85 28.87 37.07
C LYS D 271 -42.67 28.52 38.34
N ASP D 272 -41.94 28.47 39.45
CA ASP D 272 -42.46 28.02 40.74
C ASP D 272 -43.80 27.23 40.67
N GLY D 273 -43.69 25.97 40.30
CA GLY D 273 -44.83 25.06 40.36
C GLY D 273 -45.87 25.20 39.25
N LYS D 274 -45.65 26.11 38.29
CA LYS D 274 -46.55 26.25 37.16
C LYS D 274 -45.82 26.39 35.82
N TYR D 275 -46.59 25.98 34.81
CA TYR D 275 -46.27 26.11 33.38
C TYR D 275 -46.88 27.42 32.95
N VAL D 276 -46.02 28.38 32.63
CA VAL D 276 -46.35 29.84 32.35
C VAL D 276 -46.03 30.15 30.86
N LEU D 277 -47.05 30.03 30.00
CA LEU D 277 -46.88 30.36 28.59
C LEU D 277 -46.71 31.90 28.42
N ALA D 278 -45.43 32.36 28.40
CA ALA D 278 -45.08 33.82 28.42
C ALA D 278 -45.67 34.76 27.28
N GLY D 279 -45.93 34.25 26.06
CA GLY D 279 -46.51 35.03 24.93
C GLY D 279 -48.02 34.84 24.70
N GLU D 280 -48.73 34.33 25.71
CA GLU D 280 -50.21 34.45 25.90
C GLU D 280 -50.52 35.22 27.24
N GLY D 281 -49.43 35.78 27.76
CA GLY D 281 -49.41 36.78 28.79
C GLY D 281 -49.14 36.24 30.16
N ASN D 282 -48.24 35.30 30.27
CA ASN D 282 -48.15 34.52 31.51
C ASN D 282 -49.53 33.87 31.82
N LYS D 283 -50.09 33.22 30.79
CA LYS D 283 -51.14 32.21 30.95
C LYS D 283 -50.54 30.93 31.66
N ALA D 284 -51.12 30.57 32.83
CA ALA D 284 -50.52 29.60 33.75
C ALA D 284 -51.33 28.29 33.90
N PHE D 285 -50.58 27.18 33.86
CA PHE D 285 -51.14 25.89 34.14
C PHE D 285 -50.29 25.07 35.16
N THR D 286 -51.10 24.28 35.89
CA THR D 286 -50.67 23.11 36.65
C THR D 286 -50.33 21.96 35.63
N SER D 287 -49.72 20.90 36.19
CA SER D 287 -49.30 19.68 35.45
C SER D 287 -50.45 19.05 34.70
N GLU D 288 -51.53 18.71 35.40
CA GLU D 288 -52.68 18.13 34.73
C GLU D 288 -53.33 19.02 33.69
N GLU D 289 -53.28 20.34 33.96
CA GLU D 289 -53.98 21.30 33.10
C GLU D 289 -53.22 21.30 31.75
N PHE D 290 -51.89 21.42 31.87
CA PHE D 290 -51.02 21.49 30.63
C PHE D 290 -51.18 20.28 29.75
N THR D 291 -51.17 19.10 30.42
CA THR D 291 -51.50 17.82 29.83
C THR D 291 -52.83 17.85 29.04
N HIS D 292 -53.87 18.34 29.67
CA HIS D 292 -55.20 18.39 28.99
C HIS D 292 -55.22 19.34 27.79
N PHE D 293 -54.45 20.43 27.91
CA PHE D 293 -54.23 21.41 26.81
C PHE D 293 -53.55 20.66 25.64
N LEU D 294 -52.47 19.99 25.97
CA LEU D 294 -51.81 19.08 24.96
C LEU D 294 -52.77 18.08 24.37
N GLU D 295 -53.54 17.41 25.22
CA GLU D 295 -54.56 16.48 24.69
C GLU D 295 -55.51 17.09 23.68
N GLU D 296 -55.99 18.28 24.04
CA GLU D 296 -56.91 18.94 23.15
C GLU D 296 -56.27 19.24 21.75
N LEU D 297 -55.03 19.71 21.76
CA LEU D 297 -54.26 19.85 20.48
C LEU D 297 -54.27 18.55 19.69
N THR D 298 -54.04 17.38 20.35
CA THR D 298 -53.99 16.10 19.61
C THR D 298 -55.29 15.62 18.99
N LYS D 299 -56.46 16.12 19.41
CA LYS D 299 -57.76 15.73 18.71
C LYS D 299 -58.10 16.66 17.52
N GLN D 300 -57.66 17.92 17.64
CA GLN D 300 -57.85 18.90 16.52
C GLN D 300 -56.90 18.68 15.32
N TYR D 301 -55.71 18.12 15.61
CA TYR D 301 -54.60 17.96 14.61
C TYR D 301 -53.94 16.58 14.77
N PRO D 302 -53.37 15.98 13.69
CA PRO D 302 -52.63 14.73 13.87
C PRO D 302 -51.24 14.89 14.47
N ILE D 303 -51.21 15.34 15.71
CA ILE D 303 -50.00 15.40 16.48
C ILE D 303 -49.79 13.95 16.96
N VAL D 304 -48.73 13.28 16.50
CA VAL D 304 -48.45 11.88 16.91
C VAL D 304 -47.31 11.72 17.86
N SER D 305 -46.71 12.83 18.28
CA SER D 305 -45.52 12.83 19.12
C SER D 305 -45.39 14.15 19.86
N ILE D 306 -45.11 14.13 21.17
CA ILE D 306 -44.94 15.34 21.94
C ILE D 306 -43.75 15.11 22.83
N GLU D 307 -42.81 16.02 22.82
CA GLU D 307 -41.62 15.88 23.56
C GLU D 307 -41.59 16.84 24.71
N ASP D 308 -41.03 16.39 25.83
CA ASP D 308 -40.80 17.21 27.05
C ASP D 308 -42.02 18.03 27.37
N GLY D 309 -43.18 17.37 27.35
CA GLY D 309 -44.48 17.99 27.63
C GLY D 309 -44.69 18.43 29.07
N LEU D 310 -43.68 18.28 29.94
CA LEU D 310 -43.66 18.75 31.32
C LEU D 310 -42.24 18.93 31.81
N ASP D 311 -42.10 19.57 32.97
CA ASP D 311 -40.78 19.84 33.53
C ASP D 311 -39.91 18.55 33.71
N GLU D 312 -38.60 18.72 33.56
CA GLU D 312 -37.54 17.72 33.90
C GLU D 312 -37.63 17.14 35.34
N SER D 313 -38.09 17.95 36.31
CA SER D 313 -38.46 17.49 37.68
C SER D 313 -39.85 16.84 37.83
N ASP D 314 -40.74 16.94 36.84
CA ASP D 314 -42.20 16.67 37.07
C ASP D 314 -42.66 15.22 36.79
N TRP D 315 -42.15 14.30 37.62
CA TRP D 315 -42.38 12.83 37.44
C TRP D 315 -43.86 12.38 37.59
N ASP D 316 -44.57 12.82 38.64
CA ASP D 316 -46.00 12.47 38.83
C ASP D 316 -46.86 12.99 37.65
N GLY D 317 -46.55 14.20 37.20
CA GLY D 317 -47.26 14.74 36.02
C GLY D 317 -47.02 13.86 34.78
N PHE D 318 -45.75 13.53 34.62
CA PHE D 318 -45.39 12.69 33.46
C PHE D 318 -46.10 11.33 33.50
N ALA D 319 -46.15 10.77 34.72
CA ALA D 319 -47.01 9.60 34.98
C ALA D 319 -48.43 9.80 34.50
N TYR D 320 -49.01 10.93 34.91
CA TYR D 320 -50.37 11.27 34.47
C TYR D 320 -50.49 11.45 32.92
N GLN D 321 -49.55 12.21 32.35
CA GLN D 321 -49.54 12.38 30.86
C GLN D 321 -49.48 11.05 30.07
N THR D 322 -48.54 10.20 30.50
CA THR D 322 -48.38 8.85 29.88
C THR D 322 -49.66 8.02 30.01
N LYS D 323 -50.32 8.14 31.18
CA LYS D 323 -51.67 7.57 31.37
C LYS D 323 -52.68 8.11 30.34
N VAL D 324 -52.79 9.43 30.27
CA VAL D 324 -53.80 10.05 29.37
C VAL D 324 -53.53 9.87 27.86
N LEU D 325 -52.28 10.20 27.44
CA LEU D 325 -51.88 10.11 26.02
C LEU D 325 -51.02 8.86 25.55
N GLY D 326 -50.28 8.17 26.44
CA GLY D 326 -49.27 7.10 26.04
C GLY D 326 -49.69 6.06 25.03
N ASP D 327 -50.96 5.66 25.08
CA ASP D 327 -51.51 4.69 24.13
C ASP D 327 -51.60 5.11 22.71
N LYS D 328 -51.73 6.41 22.47
CA LYS D 328 -52.05 6.94 21.13
C LYS D 328 -50.95 7.85 20.48
N ILE D 329 -50.03 8.32 21.31
CA ILE D 329 -49.11 9.41 21.01
C ILE D 329 -47.74 8.99 21.52
N GLN D 330 -46.72 9.32 20.78
CA GLN D 330 -45.40 9.08 21.27
C GLN D 330 -45.04 10.20 22.21
N LEU D 331 -44.55 9.86 23.41
CA LEU D 331 -44.20 10.84 24.45
C LEU D 331 -42.76 10.77 24.68
N VAL D 332 -42.06 11.81 24.25
CA VAL D 332 -40.62 11.77 24.19
C VAL D 332 -39.96 12.50 25.34
N GLY D 333 -39.15 11.79 26.10
CA GLY D 333 -38.34 12.41 27.17
C GLY D 333 -37.03 12.90 26.62
N ASP D 334 -36.70 14.17 26.87
CA ASP D 334 -35.46 14.75 26.37
C ASP D 334 -34.71 15.25 27.61
N ASP D 335 -35.08 16.40 28.15
CA ASP D 335 -34.48 16.89 29.43
C ASP D 335 -34.93 15.99 30.59
N LEU D 336 -36.04 15.24 30.39
CA LEU D 336 -36.53 14.21 31.34
C LEU D 336 -35.48 13.07 31.55
N PHE D 337 -34.80 12.68 30.50
CA PHE D 337 -33.85 11.53 30.53
C PHE D 337 -32.34 11.86 30.36
N VAL D 338 -32.00 13.03 29.79
CA VAL D 338 -30.64 13.46 29.45
C VAL D 338 -29.72 12.36 28.92
N THR D 339 -30.30 11.54 28.03
CA THR D 339 -29.58 10.42 27.37
C THR D 339 -28.76 9.58 28.43
N ASN D 340 -29.38 9.37 29.60
CA ASN D 340 -28.67 8.84 30.80
C ASN D 340 -29.43 7.56 31.29
N THR D 341 -28.72 6.42 31.12
CA THR D 341 -29.22 5.09 31.57
C THR D 341 -29.77 5.10 32.99
N LYS D 342 -29.03 5.64 33.99
CA LYS D 342 -29.56 5.81 35.39
C LYS D 342 -30.96 6.41 35.46
N ILE D 343 -31.27 7.40 34.64
CA ILE D 343 -32.52 8.14 34.75
C ILE D 343 -33.58 7.40 33.90
N LEU D 344 -33.22 7.01 32.67
CA LEU D 344 -34.17 6.30 31.81
C LEU D 344 -34.69 5.00 32.48
N LYS D 345 -33.79 4.36 33.20
CA LYS D 345 -34.05 3.09 33.92
C LYS D 345 -35.14 3.35 34.98
N GLU D 346 -34.93 4.41 35.78
CA GLU D 346 -36.00 4.83 36.73
C GLU D 346 -37.30 5.14 35.95
N GLY D 347 -37.18 5.69 34.75
CA GLY D 347 -38.40 6.05 33.95
C GLY D 347 -39.19 4.90 33.48
N ILE D 348 -38.50 3.97 32.91
CA ILE D 348 -39.15 2.76 32.44
C ILE D 348 -39.85 2.05 33.62
N GLU D 349 -39.15 1.96 34.76
CA GLU D 349 -39.67 1.24 36.00
C GLU D 349 -41.02 1.83 36.38
N LYS D 350 -41.14 3.18 36.31
CA LYS D 350 -42.37 3.87 36.74
C LYS D 350 -43.38 4.19 35.67
N GLY D 351 -43.34 3.56 34.48
CA GLY D 351 -44.37 3.78 33.40
C GLY D 351 -44.41 5.23 32.82
N ILE D 352 -43.23 5.92 32.72
CA ILE D 352 -43.04 7.40 32.46
C ILE D 352 -42.56 7.49 30.99
N ALA D 353 -43.38 8.04 30.13
CA ALA D 353 -43.04 8.31 28.72
C ALA D 353 -42.97 7.04 27.93
N ASN D 354 -42.76 7.09 26.62
CA ASN D 354 -42.60 5.89 25.86
C ASN D 354 -41.59 6.09 24.69
N SER D 355 -40.68 7.08 24.84
CA SER D 355 -39.62 7.42 23.86
C SER D 355 -38.55 8.31 24.49
N ILE D 356 -37.33 8.33 23.93
CA ILE D 356 -36.26 9.08 24.51
C ILE D 356 -35.55 9.70 23.33
N LEU D 357 -35.22 10.97 23.53
CA LEU D 357 -34.44 11.75 22.57
C LEU D 357 -32.99 11.58 22.94
N ILE D 358 -32.24 11.17 21.93
CA ILE D 358 -30.86 10.78 22.10
C ILE D 358 -29.88 11.86 21.65
N LYS D 359 -29.15 12.38 22.62
CA LYS D 359 -28.16 13.33 22.36
C LYS D 359 -26.87 12.97 22.90
N PHE D 360 -25.93 12.72 21.99
CA PHE D 360 -24.66 12.29 22.53
C PHE D 360 -23.96 13.22 23.53
N ASN D 361 -24.13 14.53 23.40
CA ASN D 361 -23.36 15.40 24.26
C ASN D 361 -24.01 15.61 25.65
N GLN D 362 -25.26 15.13 25.80
CA GLN D 362 -25.92 15.07 27.11
C GLN D 362 -25.25 14.07 28.08
N ILE D 363 -24.60 13.02 27.52
CA ILE D 363 -23.93 12.03 28.37
C ILE D 363 -22.43 12.05 28.16
N GLY D 364 -21.99 12.26 26.93
CA GLY D 364 -20.58 12.57 26.67
C GLY D 364 -19.68 11.53 25.97
N SER D 365 -20.25 10.40 25.57
CA SER D 365 -19.46 9.37 24.86
C SER D 365 -20.37 8.57 23.92
N LEU D 366 -19.79 8.04 22.82
CA LEU D 366 -20.63 7.17 21.91
C LEU D 366 -21.06 5.88 22.69
N THR D 367 -20.18 5.35 23.52
CA THR D 367 -20.49 4.06 24.19
C THR D 367 -21.72 4.23 25.13
N GLU D 368 -21.74 5.31 25.93
CA GLU D 368 -22.92 5.64 26.80
C GLU D 368 -24.16 5.92 26.01
N THR D 369 -23.97 6.44 24.82
CA THR D 369 -25.09 6.71 23.94
C THR D 369 -25.71 5.45 23.42
N LEU D 370 -24.87 4.53 23.02
CA LEU D 370 -25.40 3.25 22.58
C LEU D 370 -26.16 2.51 23.73
N ALA D 371 -25.65 2.64 24.95
CA ALA D 371 -26.31 2.01 26.09
C ALA D 371 -27.70 2.52 26.34
N ALA D 372 -27.89 3.84 26.15
CA ALA D 372 -29.19 4.40 26.28
C ALA D 372 -30.11 3.88 25.24
N ILE D 373 -29.63 3.74 23.99
CA ILE D 373 -30.51 3.27 22.88
C ILE D 373 -30.97 1.82 23.17
N LYS D 374 -30.00 1.03 23.67
CA LYS D 374 -30.26 -0.39 23.99
C LYS D 374 -31.30 -0.48 25.10
N MET D 375 -31.05 0.18 26.21
CA MET D 375 -32.13 0.34 27.23
C MET D 375 -33.51 0.74 26.68
N ALA D 376 -33.57 1.69 25.77
CA ALA D 376 -34.85 2.07 25.26
C ALA D 376 -35.44 0.95 24.46
N LYS D 377 -34.74 0.47 23.43
CA LYS D 377 -35.28 -0.61 22.62
C LYS D 377 -35.65 -1.87 23.42
N ASP D 378 -34.88 -2.19 24.47
CA ASP D 378 -35.23 -3.37 25.32
C ASP D 378 -36.60 -3.23 26.05
N ALA D 379 -37.02 -2.01 26.36
CA ALA D 379 -38.29 -1.66 27.02
C ALA D 379 -39.41 -1.30 26.05
N GLY D 380 -39.20 -1.46 24.75
CA GLY D 380 -40.18 -1.11 23.71
C GLY D 380 -40.32 0.45 23.47
N TYR D 381 -39.42 1.27 24.02
CA TYR D 381 -39.47 2.77 23.86
C TYR D 381 -38.79 3.11 22.53
N THR D 382 -39.23 4.20 21.82
CA THR D 382 -38.57 4.59 20.57
C THR D 382 -37.37 5.48 20.85
N ALA D 383 -36.41 5.54 19.93
CA ALA D 383 -35.21 6.33 20.18
C ALA D 383 -35.18 7.25 18.97
N VAL D 384 -35.07 8.56 19.29
CA VAL D 384 -35.09 9.60 18.30
C VAL D 384 -33.73 10.24 18.40
N ILE D 385 -32.94 10.03 17.32
CA ILE D 385 -31.60 10.60 17.31
C ILE D 385 -31.76 12.09 17.04
N SER D 386 -31.07 12.89 17.84
CA SER D 386 -31.20 14.37 17.82
C SER D 386 -29.95 15.21 17.63
N HIS D 387 -30.19 16.33 16.90
CA HIS D 387 -29.30 17.46 16.91
C HIS D 387 -29.35 18.23 18.28
N ARG D 388 -28.39 19.14 18.45
CA ARG D 388 -28.58 20.27 19.36
C ARG D 388 -28.89 21.57 18.56
N SER D 389 -29.34 22.62 19.25
CA SER D 389 -29.65 23.87 18.52
C SER D 389 -28.33 24.56 18.08
N GLY D 390 -27.25 24.36 18.80
CA GLY D 390 -25.92 24.73 18.37
C GLY D 390 -25.21 23.56 17.68
N GLU D 391 -25.11 23.63 16.36
CA GLU D 391 -24.57 22.56 15.54
C GLU D 391 -23.35 22.97 14.83
N THR D 392 -22.70 21.98 14.18
CA THR D 392 -21.70 22.28 13.20
C THR D 392 -22.11 21.60 11.83
N GLU D 393 -21.15 21.66 10.90
CA GLU D 393 -21.25 21.03 9.59
C GLU D 393 -21.16 19.50 9.72
N ASP D 394 -20.70 19.03 10.89
CA ASP D 394 -20.61 17.56 11.23
C ASP D 394 -21.99 16.87 10.95
N ALA D 395 -22.01 15.62 10.44
CA ALA D 395 -23.28 14.90 10.10
C ALA D 395 -23.34 13.46 10.73
N THR D 396 -22.56 13.33 11.80
CA THR D 396 -22.42 12.15 12.55
C THR D 396 -23.74 11.58 12.96
N ILE D 397 -24.69 12.39 13.35
CA ILE D 397 -25.96 11.83 13.76
C ILE D 397 -26.70 11.15 12.69
N ALA D 398 -26.45 11.45 11.42
CA ALA D 398 -27.18 10.71 10.33
C ALA D 398 -26.63 9.27 10.34
N ASP D 399 -25.29 9.10 10.42
CA ASP D 399 -24.69 7.73 10.48
C ASP D 399 -25.16 6.98 11.74
N LEU D 400 -25.30 7.70 12.85
CA LEU D 400 -25.79 7.14 14.08
C LEU D 400 -27.20 6.59 14.01
N ALA D 401 -28.09 7.30 13.40
CA ALA D 401 -29.50 6.90 13.25
C ALA D 401 -29.65 5.72 12.35
N VAL D 402 -28.86 5.67 11.28
CA VAL D 402 -28.98 4.58 10.34
C VAL D 402 -28.39 3.27 10.93
N GLY D 403 -27.16 3.41 11.47
CA GLY D 403 -26.34 2.35 12.10
C GLY D 403 -26.97 1.78 13.35
N THR D 404 -27.86 2.54 14.00
CA THR D 404 -28.63 1.98 15.13
C THR D 404 -30.05 1.60 14.77
N ALA D 405 -30.42 1.75 13.50
CA ALA D 405 -31.77 1.55 12.99
C ALA D 405 -32.74 2.17 13.96
N ALA D 406 -32.36 3.39 14.43
CA ALA D 406 -33.18 4.12 15.44
C ALA D 406 -34.63 4.31 14.95
N GLY D 407 -34.80 4.59 13.67
CA GLY D 407 -36.09 4.69 13.06
C GLY D 407 -36.62 6.13 13.00
N GLN D 408 -36.04 7.05 13.76
CA GLN D 408 -36.43 8.51 13.76
C GLN D 408 -35.26 9.41 13.96
N ILE D 409 -35.35 10.62 13.41
CA ILE D 409 -34.29 11.60 13.66
C ILE D 409 -34.97 12.96 13.75
N LYS D 410 -34.35 13.83 14.56
CA LYS D 410 -34.75 15.25 14.75
C LYS D 410 -33.49 16.02 14.52
N THR D 411 -33.40 16.60 13.33
CA THR D 411 -32.20 17.37 12.94
C THR D 411 -32.52 18.72 12.25
N GLY D 412 -33.72 19.23 12.47
CA GLY D 412 -33.96 20.60 12.05
C GLY D 412 -34.90 20.80 10.92
N SER D 413 -35.08 22.06 10.64
CA SER D 413 -35.82 22.47 9.46
C SER D 413 -35.01 22.16 8.20
N MET D 414 -35.64 22.39 7.06
CA MET D 414 -35.02 22.33 5.75
C MET D 414 -34.29 23.65 5.29
N SER D 415 -33.60 24.36 6.19
CA SER D 415 -32.72 25.44 5.85
C SER D 415 -31.68 25.50 6.91
N ARG D 416 -30.54 26.12 6.59
CA ARG D 416 -29.32 26.16 7.36
C ARG D 416 -28.58 24.79 7.16
N SER D 417 -27.33 24.88 6.66
CA SER D 417 -26.54 23.67 6.46
C SER D 417 -26.18 23.00 7.77
N ASP D 418 -26.19 23.70 8.92
CA ASP D 418 -26.12 23.03 10.21
C ASP D 418 -27.23 21.99 10.40
N ARG D 419 -28.37 22.14 9.73
CA ARG D 419 -29.38 21.12 9.61
C ARG D 419 -29.28 20.24 8.32
N VAL D 420 -29.13 20.85 7.18
CA VAL D 420 -29.34 20.19 5.88
C VAL D 420 -28.13 19.22 5.57
N ALA D 421 -26.98 19.47 6.19
CA ALA D 421 -25.83 18.60 6.04
C ALA D 421 -26.20 17.24 6.56
N LYS D 422 -27.07 17.15 7.59
CA LYS D 422 -27.52 15.89 8.03
C LYS D 422 -28.44 15.25 7.02
N TYR D 423 -29.34 15.94 6.45
CA TYR D 423 -30.24 15.36 5.41
C TYR D 423 -29.48 14.97 4.18
N ASN D 424 -28.45 15.70 3.79
CA ASN D 424 -27.62 15.34 2.63
C ASN D 424 -26.86 14.04 2.91
N GLN D 425 -26.33 13.87 4.14
CA GLN D 425 -25.74 12.57 4.50
C GLN D 425 -26.74 11.43 4.48
N LEU D 426 -27.96 11.65 4.96
CA LEU D 426 -28.99 10.67 4.79
C LEU D 426 -29.23 10.30 3.34
N ILE D 427 -29.23 11.25 2.49
CA ILE D 427 -29.48 10.98 1.03
C ILE D 427 -28.31 10.05 0.52
N ARG D 428 -27.06 10.38 0.88
CA ARG D 428 -25.90 9.61 0.43
C ARG D 428 -25.90 8.17 0.93
N ILE D 429 -26.25 8.01 2.19
CA ILE D 429 -26.34 6.71 2.81
C ILE D 429 -27.45 5.89 2.16
N GLU D 430 -28.63 6.43 1.93
CA GLU D 430 -29.69 5.67 1.28
C GLU D 430 -29.33 5.34 -0.14
N GLU D 431 -28.59 6.21 -0.80
CA GLU D 431 -28.17 5.89 -2.20
C GLU D 431 -27.24 4.63 -2.22
N ALA D 432 -26.28 4.57 -1.26
CA ALA D 432 -25.38 3.41 -0.99
C ALA D 432 -26.13 2.15 -0.57
N LEU D 433 -27.02 2.18 0.40
CA LEU D 433 -27.66 1.03 0.97
C LEU D 433 -28.88 0.54 0.22
N GLY D 434 -29.59 1.38 -0.47
CA GLY D 434 -30.81 0.90 -1.17
C GLY D 434 -31.82 0.22 -0.24
N GLU D 435 -32.32 -0.91 -0.71
CA GLU D 435 -33.24 -1.74 0.06
C GLU D 435 -32.69 -2.33 1.36
N LYS D 436 -31.38 -2.26 1.59
CA LYS D 436 -30.80 -2.67 2.89
C LYS D 436 -31.06 -1.68 3.99
N ALA D 437 -31.54 -0.48 3.65
CA ALA D 437 -31.97 0.46 4.69
C ALA D 437 -33.39 0.90 4.45
N PRO D 438 -34.39 0.07 4.83
CA PRO D 438 -35.74 0.51 4.52
C PRO D 438 -36.16 1.83 5.26
N TYR D 439 -37.04 2.58 4.57
CA TYR D 439 -37.79 3.64 5.18
C TYR D 439 -39.22 3.12 5.56
N ASN D 440 -39.44 2.95 6.86
CA ASN D 440 -40.62 2.19 7.42
C ASN D 440 -41.83 3.09 7.68
N GLY D 441 -41.62 4.39 7.72
CA GLY D 441 -42.78 5.33 7.70
C GLY D 441 -43.41 5.38 9.05
N ARG D 442 -44.75 5.37 9.05
CA ARG D 442 -45.48 5.66 10.32
C ARG D 442 -45.22 4.62 11.35
N LYS D 443 -44.83 3.42 10.90
CA LYS D 443 -44.72 2.33 11.85
C LYS D 443 -43.55 2.58 12.85
N GLU D 444 -42.61 3.48 12.53
CA GLU D 444 -41.58 3.82 13.49
C GLU D 444 -42.03 4.52 14.78
N ILE D 445 -43.18 5.17 14.69
CA ILE D 445 -43.61 6.05 15.74
C ILE D 445 -44.46 5.30 16.77
N LYS D 446 -44.10 5.45 18.04
CA LYS D 446 -44.67 4.71 19.16
C LYS D 446 -46.17 5.02 19.16
N GLY D 447 -47.06 4.02 19.15
CA GLY D 447 -48.51 4.29 19.03
C GLY D 447 -49.14 4.14 17.64
N GLN D 448 -48.37 4.10 16.55
CA GLN D 448 -48.96 4.25 15.18
C GLN D 448 -49.12 3.05 14.18
N ALA D 449 -48.75 1.83 14.56
CA ALA D 449 -48.26 0.79 13.59
C ALA D 449 -49.23 0.23 12.53
N GLN E 11 -10.66 10.91 1.15
CA GLN E 11 -9.95 11.45 -0.03
C GLN E 11 -9.10 10.16 -0.57
N GLN E 12 -8.47 9.29 0.24
CA GLN E 12 -8.03 7.90 -0.24
C GLN E 12 -8.70 6.60 0.33
N MET E 13 -9.28 5.78 -0.53
CA MET E 13 -10.06 4.62 -0.07
C MET E 13 -9.04 3.46 0.14
N GLY E 14 -8.68 3.16 1.40
CA GLY E 14 -7.84 1.96 1.69
C GLY E 14 -8.22 0.59 1.00
N ARG E 15 -7.24 -0.36 0.95
CA ARG E 15 -7.49 -1.71 0.37
C ARG E 15 -8.56 -2.47 1.18
N GLY E 16 -8.59 -2.21 2.48
CA GLY E 16 -9.58 -2.81 3.32
C GLY E 16 -11.02 -2.63 2.88
N SER E 17 -11.31 -1.47 2.28
CA SER E 17 -12.64 -1.20 1.77
C SER E 17 -12.96 -2.07 0.53
N MET E 18 -11.95 -2.74 -0.06
CA MET E 18 -12.18 -3.46 -1.31
C MET E 18 -12.46 -4.93 -0.94
N SER E 19 -13.64 -5.19 -0.32
CA SER E 19 -13.91 -6.48 0.27
C SER E 19 -14.93 -7.29 -0.55
N LYS E 20 -15.15 -6.93 -1.83
CA LYS E 20 -15.97 -7.75 -2.72
C LYS E 20 -15.16 -9.08 -3.10
N ILE E 21 -15.88 -10.20 -3.13
CA ILE E 21 -15.32 -11.49 -3.45
C ILE E 21 -14.99 -11.44 -4.98
N VAL E 22 -13.75 -11.84 -5.30
CA VAL E 22 -13.32 -11.98 -6.69
C VAL E 22 -13.14 -13.39 -7.16
N LYS E 23 -12.89 -14.30 -6.25
CA LYS E 23 -12.56 -15.72 -6.61
C LYS E 23 -12.88 -16.60 -5.40
N ILE E 24 -13.51 -17.74 -5.72
CA ILE E 24 -13.59 -18.82 -4.76
C ILE E 24 -13.03 -20.15 -5.32
N ILE E 25 -12.05 -20.71 -4.61
CA ILE E 25 -11.38 -22.02 -4.94
C ILE E 25 -11.81 -23.02 -3.89
N GLY E 26 -12.52 -24.03 -4.39
CA GLY E 26 -12.74 -25.28 -3.68
C GLY E 26 -11.78 -26.37 -4.05
N ARG E 27 -11.46 -27.21 -3.08
CA ARG E 27 -10.59 -28.38 -3.25
C ARG E 27 -10.87 -29.46 -2.24
N GLU E 28 -10.47 -30.69 -2.58
CA GLU E 28 -10.63 -31.90 -1.81
C GLU E 28 -9.31 -32.07 -1.11
N ILE E 29 -9.41 -31.99 0.20
CA ILE E 29 -8.23 -32.30 1.06
C ILE E 29 -8.58 -33.53 1.93
N ILE E 30 -7.75 -33.85 2.91
CA ILE E 30 -7.95 -35.03 3.77
C ILE E 30 -8.09 -34.69 5.20
N ASP E 31 -9.05 -35.30 5.86
CA ASP E 31 -9.22 -35.13 7.32
C ASP E 31 -8.40 -36.08 8.19
N SER E 32 -8.59 -36.01 9.52
CA SER E 32 -7.70 -36.67 10.45
C SER E 32 -7.86 -38.21 10.53
N ARG E 33 -8.90 -38.74 9.93
CA ARG E 33 -9.16 -40.13 9.74
C ARG E 33 -8.80 -40.61 8.33
N GLY E 34 -8.34 -39.74 7.45
CA GLY E 34 -7.90 -40.17 6.16
C GLY E 34 -9.02 -40.12 5.12
N ASN E 35 -10.11 -39.49 5.44
CA ASN E 35 -11.22 -39.30 4.49
C ASN E 35 -11.26 -37.86 3.91
N PRO E 36 -11.75 -37.73 2.67
CA PRO E 36 -11.81 -36.46 2.04
C PRO E 36 -12.75 -35.53 2.74
N THR E 37 -12.37 -34.28 2.65
CA THR E 37 -13.22 -33.17 2.98
C THR E 37 -12.97 -31.99 2.07
N VAL E 38 -13.89 -31.00 2.21
CA VAL E 38 -13.90 -29.71 1.41
C VAL E 38 -13.16 -28.59 2.14
N GLU E 39 -12.21 -28.02 1.44
CA GLU E 39 -11.59 -26.79 1.78
C GLU E 39 -11.98 -25.77 0.75
N ALA E 40 -12.27 -24.55 1.23
CA ALA E 40 -12.50 -23.38 0.35
C ALA E 40 -11.54 -22.25 0.71
N GLU E 41 -11.17 -21.55 -0.36
CA GLU E 41 -10.45 -20.29 -0.34
C GLU E 41 -11.36 -19.18 -0.86
N VAL E 42 -11.50 -18.15 -0.06
CA VAL E 42 -12.25 -16.89 -0.50
C VAL E 42 -11.26 -15.73 -0.69
N HIS E 43 -11.17 -15.24 -1.94
CA HIS E 43 -10.25 -14.18 -2.28
C HIS E 43 -11.10 -12.89 -2.56
N LEU E 44 -10.68 -11.79 -1.98
CA LEU E 44 -11.31 -10.49 -2.12
C LEU E 44 -10.52 -9.52 -3.02
N GLU E 45 -11.19 -8.48 -3.52
CA GLU E 45 -10.59 -7.52 -4.47
C GLU E 45 -9.33 -6.83 -3.90
N GLY E 46 -9.31 -6.50 -2.62
CA GLY E 46 -8.09 -5.94 -2.00
C GLY E 46 -6.91 -6.84 -1.77
N GLY E 47 -7.00 -8.13 -2.12
CA GLY E 47 -5.94 -9.12 -1.98
C GLY E 47 -6.10 -9.97 -0.71
N PHE E 48 -7.22 -9.85 0.00
CA PHE E 48 -7.40 -10.58 1.26
C PHE E 48 -7.85 -11.98 0.94
N VAL E 49 -7.38 -12.93 1.72
CA VAL E 49 -7.69 -14.34 1.51
C VAL E 49 -8.03 -14.98 2.84
N GLY E 50 -9.11 -15.72 2.81
CA GLY E 50 -9.46 -16.66 3.87
C GLY E 50 -9.57 -18.12 3.37
N MET E 51 -9.23 -19.02 4.26
CA MET E 51 -9.17 -20.49 3.95
C MET E 51 -9.71 -21.27 5.12
N ALA E 52 -10.70 -22.11 4.79
CA ALA E 52 -11.27 -23.01 5.84
C ALA E 52 -11.69 -24.40 5.31
N ALA E 53 -11.84 -25.36 6.20
CA ALA E 53 -12.23 -26.70 5.86
C ALA E 53 -13.41 -27.18 6.65
N ALA E 54 -14.27 -27.97 6.01
CA ALA E 54 -15.32 -28.65 6.78
C ALA E 54 -14.85 -29.88 7.60
N PRO E 55 -15.19 -29.93 8.92
CA PRO E 55 -15.01 -31.19 9.66
C PRO E 55 -16.07 -32.21 9.31
N SER E 56 -15.91 -33.46 9.80
CA SER E 56 -16.88 -34.51 9.54
C SER E 56 -17.06 -35.42 10.75
N GLY E 57 -18.33 -35.69 11.07
CA GLY E 57 -18.57 -36.56 12.17
C GLY E 57 -18.53 -38.09 11.86
N ALA E 58 -18.44 -38.86 12.94
CA ALA E 58 -18.70 -40.30 12.91
C ALA E 58 -20.05 -40.55 13.55
N SER E 59 -20.22 -40.23 14.85
CA SER E 59 -21.57 -40.41 15.45
C SER E 59 -22.54 -39.16 15.08
N THR E 60 -23.14 -39.18 13.87
CA THR E 60 -23.89 -38.05 13.33
C THR E 60 -25.36 -38.13 13.73
N GLY E 61 -25.95 -37.02 14.22
CA GLY E 61 -27.38 -37.05 14.60
C GLY E 61 -28.13 -37.33 13.29
N SER E 62 -29.27 -38.01 13.30
CA SER E 62 -30.04 -38.21 12.00
C SER E 62 -30.56 -36.85 11.46
N ARG E 63 -30.73 -35.85 12.35
CA ARG E 63 -31.26 -34.48 11.93
C ARG E 63 -30.19 -33.48 11.49
N GLU E 64 -28.92 -33.87 11.45
CA GLU E 64 -27.85 -33.02 10.94
C GLU E 64 -28.10 -32.66 9.48
N ALA E 65 -27.69 -31.45 9.14
CA ALA E 65 -27.54 -31.09 7.69
C ALA E 65 -26.67 -32.11 6.95
N LEU E 66 -26.99 -32.34 5.67
CA LEU E 66 -26.42 -33.42 4.92
C LEU E 66 -25.02 -33.05 4.39
N GLU E 67 -24.04 -33.94 4.58
CA GLU E 67 -22.77 -33.89 3.80
C GLU E 67 -23.14 -34.38 2.37
N LEU E 68 -22.45 -33.82 1.42
CA LEU E 68 -22.51 -34.35 0.07
C LEU E 68 -21.19 -35.10 -0.18
N ARG E 69 -21.29 -36.44 -0.29
CA ARG E 69 -20.25 -37.35 -0.69
C ARG E 69 -20.62 -37.91 -2.09
N ASP E 70 -19.63 -38.41 -2.75
CA ASP E 70 -19.78 -38.80 -4.14
C ASP E 70 -20.35 -40.24 -4.33
N GLY E 71 -20.16 -41.16 -3.37
CA GLY E 71 -20.46 -42.62 -3.54
C GLY E 71 -19.81 -43.35 -4.73
N ASP E 72 -18.68 -42.85 -5.25
CA ASP E 72 -17.89 -43.54 -6.24
C ASP E 72 -16.95 -44.52 -5.48
N LYS E 73 -17.36 -45.79 -5.52
CA LYS E 73 -16.59 -46.88 -4.88
C LYS E 73 -15.15 -47.04 -5.46
N SER E 74 -14.85 -46.52 -6.65
CA SER E 74 -13.47 -46.47 -7.09
C SER E 74 -12.58 -45.37 -6.39
N ARG E 75 -13.15 -44.44 -5.59
CA ARG E 75 -12.32 -43.36 -5.01
C ARG E 75 -12.69 -43.33 -3.57
N PHE E 76 -11.70 -43.41 -2.69
CA PHE E 76 -11.89 -43.24 -1.27
C PHE E 76 -13.06 -44.02 -0.63
N LEU E 77 -13.20 -45.26 -1.07
CA LEU E 77 -14.28 -46.19 -0.65
C LEU E 77 -15.64 -45.42 -0.70
N GLY E 78 -15.82 -44.56 -1.67
CA GLY E 78 -17.16 -43.86 -1.78
C GLY E 78 -17.30 -42.52 -1.06
N LYS E 79 -16.25 -42.12 -0.32
CA LYS E 79 -16.29 -40.94 0.50
C LYS E 79 -15.69 -39.64 -0.16
N GLY E 80 -15.43 -39.65 -1.46
CA GLY E 80 -15.03 -38.47 -2.11
C GLY E 80 -16.04 -37.33 -2.06
N VAL E 81 -15.46 -36.15 -2.19
CA VAL E 81 -16.20 -34.88 -2.10
C VAL E 81 -16.06 -34.06 -3.37
N THR E 82 -15.78 -34.71 -4.49
CA THR E 82 -15.65 -33.97 -5.76
C THR E 82 -16.90 -33.15 -6.14
N LYS E 83 -18.09 -33.66 -5.80
CA LYS E 83 -19.31 -32.95 -6.14
C LYS E 83 -19.49 -31.69 -5.32
N ALA E 84 -19.26 -31.83 -3.99
CA ALA E 84 -19.34 -30.66 -3.12
C ALA E 84 -18.29 -29.59 -3.58
N VAL E 85 -17.10 -30.00 -3.87
CA VAL E 85 -16.08 -29.14 -4.46
C VAL E 85 -16.52 -28.50 -5.78
N ALA E 86 -17.20 -29.26 -6.68
CA ALA E 86 -17.79 -28.67 -7.89
C ALA E 86 -18.84 -27.58 -7.58
N ALA E 87 -19.70 -27.82 -6.57
CA ALA E 87 -20.57 -26.78 -6.08
C ALA E 87 -19.86 -25.48 -5.64
N VAL E 88 -18.82 -25.60 -4.80
CA VAL E 88 -18.03 -24.45 -4.46
C VAL E 88 -17.48 -23.68 -5.67
N ASN E 89 -16.79 -24.35 -6.54
CA ASN E 89 -16.14 -23.68 -7.72
C ASN E 89 -17.13 -23.23 -8.77
N GLY E 90 -18.32 -23.79 -8.80
CA GLY E 90 -19.27 -23.50 -9.86
C GLY E 90 -20.39 -22.57 -9.43
N PRO E 91 -21.61 -23.12 -9.11
CA PRO E 91 -22.74 -22.25 -8.73
C PRO E 91 -22.52 -21.38 -7.46
N ILE E 92 -21.83 -21.88 -6.46
CA ILE E 92 -21.55 -21.00 -5.27
C ILE E 92 -20.66 -19.87 -5.64
N ALA E 93 -19.53 -20.10 -6.31
CA ALA E 93 -18.69 -18.96 -6.77
C ALA E 93 -19.49 -18.00 -7.61
N GLN E 94 -20.29 -18.48 -8.64
CA GLN E 94 -21.01 -17.59 -9.47
C GLN E 94 -21.98 -16.69 -8.70
N ALA E 95 -22.58 -17.18 -7.63
CA ALA E 95 -23.56 -16.41 -6.91
C ALA E 95 -22.88 -15.47 -5.95
N LEU E 96 -21.65 -15.70 -5.57
CA LEU E 96 -21.00 -14.82 -4.53
C LEU E 96 -19.99 -13.81 -5.06
N ILE E 97 -19.45 -13.96 -6.29
CA ILE E 97 -18.41 -13.06 -6.80
C ILE E 97 -19.13 -11.72 -7.01
N GLY E 98 -18.52 -10.63 -6.55
CA GLY E 98 -19.21 -9.33 -6.50
C GLY E 98 -19.86 -8.91 -5.18
N LYS E 99 -20.02 -9.82 -4.23
CA LYS E 99 -20.71 -9.59 -2.99
C LYS E 99 -19.67 -9.24 -1.95
N ASP E 100 -20.07 -8.50 -1.00
CA ASP E 100 -19.20 -7.97 0.10
C ASP E 100 -19.04 -9.02 1.21
N ALA E 101 -17.81 -9.54 1.37
CA ALA E 101 -17.48 -10.57 2.36
C ALA E 101 -17.75 -10.10 3.81
N LYS E 102 -17.80 -8.75 4.04
CA LYS E 102 -18.06 -8.26 5.45
C LYS E 102 -19.49 -8.52 5.85
N ASP E 103 -20.37 -8.70 4.86
CA ASP E 103 -21.84 -8.96 5.17
C ASP E 103 -22.04 -10.51 5.36
N GLN E 104 -21.64 -11.08 6.51
CA GLN E 104 -21.61 -12.50 6.61
C GLN E 104 -23.03 -13.06 6.40
N ALA E 105 -24.05 -12.41 7.02
CA ALA E 105 -25.43 -12.91 6.96
C ALA E 105 -25.92 -12.96 5.55
N GLY E 106 -25.46 -12.01 4.78
CA GLY E 106 -25.85 -11.91 3.37
C GLY E 106 -25.27 -12.99 2.50
N ILE E 107 -24.00 -13.25 2.69
CA ILE E 107 -23.26 -14.31 1.99
C ILE E 107 -23.91 -15.64 2.34
N ASP E 108 -24.13 -15.89 3.62
CA ASP E 108 -24.76 -17.17 4.01
C ASP E 108 -26.14 -17.33 3.45
N LYS E 109 -26.93 -16.28 3.40
CA LYS E 109 -28.28 -16.32 2.91
C LYS E 109 -28.27 -16.67 1.37
N ILE E 110 -27.31 -16.15 0.62
CA ILE E 110 -27.24 -16.40 -0.79
C ILE E 110 -27.03 -17.91 -1.02
N MET E 111 -26.10 -18.49 -0.26
CA MET E 111 -25.80 -19.97 -0.35
C MET E 111 -27.00 -20.86 0.06
N ILE E 112 -27.58 -20.53 1.20
CA ILE E 112 -28.70 -21.25 1.76
C ILE E 112 -29.84 -21.23 0.72
N ASP E 113 -30.20 -20.09 0.19
CA ASP E 113 -31.39 -19.97 -0.76
C ASP E 113 -31.06 -20.58 -2.09
N LEU E 114 -29.81 -20.48 -2.51
CA LEU E 114 -29.41 -21.08 -3.79
C LEU E 114 -29.44 -22.64 -3.75
N ASP E 115 -29.02 -23.21 -2.65
CA ASP E 115 -29.06 -24.66 -2.44
C ASP E 115 -30.57 -25.10 -2.44
N GLY E 116 -31.35 -24.32 -1.71
CA GLY E 116 -32.85 -24.36 -1.82
C GLY E 116 -33.53 -25.55 -1.15
N THR E 117 -32.78 -26.34 -0.40
CA THR E 117 -33.29 -27.52 0.29
C THR E 117 -33.18 -27.33 1.80
N GLU E 118 -33.94 -28.13 2.53
CA GLU E 118 -34.01 -27.98 3.99
C GLU E 118 -32.69 -28.29 4.69
N ASN E 119 -32.09 -29.40 4.24
CA ASN E 119 -30.92 -29.96 4.83
C ASN E 119 -29.66 -29.82 3.97
N LYS E 120 -29.68 -28.95 2.95
CA LYS E 120 -28.43 -28.61 2.22
C LYS E 120 -27.90 -29.82 1.48
N SER E 121 -28.86 -30.54 0.89
CA SER E 121 -28.59 -31.76 0.21
C SER E 121 -28.33 -31.56 -1.30
N LYS E 122 -28.46 -30.35 -1.84
CA LYS E 122 -28.03 -30.12 -3.22
C LYS E 122 -26.57 -29.82 -3.34
N PHE E 123 -26.06 -28.92 -2.51
CA PHE E 123 -24.62 -28.64 -2.53
C PHE E 123 -23.82 -29.28 -1.44
N GLY E 124 -24.48 -29.58 -0.35
CA GLY E 124 -23.86 -30.18 0.78
C GLY E 124 -23.59 -29.14 1.81
N ALA E 125 -23.95 -29.38 3.06
CA ALA E 125 -23.48 -28.61 4.18
C ALA E 125 -21.97 -28.41 4.28
N ASN E 126 -21.21 -29.44 3.90
CA ASN E 126 -19.79 -29.34 3.78
C ASN E 126 -19.27 -28.22 2.78
N ALA E 127 -19.87 -28.12 1.63
CA ALA E 127 -19.52 -27.10 0.68
C ALA E 127 -19.92 -25.67 1.22
N ILE E 128 -21.14 -25.52 1.71
CA ILE E 128 -21.65 -24.26 2.14
C ILE E 128 -20.78 -23.83 3.40
N LEU E 129 -20.49 -24.70 4.34
CA LEU E 129 -19.77 -24.28 5.59
C LEU E 129 -18.35 -23.84 5.24
N ALA E 130 -17.74 -24.57 4.32
CA ALA E 130 -16.32 -24.28 3.99
C ALA E 130 -16.18 -22.85 3.52
N VAL E 131 -17.07 -22.48 2.64
CA VAL E 131 -17.12 -21.14 2.06
C VAL E 131 -17.55 -20.13 3.14
N SER E 132 -18.54 -20.47 3.98
CA SER E 132 -19.05 -19.59 4.99
C SER E 132 -17.87 -19.17 5.91
N LEU E 133 -17.13 -20.12 6.35
CA LEU E 133 -15.95 -19.85 7.32
C LEU E 133 -14.81 -19.16 6.60
N ALA E 134 -14.59 -19.52 5.32
CA ALA E 134 -13.45 -18.97 4.60
C ALA E 134 -13.74 -17.51 4.35
N ASN E 135 -14.98 -17.24 3.99
CA ASN E 135 -15.48 -15.86 3.90
C ASN E 135 -15.21 -14.95 5.15
N ALA E 136 -15.58 -15.48 6.32
CA ALA E 136 -15.43 -14.79 7.56
C ALA E 136 -14.01 -14.48 7.80
N LYS E 137 -13.10 -15.38 7.42
CA LYS E 137 -11.63 -15.16 7.64
C LYS E 137 -11.12 -14.07 6.70
N ALA E 138 -11.58 -14.12 5.41
CA ALA E 138 -11.24 -13.11 4.48
C ALA E 138 -11.74 -11.72 4.91
N ALA E 139 -12.98 -11.61 5.45
CA ALA E 139 -13.54 -10.39 5.92
C ALA E 139 -12.79 -9.87 7.12
N ALA E 140 -12.39 -10.72 8.01
CA ALA E 140 -11.59 -10.31 9.23
C ALA E 140 -10.29 -9.66 8.79
N ALA E 141 -9.64 -10.31 7.81
CA ALA E 141 -8.44 -9.75 7.19
C ALA E 141 -8.69 -8.35 6.61
N ALA E 142 -9.75 -8.23 5.82
CA ALA E 142 -10.11 -6.94 5.25
C ALA E 142 -10.39 -5.82 6.28
N LYS E 143 -11.00 -6.17 7.41
CA LYS E 143 -11.24 -5.29 8.55
C LYS E 143 -9.98 -5.05 9.45
N GLY E 144 -8.84 -5.63 9.10
CA GLY E 144 -7.57 -5.51 9.87
C GLY E 144 -7.65 -6.08 11.27
N MET E 145 -8.27 -7.28 11.40
CA MET E 145 -8.45 -7.84 12.75
C MET E 145 -8.33 -9.36 12.76
N PRO E 146 -8.03 -9.92 13.95
CA PRO E 146 -7.93 -11.41 14.02
C PRO E 146 -9.38 -11.97 13.94
N LEU E 147 -9.57 -13.20 13.56
CA LEU E 147 -10.93 -13.79 13.45
C LEU E 147 -11.77 -13.71 14.69
N TYR E 148 -11.18 -13.90 15.86
CA TYR E 148 -11.98 -13.84 17.09
C TYR E 148 -12.58 -12.47 17.29
N GLU E 149 -11.86 -11.40 16.93
CA GLU E 149 -12.45 -9.98 16.98
C GLU E 149 -13.60 -9.81 15.98
N HIS E 150 -13.39 -10.23 14.73
CA HIS E 150 -14.48 -10.23 13.75
C HIS E 150 -15.67 -11.00 14.15
N ILE E 151 -15.46 -12.19 14.71
CA ILE E 151 -16.52 -13.00 15.19
C ILE E 151 -17.34 -12.32 16.28
N ALA E 152 -16.68 -11.72 17.28
CA ALA E 152 -17.42 -11.04 18.26
C ALA E 152 -18.33 -9.88 17.63
N GLU E 153 -17.84 -9.22 16.57
CA GLU E 153 -18.67 -8.23 15.91
C GLU E 153 -19.82 -8.92 15.11
N LEU E 154 -19.57 -10.07 14.46
CA LEU E 154 -20.62 -10.74 13.75
C LEU E 154 -21.70 -11.21 14.69
N ASN E 155 -21.24 -11.43 15.92
CA ASN E 155 -22.01 -12.07 16.98
C ASN E 155 -22.94 -11.10 17.71
N GLY E 156 -22.75 -9.82 17.47
CA GLY E 156 -23.57 -8.84 18.22
C GLY E 156 -22.97 -8.57 19.62
N THR E 157 -21.68 -8.89 19.87
CA THR E 157 -21.07 -8.70 21.17
C THR E 157 -19.66 -8.16 21.06
N PRO E 158 -19.53 -6.96 20.47
CA PRO E 158 -18.20 -6.46 20.06
C PRO E 158 -17.28 -6.23 21.24
N GLY E 159 -16.01 -6.59 21.14
CA GLY E 159 -15.03 -6.40 22.20
C GLY E 159 -15.27 -7.22 23.45
N LYS E 160 -16.25 -8.15 23.45
CA LYS E 160 -16.45 -9.12 24.60
C LYS E 160 -15.92 -10.53 24.29
N TYR E 161 -14.93 -10.90 25.10
CA TYR E 161 -14.23 -12.21 24.99
C TYR E 161 -14.12 -13.01 26.29
N SER E 162 -13.92 -14.32 26.15
CA SER E 162 -13.42 -15.13 27.27
C SER E 162 -12.61 -16.30 26.65
N MET E 163 -11.73 -16.81 27.48
CA MET E 163 -10.97 -18.06 27.19
C MET E 163 -11.83 -19.24 27.67
N PRO E 164 -12.21 -20.18 26.76
CA PRO E 164 -13.08 -21.33 27.18
C PRO E 164 -12.42 -22.34 28.15
N VAL E 165 -13.22 -22.87 29.08
CA VAL E 165 -12.90 -23.98 29.88
C VAL E 165 -13.05 -25.27 29.03
N PRO E 166 -11.91 -25.99 28.78
CA PRO E 166 -11.94 -27.16 27.89
C PRO E 166 -12.41 -28.41 28.64
N MET E 167 -13.27 -29.17 27.98
CA MET E 167 -13.53 -30.53 28.42
C MET E 167 -12.72 -31.46 27.53
N MET E 168 -11.79 -32.21 28.12
CA MET E 168 -10.82 -32.98 27.34
C MET E 168 -11.02 -34.50 27.39
N ASN E 169 -11.27 -35.11 26.21
CA ASN E 169 -11.63 -36.51 26.02
C ASN E 169 -10.45 -37.48 26.03
N ILE E 170 -10.04 -37.87 27.22
CA ILE E 170 -8.79 -38.61 27.34
C ILE E 170 -8.94 -40.15 27.42
N ILE E 171 -10.14 -40.67 27.60
CA ILE E 171 -10.48 -42.04 27.29
C ILE E 171 -11.63 -42.09 26.25
N ASN E 172 -11.29 -42.55 25.03
CA ASN E 172 -12.23 -42.65 23.86
C ASN E 172 -12.93 -43.99 23.84
N GLY E 173 -14.20 -44.02 23.43
CA GLY E 173 -14.95 -45.27 23.28
C GLY E 173 -15.99 -45.13 22.17
N GLY E 174 -17.07 -45.95 22.24
CA GLY E 174 -18.11 -46.08 21.16
C GLY E 174 -17.58 -46.01 19.71
N GLU E 175 -18.14 -45.11 18.90
CA GLU E 175 -17.82 -45.02 17.45
C GLU E 175 -16.44 -44.39 17.12
N HIS E 176 -15.66 -44.00 18.14
CA HIS E 176 -14.34 -43.30 17.95
C HIS E 176 -13.17 -44.22 18.24
N ALA E 177 -13.50 -45.46 18.63
CA ALA E 177 -12.44 -46.35 19.05
C ALA E 177 -12.87 -47.87 18.96
N ASP E 178 -11.86 -48.69 18.79
CA ASP E 178 -12.03 -50.11 18.53
C ASP E 178 -11.82 -50.85 19.88
N ASN E 179 -12.69 -50.58 20.86
CA ASN E 179 -12.54 -51.17 22.17
C ASN E 179 -13.94 -51.62 22.62
N ASN E 180 -14.04 -52.11 23.85
CA ASN E 180 -15.30 -52.59 24.44
C ASN E 180 -16.03 -51.53 25.29
N VAL E 181 -15.74 -50.20 25.10
CA VAL E 181 -16.24 -49.11 25.92
C VAL E 181 -17.42 -48.49 25.12
N ASP E 182 -18.59 -48.41 25.75
CA ASP E 182 -19.81 -47.94 25.06
C ASP E 182 -19.95 -46.43 25.01
N ILE E 183 -19.73 -45.81 26.18
CA ILE E 183 -19.80 -44.35 26.39
C ILE E 183 -18.72 -43.80 25.48
N GLN E 184 -19.08 -42.71 24.78
CA GLN E 184 -18.25 -42.24 23.71
C GLN E 184 -17.02 -41.51 24.31
N GLU E 185 -17.28 -40.70 25.34
CA GLU E 185 -16.24 -39.81 25.82
C GLU E 185 -16.19 -39.67 27.34
N PHE E 186 -14.97 -39.73 27.92
CA PHE E 186 -14.77 -39.44 29.35
C PHE E 186 -13.79 -38.31 29.40
N MET E 187 -14.18 -37.16 29.97
CA MET E 187 -13.46 -35.88 29.87
C MET E 187 -13.08 -35.25 31.21
N ILE E 188 -11.90 -34.67 31.25
CA ILE E 188 -11.49 -33.84 32.37
C ILE E 188 -11.70 -32.35 31.98
N GLN E 189 -12.00 -31.51 32.97
CA GLN E 189 -12.15 -30.03 32.90
C GLN E 189 -11.32 -29.37 33.95
N PRO E 190 -10.23 -28.64 33.57
CA PRO E 190 -9.28 -28.00 34.57
C PRO E 190 -9.81 -26.63 35.07
N VAL E 191 -10.87 -26.75 35.86
CA VAL E 191 -11.59 -25.64 36.34
C VAL E 191 -10.76 -24.88 37.34
N GLY E 192 -9.75 -25.47 37.95
CA GLY E 192 -8.92 -24.73 38.92
C GLY E 192 -7.79 -23.94 38.28
N ALA E 193 -7.62 -24.05 36.97
CA ALA E 193 -6.67 -23.23 36.28
C ALA E 193 -7.13 -21.73 36.33
N LYS E 194 -6.14 -20.84 36.30
CA LYS E 194 -6.43 -19.39 36.19
C LYS E 194 -6.34 -18.82 34.80
N THR E 195 -5.71 -19.55 33.90
CA THR E 195 -5.57 -19.18 32.45
C THR E 195 -5.83 -20.37 31.58
N VAL E 196 -6.11 -20.19 30.31
CA VAL E 196 -6.23 -21.40 29.47
C VAL E 196 -4.90 -22.05 29.21
N LYS E 197 -3.82 -21.26 29.18
CA LYS E 197 -2.51 -21.80 29.11
C LYS E 197 -2.26 -22.80 30.27
N GLU E 198 -2.51 -22.38 31.52
CA GLU E 198 -2.41 -23.36 32.62
C GLU E 198 -3.37 -24.55 32.48
N ALA E 199 -4.61 -24.33 32.07
CA ALA E 199 -5.59 -25.44 31.80
C ALA E 199 -4.99 -26.51 30.86
N ILE E 200 -4.40 -26.06 29.77
CA ILE E 200 -3.83 -26.99 28.80
C ILE E 200 -2.66 -27.74 29.40
N ARG E 201 -1.73 -27.05 30.08
CA ARG E 201 -0.71 -27.73 30.86
C ARG E 201 -1.26 -28.80 31.83
N MET E 202 -2.28 -28.44 32.61
CA MET E 202 -2.95 -29.40 33.51
C MET E 202 -3.48 -30.59 32.76
N GLY E 203 -4.21 -30.32 31.68
CA GLY E 203 -4.62 -31.45 30.83
C GLY E 203 -3.49 -32.38 30.29
N SER E 204 -2.40 -31.77 29.79
CA SER E 204 -1.27 -32.54 29.33
C SER E 204 -0.75 -33.42 30.46
N GLU E 205 -0.58 -32.83 31.65
CA GLU E 205 0.01 -33.58 32.78
C GLU E 205 -0.86 -34.78 33.21
N VAL E 206 -2.15 -34.53 33.34
CA VAL E 206 -3.09 -35.62 33.60
C VAL E 206 -3.09 -36.68 32.52
N PHE E 207 -3.11 -36.27 31.26
CA PHE E 207 -3.11 -37.25 30.19
C PHE E 207 -1.83 -38.09 30.28
N HIS E 208 -0.65 -37.44 30.50
CA HIS E 208 0.59 -38.21 30.68
C HIS E 208 0.56 -39.20 31.83
N HIS E 209 0.19 -38.76 33.03
CA HIS E 209 -0.10 -39.66 34.14
C HIS E 209 -1.10 -40.80 33.88
N LEU E 210 -2.11 -40.55 33.03
CA LEU E 210 -3.04 -41.63 32.68
C LEU E 210 -2.34 -42.71 31.88
N ALA E 211 -1.42 -42.35 30.93
CA ALA E 211 -0.63 -43.34 30.23
C ALA E 211 0.13 -44.24 31.21
N LYS E 212 0.73 -43.70 32.26
CA LYS E 212 1.47 -44.54 33.21
C LYS E 212 0.57 -45.46 33.97
N VAL E 213 -0.55 -44.91 34.43
CA VAL E 213 -1.62 -45.71 35.03
C VAL E 213 -2.09 -46.88 34.13
N LEU E 214 -2.49 -46.62 32.89
CA LEU E 214 -2.91 -47.67 32.00
C LEU E 214 -1.76 -48.78 31.72
N LYS E 215 -0.47 -48.34 31.55
CA LYS E 215 0.64 -49.24 31.30
C LYS E 215 0.85 -50.15 32.50
N ALA E 216 0.72 -49.61 33.72
CA ALA E 216 0.90 -50.40 34.93
C ALA E 216 -0.18 -51.42 35.10
N LYS E 217 -1.36 -51.20 34.53
CA LYS E 217 -2.44 -52.21 34.50
C LYS E 217 -2.43 -53.07 33.28
N GLY E 218 -1.40 -52.93 32.46
CA GLY E 218 -1.38 -53.56 31.13
C GLY E 218 -2.44 -53.26 30.12
N MET E 219 -3.04 -52.04 30.19
CA MET E 219 -4.08 -51.55 29.23
C MET E 219 -3.49 -50.71 28.07
N ASN E 220 -4.18 -50.74 26.92
CA ASN E 220 -3.65 -50.27 25.66
C ASN E 220 -3.54 -48.70 25.75
N THR E 221 -2.41 -48.11 25.36
CA THR E 221 -2.31 -46.68 25.33
C THR E 221 -2.21 -46.15 23.88
N ALA E 222 -2.51 -46.96 22.88
CA ALA E 222 -2.74 -46.44 21.52
C ALA E 222 -4.01 -45.54 21.61
N VAL E 223 -4.20 -44.62 20.66
CA VAL E 223 -5.28 -43.64 20.80
C VAL E 223 -6.41 -43.81 19.77
N GLY E 224 -7.62 -43.44 20.17
CA GLY E 224 -8.76 -43.34 19.22
C GLY E 224 -8.77 -42.03 18.42
N ASP E 225 -9.89 -41.78 17.78
CA ASP E 225 -9.99 -40.70 16.80
C ASP E 225 -9.72 -39.29 17.41
N GLU E 226 -10.00 -39.11 18.71
CA GLU E 226 -9.90 -37.84 19.38
C GLU E 226 -8.69 -37.74 20.32
N GLY E 227 -7.76 -38.70 20.19
CA GLY E 227 -6.42 -38.65 20.81
C GLY E 227 -6.45 -39.08 22.25
N GLY E 228 -7.57 -39.69 22.65
CA GLY E 228 -7.71 -40.22 23.97
C GLY E 228 -7.34 -41.72 23.94
N TYR E 229 -6.92 -42.23 25.09
CA TYR E 229 -6.60 -43.68 25.12
C TYR E 229 -7.83 -44.59 24.82
N ALA E 230 -7.53 -45.71 24.23
CA ALA E 230 -8.58 -46.62 23.73
C ALA E 230 -8.42 -48.04 24.36
N PRO E 231 -8.28 -48.13 25.73
CA PRO E 231 -8.15 -49.44 26.39
C PRO E 231 -9.47 -50.19 26.39
N ASN E 232 -9.39 -51.51 26.57
CA ASN E 232 -10.55 -52.34 26.91
C ASN E 232 -10.63 -52.22 28.40
N LEU E 233 -11.84 -52.15 28.96
CA LEU E 233 -11.96 -51.92 30.38
C LEU E 233 -13.07 -52.84 30.88
N GLY E 234 -13.02 -53.06 32.19
CA GLY E 234 -13.90 -53.99 32.85
C GLY E 234 -15.31 -53.60 32.72
N SER E 235 -15.56 -52.31 32.77
CA SER E 235 -16.93 -51.81 32.64
C SER E 235 -16.76 -50.37 32.18
N ASN E 236 -17.83 -49.74 31.76
CA ASN E 236 -17.80 -48.34 31.38
C ASN E 236 -17.26 -47.42 32.52
N ALA E 237 -17.74 -47.66 33.76
CA ALA E 237 -17.37 -46.88 34.92
C ALA E 237 -15.91 -46.94 35.29
N GLU E 238 -15.19 -47.97 34.87
CA GLU E 238 -13.75 -48.09 35.20
C GLU E 238 -12.95 -46.94 34.58
N ALA E 239 -13.46 -46.38 33.47
CA ALA E 239 -12.86 -45.15 32.88
C ALA E 239 -12.69 -44.04 33.93
N LEU E 240 -13.70 -43.91 34.79
CA LEU E 240 -13.69 -42.83 35.82
C LEU E 240 -12.64 -43.11 36.87
N ALA E 241 -12.59 -44.39 37.32
CA ALA E 241 -11.61 -44.81 38.29
C ALA E 241 -10.17 -44.54 37.82
N VAL E 242 -9.82 -44.97 36.60
CA VAL E 242 -8.44 -44.70 36.11
C VAL E 242 -8.19 -43.22 35.85
N ILE E 243 -9.21 -42.50 35.35
CA ILE E 243 -9.06 -41.02 35.28
C ILE E 243 -8.78 -40.50 36.69
N ALA E 244 -9.53 -40.98 37.70
CA ALA E 244 -9.35 -40.42 39.06
C ALA E 244 -7.93 -40.70 39.57
N GLU E 245 -7.43 -41.88 39.29
CA GLU E 245 -6.07 -42.23 39.66
C GLU E 245 -5.02 -41.31 38.99
N ALA E 246 -5.18 -41.09 37.71
CA ALA E 246 -4.22 -40.25 37.03
C ALA E 246 -4.24 -38.78 37.51
N VAL E 247 -5.42 -38.28 37.86
CA VAL E 247 -5.61 -36.90 38.40
C VAL E 247 -4.83 -36.82 39.74
N LYS E 248 -5.04 -37.82 40.59
CA LYS E 248 -4.29 -37.87 41.87
C LYS E 248 -2.72 -38.01 41.65
N ALA E 249 -2.30 -38.85 40.72
CA ALA E 249 -0.88 -39.03 40.48
C ALA E 249 -0.19 -37.79 39.93
N ALA E 250 -0.99 -37.02 39.21
CA ALA E 250 -0.55 -35.75 38.67
C ALA E 250 -0.54 -34.63 39.68
N GLY E 251 -0.99 -34.84 40.91
CA GLY E 251 -0.81 -33.83 42.01
C GLY E 251 -2.02 -32.92 42.12
N TYR E 252 -3.12 -33.24 41.45
CA TYR E 252 -4.30 -32.40 41.43
C TYR E 252 -5.36 -33.09 42.29
N GLU E 253 -6.30 -32.30 42.71
CA GLU E 253 -7.46 -32.75 43.52
C GLU E 253 -8.70 -32.76 42.66
N LEU E 254 -9.30 -33.91 42.56
CA LEU E 254 -10.57 -34.11 41.86
C LEU E 254 -11.60 -33.20 42.50
N GLY E 255 -12.43 -32.55 41.71
CA GLY E 255 -13.41 -31.55 42.22
C GLY E 255 -12.95 -30.08 42.23
N LYS E 256 -12.08 -29.76 43.16
CA LYS E 256 -11.45 -28.51 43.24
C LYS E 256 -10.52 -28.10 42.05
N ASP E 257 -9.58 -28.93 41.63
CA ASP E 257 -8.77 -28.58 40.40
C ASP E 257 -9.37 -29.05 39.11
N ILE E 258 -9.94 -30.23 39.12
CA ILE E 258 -10.33 -30.99 37.92
C ILE E 258 -11.70 -31.62 38.16
N THR E 259 -12.64 -31.37 37.23
CA THR E 259 -13.98 -31.97 37.32
C THR E 259 -14.06 -32.84 36.11
N LEU E 260 -15.15 -33.58 36.01
CA LEU E 260 -15.31 -34.60 34.96
C LEU E 260 -16.55 -34.36 34.19
N ALA E 261 -16.53 -34.85 32.98
CA ALA E 261 -17.64 -34.71 32.05
C ALA E 261 -17.72 -35.92 31.14
N MET E 262 -18.93 -36.27 30.73
CA MET E 262 -19.17 -37.39 29.86
C MET E 262 -19.98 -36.98 28.67
N ASP E 263 -19.74 -37.68 27.53
CA ASP E 263 -20.63 -37.63 26.35
C ASP E 263 -20.97 -39.05 26.11
N CYS E 264 -22.21 -39.42 26.44
CA CYS E 264 -22.66 -40.75 26.22
C CYS E 264 -22.81 -41.11 24.76
N ALA E 265 -23.24 -40.19 23.92
CA ALA E 265 -23.72 -40.53 22.55
C ALA E 265 -24.72 -41.70 22.59
N ALA E 266 -25.71 -41.59 23.44
CA ALA E 266 -26.57 -42.71 23.78
C ALA E 266 -27.50 -43.12 22.68
N SER E 267 -27.70 -42.26 21.69
CA SER E 267 -28.31 -42.67 20.38
C SER E 267 -27.61 -43.85 19.77
N GLU E 268 -26.26 -43.93 19.94
CA GLU E 268 -25.41 -45.01 19.25
C GLU E 268 -25.61 -46.38 19.89
N PHE E 269 -26.14 -46.42 21.11
CA PHE E 269 -26.52 -47.68 21.73
C PHE E 269 -27.97 -47.82 22.22
N TYR E 270 -28.87 -47.19 21.53
CA TYR E 270 -30.32 -47.28 21.87
C TYR E 270 -30.90 -48.10 20.74
N LYS E 271 -31.84 -48.98 21.10
CA LYS E 271 -32.39 -49.96 20.14
C LYS E 271 -33.76 -50.37 20.72
N ASP E 272 -34.86 -50.23 19.97
CA ASP E 272 -36.23 -50.60 20.46
C ASP E 272 -36.52 -50.42 21.96
N GLY E 273 -36.41 -49.21 22.47
CA GLY E 273 -36.85 -48.85 23.85
C GLY E 273 -35.81 -49.11 24.94
N LYS E 274 -34.61 -49.48 24.52
CA LYS E 274 -33.62 -49.89 25.45
C LYS E 274 -32.27 -49.33 25.03
N TYR E 275 -31.56 -48.99 26.10
CA TYR E 275 -30.14 -48.66 26.12
C TYR E 275 -29.32 -49.96 26.51
N VAL E 276 -28.43 -50.39 25.60
CA VAL E 276 -27.69 -51.66 25.68
C VAL E 276 -26.17 -51.36 25.71
N LEU E 277 -25.56 -51.54 26.90
CA LEU E 277 -24.11 -51.48 27.05
C LEU E 277 -23.47 -52.84 26.60
N ALA E 278 -23.24 -52.93 25.29
CA ALA E 278 -22.59 -54.10 24.63
C ALA E 278 -21.24 -54.62 25.27
N GLY E 279 -20.40 -53.72 25.77
CA GLY E 279 -19.19 -54.10 26.49
C GLY E 279 -19.46 -54.54 27.94
N GLU E 280 -20.66 -54.28 28.51
CA GLU E 280 -21.12 -54.86 29.82
C GLU E 280 -22.12 -56.02 29.67
N GLY E 281 -21.74 -56.98 28.81
CA GLY E 281 -22.59 -58.12 28.39
C GLY E 281 -24.03 -57.85 27.89
N ASN E 282 -24.24 -56.79 27.08
CA ASN E 282 -25.60 -56.33 26.64
C ASN E 282 -26.58 -56.06 27.79
N LYS E 283 -26.02 -55.50 28.87
CA LYS E 283 -26.69 -55.39 30.18
C LYS E 283 -28.19 -55.11 30.05
N ALA E 284 -28.53 -53.93 29.47
CA ALA E 284 -29.90 -53.42 29.09
C ALA E 284 -30.63 -52.46 30.11
N PHE E 285 -30.98 -51.24 29.66
CA PHE E 285 -31.67 -50.23 30.51
C PHE E 285 -32.84 -49.58 29.79
N THR E 286 -33.93 -49.38 30.54
CA THR E 286 -34.93 -48.35 30.15
C THR E 286 -34.36 -46.89 30.29
N SER E 287 -35.08 -45.92 29.71
CA SER E 287 -34.75 -44.49 29.78
C SER E 287 -34.51 -44.09 31.26
N GLU E 288 -35.52 -44.34 32.09
CA GLU E 288 -35.48 -43.93 33.51
C GLU E 288 -34.33 -44.60 34.34
N GLU E 289 -34.09 -45.88 34.07
CA GLU E 289 -33.07 -46.59 34.74
C GLU E 289 -31.71 -46.18 34.13
N PHE E 290 -31.62 -45.78 32.86
CA PHE E 290 -30.29 -45.33 32.39
C PHE E 290 -29.96 -43.99 33.05
N THR E 291 -31.02 -43.19 33.27
CA THR E 291 -30.86 -41.95 34.05
C THR E 291 -30.32 -42.12 35.48
N HIS E 292 -30.93 -43.05 36.21
CA HIS E 292 -30.46 -43.38 37.55
C HIS E 292 -29.05 -44.03 37.53
N PHE E 293 -28.72 -44.77 36.46
CA PHE E 293 -27.35 -45.26 36.30
C PHE E 293 -26.40 -44.04 36.26
N LEU E 294 -26.76 -43.06 35.44
CA LEU E 294 -26.00 -41.76 35.36
C LEU E 294 -25.95 -40.96 36.69
N GLU E 295 -27.11 -40.68 37.26
CA GLU E 295 -27.17 -40.04 38.56
C GLU E 295 -26.19 -40.65 39.60
N GLU E 296 -26.20 -41.99 39.67
CA GLU E 296 -25.37 -42.67 40.65
C GLU E 296 -23.87 -42.33 40.38
N LEU E 297 -23.49 -42.27 39.10
CA LEU E 297 -22.09 -41.94 38.80
C LEU E 297 -21.74 -40.59 39.32
N THR E 298 -22.69 -39.64 39.21
CA THR E 298 -22.47 -38.25 39.68
C THR E 298 -22.40 -38.16 41.19
N LYS E 299 -22.91 -39.17 41.94
CA LYS E 299 -22.66 -39.24 43.41
C LYS E 299 -21.29 -39.73 43.76
N GLN E 300 -20.75 -40.64 42.96
CA GLN E 300 -19.43 -41.25 43.26
C GLN E 300 -18.28 -40.37 42.76
N TYR E 301 -18.53 -39.51 41.75
CA TYR E 301 -17.46 -38.80 41.04
C TYR E 301 -17.92 -37.36 40.79
N PRO E 302 -16.99 -36.40 40.72
CA PRO E 302 -17.49 -35.06 40.42
C PRO E 302 -17.73 -34.84 38.96
N ILE E 303 -18.72 -35.54 38.43
CA ILE E 303 -19.20 -35.38 37.04
C ILE E 303 -20.16 -34.24 37.08
N VAL E 304 -19.80 -33.17 36.37
CA VAL E 304 -20.61 -31.88 36.36
C VAL E 304 -21.32 -31.63 35.05
N SER E 305 -21.11 -32.52 34.07
CA SER E 305 -21.67 -32.36 32.76
C SER E 305 -21.88 -33.76 32.04
N ILE E 306 -23.07 -33.96 31.48
CA ILE E 306 -23.40 -35.17 30.79
C ILE E 306 -24.06 -34.83 29.48
N GLU E 307 -23.45 -35.28 28.40
CA GLU E 307 -23.91 -34.85 27.07
C GLU E 307 -24.64 -36.04 26.44
N ASP E 308 -25.76 -35.80 25.79
CA ASP E 308 -26.50 -36.85 25.07
C ASP E 308 -26.70 -38.11 25.93
N GLY E 309 -27.19 -37.87 27.15
CA GLY E 309 -27.42 -38.91 28.15
C GLY E 309 -28.54 -39.83 27.74
N LEU E 310 -29.39 -39.40 26.78
CA LEU E 310 -30.40 -40.26 26.16
C LEU E 310 -30.42 -40.12 24.62
N ASP E 311 -31.27 -40.92 23.94
CA ASP E 311 -31.38 -40.90 22.49
C ASP E 311 -31.91 -39.56 22.04
N GLU E 312 -31.40 -39.16 20.88
CA GLU E 312 -31.82 -37.98 20.17
C GLU E 312 -33.31 -37.81 20.07
N SER E 313 -34.12 -38.88 20.02
CA SER E 313 -35.54 -38.71 19.83
C SER E 313 -36.29 -39.18 21.07
N ASP E 314 -35.57 -39.37 22.18
CA ASP E 314 -36.19 -39.71 23.51
C ASP E 314 -36.53 -38.46 24.36
N TRP E 315 -37.51 -37.68 23.91
CA TRP E 315 -37.77 -36.36 24.52
C TRP E 315 -38.38 -36.50 25.91
N ASP E 316 -39.32 -37.41 26.10
CA ASP E 316 -39.86 -37.63 27.47
C ASP E 316 -38.75 -38.07 28.46
N GLY E 317 -37.87 -38.95 27.99
CA GLY E 317 -36.70 -39.39 28.73
C GLY E 317 -35.81 -38.21 29.11
N PHE E 318 -35.49 -37.37 28.13
CA PHE E 318 -34.83 -36.11 28.45
C PHE E 318 -35.60 -35.22 29.43
N ALA E 319 -36.92 -35.16 29.29
CA ALA E 319 -37.70 -34.30 30.24
C ALA E 319 -37.43 -34.71 31.73
N TYR E 320 -37.43 -36.03 31.96
CA TYR E 320 -37.21 -36.55 33.29
C TYR E 320 -35.71 -36.48 33.73
N GLN E 321 -34.79 -36.81 32.82
CA GLN E 321 -33.38 -36.60 33.12
C GLN E 321 -33.11 -35.18 33.53
N THR E 322 -33.78 -34.22 32.84
CA THR E 322 -33.56 -32.80 33.21
C THR E 322 -34.10 -32.47 34.67
N LYS E 323 -35.30 -32.98 34.95
CA LYS E 323 -35.90 -32.88 36.25
C LYS E 323 -34.98 -33.50 37.33
N VAL E 324 -34.44 -34.70 37.12
CA VAL E 324 -33.63 -35.36 38.14
C VAL E 324 -32.23 -34.72 38.30
N LEU E 325 -31.56 -34.43 37.20
CA LEU E 325 -30.17 -33.95 37.23
C LEU E 325 -29.91 -32.44 36.95
N GLY E 326 -30.87 -31.75 36.34
CA GLY E 326 -30.68 -30.36 35.75
C GLY E 326 -30.26 -29.27 36.71
N ASP E 327 -30.70 -29.35 37.95
CA ASP E 327 -30.34 -28.35 38.94
C ASP E 327 -28.83 -28.36 39.23
N LYS E 328 -28.22 -29.54 39.19
CA LYS E 328 -26.90 -29.79 39.70
C LYS E 328 -25.85 -30.04 38.59
N ILE E 329 -26.30 -30.51 37.43
CA ILE E 329 -25.42 -31.04 36.42
C ILE E 329 -25.75 -30.31 35.15
N GLN E 330 -24.74 -30.02 34.33
CA GLN E 330 -24.98 -29.51 32.99
C GLN E 330 -25.43 -30.63 32.10
N LEU E 331 -26.53 -30.44 31.39
CA LEU E 331 -27.06 -31.47 30.52
C LEU E 331 -27.04 -30.95 29.07
N VAL E 332 -26.13 -31.49 28.25
CA VAL E 332 -25.73 -30.91 26.97
C VAL E 332 -26.42 -31.70 25.88
N GLY E 333 -27.29 -31.07 25.14
CA GLY E 333 -27.92 -31.67 23.95
C GLY E 333 -26.98 -31.50 22.76
N ASP E 334 -26.54 -32.58 22.14
CA ASP E 334 -25.70 -32.56 20.91
C ASP E 334 -26.57 -33.06 19.71
N ASP E 335 -26.66 -34.37 19.51
CA ASP E 335 -27.60 -34.97 18.54
C ASP E 335 -29.09 -34.56 18.84
N LEU E 336 -29.37 -34.17 20.10
CA LEU E 336 -30.69 -33.75 20.53
C LEU E 336 -31.12 -32.48 19.79
N PHE E 337 -30.17 -31.54 19.62
CA PHE E 337 -30.48 -30.22 19.05
C PHE E 337 -29.85 -29.98 17.66
N VAL E 338 -28.85 -30.79 17.27
CA VAL E 338 -28.04 -30.60 16.02
C VAL E 338 -27.82 -29.08 15.60
N THR E 339 -27.38 -28.26 16.58
CA THR E 339 -27.03 -26.84 16.40
C THR E 339 -28.08 -26.15 15.52
N ASN E 340 -29.36 -26.47 15.78
CA ASN E 340 -30.52 -26.10 14.96
C ASN E 340 -31.56 -25.34 15.84
N THR E 341 -31.63 -24.03 15.59
CA THR E 341 -32.55 -23.12 16.23
C THR E 341 -33.99 -23.64 16.30
N LYS E 342 -34.54 -24.21 15.22
CA LYS E 342 -35.92 -24.72 15.26
C LYS E 342 -36.14 -25.78 16.33
N ILE E 343 -35.16 -26.67 16.50
CA ILE E 343 -35.24 -27.81 17.42
C ILE E 343 -34.87 -27.30 18.84
N LEU E 344 -33.86 -26.43 18.95
CA LEU E 344 -33.46 -25.86 20.28
C LEU E 344 -34.62 -25.10 20.95
N LYS E 345 -35.35 -24.37 20.11
CA LYS E 345 -36.49 -23.58 20.59
C LYS E 345 -37.54 -24.52 21.23
N GLU E 346 -37.82 -25.62 20.57
CA GLU E 346 -38.83 -26.55 21.06
C GLU E 346 -38.28 -27.21 22.37
N GLY E 347 -36.98 -27.47 22.43
CA GLY E 347 -36.33 -27.96 23.66
C GLY E 347 -36.35 -26.99 24.85
N ILE E 348 -36.13 -25.71 24.56
CA ILE E 348 -36.24 -24.68 25.58
C ILE E 348 -37.65 -24.61 26.16
N GLU E 349 -38.64 -24.61 25.26
CA GLU E 349 -40.07 -24.63 25.63
C GLU E 349 -40.48 -25.79 26.48
N LYS E 350 -40.00 -27.01 26.17
CA LYS E 350 -40.35 -28.21 26.92
C LYS E 350 -39.45 -28.46 28.15
N GLY E 351 -38.58 -27.53 28.56
CA GLY E 351 -37.67 -27.71 29.75
C GLY E 351 -36.70 -28.86 29.56
N ILE E 352 -36.07 -29.02 28.36
CA ILE E 352 -35.32 -30.21 27.93
C ILE E 352 -33.83 -29.78 27.88
N ALA E 353 -32.97 -30.45 28.65
CA ALA E 353 -31.53 -30.14 28.77
C ALA E 353 -31.31 -28.73 29.33
N ASN E 354 -30.04 -28.28 29.47
CA ASN E 354 -29.77 -26.86 29.85
C ASN E 354 -28.48 -26.31 29.22
N SER E 355 -28.08 -26.93 28.10
CA SER E 355 -26.82 -26.68 27.43
C SER E 355 -26.90 -27.22 26.02
N ILE E 356 -26.07 -26.72 25.13
CA ILE E 356 -26.13 -27.17 23.71
C ILE E 356 -24.70 -27.21 23.23
N LEU E 357 -24.41 -28.27 22.52
CA LEU E 357 -23.12 -28.47 21.86
C LEU E 357 -23.23 -27.87 20.51
N ILE E 358 -22.22 -27.05 20.19
CA ILE E 358 -22.31 -26.27 19.01
C ILE E 358 -21.35 -26.77 17.96
N LYS E 359 -21.93 -27.22 16.84
CA LYS E 359 -21.13 -27.73 15.75
C LYS E 359 -21.54 -27.08 14.48
N PHE E 360 -20.71 -26.22 13.95
CA PHE E 360 -21.08 -25.52 12.74
C PHE E 360 -21.50 -26.35 11.57
N ASN E 361 -20.95 -27.56 11.46
CA ASN E 361 -21.29 -28.45 10.33
C ASN E 361 -22.58 -29.21 10.54
N GLN E 362 -23.14 -29.19 11.72
CA GLN E 362 -24.49 -29.76 11.90
C GLN E 362 -25.62 -29.00 11.21
N ILE E 363 -25.38 -27.70 11.02
CA ILE E 363 -26.30 -26.74 10.46
C ILE E 363 -25.79 -26.21 9.07
N GLY E 364 -24.49 -25.91 8.94
CA GLY E 364 -23.89 -25.64 7.62
C GLY E 364 -23.49 -24.21 7.26
N SER E 365 -23.57 -23.30 8.22
CA SER E 365 -23.16 -21.90 8.04
C SER E 365 -22.83 -21.23 9.37
N LEU E 366 -21.97 -20.24 9.28
CA LEU E 366 -21.56 -19.52 10.48
C LEU E 366 -22.75 -18.73 11.03
N THR E 367 -23.48 -18.06 10.14
CA THR E 367 -24.71 -17.24 10.57
C THR E 367 -25.73 -18.09 11.38
N GLU E 368 -26.09 -19.29 10.86
CA GLU E 368 -27.03 -20.21 11.54
C GLU E 368 -26.47 -20.71 12.87
N THR E 369 -25.16 -20.87 12.92
CA THR E 369 -24.45 -21.18 14.19
C THR E 369 -24.53 -20.09 15.27
N LEU E 370 -24.21 -18.87 14.88
CA LEU E 370 -24.42 -17.72 15.77
C LEU E 370 -25.86 -17.59 16.22
N ALA E 371 -26.83 -17.88 15.35
CA ALA E 371 -28.23 -17.93 15.80
C ALA E 371 -28.50 -18.92 16.89
N ALA E 372 -27.94 -20.17 16.80
CA ALA E 372 -28.15 -21.10 17.86
C ALA E 372 -27.49 -20.69 19.15
N ILE E 373 -26.30 -20.12 19.03
CA ILE E 373 -25.64 -19.61 20.32
C ILE E 373 -26.49 -18.49 21.07
N LYS E 374 -27.05 -17.56 20.30
CA LYS E 374 -27.91 -16.48 20.78
C LYS E 374 -29.13 -17.09 21.44
N MET E 375 -29.79 -18.01 20.73
CA MET E 375 -30.96 -18.63 21.30
C MET E 375 -30.64 -19.28 22.67
N ALA E 376 -29.51 -19.97 22.74
CA ALA E 376 -29.09 -20.64 24.00
C ALA E 376 -28.78 -19.65 25.09
N LYS E 377 -28.01 -18.62 24.74
CA LYS E 377 -27.64 -17.62 25.78
C LYS E 377 -28.92 -16.88 26.25
N ASP E 378 -29.86 -16.56 25.37
CA ASP E 378 -31.14 -15.87 25.73
C ASP E 378 -31.97 -16.68 26.71
N ALA E 379 -31.84 -18.02 26.63
CA ALA E 379 -32.55 -18.95 27.47
C ALA E 379 -31.79 -19.38 28.74
N GLY E 380 -30.59 -18.83 29.01
CA GLY E 380 -29.79 -19.26 30.17
C GLY E 380 -29.08 -20.62 30.03
N TYR E 381 -29.10 -21.19 28.81
CA TYR E 381 -28.39 -22.41 28.39
C TYR E 381 -26.92 -22.06 28.11
N THR E 382 -26.02 -22.96 28.45
CA THR E 382 -24.62 -22.79 28.09
C THR E 382 -24.44 -23.34 26.65
N ALA E 383 -23.40 -22.84 26.01
CA ALA E 383 -23.05 -23.26 24.68
C ALA E 383 -21.60 -23.75 24.78
N VAL E 384 -21.40 -25.00 24.35
CA VAL E 384 -20.10 -25.63 24.35
C VAL E 384 -19.73 -25.71 22.88
N ILE E 385 -18.67 -24.99 22.50
CA ILE E 385 -18.23 -25.03 21.12
C ILE E 385 -17.45 -26.35 20.87
N SER E 386 -17.76 -27.08 19.78
CA SER E 386 -17.18 -28.45 19.57
C SER E 386 -16.50 -28.73 18.24
N HIS E 387 -15.53 -29.65 18.32
CA HIS E 387 -14.95 -30.28 17.18
C HIS E 387 -15.93 -31.37 16.66
N ARG E 388 -15.56 -31.88 15.52
CA ARG E 388 -16.02 -33.21 15.16
C ARG E 388 -14.91 -34.28 15.35
N SER E 389 -15.30 -35.54 15.34
CA SER E 389 -14.34 -36.62 15.42
C SER E 389 -13.37 -36.64 14.19
N GLY E 390 -13.87 -36.27 12.97
CA GLY E 390 -13.04 -35.98 11.83
C GLY E 390 -12.71 -34.54 11.68
N GLU E 391 -11.43 -34.20 11.91
CA GLU E 391 -11.04 -32.83 11.97
C GLU E 391 -9.96 -32.54 10.90
N THR E 392 -9.56 -31.25 10.79
CA THR E 392 -8.35 -30.86 10.09
C THR E 392 -7.45 -30.04 11.08
N GLU E 393 -6.32 -29.64 10.58
CA GLU E 393 -5.41 -28.68 11.21
C GLU E 393 -6.03 -27.29 11.46
N ASP E 394 -7.19 -26.98 10.80
CA ASP E 394 -8.06 -25.74 10.94
C ASP E 394 -8.32 -25.57 12.48
N ALA E 395 -8.19 -24.35 12.99
CA ALA E 395 -8.43 -24.01 14.43
C ALA E 395 -9.55 -22.99 14.60
N THR E 396 -10.42 -22.89 13.57
CA THR E 396 -11.52 -21.94 13.59
C THR E 396 -12.35 -22.01 14.90
N ILE E 397 -12.58 -23.20 15.49
CA ILE E 397 -13.50 -23.24 16.62
C ILE E 397 -12.80 -22.61 17.85
N ALA E 398 -11.50 -22.43 17.83
CA ALA E 398 -10.87 -21.71 18.98
C ALA E 398 -11.28 -20.24 18.92
N ASP E 399 -11.15 -19.62 17.74
CA ASP E 399 -11.61 -18.22 17.54
C ASP E 399 -13.11 -18.05 17.77
N LEU E 400 -13.90 -19.06 17.41
CA LEU E 400 -15.33 -19.01 17.61
C LEU E 400 -15.66 -19.00 19.03
N ALA E 401 -14.98 -19.82 19.76
CA ALA E 401 -15.21 -19.92 21.27
C ALA E 401 -14.89 -18.68 21.95
N VAL E 402 -13.80 -18.02 21.55
CA VAL E 402 -13.35 -16.83 22.25
C VAL E 402 -14.26 -15.67 21.84
N GLY E 403 -14.56 -15.61 20.53
CA GLY E 403 -15.30 -14.41 20.05
C GLY E 403 -16.80 -14.41 20.36
N THR E 404 -17.31 -15.54 20.76
CA THR E 404 -18.65 -15.61 21.22
C THR E 404 -18.67 -15.69 22.71
N ALA E 405 -17.54 -15.53 23.37
CA ALA E 405 -17.46 -15.76 24.87
C ALA E 405 -18.29 -16.96 25.36
N ALA E 406 -18.19 -18.09 24.64
CA ALA E 406 -19.04 -19.29 24.89
C ALA E 406 -18.77 -19.81 26.30
N GLY E 407 -17.50 -19.75 26.67
CA GLY E 407 -17.10 -20.08 28.03
C GLY E 407 -16.65 -21.59 28.18
N GLN E 408 -16.97 -22.44 27.17
CA GLN E 408 -16.55 -23.89 27.14
C GLN E 408 -16.24 -24.33 25.74
N ILE E 409 -15.29 -25.25 25.63
CA ILE E 409 -14.91 -25.82 24.33
C ILE E 409 -14.66 -27.38 24.58
N LYS E 410 -15.02 -28.18 23.58
CA LYS E 410 -14.83 -29.60 23.47
C LYS E 410 -14.03 -29.83 22.17
N THR E 411 -12.74 -29.95 22.35
CA THR E 411 -11.82 -30.12 21.19
C THR E 411 -10.78 -31.24 21.27
N GLY E 412 -11.02 -32.19 22.15
CA GLY E 412 -10.32 -33.46 22.26
C GLY E 412 -9.30 -33.60 23.38
N SER E 413 -8.65 -34.74 23.36
CA SER E 413 -7.54 -35.08 24.19
C SER E 413 -6.36 -34.18 23.89
N MET E 414 -5.40 -34.26 24.80
CA MET E 414 -4.10 -33.61 24.58
C MET E 414 -3.13 -34.42 23.68
N SER E 415 -3.65 -35.00 22.57
CA SER E 415 -2.77 -35.55 21.64
C SER E 415 -3.52 -35.51 20.30
N ARG E 416 -2.74 -35.62 19.24
CA ARG E 416 -3.13 -35.50 17.86
C ARG E 416 -3.23 -33.98 17.50
N SER E 417 -2.52 -33.50 16.45
CA SER E 417 -2.64 -32.10 16.11
C SER E 417 -4.01 -31.70 15.60
N ASP E 418 -4.84 -32.62 15.15
CA ASP E 418 -6.24 -32.32 14.86
C ASP E 418 -6.98 -31.84 16.10
N ARG E 419 -6.49 -32.18 17.29
CA ARG E 419 -6.96 -31.57 18.53
C ARG E 419 -6.08 -30.46 19.03
N VAL E 420 -4.78 -30.73 19.13
CA VAL E 420 -3.78 -29.85 19.70
C VAL E 420 -3.70 -28.47 19.01
N ALA E 421 -4.01 -28.38 17.68
CA ALA E 421 -3.95 -27.17 16.92
C ALA E 421 -4.97 -26.17 17.54
N LYS E 422 -6.13 -26.64 18.00
CA LYS E 422 -7.03 -25.77 18.62
C LYS E 422 -6.48 -25.21 19.95
N TYR E 423 -5.94 -26.08 20.72
CA TYR E 423 -5.26 -25.64 22.06
C TYR E 423 -4.11 -24.62 21.83
N ASN E 424 -3.34 -24.81 20.77
CA ASN E 424 -2.30 -23.90 20.46
C ASN E 424 -2.87 -22.52 20.09
N GLN E 425 -3.99 -22.53 19.30
CA GLN E 425 -4.63 -21.32 18.94
C GLN E 425 -5.16 -20.61 20.19
N LEU E 426 -5.75 -21.35 21.13
CA LEU E 426 -6.18 -20.72 22.40
C LEU E 426 -4.98 -20.11 23.11
N ILE E 427 -3.84 -20.77 23.08
CA ILE E 427 -2.60 -20.20 23.72
C ILE E 427 -2.23 -18.87 23.04
N ARG E 428 -2.22 -18.84 21.71
CA ARG E 428 -1.87 -17.61 21.00
C ARG E 428 -2.87 -16.45 21.26
N ILE E 429 -4.18 -16.75 21.30
CA ILE E 429 -5.17 -15.79 21.54
C ILE E 429 -5.07 -15.19 22.94
N GLU E 430 -4.89 -16.02 23.95
CA GLU E 430 -4.82 -15.51 25.32
C GLU E 430 -3.56 -14.70 25.48
N GLU E 431 -2.49 -15.06 24.76
CA GLU E 431 -1.22 -14.29 24.82
C GLU E 431 -1.50 -12.82 24.37
N ALA E 432 -2.33 -12.67 23.33
CA ALA E 432 -2.68 -11.38 22.74
C ALA E 432 -3.64 -10.58 23.63
N LEU E 433 -4.73 -11.21 24.04
CA LEU E 433 -5.75 -10.56 24.78
C LEU E 433 -5.46 -10.39 26.30
N GLY E 434 -4.76 -11.27 26.95
CA GLY E 434 -4.57 -11.13 28.45
C GLY E 434 -5.89 -11.14 29.19
N GLU E 435 -5.99 -10.28 30.19
CA GLU E 435 -7.24 -10.20 30.98
C GLU E 435 -8.50 -9.63 30.24
N LYS E 436 -8.37 -9.13 29.01
CA LYS E 436 -9.54 -8.89 28.16
C LYS E 436 -10.31 -10.17 27.82
N ALA E 437 -9.67 -11.33 27.91
CA ALA E 437 -10.34 -12.63 27.79
C ALA E 437 -10.17 -13.45 29.05
N PRO E 438 -11.05 -13.19 30.06
CA PRO E 438 -10.91 -13.93 31.33
C PRO E 438 -11.17 -15.45 31.17
N TYR E 439 -10.44 -16.20 31.97
CA TYR E 439 -10.73 -17.62 32.19
C TYR E 439 -11.51 -17.80 33.46
N ASN E 440 -12.76 -18.19 33.32
CA ASN E 440 -13.73 -18.07 34.42
C ASN E 440 -13.93 -19.34 35.23
N GLY E 441 -13.37 -20.48 34.81
CA GLY E 441 -13.33 -21.70 35.54
C GLY E 441 -14.71 -22.30 35.75
N ARG E 442 -14.93 -22.72 36.98
CA ARG E 442 -16.10 -23.58 37.19
C ARG E 442 -17.42 -22.86 36.94
N LYS E 443 -17.41 -21.52 37.09
CA LYS E 443 -18.68 -20.78 36.93
C LYS E 443 -19.22 -20.82 35.50
N GLU E 444 -18.40 -21.19 34.52
CA GLU E 444 -18.93 -21.41 33.19
C GLU E 444 -19.94 -22.52 33.07
N ILE E 445 -19.85 -23.47 33.97
CA ILE E 445 -20.58 -24.72 33.78
C ILE E 445 -21.95 -24.57 34.41
N LYS E 446 -22.96 -24.90 33.62
CA LYS E 446 -24.33 -24.82 34.05
C LYS E 446 -24.51 -25.69 35.30
N GLY E 447 -25.13 -25.15 36.32
CA GLY E 447 -25.33 -25.88 37.55
C GLY E 447 -24.31 -25.57 38.65
N GLN E 448 -23.23 -24.89 38.27
CA GLN E 448 -22.32 -24.25 39.28
C GLN E 448 -22.80 -22.80 39.65
N GLN F 11 11.34 0.95 -8.38
CA GLN F 11 10.83 0.66 -9.74
C GLN F 11 9.40 0.09 -9.58
N GLN F 12 8.79 0.38 -8.41
CA GLN F 12 7.37 0.38 -8.16
C GLN F 12 6.64 1.78 -8.47
N MET F 13 5.56 1.73 -9.29
CA MET F 13 4.53 2.81 -9.52
C MET F 13 3.48 2.84 -8.40
N GLY F 14 3.74 3.66 -7.38
CA GLY F 14 2.77 4.15 -6.41
C GLY F 14 1.36 4.50 -6.88
N ARG F 15 0.41 4.44 -5.95
CA ARG F 15 -0.98 4.59 -6.38
C ARG F 15 -1.24 6.07 -6.67
N GLY F 16 -0.41 6.97 -6.11
CA GLY F 16 -0.53 8.34 -6.46
C GLY F 16 -0.35 8.62 -7.98
N SER F 17 0.44 7.79 -8.62
CA SER F 17 0.64 7.96 -10.06
C SER F 17 -0.59 7.56 -10.85
N MET F 18 -1.58 6.95 -10.21
CA MET F 18 -2.72 6.38 -10.98
C MET F 18 -3.89 7.28 -10.86
N SER F 19 -3.77 8.43 -11.50
CA SER F 19 -4.68 9.52 -11.32
C SER F 19 -5.69 9.59 -12.51
N LYS F 20 -5.82 8.54 -13.31
CA LYS F 20 -6.84 8.56 -14.37
C LYS F 20 -8.21 8.45 -13.69
N ILE F 21 -9.12 9.22 -14.20
CA ILE F 21 -10.50 9.12 -13.74
C ILE F 21 -11.10 7.81 -14.16
N VAL F 22 -11.72 7.13 -13.18
CA VAL F 22 -12.44 5.94 -13.45
C VAL F 22 -13.94 5.94 -13.25
N LYS F 23 -14.48 6.89 -12.50
CA LYS F 23 -15.98 6.93 -12.22
C LYS F 23 -16.23 8.40 -11.82
N ILE F 24 -17.36 8.91 -12.30
CA ILE F 24 -17.92 10.20 -11.91
C ILE F 24 -19.38 9.93 -11.61
N ILE F 25 -19.80 10.24 -10.38
CA ILE F 25 -21.14 10.10 -9.88
C ILE F 25 -21.68 11.55 -9.59
N GLY F 26 -22.88 11.80 -10.10
CA GLY F 26 -23.65 13.01 -9.78
C GLY F 26 -24.87 12.66 -8.95
N ARG F 27 -25.24 13.57 -8.02
CA ARG F 27 -26.45 13.47 -7.21
C ARG F 27 -27.03 14.85 -6.90
N GLU F 28 -28.34 14.84 -6.64
CA GLU F 28 -29.09 15.97 -6.13
C GLU F 28 -29.09 15.98 -4.59
N ILE F 29 -28.45 16.99 -4.02
CA ILE F 29 -28.44 17.20 -2.58
C ILE F 29 -29.22 18.54 -2.36
N ILE F 30 -29.25 19.03 -1.12
CA ILE F 30 -30.00 20.21 -0.71
C ILE F 30 -29.07 21.33 -0.23
N ASP F 31 -29.40 22.59 -0.64
CA ASP F 31 -28.62 23.75 -0.25
C ASP F 31 -29.15 24.35 1.08
N SER F 32 -28.55 25.46 1.48
CA SER F 32 -28.89 26.09 2.79
C SER F 32 -30.25 26.76 2.81
N ARG F 33 -30.89 26.89 1.66
CA ARG F 33 -32.28 27.35 1.66
C ARG F 33 -33.31 26.25 1.44
N GLY F 34 -32.89 24.97 1.38
CA GLY F 34 -33.82 23.86 1.09
C GLY F 34 -34.03 23.62 -0.40
N ASN F 35 -33.19 24.22 -1.23
CA ASN F 35 -33.30 23.92 -2.69
C ASN F 35 -32.23 22.92 -3.22
N PRO F 36 -32.59 22.20 -4.29
CA PRO F 36 -31.68 21.22 -4.84
C PRO F 36 -30.41 21.84 -5.39
N THR F 37 -29.30 21.13 -5.33
CA THR F 37 -28.14 21.53 -6.07
C THR F 37 -27.44 20.21 -6.41
N VAL F 38 -26.42 20.33 -7.27
CA VAL F 38 -25.68 19.27 -7.78
C VAL F 38 -24.43 19.02 -6.91
N GLU F 39 -24.19 17.74 -6.54
CA GLU F 39 -22.99 17.24 -5.96
C GLU F 39 -22.39 16.19 -6.91
N ALA F 40 -21.08 16.27 -7.10
CA ALA F 40 -20.31 15.31 -7.86
C ALA F 40 -19.18 14.65 -7.09
N GLU F 41 -18.94 13.36 -7.38
CA GLU F 41 -17.78 12.63 -6.93
C GLU F 41 -17.01 12.18 -8.12
N VAL F 42 -15.73 12.49 -8.06
CA VAL F 42 -14.75 12.04 -9.03
C VAL F 42 -13.78 11.00 -8.36
N HIS F 43 -13.77 9.80 -8.94
CA HIS F 43 -13.02 8.60 -8.41
C HIS F 43 -11.88 8.34 -9.35
N LEU F 44 -10.64 8.31 -8.82
CA LEU F 44 -9.47 7.90 -9.62
C LEU F 44 -9.11 6.40 -9.46
N GLU F 45 -8.29 5.93 -10.41
CA GLU F 45 -7.87 4.51 -10.50
C GLU F 45 -7.15 4.10 -9.24
N GLY F 46 -6.26 4.98 -8.72
CA GLY F 46 -5.61 4.70 -7.46
C GLY F 46 -6.39 4.71 -6.17
N GLY F 47 -7.71 4.80 -6.20
CA GLY F 47 -8.53 4.83 -4.96
C GLY F 47 -8.94 6.25 -4.47
N PHE F 48 -8.42 7.33 -5.08
CA PHE F 48 -8.66 8.71 -4.65
C PHE F 48 -10.02 9.18 -5.08
N VAL F 49 -10.69 9.81 -4.11
CA VAL F 49 -12.04 10.42 -4.34
C VAL F 49 -12.07 11.89 -3.91
N GLY F 50 -12.68 12.69 -4.77
CA GLY F 50 -13.00 14.09 -4.50
C GLY F 50 -14.52 14.25 -4.70
N MET F 51 -15.09 15.09 -3.79
CA MET F 51 -16.49 15.43 -3.74
C MET F 51 -16.73 16.96 -3.54
N ALA F 52 -17.62 17.53 -4.34
CA ALA F 52 -17.97 18.92 -4.21
C ALA F 52 -19.36 19.16 -4.70
N ALA F 53 -19.87 20.39 -4.41
CA ALA F 53 -21.24 20.76 -4.76
C ALA F 53 -21.24 22.19 -5.24
N ALA F 54 -22.16 22.47 -6.16
CA ALA F 54 -22.37 23.81 -6.63
C ALA F 54 -23.22 24.62 -5.63
N PRO F 55 -22.81 25.88 -5.34
CA PRO F 55 -23.69 26.87 -4.61
C PRO F 55 -24.72 27.45 -5.59
N SER F 56 -25.64 28.29 -5.09
CA SER F 56 -26.69 28.89 -5.89
C SER F 56 -27.00 30.30 -5.34
N GLY F 57 -26.94 31.31 -6.23
CA GLY F 57 -27.37 32.68 -5.89
C GLY F 57 -28.90 32.95 -5.89
N ALA F 58 -29.30 34.01 -5.19
CA ALA F 58 -30.67 34.63 -5.31
C ALA F 58 -30.57 35.86 -6.21
N SER F 59 -29.68 36.79 -5.86
CA SER F 59 -29.49 38.03 -6.70
C SER F 59 -28.46 37.69 -7.75
N THR F 60 -28.89 36.93 -8.73
CA THR F 60 -27.98 36.53 -9.82
C THR F 60 -27.80 37.60 -10.91
N GLY F 61 -26.55 37.91 -11.29
CA GLY F 61 -26.33 38.81 -12.43
C GLY F 61 -26.95 38.21 -13.70
N SER F 62 -27.41 39.03 -14.61
CA SER F 62 -28.03 38.50 -15.87
C SER F 62 -27.03 37.76 -16.80
N ARG F 63 -25.74 38.08 -16.70
CA ARG F 63 -24.64 37.46 -17.53
C ARG F 63 -23.85 36.25 -16.87
N GLU F 64 -24.34 35.79 -15.71
CA GLU F 64 -23.92 34.50 -15.10
C GLU F 64 -24.11 33.36 -16.06
N ALA F 65 -23.15 32.42 -16.02
CA ALA F 65 -23.30 31.13 -16.61
C ALA F 65 -24.57 30.47 -16.05
N LEU F 66 -25.28 29.77 -16.90
CA LEU F 66 -26.64 29.26 -16.56
C LEU F 66 -26.63 28.17 -15.42
N GLU F 67 -27.35 28.42 -14.37
CA GLU F 67 -27.70 27.34 -13.41
C GLU F 67 -28.90 26.54 -13.98
N LEU F 68 -28.71 25.27 -14.29
CA LEU F 68 -29.70 24.48 -15.02
C LEU F 68 -30.59 23.80 -14.02
N ARG F 69 -31.86 24.19 -14.12
CA ARG F 69 -32.93 23.70 -13.30
C ARG F 69 -33.99 23.03 -14.17
N ASP F 70 -34.78 22.16 -13.55
CA ASP F 70 -35.61 21.24 -14.35
C ASP F 70 -36.93 21.88 -14.76
N GLY F 71 -37.47 22.70 -13.87
CA GLY F 71 -38.79 23.36 -14.04
C GLY F 71 -39.96 22.38 -13.94
N ASP F 72 -39.79 21.22 -13.33
CA ASP F 72 -40.88 20.29 -13.10
C ASP F 72 -41.54 20.68 -11.78
N LYS F 73 -42.71 21.32 -11.89
CA LYS F 73 -43.43 21.82 -10.74
C LYS F 73 -43.92 20.72 -9.77
N SER F 74 -43.91 19.45 -10.16
CA SER F 74 -44.24 18.34 -9.23
C SER F 74 -43.07 18.09 -8.26
N ARG F 75 -41.85 18.64 -8.50
CA ARG F 75 -40.76 18.42 -7.58
C ARG F 75 -40.08 19.69 -7.22
N PHE F 76 -39.95 19.96 -5.91
CA PHE F 76 -39.19 21.08 -5.40
C PHE F 76 -39.67 22.46 -6.00
N LEU F 77 -40.97 22.53 -6.34
CA LEU F 77 -41.54 23.75 -6.87
C LEU F 77 -40.79 24.12 -8.16
N GLY F 78 -40.33 23.13 -8.92
CA GLY F 78 -39.65 23.36 -10.20
C GLY F 78 -38.16 23.59 -10.17
N LYS F 79 -37.58 23.52 -8.96
CA LYS F 79 -36.14 23.79 -8.73
C LYS F 79 -35.19 22.51 -8.70
N GLY F 80 -35.70 21.36 -9.13
CA GLY F 80 -34.92 20.11 -9.18
C GLY F 80 -33.72 20.34 -10.10
N VAL F 81 -32.67 19.53 -9.91
CA VAL F 81 -31.46 19.62 -10.76
C VAL F 81 -31.09 18.25 -11.41
N THR F 82 -32.12 17.42 -11.62
CA THR F 82 -31.97 16.13 -12.23
C THR F 82 -31.42 16.21 -13.65
N LYS F 83 -31.64 17.28 -14.41
CA LYS F 83 -31.00 17.32 -15.75
C LYS F 83 -29.50 17.56 -15.63
N ALA F 84 -29.10 18.46 -14.71
CA ALA F 84 -27.66 18.71 -14.53
C ALA F 84 -27.02 17.41 -13.96
N VAL F 85 -27.66 16.71 -13.01
CA VAL F 85 -27.21 15.40 -12.53
C VAL F 85 -27.04 14.36 -13.68
N ALA F 86 -28.04 14.26 -14.58
CA ALA F 86 -27.88 13.42 -15.70
C ALA F 86 -26.69 13.73 -16.61
N ALA F 87 -26.45 14.98 -16.85
CA ALA F 87 -25.24 15.37 -17.58
C ALA F 87 -23.93 14.91 -16.84
N VAL F 88 -23.86 15.04 -15.51
CA VAL F 88 -22.75 14.49 -14.77
C VAL F 88 -22.60 12.96 -14.99
N ASN F 89 -23.68 12.21 -14.75
CA ASN F 89 -23.62 10.73 -14.85
C ASN F 89 -23.45 10.14 -16.29
N GLY F 90 -23.81 10.90 -17.32
CA GLY F 90 -23.84 10.48 -18.70
C GLY F 90 -22.74 11.09 -19.56
N PRO F 91 -23.03 12.22 -20.19
CA PRO F 91 -22.02 12.72 -21.17
C PRO F 91 -20.71 13.30 -20.55
N ILE F 92 -20.76 13.86 -19.36
CA ILE F 92 -19.51 14.37 -18.71
C ILE F 92 -18.64 13.18 -18.30
N ALA F 93 -19.24 12.22 -17.59
CA ALA F 93 -18.55 10.88 -17.25
C ALA F 93 -17.89 10.27 -18.45
N GLN F 94 -18.63 10.14 -19.54
CA GLN F 94 -18.09 9.61 -20.75
C GLN F 94 -16.87 10.33 -21.30
N ALA F 95 -16.88 11.63 -21.30
CA ALA F 95 -15.76 12.40 -21.86
C ALA F 95 -14.55 12.47 -20.94
N LEU F 96 -14.75 12.28 -19.63
CA LEU F 96 -13.61 12.38 -18.70
C LEU F 96 -12.96 11.08 -18.22
N ILE F 97 -13.67 9.97 -18.24
CA ILE F 97 -13.14 8.64 -17.89
C ILE F 97 -11.92 8.39 -18.72
N GLY F 98 -10.85 8.08 -18.02
CA GLY F 98 -9.57 7.87 -18.66
C GLY F 98 -8.65 9.06 -18.69
N LYS F 99 -9.11 10.28 -18.33
CA LYS F 99 -8.30 11.50 -18.37
C LYS F 99 -7.60 11.67 -17.04
N ASP F 100 -6.44 12.28 -17.07
CA ASP F 100 -5.70 12.52 -15.80
C ASP F 100 -6.26 13.74 -15.00
N ALA F 101 -6.78 13.45 -13.82
CA ALA F 101 -7.27 14.44 -12.91
C ALA F 101 -6.24 15.49 -12.52
N LYS F 102 -4.96 15.19 -12.55
CA LYS F 102 -4.00 16.26 -12.21
C LYS F 102 -3.94 17.43 -13.21
N ASP F 103 -4.37 17.20 -14.43
CA ASP F 103 -4.39 18.22 -15.50
C ASP F 103 -5.75 19.03 -15.46
N GLN F 104 -5.87 19.88 -14.45
CA GLN F 104 -7.11 20.63 -14.20
C GLN F 104 -7.59 21.38 -15.45
N ALA F 105 -6.65 22.04 -16.15
CA ALA F 105 -7.01 22.88 -17.27
C ALA F 105 -7.58 21.96 -18.37
N GLY F 106 -7.01 20.76 -18.55
CA GLY F 106 -7.49 19.82 -19.62
C GLY F 106 -8.87 19.32 -19.36
N ILE F 107 -9.11 19.02 -18.09
CA ILE F 107 -10.37 18.45 -17.62
C ILE F 107 -11.45 19.50 -17.88
N ASP F 108 -11.18 20.71 -17.37
CA ASP F 108 -12.14 21.84 -17.59
C ASP F 108 -12.40 22.09 -19.04
N LYS F 109 -11.32 22.16 -19.84
CA LYS F 109 -11.48 22.36 -21.29
C LYS F 109 -12.36 21.35 -21.96
N ILE F 110 -12.23 20.04 -21.63
CA ILE F 110 -13.03 18.99 -22.21
C ILE F 110 -14.50 19.24 -21.89
N MET F 111 -14.83 19.58 -20.63
CA MET F 111 -16.27 19.87 -20.32
C MET F 111 -16.78 21.15 -21.02
N ILE F 112 -15.96 22.19 -21.04
CA ILE F 112 -16.37 23.49 -21.64
C ILE F 112 -16.59 23.24 -23.16
N ASP F 113 -15.69 22.54 -23.82
CA ASP F 113 -15.91 22.28 -25.31
C ASP F 113 -17.02 21.32 -25.58
N LEU F 114 -17.25 20.38 -24.69
CA LEU F 114 -18.30 19.41 -24.92
C LEU F 114 -19.69 20.08 -24.82
N ASP F 115 -19.85 20.87 -23.77
CA ASP F 115 -21.07 21.66 -23.62
C ASP F 115 -21.37 22.51 -24.90
N GLY F 116 -20.35 23.10 -25.44
CA GLY F 116 -20.38 23.84 -26.74
C GLY F 116 -21.04 25.24 -26.72
N THR F 117 -21.47 25.77 -25.57
CA THR F 117 -22.25 27.00 -25.45
C THR F 117 -21.52 28.04 -24.65
N GLU F 118 -21.93 29.32 -24.86
CA GLU F 118 -21.19 30.39 -24.29
C GLU F 118 -21.35 30.32 -22.78
N ASN F 119 -22.58 30.03 -22.37
CA ASN F 119 -22.99 30.14 -20.95
C ASN F 119 -23.31 28.84 -20.30
N LYS F 120 -22.81 27.72 -20.90
CA LYS F 120 -22.89 26.43 -20.31
C LYS F 120 -24.28 26.02 -20.12
N SER F 121 -25.09 26.29 -21.14
CA SER F 121 -26.55 26.07 -20.99
C SER F 121 -27.05 24.66 -21.42
N LYS F 122 -26.18 23.84 -21.99
CA LYS F 122 -26.48 22.42 -22.27
C LYS F 122 -26.40 21.51 -21.03
N PHE F 123 -25.28 21.59 -20.30
CA PHE F 123 -25.10 20.78 -19.08
C PHE F 123 -25.41 21.51 -17.80
N GLY F 124 -25.38 22.85 -17.80
CA GLY F 124 -25.53 23.64 -16.62
C GLY F 124 -24.09 23.88 -16.06
N ALA F 125 -23.83 25.10 -15.74
CA ALA F 125 -22.62 25.48 -15.03
C ALA F 125 -22.58 24.81 -13.65
N ASN F 126 -23.77 24.51 -13.09
CA ASN F 126 -23.87 23.77 -11.91
C ASN F 126 -23.29 22.31 -12.04
N ALA F 127 -23.62 21.61 -13.18
CA ALA F 127 -23.02 20.33 -13.47
C ALA F 127 -21.48 20.44 -13.63
N ILE F 128 -21.05 21.36 -14.49
CA ILE F 128 -19.66 21.48 -14.83
C ILE F 128 -18.81 21.88 -13.62
N LEU F 129 -19.31 22.77 -12.85
CA LEU F 129 -18.59 23.22 -11.64
C LEU F 129 -18.39 22.14 -10.64
N ALA F 130 -19.41 21.35 -10.38
CA ALA F 130 -19.35 20.36 -9.30
C ALA F 130 -18.25 19.29 -9.63
N VAL F 131 -18.16 18.96 -10.92
CA VAL F 131 -17.20 18.00 -11.39
C VAL F 131 -15.81 18.69 -11.30
N SER F 132 -15.72 19.96 -11.73
CA SER F 132 -14.48 20.64 -11.88
C SER F 132 -13.85 20.71 -10.44
N LEU F 133 -14.63 20.93 -9.42
CA LEU F 133 -14.02 21.09 -8.04
C LEU F 133 -13.76 19.74 -7.45
N ALA F 134 -14.67 18.79 -7.75
CA ALA F 134 -14.46 17.36 -7.34
C ALA F 134 -13.15 16.80 -7.85
N ASN F 135 -12.84 17.09 -9.11
CA ASN F 135 -11.70 16.62 -9.81
C ASN F 135 -10.49 17.22 -9.13
N ALA F 136 -10.54 18.48 -8.84
CA ALA F 136 -9.38 19.12 -8.12
C ALA F 136 -9.09 18.51 -6.79
N LYS F 137 -10.12 18.19 -6.04
CA LYS F 137 -9.95 17.52 -4.74
C LYS F 137 -9.37 16.09 -4.84
N ALA F 138 -9.83 15.34 -5.85
CA ALA F 138 -9.31 14.02 -6.14
C ALA F 138 -7.87 14.10 -6.48
N ALA F 139 -7.49 15.05 -7.33
CA ALA F 139 -6.15 15.22 -7.78
C ALA F 139 -5.27 15.64 -6.59
N ALA F 140 -5.77 16.49 -5.76
CA ALA F 140 -4.99 16.89 -4.55
C ALA F 140 -4.58 15.68 -3.71
N ALA F 141 -5.54 14.82 -3.48
CA ALA F 141 -5.35 13.59 -2.72
C ALA F 141 -4.33 12.66 -3.43
N ALA F 142 -4.41 12.54 -4.78
CA ALA F 142 -3.47 11.80 -5.57
C ALA F 142 -2.05 12.33 -5.45
N LYS F 143 -1.86 13.62 -5.35
CA LYS F 143 -0.54 14.27 -5.23
C LYS F 143 -0.08 14.35 -3.74
N GLY F 144 -0.90 13.87 -2.84
CA GLY F 144 -0.55 13.76 -1.39
C GLY F 144 -0.49 15.11 -0.66
N MET F 145 -1.44 15.95 -0.95
CA MET F 145 -1.48 17.32 -0.43
C MET F 145 -2.86 17.88 -0.15
N PRO F 146 -2.89 18.79 0.81
CA PRO F 146 -4.14 19.50 1.00
C PRO F 146 -4.59 20.30 -0.25
N LEU F 147 -5.89 20.50 -0.34
CA LEU F 147 -6.46 21.24 -1.47
C LEU F 147 -5.83 22.63 -1.68
N TYR F 148 -5.57 23.39 -0.61
CA TYR F 148 -4.95 24.74 -0.79
C TYR F 148 -3.56 24.66 -1.43
N GLU F 149 -2.82 23.56 -1.17
CA GLU F 149 -1.46 23.44 -1.72
C GLU F 149 -1.55 23.14 -3.22
N HIS F 150 -2.50 22.30 -3.55
CA HIS F 150 -2.75 21.90 -4.96
C HIS F 150 -3.19 23.13 -5.74
N ILE F 151 -4.14 23.85 -5.17
CA ILE F 151 -4.64 25.14 -5.81
C ILE F 151 -3.49 26.10 -6.10
N ALA F 152 -2.61 26.34 -5.13
CA ALA F 152 -1.44 27.16 -5.47
C ALA F 152 -0.59 26.72 -6.61
N GLU F 153 -0.37 25.40 -6.72
CA GLU F 153 0.30 24.84 -7.87
C GLU F 153 -0.49 24.99 -9.16
N LEU F 154 -1.82 24.78 -9.15
CA LEU F 154 -2.65 24.93 -10.36
C LEU F 154 -2.71 26.46 -10.74
N ASN F 155 -2.55 27.31 -9.70
CA ASN F 155 -2.57 28.83 -9.86
C ASN F 155 -1.26 29.41 -10.42
N GLY F 156 -0.20 28.64 -10.44
CA GLY F 156 1.04 29.16 -10.99
C GLY F 156 1.82 29.88 -9.89
N THR F 157 1.42 29.68 -8.64
CA THR F 157 2.05 30.35 -7.47
C THR F 157 2.40 29.33 -6.39
N PRO F 158 3.28 28.38 -6.70
CA PRO F 158 3.47 27.31 -5.77
C PRO F 158 4.04 27.79 -4.40
N GLY F 159 3.44 27.34 -3.31
CA GLY F 159 3.97 27.60 -1.98
C GLY F 159 3.71 29.01 -1.43
N LYS F 160 2.84 29.79 -2.06
N LYS F 160 2.91 29.82 -2.17
CA LYS F 160 2.66 31.19 -1.69
CA LYS F 160 2.55 31.21 -1.85
C LYS F 160 1.21 31.41 -1.27
C LYS F 160 1.19 31.08 -1.20
N TYR F 161 1.04 31.53 0.05
CA TYR F 161 -0.27 31.49 0.69
C TYR F 161 -0.53 32.80 1.44
N SER F 162 -1.80 33.13 1.66
CA SER F 162 -2.18 34.07 2.75
C SER F 162 -3.53 33.70 3.28
N MET F 163 -3.72 34.08 4.54
CA MET F 163 -5.04 34.01 5.12
C MET F 163 -5.83 35.29 4.80
N PRO F 164 -7.04 35.14 4.20
CA PRO F 164 -7.82 36.26 3.76
C PRO F 164 -8.44 37.09 4.93
N VAL F 165 -8.59 38.39 4.69
CA VAL F 165 -9.34 39.29 5.58
C VAL F 165 -10.82 39.12 5.25
N PRO F 166 -11.65 38.64 6.18
CA PRO F 166 -13.03 38.37 5.88
C PRO F 166 -13.90 39.64 5.98
N MET F 167 -14.87 39.80 5.09
CA MET F 167 -15.88 40.84 5.24
C MET F 167 -17.16 40.09 5.55
N MET F 168 -17.66 40.37 6.75
CA MET F 168 -18.73 39.61 7.43
C MET F 168 -20.14 40.24 7.46
N ASN F 169 -21.10 39.64 6.75
CA ASN F 169 -22.36 40.24 6.47
C ASN F 169 -23.33 40.09 7.63
N ILE F 170 -23.27 41.00 8.60
CA ILE F 170 -23.98 40.90 9.88
C ILE F 170 -25.33 41.55 10.00
N ILE F 171 -25.69 42.39 9.02
CA ILE F 171 -27.08 42.71 8.79
C ILE F 171 -27.39 42.48 7.31
N ASN F 172 -28.43 41.65 7.12
CA ASN F 172 -28.87 41.18 5.80
C ASN F 172 -30.10 41.89 5.33
N GLY F 173 -30.14 42.21 4.05
CA GLY F 173 -31.27 42.79 3.45
C GLY F 173 -31.49 42.32 2.00
N GLY F 174 -32.27 43.09 1.27
CA GLY F 174 -32.51 42.91 -0.16
C GLY F 174 -33.12 41.55 -0.34
N GLU F 175 -32.62 40.85 -1.35
CA GLU F 175 -33.14 39.53 -1.73
C GLU F 175 -32.78 38.42 -0.72
N HIS F 176 -31.90 38.66 0.27
CA HIS F 176 -31.54 37.65 1.29
C HIS F 176 -32.37 37.71 2.55
N ALA F 177 -33.33 38.66 2.61
CA ALA F 177 -34.12 38.88 3.81
C ALA F 177 -35.48 39.48 3.47
N ASP F 178 -36.35 39.42 4.47
CA ASP F 178 -37.79 39.63 4.39
C ASP F 178 -38.21 41.07 4.79
N ASN F 179 -37.21 41.85 5.14
CA ASN F 179 -37.32 43.06 5.85
C ASN F 179 -37.45 44.26 4.86
N ASN F 180 -37.33 45.47 5.40
CA ASN F 180 -37.48 46.73 4.61
C ASN F 180 -36.12 47.31 4.21
N VAL F 181 -35.01 46.56 4.39
CA VAL F 181 -33.68 47.02 4.02
C VAL F 181 -33.40 46.67 2.50
N ASP F 182 -32.97 47.69 1.78
CA ASP F 182 -32.74 47.59 0.29
C ASP F 182 -31.30 47.12 -0.09
N ILE F 183 -30.30 47.65 0.64
CA ILE F 183 -28.87 47.33 0.50
C ILE F 183 -28.80 45.87 0.95
N GLN F 184 -28.10 45.01 0.18
CA GLN F 184 -28.17 43.58 0.40
C GLN F 184 -27.37 43.18 1.61
N GLU F 185 -26.23 43.88 1.87
CA GLU F 185 -25.25 43.46 2.86
C GLU F 185 -24.48 44.58 3.51
N PHE F 186 -24.40 44.54 4.84
CA PHE F 186 -23.58 45.45 5.60
C PHE F 186 -22.59 44.65 6.41
N MET F 187 -21.31 44.90 6.24
CA MET F 187 -20.29 43.91 6.68
C MET F 187 -19.27 44.56 7.56
N ILE F 188 -18.74 43.78 8.46
CA ILE F 188 -17.52 44.17 9.22
C ILE F 188 -16.29 43.41 8.72
N GLN F 189 -15.13 44.08 8.76
CA GLN F 189 -13.80 43.53 8.43
C GLN F 189 -12.81 43.69 9.56
N PRO F 190 -12.38 42.60 10.21
CA PRO F 190 -11.47 42.75 11.42
C PRO F 190 -10.00 42.96 11.05
N VAL F 191 -9.74 44.15 10.52
CA VAL F 191 -8.40 44.49 10.01
C VAL F 191 -7.36 44.58 11.12
N GLY F 192 -7.81 44.77 12.37
CA GLY F 192 -6.92 44.90 13.52
C GLY F 192 -6.38 43.57 14.01
N ALA F 193 -7.00 42.48 13.60
CA ALA F 193 -6.48 41.12 13.93
C ALA F 193 -5.06 40.82 13.38
N LYS F 194 -4.29 40.01 14.12
CA LYS F 194 -3.01 39.47 13.66
C LYS F 194 -3.13 38.12 12.91
N THR F 195 -4.23 37.38 13.13
CA THR F 195 -4.42 35.99 12.59
C THR F 195 -5.88 35.87 12.11
N VAL F 196 -6.19 35.02 11.14
CA VAL F 196 -7.63 34.86 10.78
C VAL F 196 -8.43 34.30 11.97
N LYS F 197 -7.77 33.58 12.84
CA LYS F 197 -8.44 32.99 14.03
C LYS F 197 -8.92 34.10 14.94
N GLU F 198 -8.02 35.04 15.18
CA GLU F 198 -8.39 36.26 15.90
C GLU F 198 -9.52 37.11 15.22
N ALA F 199 -9.45 37.26 13.89
CA ALA F 199 -10.52 37.93 13.13
C ALA F 199 -11.85 37.26 13.30
N ILE F 200 -11.85 35.93 13.36
CA ILE F 200 -13.11 35.20 13.49
C ILE F 200 -13.71 35.43 14.91
N ARG F 201 -12.85 35.40 15.97
CA ARG F 201 -13.31 35.76 17.31
C ARG F 201 -13.85 37.20 17.41
N MET F 202 -13.13 38.16 16.84
CA MET F 202 -13.62 39.57 16.71
C MET F 202 -14.98 39.64 16.04
N GLY F 203 -15.14 39.01 14.86
CA GLY F 203 -16.44 38.84 14.21
C GLY F 203 -17.51 38.35 15.15
N SER F 204 -17.24 37.17 15.77
CA SER F 204 -18.22 36.54 16.65
C SER F 204 -18.67 37.50 17.75
N GLU F 205 -17.70 38.11 18.43
CA GLU F 205 -17.97 39.06 19.55
C GLU F 205 -18.89 40.23 19.08
N VAL F 206 -18.50 40.86 17.96
CA VAL F 206 -19.28 41.98 17.43
C VAL F 206 -20.70 41.49 17.06
N PHE F 207 -20.82 40.31 16.47
CA PHE F 207 -22.10 39.79 16.03
C PHE F 207 -23.00 39.57 17.25
N HIS F 208 -22.40 39.11 18.33
CA HIS F 208 -23.17 38.83 19.61
C HIS F 208 -23.57 40.13 20.25
N HIS F 209 -22.64 41.07 20.41
CA HIS F 209 -23.03 42.44 20.89
C HIS F 209 -24.10 43.10 20.05
N LEU F 210 -24.14 42.83 18.75
CA LEU F 210 -25.19 43.35 17.91
C LEU F 210 -26.59 42.88 18.14
N ALA F 211 -26.76 41.63 18.49
CA ALA F 211 -28.09 41.12 18.92
C ALA F 211 -28.53 41.80 20.23
N LYS F 212 -27.61 42.10 21.16
CA LYS F 212 -28.02 42.81 22.40
C LYS F 212 -28.52 44.27 22.04
N VAL F 213 -27.77 44.98 21.16
CA VAL F 213 -28.18 46.28 20.57
C VAL F 213 -29.54 46.22 19.87
N LEU F 214 -29.80 45.26 18.98
CA LEU F 214 -31.11 45.17 18.33
C LEU F 214 -32.20 44.82 19.32
N LYS F 215 -31.91 43.97 20.27
CA LYS F 215 -32.96 43.50 21.24
C LYS F 215 -33.29 44.66 22.15
N ALA F 216 -32.27 45.37 22.65
CA ALA F 216 -32.45 46.69 23.33
C ALA F 216 -33.37 47.67 22.60
N LYS F 217 -33.34 47.72 21.24
CA LYS F 217 -34.27 48.58 20.46
C LYS F 217 -35.55 47.90 20.06
N GLY F 218 -35.82 46.73 20.62
CA GLY F 218 -37.00 45.95 20.25
C GLY F 218 -37.00 45.45 18.81
N MET F 219 -35.82 45.20 18.25
CA MET F 219 -35.68 44.84 16.84
C MET F 219 -35.40 43.34 16.69
N ASN F 220 -35.82 42.83 15.51
CA ASN F 220 -35.86 41.35 15.25
C ASN F 220 -34.43 40.80 15.16
N THR F 221 -34.15 39.66 15.82
CA THR F 221 -32.81 39.07 15.76
C THR F 221 -32.77 37.70 15.07
N ALA F 222 -33.85 37.31 14.38
CA ALA F 222 -33.86 36.18 13.51
C ALA F 222 -32.94 36.55 12.35
N VAL F 223 -32.50 35.57 11.60
CA VAL F 223 -31.50 35.81 10.55
C VAL F 223 -31.99 35.56 9.13
N GLY F 224 -31.29 36.20 8.21
CA GLY F 224 -31.54 36.03 6.82
C GLY F 224 -30.65 34.93 6.28
N ASP F 225 -30.69 34.78 4.97
CA ASP F 225 -30.00 33.74 4.26
C ASP F 225 -28.53 33.64 4.59
N GLU F 226 -27.84 34.70 4.90
CA GLU F 226 -26.43 34.65 5.18
C GLU F 226 -26.12 34.80 6.63
N GLY F 227 -27.14 34.57 7.46
CA GLY F 227 -26.86 34.53 8.88
C GLY F 227 -26.61 35.86 9.58
N GLY F 228 -26.88 36.95 8.89
CA GLY F 228 -26.94 38.28 9.50
C GLY F 228 -28.36 38.50 10.00
N TYR F 229 -28.49 39.42 10.94
CA TYR F 229 -29.84 39.82 11.41
C TYR F 229 -30.63 40.51 10.29
N ALA F 230 -31.92 40.25 10.27
CA ALA F 230 -32.82 40.84 9.25
C ALA F 230 -33.93 41.79 9.86
N PRO F 231 -33.49 42.76 10.68
CA PRO F 231 -34.46 43.66 11.26
C PRO F 231 -35.06 44.62 10.24
N ASN F 232 -36.30 45.03 10.50
CA ASN F 232 -36.82 46.29 9.96
C ASN F 232 -36.06 47.49 10.59
N LEU F 233 -35.61 48.39 9.74
CA LEU F 233 -34.90 49.60 10.19
C LEU F 233 -35.56 50.91 9.66
N GLY F 234 -35.29 52.01 10.35
CA GLY F 234 -35.78 53.33 9.93
C GLY F 234 -35.25 53.80 8.56
N SER F 235 -34.07 53.35 8.16
CA SER F 235 -33.50 53.68 6.88
C SER F 235 -32.33 52.72 6.64
N ASN F 236 -31.86 52.66 5.41
CA ASN F 236 -30.73 51.81 5.07
C ASN F 236 -29.52 52.16 5.96
N ALA F 237 -29.31 53.45 6.17
CA ALA F 237 -28.11 53.90 6.86
C ALA F 237 -28.14 53.64 8.34
N GLU F 238 -29.31 53.34 8.91
CA GLU F 238 -29.41 52.94 10.35
C GLU F 238 -28.61 51.58 10.60
N ALA F 239 -28.48 50.74 9.55
CA ALA F 239 -27.71 49.51 9.68
C ALA F 239 -26.30 49.85 10.12
N LEU F 240 -25.72 50.92 9.55
CA LEU F 240 -24.37 51.27 9.91
C LEU F 240 -24.30 51.82 11.31
N ALA F 241 -25.34 52.49 11.77
CA ALA F 241 -25.28 53.07 13.11
C ALA F 241 -25.36 51.98 14.16
N VAL F 242 -26.27 51.03 13.99
CA VAL F 242 -26.35 49.83 14.95
C VAL F 242 -25.08 48.95 14.98
N ILE F 243 -24.49 48.74 13.79
CA ILE F 243 -23.21 48.03 13.69
C ILE F 243 -22.14 48.78 14.47
N ALA F 244 -22.07 50.15 14.33
CA ALA F 244 -21.04 50.97 15.05
C ALA F 244 -21.30 50.83 16.55
N GLU F 245 -22.54 50.76 16.98
CA GLU F 245 -22.75 50.68 18.47
C GLU F 245 -22.29 49.27 19.01
N ALA F 246 -22.57 48.28 18.18
CA ALA F 246 -22.13 46.87 18.44
C ALA F 246 -20.63 46.79 18.51
N VAL F 247 -19.95 47.45 17.56
CA VAL F 247 -18.49 47.50 17.57
C VAL F 247 -17.92 48.08 18.86
N LYS F 248 -18.50 49.21 19.24
CA LYS F 248 -18.15 49.96 20.43
C LYS F 248 -18.45 49.14 21.70
N ALA F 249 -19.68 48.59 21.78
CA ALA F 249 -20.07 47.69 22.87
C ALA F 249 -19.20 46.40 23.01
N ALA F 250 -18.59 45.92 21.93
CA ALA F 250 -17.63 44.76 21.99
C ALA F 250 -16.21 45.17 22.42
N GLY F 251 -15.95 46.48 22.63
CA GLY F 251 -14.63 46.93 23.13
C GLY F 251 -13.66 47.22 22.03
N TYR F 252 -14.15 47.25 20.78
CA TYR F 252 -13.32 47.59 19.62
C TYR F 252 -13.55 49.05 19.11
N GLU F 253 -12.54 49.51 18.39
CA GLU F 253 -12.41 50.85 17.95
C GLU F 253 -12.70 50.83 16.43
N LEU F 254 -13.77 51.44 16.00
CA LEU F 254 -14.13 51.47 14.58
C LEU F 254 -13.05 52.25 13.80
N GLY F 255 -12.76 51.80 12.59
CA GLY F 255 -11.54 52.24 11.89
C GLY F 255 -10.24 51.52 12.22
N LYS F 256 -9.75 51.62 13.45
CA LYS F 256 -8.52 50.99 13.81
C LYS F 256 -8.68 49.45 13.80
N ASP F 257 -9.71 48.94 14.47
CA ASP F 257 -9.88 47.48 14.70
C ASP F 257 -10.76 46.89 13.64
N ILE F 258 -11.84 47.54 13.33
CA ILE F 258 -12.83 47.02 12.39
C ILE F 258 -13.13 48.13 11.36
N THR F 259 -13.12 47.83 10.08
CA THR F 259 -13.68 48.75 9.08
C THR F 259 -14.99 48.15 8.54
N LEU F 260 -15.66 48.81 7.58
CA LEU F 260 -17.01 48.42 7.16
C LEU F 260 -17.03 48.33 5.70
N ALA F 261 -17.95 47.57 5.16
CA ALA F 261 -18.02 47.33 3.72
C ALA F 261 -19.45 47.10 3.45
N MET F 262 -19.89 47.34 2.24
CA MET F 262 -21.26 47.15 1.93
C MET F 262 -21.36 46.52 0.62
N ASP F 263 -22.50 45.91 0.35
CA ASP F 263 -22.80 45.36 -0.96
C ASP F 263 -24.19 45.74 -1.19
N CYS F 264 -24.38 46.62 -2.14
CA CYS F 264 -25.69 47.18 -2.41
C CYS F 264 -26.52 46.22 -3.29
N ALA F 265 -25.86 45.43 -4.13
CA ALA F 265 -26.61 44.67 -5.19
C ALA F 265 -27.65 45.62 -5.83
N ALA F 266 -27.14 46.75 -6.28
CA ALA F 266 -28.00 47.78 -6.79
C ALA F 266 -28.77 47.37 -8.02
N SER F 267 -28.38 46.32 -8.73
CA SER F 267 -29.21 45.85 -9.89
C SER F 267 -30.65 45.45 -9.38
N GLU F 268 -30.76 45.02 -8.13
CA GLU F 268 -32.09 44.56 -7.60
C GLU F 268 -33.09 45.66 -7.36
N PHE F 269 -32.61 46.92 -7.31
CA PHE F 269 -33.52 48.12 -7.13
C PHE F 269 -33.31 49.24 -8.14
N TYR F 270 -32.80 48.90 -9.31
CA TYR F 270 -32.68 49.81 -10.44
C TYR F 270 -33.89 49.63 -11.34
N LYS F 271 -34.67 50.67 -11.57
CA LYS F 271 -35.79 50.53 -12.50
C LYS F 271 -35.98 51.87 -13.18
N ASP F 272 -36.08 51.82 -14.52
CA ASP F 272 -36.25 53.01 -15.40
C ASP F 272 -35.21 54.11 -15.19
N GLY F 273 -33.93 53.81 -15.35
CA GLY F 273 -32.87 54.84 -15.25
C GLY F 273 -32.64 55.38 -13.84
N LYS F 274 -33.29 54.73 -12.85
CA LYS F 274 -33.29 55.16 -11.47
C LYS F 274 -33.09 54.05 -10.43
N TYR F 275 -32.33 54.40 -9.39
CA TYR F 275 -32.18 53.61 -8.16
C TYR F 275 -33.32 54.01 -7.15
N VAL F 276 -34.15 53.03 -6.74
CA VAL F 276 -35.41 53.22 -5.93
C VAL F 276 -35.20 52.51 -4.58
N LEU F 277 -34.89 53.22 -3.52
CA LEU F 277 -34.92 52.61 -2.16
C LEU F 277 -36.41 52.40 -1.61
N ALA F 278 -37.02 51.23 -1.87
CA ALA F 278 -38.44 51.01 -1.47
C ALA F 278 -38.77 51.13 0.04
N GLY F 279 -37.80 50.88 0.91
CA GLY F 279 -37.94 50.99 2.36
C GLY F 279 -37.72 52.37 2.92
N GLU F 280 -37.25 53.31 2.07
CA GLU F 280 -37.19 54.77 2.35
C GLU F 280 -38.31 55.57 1.54
N GLY F 281 -39.53 55.03 1.58
CA GLY F 281 -40.63 55.46 0.72
C GLY F 281 -40.35 55.65 -0.78
N ASN F 282 -39.98 54.60 -1.45
CA ASN F 282 -39.55 54.68 -2.87
C ASN F 282 -38.75 55.94 -3.23
N LYS F 283 -37.85 56.36 -2.34
CA LYS F 283 -36.94 57.46 -2.66
C LYS F 283 -36.07 57.08 -3.89
N ALA F 284 -36.01 58.01 -4.86
CA ALA F 284 -35.41 57.82 -6.20
C ALA F 284 -34.12 58.60 -6.33
N PHE F 285 -33.09 57.97 -6.92
CA PHE F 285 -31.83 58.66 -7.24
C PHE F 285 -31.40 58.38 -8.68
N THR F 286 -30.89 59.39 -9.35
CA THR F 286 -30.13 59.12 -10.56
C THR F 286 -28.86 58.36 -10.18
N SER F 287 -28.22 57.93 -11.23
CA SER F 287 -26.90 57.37 -11.05
C SER F 287 -25.95 58.23 -10.20
N GLU F 288 -25.77 59.50 -10.57
CA GLU F 288 -24.66 60.24 -9.92
C GLU F 288 -25.02 60.60 -8.53
N GLU F 289 -26.34 60.73 -8.28
CA GLU F 289 -26.70 61.09 -6.89
C GLU F 289 -26.75 59.86 -5.96
N PHE F 290 -26.94 58.68 -6.54
CA PHE F 290 -26.70 57.46 -5.71
C PHE F 290 -25.22 57.38 -5.33
N THR F 291 -24.34 57.69 -6.27
CA THR F 291 -22.95 57.80 -5.93
C THR F 291 -22.69 58.79 -4.81
N HIS F 292 -23.29 59.99 -4.87
CA HIS F 292 -23.08 61.02 -3.86
C HIS F 292 -23.69 60.52 -2.53
N PHE F 293 -24.82 59.83 -2.56
CA PHE F 293 -25.39 59.21 -1.31
C PHE F 293 -24.36 58.28 -0.65
N LEU F 294 -23.76 57.41 -1.47
CA LEU F 294 -22.77 56.48 -0.95
C LEU F 294 -21.55 57.20 -0.46
N GLU F 295 -21.17 58.28 -1.19
CA GLU F 295 -19.98 58.98 -0.80
C GLU F 295 -20.21 59.55 0.57
N GLU F 296 -21.43 60.06 0.79
CA GLU F 296 -21.70 60.74 2.09
C GLU F 296 -21.62 59.73 3.25
N LEU F 297 -22.15 58.55 2.99
CA LEU F 297 -21.92 57.37 3.92
C LEU F 297 -20.49 57.11 4.25
N THR F 298 -19.57 57.17 3.26
CA THR F 298 -18.12 57.01 3.55
C THR F 298 -17.47 58.12 4.38
N LYS F 299 -18.11 59.30 4.46
CA LYS F 299 -17.61 60.40 5.30
C LYS F 299 -18.07 60.24 6.73
N GLN F 300 -19.24 59.65 6.88
CA GLN F 300 -19.79 59.40 8.27
C GLN F 300 -19.23 58.13 8.97
N TYR F 301 -18.86 57.13 8.19
CA TYR F 301 -18.44 55.80 8.72
C TYR F 301 -17.15 55.34 8.04
N PRO F 302 -16.31 54.53 8.73
CA PRO F 302 -15.16 53.99 7.99
C PRO F 302 -15.52 52.87 6.97
N ILE F 303 -16.37 53.17 5.98
CA ILE F 303 -16.69 52.27 4.86
C ILE F 303 -15.52 52.28 3.87
N VAL F 304 -14.82 51.14 3.73
CA VAL F 304 -13.68 51.06 2.88
C VAL F 304 -13.88 50.28 1.59
N SER F 305 -15.10 49.76 1.37
CA SER F 305 -15.35 48.93 0.23
C SER F 305 -16.81 48.94 -0.02
N ILE F 306 -17.15 49.06 -1.30
CA ILE F 306 -18.52 49.07 -1.67
C ILE F 306 -18.66 48.24 -2.89
N GLU F 307 -19.63 47.35 -2.88
CA GLU F 307 -19.81 46.39 -3.94
C GLU F 307 -21.06 46.66 -4.65
N ASP F 308 -21.04 46.51 -5.99
CA ASP F 308 -22.20 46.67 -6.88
C ASP F 308 -23.03 47.90 -6.43
N GLY F 309 -22.30 49.01 -6.32
CA GLY F 309 -22.84 50.32 -6.03
C GLY F 309 -23.88 50.80 -7.04
N LEU F 310 -23.89 50.24 -8.25
CA LEU F 310 -24.78 50.53 -9.36
C LEU F 310 -25.14 49.31 -10.14
N ASP F 311 -26.14 49.46 -11.05
CA ASP F 311 -26.68 48.39 -11.84
C ASP F 311 -25.58 47.81 -12.71
N GLU F 312 -25.66 46.48 -12.93
CA GLU F 312 -24.76 45.71 -13.81
C GLU F 312 -24.54 46.29 -15.20
N SER F 313 -25.49 47.07 -15.70
CA SER F 313 -25.39 47.63 -17.08
C SER F 313 -25.07 49.12 -17.06
N ASP F 314 -25.02 49.71 -15.88
CA ASP F 314 -24.73 51.13 -15.77
C ASP F 314 -23.23 51.37 -15.84
N TRP F 315 -22.67 51.15 -17.01
CA TRP F 315 -21.23 51.43 -17.19
C TRP F 315 -20.78 52.94 -17.08
N ASP F 316 -21.55 53.85 -17.67
CA ASP F 316 -21.27 55.30 -17.50
C ASP F 316 -21.24 55.67 -15.99
N GLY F 317 -22.19 55.13 -15.26
CA GLY F 317 -22.34 55.35 -13.85
C GLY F 317 -21.18 54.89 -13.07
N PHE F 318 -20.77 53.65 -13.37
CA PHE F 318 -19.64 53.08 -12.71
C PHE F 318 -18.37 53.86 -13.03
N ALA F 319 -18.25 54.33 -14.25
CA ALA F 319 -17.12 55.18 -14.60
C ALA F 319 -17.07 56.43 -13.66
N TYR F 320 -18.24 57.09 -13.50
CA TYR F 320 -18.29 58.24 -12.63
C TYR F 320 -18.00 57.82 -11.15
N GLN F 321 -18.67 56.74 -10.68
CA GLN F 321 -18.41 56.28 -9.27
C GLN F 321 -16.93 55.99 -9.00
N THR F 322 -16.25 55.39 -9.99
CA THR F 322 -14.83 55.19 -9.88
C THR F 322 -14.02 56.48 -9.79
N LYS F 323 -14.34 57.49 -10.60
CA LYS F 323 -13.69 58.83 -10.43
C LYS F 323 -13.90 59.47 -9.08
N VAL F 324 -15.13 59.37 -8.58
CA VAL F 324 -15.46 59.92 -7.30
C VAL F 324 -14.73 59.25 -6.11
N LEU F 325 -14.78 57.93 -6.07
CA LEU F 325 -14.51 57.16 -4.88
C LEU F 325 -13.30 56.25 -5.04
N GLY F 326 -12.96 55.94 -6.27
CA GLY F 326 -12.04 54.89 -6.52
C GLY F 326 -10.66 55.09 -5.93
N ASP F 327 -10.28 56.31 -5.60
CA ASP F 327 -8.95 56.54 -5.02
C ASP F 327 -8.98 56.17 -3.58
N LYS F 328 -10.14 56.28 -2.91
CA LYS F 328 -10.12 55.94 -1.44
C LYS F 328 -10.82 54.66 -0.98
N ILE F 329 -11.74 54.16 -1.81
CA ILE F 329 -12.66 53.10 -1.50
C ILE F 329 -12.38 51.92 -2.52
N GLN F 330 -12.38 50.71 -1.97
CA GLN F 330 -12.44 49.55 -2.83
C GLN F 330 -13.86 49.43 -3.47
N LEU F 331 -13.86 49.37 -4.78
CA LEU F 331 -15.15 49.33 -5.54
C LEU F 331 -15.17 48.01 -6.23
N VAL F 332 -16.06 47.11 -5.77
CA VAL F 332 -16.03 45.67 -6.12
C VAL F 332 -17.13 45.42 -7.13
N GLY F 333 -16.80 45.04 -8.34
CA GLY F 333 -17.87 44.59 -9.24
C GLY F 333 -18.16 43.11 -9.00
N ASP F 334 -19.43 42.76 -8.90
CA ASP F 334 -19.91 41.45 -8.70
C ASP F 334 -20.80 41.15 -9.93
N ASP F 335 -22.09 41.49 -9.95
CA ASP F 335 -22.88 41.22 -11.18
C ASP F 335 -22.31 42.02 -12.33
N LEU F 336 -21.48 43.00 -12.00
CA LEU F 336 -20.87 43.85 -13.04
C LEU F 336 -19.90 43.06 -13.94
N PHE F 337 -19.14 42.13 -13.33
CA PHE F 337 -18.16 41.37 -14.04
C PHE F 337 -18.48 39.83 -14.18
N VAL F 338 -19.36 39.27 -13.33
CA VAL F 338 -19.72 37.84 -13.25
C VAL F 338 -18.54 36.84 -13.40
N THR F 339 -17.44 37.15 -12.71
CA THR F 339 -16.27 36.38 -12.62
C THR F 339 -15.90 35.94 -14.05
N ASN F 340 -16.08 36.87 -14.99
CA ASN F 340 -15.94 36.54 -16.42
C ASN F 340 -14.80 37.40 -16.99
N THR F 341 -13.70 36.79 -17.39
CA THR F 341 -12.55 37.56 -17.95
C THR F 341 -12.86 38.46 -19.15
N LYS F 342 -13.85 38.10 -20.01
CA LYS F 342 -14.28 38.91 -21.19
C LYS F 342 -14.87 40.26 -20.76
N ILE F 343 -15.63 40.29 -19.66
CA ILE F 343 -16.25 41.50 -19.13
C ILE F 343 -15.27 42.22 -18.19
N LEU F 344 -14.47 41.53 -17.42
CA LEU F 344 -13.49 42.18 -16.58
C LEU F 344 -12.45 42.91 -17.42
N LYS F 345 -12.14 42.36 -18.57
CA LYS F 345 -11.06 42.91 -19.39
C LYS F 345 -11.55 44.30 -19.84
N GLU F 346 -12.80 44.38 -20.25
CA GLU F 346 -13.43 45.67 -20.60
C GLU F 346 -13.48 46.70 -19.48
N GLY F 347 -13.98 46.31 -18.33
CA GLY F 347 -13.88 47.09 -17.11
C GLY F 347 -12.49 47.63 -16.85
N ILE F 348 -11.47 46.81 -16.97
CA ILE F 348 -10.11 47.28 -16.68
C ILE F 348 -9.76 48.36 -17.71
N GLU F 349 -10.07 48.09 -18.98
CA GLU F 349 -9.75 49.01 -20.11
C GLU F 349 -10.49 50.38 -19.98
N LYS F 350 -11.75 50.37 -19.54
CA LYS F 350 -12.57 51.54 -19.25
C LYS F 350 -12.41 52.17 -17.91
N GLY F 351 -11.45 51.77 -17.05
CA GLY F 351 -11.25 52.36 -15.72
C GLY F 351 -12.47 52.20 -14.83
N ILE F 352 -13.18 51.06 -14.90
CA ILE F 352 -14.42 50.75 -14.19
C ILE F 352 -14.06 49.88 -12.98
N ALA F 353 -14.33 50.36 -11.79
CA ALA F 353 -14.10 49.63 -10.57
C ALA F 353 -12.63 49.46 -10.22
N ASN F 354 -12.37 48.84 -9.07
CA ASN F 354 -10.98 48.48 -8.78
C ASN F 354 -10.79 47.12 -8.07
N SER F 355 -11.80 46.25 -8.15
CA SER F 355 -11.87 44.97 -7.36
C SER F 355 -12.92 44.08 -8.00
N ILE F 356 -12.75 42.77 -7.89
CA ILE F 356 -13.75 41.86 -8.41
C ILE F 356 -14.09 40.80 -7.35
N LEU F 357 -15.40 40.53 -7.26
CA LEU F 357 -15.91 39.47 -6.43
C LEU F 357 -15.88 38.16 -7.29
N ILE F 358 -15.18 37.16 -6.75
CA ILE F 358 -14.89 35.85 -7.43
C ILE F 358 -15.86 34.78 -6.92
N LYS F 359 -16.74 34.44 -7.83
CA LYS F 359 -17.69 33.39 -7.65
C LYS F 359 -17.54 32.30 -8.72
N PHE F 360 -16.98 31.16 -8.31
CA PHE F 360 -16.72 30.10 -9.32
C PHE F 360 -17.99 29.62 -10.09
N ASN F 361 -19.17 29.71 -9.46
CA ASN F 361 -20.39 29.26 -10.20
C ASN F 361 -20.95 30.30 -11.15
N GLN F 362 -20.40 31.54 -11.12
CA GLN F 362 -20.84 32.58 -12.13
C GLN F 362 -20.24 32.25 -13.50
N ILE F 363 -19.14 31.47 -13.48
CA ILE F 363 -18.41 31.13 -14.72
C ILE F 363 -18.41 29.66 -15.05
N GLY F 364 -18.25 28.88 -13.99
CA GLY F 364 -18.56 27.43 -14.11
C GLY F 364 -17.41 26.42 -14.03
N SER F 365 -16.11 26.85 -13.83
CA SER F 365 -15.04 25.93 -13.67
C SER F 365 -13.93 26.61 -12.87
N LEU F 366 -13.15 25.79 -12.22
CA LEU F 366 -12.01 26.26 -11.47
C LEU F 366 -10.98 26.96 -12.39
N THR F 367 -10.69 26.44 -13.58
CA THR F 367 -9.74 26.97 -14.50
C THR F 367 -10.11 28.42 -14.91
N GLU F 368 -11.36 28.64 -15.27
CA GLU F 368 -11.91 29.97 -15.58
C GLU F 368 -11.88 30.94 -14.39
N THR F 369 -12.02 30.43 -13.17
CA THR F 369 -12.04 31.23 -11.96
C THR F 369 -10.64 31.68 -11.70
N LEU F 370 -9.68 30.80 -11.86
CA LEU F 370 -8.25 31.21 -11.70
C LEU F 370 -7.81 32.25 -12.74
N ALA F 371 -8.36 32.23 -13.97
CA ALA F 371 -8.05 33.18 -15.02
C ALA F 371 -8.59 34.60 -14.70
N ALA F 372 -9.75 34.69 -14.02
CA ALA F 372 -10.32 35.89 -13.55
C ALA F 372 -9.46 36.42 -12.41
N ILE F 373 -9.02 35.58 -11.48
CA ILE F 373 -8.15 36.09 -10.38
C ILE F 373 -6.84 36.66 -10.94
N LYS F 374 -6.24 36.01 -11.92
CA LYS F 374 -5.02 36.49 -12.52
C LYS F 374 -5.20 37.80 -13.26
N MET F 375 -6.26 37.88 -14.07
CA MET F 375 -6.53 39.09 -14.80
C MET F 375 -6.64 40.30 -13.80
N ALA F 376 -7.36 40.16 -12.70
CA ALA F 376 -7.56 41.19 -11.73
C ALA F 376 -6.19 41.53 -11.11
N LYS F 377 -5.47 40.57 -10.60
CA LYS F 377 -4.15 40.80 -9.97
C LYS F 377 -3.15 41.49 -10.91
N ASP F 378 -3.14 41.09 -12.18
CA ASP F 378 -2.19 41.70 -13.18
C ASP F 378 -2.55 43.22 -13.42
N ALA F 379 -3.84 43.60 -13.46
CA ALA F 379 -4.29 45.04 -13.52
C ALA F 379 -4.29 45.79 -12.11
N GLY F 380 -3.85 45.17 -11.02
CA GLY F 380 -3.74 45.84 -9.68
C GLY F 380 -5.11 45.85 -8.99
N TYR F 381 -6.15 45.27 -9.59
CA TYR F 381 -7.42 45.04 -8.90
C TYR F 381 -7.32 43.97 -7.81
N THR F 382 -8.13 44.13 -6.76
CA THR F 382 -8.22 43.09 -5.74
C THR F 382 -9.27 42.07 -6.11
N ALA F 383 -9.11 40.85 -5.56
CA ALA F 383 -10.03 39.71 -5.81
C ALA F 383 -10.55 39.30 -4.44
N VAL F 384 -11.86 39.20 -4.34
CA VAL F 384 -12.51 38.89 -3.04
C VAL F 384 -13.23 37.60 -3.34
N ILE F 385 -12.74 36.48 -2.75
CA ILE F 385 -13.42 35.22 -2.99
C ILE F 385 -14.72 35.20 -2.27
N SER F 386 -15.77 34.73 -2.97
CA SER F 386 -17.08 34.79 -2.40
C SER F 386 -17.92 33.54 -2.38
N HIS F 387 -18.70 33.44 -1.34
CA HIS F 387 -19.86 32.55 -1.39
C HIS F 387 -21.01 32.95 -2.28
N ARG F 388 -22.05 32.09 -2.30
CA ARG F 388 -23.34 32.44 -2.77
C ARG F 388 -24.29 32.33 -1.55
N SER F 389 -25.42 33.01 -1.70
CA SER F 389 -26.41 33.06 -0.65
C SER F 389 -26.97 31.69 -0.38
N GLY F 390 -27.08 30.90 -1.45
CA GLY F 390 -27.41 29.49 -1.35
C GLY F 390 -26.15 28.64 -1.24
N GLU F 391 -25.81 28.19 -0.01
CA GLU F 391 -24.62 27.45 0.18
C GLU F 391 -24.84 25.97 0.57
N THR F 392 -23.76 25.19 0.64
CA THR F 392 -23.75 23.88 1.29
C THR F 392 -22.68 23.89 2.43
N GLU F 393 -22.50 22.73 3.05
CA GLU F 393 -21.48 22.45 4.07
C GLU F 393 -20.02 22.50 3.47
N ASP F 394 -19.93 22.48 2.12
CA ASP F 394 -18.66 22.52 1.35
C ASP F 394 -17.86 23.74 1.80
N ALA F 395 -16.56 23.64 1.93
CA ALA F 395 -15.76 24.77 2.33
C ALA F 395 -14.66 25.05 1.33
N THR F 396 -14.84 24.66 0.06
CA THR F 396 -13.84 24.90 -0.97
C THR F 396 -13.34 26.35 -1.11
N ILE F 397 -14.21 27.34 -0.89
CA ILE F 397 -13.76 28.68 -1.13
C ILE F 397 -12.66 29.08 -0.09
N ALA F 398 -12.62 28.41 1.07
CA ALA F 398 -11.59 28.75 1.99
C ALA F 398 -10.22 28.37 1.44
N ASP F 399 -10.12 27.08 0.96
CA ASP F 399 -8.91 26.61 0.31
C ASP F 399 -8.54 27.46 -0.94
N LEU F 400 -9.54 27.85 -1.74
CA LEU F 400 -9.34 28.76 -2.90
C LEU F 400 -8.74 30.10 -2.53
N ALA F 401 -9.25 30.67 -1.44
CA ALA F 401 -8.78 32.00 -1.04
C ALA F 401 -7.36 31.91 -0.54
N VAL F 402 -7.03 30.85 0.16
CA VAL F 402 -5.62 30.74 0.73
C VAL F 402 -4.63 30.40 -0.38
N GLY F 403 -5.01 29.44 -1.23
CA GLY F 403 -4.19 28.98 -2.32
C GLY F 403 -3.95 29.91 -3.47
N THR F 404 -4.81 30.90 -3.62
CA THR F 404 -4.59 31.96 -4.64
C THR F 404 -4.02 33.21 -3.94
N ALA F 405 -3.87 33.18 -2.62
CA ALA F 405 -3.42 34.30 -1.79
C ALA F 405 -4.25 35.60 -2.20
N ALA F 406 -5.60 35.39 -2.37
CA ALA F 406 -6.53 36.37 -2.83
C ALA F 406 -6.50 37.62 -1.91
N GLY F 407 -6.47 37.38 -0.59
CA GLY F 407 -6.30 38.41 0.43
C GLY F 407 -7.54 38.77 1.17
N GLN F 408 -8.71 38.46 0.58
CA GLN F 408 -9.96 38.77 1.13
C GLN F 408 -10.98 37.69 0.76
N ILE F 409 -11.96 37.54 1.63
CA ILE F 409 -13.00 36.59 1.44
C ILE F 409 -14.31 37.15 1.93
N LYS F 410 -15.41 36.81 1.24
CA LYS F 410 -16.70 37.14 1.68
C LYS F 410 -17.46 35.85 1.83
N THR F 411 -17.77 35.48 3.07
CA THR F 411 -18.47 34.16 3.27
C THR F 411 -19.46 34.12 4.39
N GLY F 412 -20.00 35.27 4.75
CA GLY F 412 -21.24 35.31 5.55
C GLY F 412 -20.99 35.88 6.92
N SER F 413 -22.09 35.99 7.63
CA SER F 413 -22.12 36.27 9.02
C SER F 413 -21.41 35.18 9.82
N MET F 414 -21.33 35.39 11.12
CA MET F 414 -20.87 34.43 12.03
C MET F 414 -21.99 33.57 12.63
N SER F 415 -22.94 33.19 11.79
CA SER F 415 -23.94 32.24 12.14
C SER F 415 -24.43 31.51 10.87
N ARG F 416 -25.00 30.30 11.12
CA ARG F 416 -25.29 29.31 10.08
C ARG F 416 -23.98 28.59 9.59
N SER F 417 -23.99 27.26 9.63
CA SER F 417 -22.81 26.47 9.27
C SER F 417 -22.50 26.53 7.78
N ASP F 418 -23.53 26.83 6.98
CA ASP F 418 -23.35 27.28 5.59
C ASP F 418 -22.32 28.39 5.40
N ARG F 419 -22.11 29.18 6.47
CA ARG F 419 -21.10 30.14 6.51
C ARG F 419 -20.01 29.75 7.41
N VAL F 420 -20.32 29.32 8.64
CA VAL F 420 -19.29 29.12 9.61
C VAL F 420 -18.34 27.89 9.23
N ALA F 421 -18.82 26.97 8.39
CA ALA F 421 -17.93 25.86 7.90
C ALA F 421 -16.72 26.45 7.15
N LYS F 422 -16.91 27.64 6.51
CA LYS F 422 -15.79 28.23 5.80
C LYS F 422 -14.88 28.82 6.80
N TYR F 423 -15.40 29.35 7.86
CA TYR F 423 -14.47 29.99 8.90
C TYR F 423 -13.62 28.94 9.61
N ASN F 424 -14.30 27.84 9.90
CA ASN F 424 -13.66 26.70 10.50
C ASN F 424 -12.52 26.16 9.65
N GLN F 425 -12.75 26.09 8.33
CA GLN F 425 -11.73 25.65 7.44
C GLN F 425 -10.57 26.59 7.42
N LEU F 426 -10.83 27.92 7.48
CA LEU F 426 -9.73 28.86 7.56
C LEU F 426 -8.90 28.70 8.85
N ILE F 427 -9.58 28.36 9.96
CA ILE F 427 -8.96 28.09 11.24
C ILE F 427 -8.01 26.96 11.10
N ARG F 428 -8.51 25.94 10.49
CA ARG F 428 -7.71 24.67 10.32
C ARG F 428 -6.46 24.90 9.41
N ILE F 429 -6.67 25.68 8.32
CA ILE F 429 -5.63 25.95 7.34
C ILE F 429 -4.51 26.77 8.01
N GLU F 430 -4.93 27.76 8.73
CA GLU F 430 -3.96 28.59 9.47
C GLU F 430 -3.19 27.87 10.55
N GLU F 431 -3.88 27.01 11.26
CA GLU F 431 -3.24 26.15 12.27
C GLU F 431 -2.16 25.32 11.59
N ALA F 432 -2.44 24.80 10.40
CA ALA F 432 -1.45 24.05 9.56
C ALA F 432 -0.28 24.90 9.03
N LEU F 433 -0.55 26.09 8.49
CA LEU F 433 0.44 26.89 7.77
C LEU F 433 1.24 27.81 8.65
N GLY F 434 0.72 28.21 9.78
CA GLY F 434 1.27 29.37 10.56
C GLY F 434 1.74 30.60 9.76
N GLU F 435 3.00 31.00 10.03
CA GLU F 435 3.71 32.05 9.30
C GLU F 435 3.80 31.89 7.80
N LYS F 436 3.62 30.70 7.26
CA LYS F 436 3.58 30.54 5.78
C LYS F 436 2.32 31.12 5.14
N ALA F 437 1.31 31.40 5.94
CA ALA F 437 0.11 32.06 5.44
C ALA F 437 -0.16 33.33 6.23
N PRO F 438 0.57 34.43 5.87
CA PRO F 438 0.29 35.65 6.68
C PRO F 438 -1.12 36.19 6.57
N TYR F 439 -1.53 36.84 7.67
CA TYR F 439 -2.78 37.64 7.70
C TYR F 439 -2.44 39.14 7.57
N ASN F 440 -2.78 39.73 6.45
CA ASN F 440 -2.09 41.01 6.13
C ASN F 440 -2.94 42.25 6.58
N GLY F 441 -4.14 42.05 7.11
CA GLY F 441 -5.02 43.17 7.52
C GLY F 441 -5.41 44.20 6.44
N ARG F 442 -5.49 45.46 6.86
CA ARG F 442 -6.06 46.56 6.02
C ARG F 442 -5.33 46.71 4.70
N LYS F 443 -4.04 46.40 4.68
CA LYS F 443 -3.31 46.49 3.40
C LYS F 443 -3.79 45.59 2.26
N GLU F 444 -4.62 44.58 2.49
CA GLU F 444 -5.22 43.84 1.36
C GLU F 444 -6.24 44.67 0.62
N ILE F 445 -6.78 45.65 1.31
CA ILE F 445 -7.98 46.32 0.81
C ILE F 445 -7.58 47.45 -0.14
N LYS F 446 -8.06 47.44 -1.35
CA LYS F 446 -7.74 48.47 -2.37
C LYS F 446 -8.07 49.94 -1.95
N GLY F 447 -7.09 50.83 -2.14
CA GLY F 447 -7.13 52.20 -1.64
C GLY F 447 -6.69 52.43 -0.20
N GLN F 448 -6.21 51.41 0.50
CA GLN F 448 -5.74 51.57 1.89
C GLN F 448 -4.23 51.81 2.07
C1 2PG G . 35.00 -6.84 -28.18
C2 2PG G . 33.97 -5.70 -27.90
C3 2PG G . 34.09 -5.06 -26.49
P 2PG G . 32.65 -5.04 -29.99
O1 2PG G . 35.39 -7.08 -29.42
O2 2PG G . 35.32 -7.51 -27.14
O3 2PG G . 35.24 -4.27 -26.36
O1P 2PG G . 33.93 -4.76 -28.93
O2P 2PG G . 33.02 -3.99 -31.01
O3P 2PG G . 31.38 -4.77 -29.20
O4P 2PG G . 32.65 -6.55 -30.33
MG MG H . 34.31 -7.56 -31.12
MG MG I . 37.61 -9.52 -29.71
S SO4 J . 39.92 5.31 -2.30
O1 SO4 J . 39.54 5.68 -3.79
O2 SO4 J . 39.94 6.53 -1.50
O3 SO4 J . 38.95 4.38 -1.70
O4 SO4 J . 41.27 4.75 -2.14
S SO4 K . 19.06 -18.69 -38.41
O1 SO4 K . 18.08 -18.36 -39.45
O2 SO4 K . 18.71 -18.01 -37.13
O3 SO4 K . 18.93 -20.17 -38.29
O4 SO4 K . 20.48 -18.33 -38.80
S SO4 L . 29.36 4.05 -36.83
O1 SO4 L . 28.04 4.37 -36.29
O2 SO4 L . 29.53 4.51 -38.27
O3 SO4 L . 29.38 2.55 -36.72
O4 SO4 L . 30.50 4.63 -35.99
S SO4 M . 20.53 0.16 -14.43
O1 SO4 M . 20.81 1.30 -15.32
O2 SO4 M . 19.05 0.02 -14.11
O3 SO4 M . 21.40 0.31 -13.18
O4 SO4 M . 21.03 -0.90 -15.32
S SO4 N . 48.01 11.82 -33.97
O1 SO4 N . 48.99 12.07 -35.04
O2 SO4 N . 47.85 13.10 -33.20
O3 SO4 N . 48.49 10.76 -33.09
O4 SO4 N . 46.73 11.28 -34.56
C1 2PG O . 29.94 25.71 -22.44
C2 2PG O . 29.90 24.26 -21.87
C3 2PG O . 28.88 23.36 -22.52
P 2PG O . 31.87 23.78 -20.24
O1 2PG O . 28.83 26.10 -22.88
O2 2PG O . 31.00 26.42 -22.31
O3 2PG O . 29.35 22.97 -23.78
O1P 2PG O . 31.18 23.71 -21.74
O2P 2PG O . 31.73 25.20 -19.70
O3P 2PG O . 33.31 23.15 -20.41
O4P 2PG O . 30.92 22.93 -19.43
MG MG P . 32.31 26.83 -20.67
MG MG Q . 30.83 29.42 -23.56
S SO4 R . 11.52 36.99 -31.58
O1 SO4 R . 10.30 37.12 -32.44
O2 SO4 R . 12.49 38.08 -31.87
O3 SO4 R . 11.12 37.03 -30.11
O4 SO4 R . 12.09 35.66 -31.97
S SO4 S . 40.71 16.32 -17.77
O1 SO4 S . 40.22 15.86 -19.11
O2 SO4 S . 40.20 17.66 -17.33
O3 SO4 S . 40.17 15.34 -16.84
O4 SO4 S . 42.20 16.31 -17.68
S SO4 T . 11.21 9.54 -37.59
O1 SO4 T . 10.99 10.46 -38.75
O2 SO4 T . 10.16 9.71 -36.57
O3 SO4 T . 12.51 9.83 -36.87
O4 SO4 T . 11.11 8.13 -38.07
S SO4 U . 44.08 15.22 -37.84
O1 SO4 U . 42.84 15.92 -38.23
O2 SO4 U . 45.28 15.72 -38.61
O3 SO4 U . 43.81 13.81 -38.25
O4 SO4 U . 44.32 15.37 -36.35
S SO4 V . 32.67 33.50 -1.77
O1 SO4 V . 31.92 34.74 -1.60
O2 SO4 V . 33.40 33.53 -3.12
O3 SO4 V . 31.50 32.58 -1.81
O4 SO4 V . 33.56 33.54 -0.57
C1 2PG W . 12.44 -41.81 12.81
C2 2PG W . 11.38 -40.75 13.21
C3 2PG W . 10.31 -40.52 12.17
P 2PG W . 11.48 -40.14 15.70
O1 2PG W . 12.76 -41.93 11.60
O2 2PG W . 13.00 -42.48 13.76
O3 2PG W . 9.34 -41.51 12.15
O1P 2PG W . 10.82 -41.00 14.48
O2P 2PG W . 11.08 -38.69 15.51
O3P 2PG W . 10.84 -40.63 16.90
O4P 2PG W . 12.94 -40.20 15.63
MG MG X . 14.14 -41.94 15.50
MG MG Y . 15.22 -44.74 12.53
S SO4 Z . -7.19 -38.79 -8.26
O1 SO4 Z . -8.55 -38.65 -8.88
O2 SO4 Z . -6.16 -37.77 -8.66
O3 SO4 Z . -7.26 -38.79 -6.72
O4 SO4 Z . -6.75 -40.03 -8.98
S SO4 AA . 37.96 -33.13 16.00
O1 SO4 AA . 38.21 -33.15 14.55
O2 SO4 AA . 37.51 -31.80 16.45
O3 SO4 AA . 39.26 -33.50 16.71
O4 SO4 AA . 36.82 -34.02 16.23
S SO4 BA . 5.13 -39.18 25.86
O1 SO4 BA . 4.13 -39.64 24.88
O2 SO4 BA . 4.77 -37.87 26.33
O3 SO4 BA . 5.00 -39.85 27.17
O4 SO4 BA . 6.52 -39.00 25.37
S SO4 CA . -12.93 -44.71 8.92
O1 SO4 CA . -14.23 -44.21 8.40
O2 SO4 CA . -11.87 -43.88 8.30
O3 SO4 CA . -12.72 -46.13 8.42
O4 SO4 CA . -12.72 -44.67 10.42
S SO4 DA . -4.30 -56.71 19.88
O1 SO4 DA . -5.80 -56.58 19.91
O2 SO4 DA . -3.58 -55.80 20.81
O3 SO4 DA . -3.85 -58.07 20.32
O4 SO4 DA . -3.87 -56.37 18.50
C1 2PG EA . -33.99 20.18 22.23
C2 2PG EA . -32.80 20.60 21.34
C3 2PG EA . -32.87 20.32 19.82
P 2PG EA . -31.21 22.29 22.53
O1 2PG EA . -34.26 20.84 23.29
O2 2PG EA . -34.61 19.13 21.94
O3 2PG EA . -33.99 20.87 19.12
O1P 2PG EA . -32.51 21.93 21.61
O2P 2PG EA . -31.35 23.90 22.55
O3P 2PG EA . -29.90 21.87 21.91
O4P 2PG EA . -31.43 21.60 23.82
MG MG FA . -33.10 21.63 24.88
MG MG GA . -36.95 19.81 25.06
S SO4 HA . -19.71 16.38 39.08
O1 SO4 HA . -21.11 16.79 38.83
O2 SO4 HA . -18.82 17.37 39.72
O3 SO4 HA . -19.86 15.15 39.93
O4 SO4 HA . -19.18 16.20 37.68
C1 GOL IA . 2.64 -4.73 0.11
O1 GOL IA . 4.11 -4.75 -0.05
C2 GOL IA . 2.29 -3.69 -0.89
O2 GOL IA . 0.95 -3.92 -0.76
C3 GOL IA . 2.89 -2.22 -0.86
O3 GOL IA . 4.12 -1.94 -1.63
S SO4 JA . 1.64 -22.09 33.36
O1 SO4 JA . 1.19 -20.89 32.63
O2 SO4 JA . 1.00 -22.15 34.72
O3 SO4 JA . 3.09 -22.01 33.61
O4 SO4 JA . 1.24 -23.16 32.39
C1 2PG KA . -19.68 -35.83 19.38
C2 2PG KA . -18.51 -35.55 18.41
C3 2PG KA . -17.29 -34.87 19.07
P 2PG KA . -18.76 -36.91 16.21
O1 2PG KA . -19.96 -35.00 20.31
O2 2PG KA . -20.36 -36.90 19.17
O3 2PG KA . -16.62 -35.72 19.94
O1P 2PG KA . -18.17 -36.72 17.69
O2P 2PG KA . -18.07 -35.84 15.41
O3P 2PG KA . -18.21 -38.32 15.78
O4P 2PG KA . -20.19 -36.78 16.17
MG MG LA . -21.46 -37.57 17.49
MG MG MA . -22.98 -37.28 21.40
S SO4 NA . -7.34 -20.61 11.60
O1 SO4 NA . -7.13 -20.05 10.23
O2 SO4 NA . -8.42 -19.97 12.46
O3 SO4 NA . -7.83 -22.01 11.34
O4 SO4 NA . -6.01 -20.60 12.33
C1 GOL OA . -2.18 -1.00 2.79
O1 GOL OA . -1.99 -2.26 3.42
C2 GOL OA . -3.58 -0.45 2.58
O2 GOL OA . -4.33 0.04 3.74
C3 GOL OA . -3.50 0.84 1.89
O3 GOL OA . -4.66 0.57 1.20
S SO4 PA . -7.40 34.68 19.80
O1 SO4 PA . -8.64 34.68 18.98
O2 SO4 PA . -6.68 35.97 20.13
O3 SO4 PA . -7.85 34.23 21.15
O4 SO4 PA . -6.36 33.84 19.20
C1 2PG QA . -23.78 38.53 -3.77
C2 2PG QA . -24.03 37.12 -3.23
C3 2PG QA . -23.19 36.90 -1.99
P 2PG QA . -26.11 36.02 -4.17
O1 2PG QA . -24.69 39.18 -4.44
O2 2PG QA . -22.62 39.01 -3.55
O3 2PG QA . -23.62 37.49 -0.79
O1P 2PG QA . -25.35 36.76 -2.96
O2P 2PG QA . -25.89 36.61 -5.48
O3P 2PG QA . -27.52 35.82 -3.73
O4P 2PG QA . -25.45 34.61 -4.12
MG MG RA . -26.13 38.50 -6.02
MG MG SA . -23.87 42.17 -5.43
S SO4 TA . -36.09 30.47 -1.63
O1 SO4 TA . -37.51 30.57 -1.89
O2 SO4 TA . -35.22 31.10 -2.68
O3 SO4 TA . -36.02 29.04 -1.67
O4 SO4 TA . -35.66 30.83 -0.22
S SO4 UA . -26.22 30.33 -24.31
O1 SO4 UA . -25.58 30.63 -25.64
O2 SO4 UA . -26.36 31.56 -23.49
O3 SO4 UA . -25.29 29.52 -23.56
O4 SO4 UA . -27.54 29.67 -24.50
S SO4 VA . -26.19 33.17 21.61
O1 SO4 VA . -27.25 32.85 20.58
O2 SO4 VA . -26.29 34.58 22.13
O3 SO4 VA . -26.21 32.34 22.84
O4 SO4 VA . -24.93 33.10 20.89
C1 GOL WA . 2.22 3.82 -2.37
O1 GOL WA . 2.51 4.84 -3.32
C2 GOL WA . 0.73 3.84 -2.27
O2 GOL WA . 0.49 2.83 -3.23
C3 GOL WA . 0.13 3.59 -0.90
O3 GOL WA . -0.67 4.61 -0.33
#